data_8UH2
#
_entry.id   8UH2
#
_cell.length_a   1.00
_cell.length_b   1.00
_cell.length_c   1.00
_cell.angle_alpha   90.00
_cell.angle_beta   90.00
_cell.angle_gamma   90.00
#
_symmetry.space_group_name_H-M   'P 1'
#
loop_
_entity.id
_entity.type
_entity.pdbx_description
1 polymer Albicin
2 polymer 'Complement C3 beta chain'
3 polymer "Complement C3b alpha' chain"
4 non-polymer 2-acetamido-2-deoxy-beta-D-glucopyranose
#
loop_
_entity_poly.entity_id
_entity_poly.type
_entity_poly.pdbx_seq_one_letter_code
_entity_poly.pdbx_strand_id
1 'polypeptide(L)'
;ANNHIRTVLKLFRTIDLDDSKKSFYLTAAKYGIQTQLREPIIRIVGGYLPSTKLSEACVKNMISEVYEIEGDFYSKFSYA
CEDHAPYSVECLEDARDDYLTQLVELFKETKKCLRE
;
C,D
2 'polypeptide(L)'
;SPMYSIITPNILRLESEETMVLEAHDAQGDVPVTVTVHDFPGKKLVLSSEKTVLTPATNHMGNVTFTIPANREFKSEKGR
NKFVTVQATFGTQVVEKVVLVSLQSGYLFIQTDKTIYTPGSTVLYRIFTVNHKLLPVGRTVMVNIENPEGIPVKQDSLSS
QNQLGVLPLSWDIPELVNMGQWKIRAYYENSPQQVFSTEFEVKEYVLPSFEVIVEPTEKFYYIYNEKGLEVTITARFLYG
KKVEGTAFVIFGIQDGEQRISLPESLKRIPIEDGSGEVVLSRKVLLDGVQNPRAEDLVGKSLYVSATVILHSGSDMVQAE
RSGIPIVTSPYQIHFTKTPKYFKPGMPFDLMVFVTNPDGSPAYRVPVAVQGEDTVQSLTQGDGVAKLSINTHPSQKPLSI
TVRTKKQELSEAEQATRTMQALPYSTVGNSNNYLHLSVLRTELRPGETLNVNFLLRMDRAHEAKIRYYTYLIMNKGRLLK
AGRQVREPGQDLVVLPLSITTDFIPSFRLVAYYTLIGASGQREVVADSVWVDVKDSCVGSLVVKSGQSEDRQPVPGQQMT
LKIEGDHGARVVLVAVDKGVFVLNKKNKLTQSKIWDVVEKADIGCTPGSGKDYAGVFSDAGLTFTSSSGQQTAQRAELQC
PQ
;
A,G
3 'polypeptide(L)'
;SNLDEDIIAEENIVSRSEFPESWLWNVEDLKEPPKNGISTKLMNIFLKDSITTWEILAVSMSDKKGICVADPFEVTVMQD
FFIDLRLPYSVVRNEQVEIRAVLYNYRQNQELKVRVELLHNPAFCSLATTKRRHQQTVTIPPKSSLSVPYVIVPLKTGLQ
EVEVKAAVYHHFISDGVRKSLKVVPEGIRMNKTVAVRTLDPERLGREGVQKEDIPPADLSDQVPDTESETRILLQGTPVA
QMTEDAVDAERLKHLIVTPSGCGEQNMIGMTPTVIAVHYLDETEQWEKFGLEKRQGALELIKKGYTQQLAFRQPSSAFAA
FVKRAPSTWLTAYVVKVFSLAVNLIAIDSQVLCGAVKWLILEKQKPDGVFQEDAPVIHQEMIGGLRNNNEKDMALTAFVL
ISLQEAKDICEEQVNSLPGSITKAGDFLEANYMNLQRSYTVAIAGYALAQMGRLKGPLLNKFLTTAKDKNRWEDPGKQLY
NVEATSYALLALLQLKDFDFVPPVVRWLNEQRYYGGGYGSTQATFMVFQALAQYQKDAPDHQELNLDVSLQLPSRSSKIT
HRIHWESASLLRSEETKENEGFTVTAEGKGQGTLSVVTMYHAKAKDQLTCNKFDLKVTIKPAPETEKRPQDAKNTMILEI
CTRYRGDQDATMSILDISMMTGFAPDTDDLKQLANGVDRYISKYELDKAFSDRNTLIIYLDKVSHSEDDCLAFKVHQYFN
VELIQPGAVKVYAYYNLEESCTRFYHPEKEDGKLNKLCRDELCRCAEENCFIQKSDDKVTLEERLDKACEPGVDYVYKTR
LVKVQLSNDFDEYIMAIEQTIKSGSDEVQVGQQRTFISPIKCREALKLEEKKHYLMWGLSSDFWGEKPNLSYIIGKDTWV
EHWPEEDECQDEENQKQCQDLGAFTESMVVFGCPN
;
B,H
#
# COMPACT_ATOMS: atom_id res chain seq x y z
N ALA A 1 -37.27 28.37 -1.76
CA ALA A 1 -37.01 26.98 -2.15
C ALA A 1 -37.91 26.04 -1.38
N ASN A 2 -38.89 26.61 -0.68
CA ASN A 2 -39.84 25.84 0.10
C ASN A 2 -41.22 25.75 -0.53
N ASN A 3 -41.61 26.74 -1.33
CA ASN A 3 -42.89 26.65 -2.02
C ASN A 3 -42.91 25.48 -2.99
N HIS A 4 -41.79 25.24 -3.68
CA HIS A 4 -41.71 24.06 -4.53
C HIS A 4 -41.81 22.78 -3.71
N ILE A 5 -41.18 22.77 -2.54
CA ILE A 5 -41.23 21.59 -1.67
C ILE A 5 -42.67 21.30 -1.27
N ARG A 6 -43.38 22.33 -0.83
CA ARG A 6 -44.78 22.12 -0.44
C ARG A 6 -45.62 21.69 -1.63
N THR A 7 -45.31 22.18 -2.83
CA THR A 7 -46.03 21.73 -4.02
C THR A 7 -45.82 20.24 -4.26
N VAL A 8 -44.57 19.78 -4.28
CA VAL A 8 -44.35 18.37 -4.58
C VAL A 8 -44.85 17.48 -3.44
N LEU A 9 -44.84 17.98 -2.20
CA LEU A 9 -45.46 17.21 -1.12
C LEU A 9 -46.96 17.11 -1.35
N LYS A 10 -47.58 18.18 -1.82
CA LYS A 10 -49.00 18.11 -2.15
C LYS A 10 -49.26 17.08 -3.24
N LEU A 11 -48.34 16.95 -4.20
CA LEU A 11 -48.51 15.92 -5.22
C LEU A 11 -48.39 14.51 -4.64
N PHE A 12 -47.33 14.23 -3.87
CA PHE A 12 -47.24 12.90 -3.28
C PHE A 12 -48.25 12.62 -2.17
N ARG A 13 -49.00 13.61 -1.71
CA ARG A 13 -50.09 13.27 -0.80
C ARG A 13 -51.33 12.79 -1.56
N THR A 14 -51.42 13.07 -2.86
CA THR A 14 -52.55 12.61 -3.65
C THR A 14 -52.42 11.16 -4.10
N ILE A 15 -51.27 10.53 -3.86
CA ILE A 15 -51.12 9.11 -4.17
C ILE A 15 -52.12 8.33 -3.32
N ASP A 16 -52.52 7.17 -3.83
CA ASP A 16 -53.53 6.37 -3.13
C ASP A 16 -53.36 4.90 -3.52
N LEU A 17 -52.98 4.08 -2.56
CA LEU A 17 -53.01 2.63 -2.68
C LEU A 17 -54.11 2.11 -1.77
N ASP A 18 -54.98 1.26 -2.31
CA ASP A 18 -56.22 0.91 -1.61
C ASP A 18 -55.94 0.13 -0.32
N ASP A 19 -56.87 0.25 0.62
CA ASP A 19 -56.71 -0.33 1.95
C ASP A 19 -56.95 -1.84 1.93
N SER A 20 -57.68 -2.34 0.94
CA SER A 20 -58.12 -3.74 0.92
C SER A 20 -56.93 -4.69 0.86
N LYS A 21 -55.77 -4.18 0.46
CA LYS A 21 -54.57 -5.01 0.34
C LYS A 21 -53.88 -5.15 1.69
N LYS A 22 -52.99 -6.12 1.78
CA LYS A 22 -52.42 -6.53 3.06
C LYS A 22 -51.48 -5.46 3.62
N SER A 23 -51.39 -5.42 4.94
CA SER A 23 -50.73 -4.32 5.62
C SER A 23 -49.24 -4.27 5.31
N PHE A 24 -48.56 -5.42 5.39
CA PHE A 24 -47.12 -5.41 5.15
C PHE A 24 -46.80 -5.06 3.71
N TYR A 25 -47.66 -5.44 2.77
CA TYR A 25 -47.47 -5.01 1.40
C TYR A 25 -47.60 -3.51 1.27
N LEU A 26 -48.59 -2.92 1.94
CA LEU A 26 -48.74 -1.47 1.90
C LEU A 26 -47.50 -0.77 2.46
N THR A 27 -46.99 -1.25 3.59
CA THR A 27 -45.79 -0.63 4.14
C THR A 27 -44.60 -0.81 3.21
N ALA A 28 -44.47 -1.98 2.59
CA ALA A 28 -43.35 -2.19 1.67
C ALA A 28 -43.42 -1.26 0.48
N ALA A 29 -44.58 -1.16 -0.15
CA ALA A 29 -44.72 -0.31 -1.34
C ALA A 29 -44.53 1.16 -0.98
N LYS A 30 -45.16 1.61 0.10
CA LYS A 30 -45.04 3.01 0.47
C LYS A 30 -43.61 3.34 0.90
N TYR A 31 -42.94 2.43 1.59
CA TYR A 31 -41.56 2.73 1.98
C TYR A 31 -40.65 2.77 0.76
N GLY A 32 -40.87 1.89 -0.22
CA GLY A 32 -40.09 1.97 -1.44
C GLY A 32 -40.27 3.28 -2.16
N ILE A 33 -41.52 3.70 -2.34
CA ILE A 33 -41.75 4.95 -3.06
C ILE A 33 -41.24 6.14 -2.27
N GLN A 34 -41.35 6.10 -0.93
CA GLN A 34 -40.90 7.23 -0.13
C GLN A 34 -39.39 7.35 -0.14
N THR A 35 -38.68 6.23 -0.09
CA THR A 35 -37.23 6.34 -0.06
C THR A 35 -36.62 6.49 -1.43
N GLN A 36 -37.35 6.20 -2.51
CA GLN A 36 -36.76 6.30 -3.84
C GLN A 36 -37.27 7.47 -4.66
N LEU A 37 -38.40 8.08 -4.31
CA LEU A 37 -38.95 9.19 -5.07
C LEU A 37 -39.32 10.39 -4.24
N ARG A 38 -39.31 10.30 -2.91
CA ARG A 38 -39.65 11.46 -2.09
C ARG A 38 -38.45 12.07 -1.40
N GLU A 39 -37.42 11.29 -1.12
CA GLU A 39 -36.22 11.89 -0.57
C GLU A 39 -35.39 12.52 -1.69
N PRO A 40 -35.05 11.81 -2.78
CA PRO A 40 -34.19 12.45 -3.78
C PRO A 40 -34.83 13.63 -4.48
N ILE A 41 -36.12 13.58 -4.82
CA ILE A 41 -36.63 14.76 -5.52
C ILE A 41 -36.88 15.88 -4.51
N ILE A 42 -37.10 15.56 -3.24
CA ILE A 42 -37.22 16.67 -2.28
C ILE A 42 -35.86 17.33 -2.12
N ARG A 43 -34.79 16.53 -2.17
CA ARG A 43 -33.44 17.08 -2.13
C ARG A 43 -33.16 17.94 -3.35
N ILE A 44 -33.57 17.48 -4.53
CA ILE A 44 -33.34 18.25 -5.74
C ILE A 44 -34.14 19.54 -5.72
N VAL A 45 -35.43 19.46 -5.38
CA VAL A 45 -36.31 20.61 -5.43
C VAL A 45 -35.95 21.62 -4.35
N GLY A 46 -35.39 21.19 -3.23
CA GLY A 46 -35.01 22.15 -2.22
C GLY A 46 -33.94 23.12 -2.64
N GLY A 47 -33.26 22.86 -3.75
CA GLY A 47 -32.17 23.70 -4.20
C GLY A 47 -32.48 24.55 -5.42
N TYR A 48 -33.66 25.15 -5.45
CA TYR A 48 -34.05 26.07 -6.51
C TYR A 48 -34.28 27.44 -5.90
N LEU A 49 -33.72 28.48 -6.50
CA LEU A 49 -34.07 29.81 -6.06
C LEU A 49 -35.54 30.06 -6.37
N PRO A 50 -36.24 30.83 -5.52
CA PRO A 50 -37.71 30.85 -5.59
C PRO A 50 -38.27 31.31 -6.92
N SER A 51 -37.52 32.08 -7.70
CA SER A 51 -38.04 32.54 -8.99
C SER A 51 -38.21 31.38 -9.96
N THR A 52 -37.46 30.30 -9.79
CA THR A 52 -37.54 29.17 -10.70
C THR A 52 -38.92 28.51 -10.60
N LYS A 53 -39.44 28.08 -11.74
CA LYS A 53 -40.75 27.45 -11.81
C LYS A 53 -40.59 25.95 -11.95
N LEU A 54 -41.46 25.20 -11.29
CA LEU A 54 -41.50 23.75 -11.39
C LEU A 54 -42.21 23.35 -12.68
N SER A 55 -42.51 22.06 -12.79
CA SER A 55 -43.34 21.56 -13.89
C SER A 55 -44.10 20.35 -13.35
N GLU A 56 -45.32 20.60 -12.89
CA GLU A 56 -46.12 19.53 -12.32
C GLU A 56 -46.56 18.50 -13.37
N ALA A 57 -46.37 18.78 -14.65
CA ALA A 57 -46.76 17.82 -15.68
C ALA A 57 -46.00 16.51 -15.51
N CYS A 58 -44.66 16.57 -15.43
CA CYS A 58 -43.91 15.35 -15.20
C CYS A 58 -44.09 14.80 -13.79
N VAL A 59 -44.53 15.61 -12.83
CA VAL A 59 -44.81 15.05 -11.51
C VAL A 59 -46.07 14.18 -11.56
N LYS A 60 -47.09 14.64 -12.29
CA LYS A 60 -48.27 13.78 -12.43
C LYS A 60 -47.98 12.59 -13.33
N ASN A 61 -47.07 12.74 -14.29
CA ASN A 61 -46.56 11.58 -15.01
C ASN A 61 -45.89 10.61 -14.05
N MET A 62 -45.11 11.15 -13.11
CA MET A 62 -44.51 10.33 -12.06
C MET A 62 -45.56 9.50 -11.34
N ILE A 63 -46.64 10.15 -10.93
CA ILE A 63 -47.66 9.45 -10.14
C ILE A 63 -48.38 8.39 -10.98
N SER A 64 -48.70 8.68 -12.23
CA SER A 64 -49.30 7.65 -13.06
C SER A 64 -48.38 6.45 -13.23
N GLU A 65 -47.09 6.72 -13.44
CA GLU A 65 -46.11 5.64 -13.54
C GLU A 65 -46.03 4.85 -12.24
N VAL A 66 -46.07 5.51 -11.09
CA VAL A 66 -45.93 4.73 -9.85
C VAL A 66 -47.19 3.92 -9.60
N TYR A 67 -48.37 4.40 -10.02
CA TYR A 67 -49.54 3.52 -9.96
C TYR A 67 -49.32 2.25 -10.78
N GLU A 68 -48.87 2.37 -12.03
CA GLU A 68 -48.75 1.13 -12.80
C GLU A 68 -47.63 0.25 -12.22
N ILE A 69 -46.57 0.88 -11.71
CA ILE A 69 -45.47 0.13 -11.10
C ILE A 69 -45.96 -0.66 -9.89
N GLU A 70 -46.72 -0.02 -9.01
CA GLU A 70 -47.27 -0.72 -7.85
C GLU A 70 -48.21 -1.83 -8.29
N GLY A 71 -49.03 -1.58 -9.31
CA GLY A 71 -49.91 -2.62 -9.78
C GLY A 71 -49.15 -3.85 -10.26
N ASP A 72 -48.07 -3.62 -11.01
CA ASP A 72 -47.27 -4.74 -11.50
C ASP A 72 -46.60 -5.47 -10.34
N PHE A 73 -46.11 -4.74 -9.34
CA PHE A 73 -45.50 -5.38 -8.18
C PHE A 73 -46.51 -6.26 -7.45
N TYR A 74 -47.73 -5.76 -7.26
CA TYR A 74 -48.75 -6.57 -6.61
C TYR A 74 -49.11 -7.80 -7.45
N SER A 75 -49.21 -7.63 -8.76
CA SER A 75 -49.53 -8.78 -9.60
C SER A 75 -48.44 -9.83 -9.53
N LYS A 76 -47.17 -9.41 -9.50
CA LYS A 76 -46.07 -10.35 -9.38
C LYS A 76 -46.03 -10.98 -7.99
N PHE A 77 -46.47 -10.25 -6.97
CA PHE A 77 -46.45 -10.77 -5.61
C PHE A 77 -47.56 -11.76 -5.35
N SER A 78 -48.71 -11.60 -6.00
CA SER A 78 -49.84 -12.48 -5.72
C SER A 78 -49.93 -13.65 -6.69
N TYR A 79 -49.62 -13.43 -7.97
CA TYR A 79 -49.87 -14.43 -9.00
C TYR A 79 -48.59 -15.06 -9.51
N ALA A 80 -47.56 -14.26 -9.78
CA ALA A 80 -46.41 -14.73 -10.55
C ALA A 80 -45.53 -15.68 -9.75
N CYS A 81 -45.33 -15.41 -8.45
CA CYS A 81 -44.38 -16.20 -7.71
C CYS A 81 -44.94 -17.60 -7.43
N GLU A 82 -45.20 -18.35 -8.50
CA GLU A 82 -45.68 -19.72 -8.38
C GLU A 82 -44.62 -20.66 -7.83
N ASP A 83 -43.36 -20.24 -7.81
CA ASP A 83 -42.31 -21.04 -7.21
C ASP A 83 -42.49 -21.19 -5.71
N HIS A 84 -43.27 -20.30 -5.09
CA HIS A 84 -43.50 -20.29 -3.66
C HIS A 84 -44.99 -20.21 -3.38
N ALA A 85 -45.34 -20.25 -2.10
CA ALA A 85 -46.74 -20.14 -1.71
C ALA A 85 -47.25 -18.72 -1.97
N PRO A 86 -48.51 -18.58 -2.36
CA PRO A 86 -49.07 -17.24 -2.60
C PRO A 86 -49.15 -16.44 -1.31
N TYR A 87 -49.07 -15.12 -1.46
CA TYR A 87 -49.21 -14.19 -0.35
C TYR A 87 -48.13 -14.40 0.72
N SER A 88 -47.05 -15.07 0.36
CA SER A 88 -45.99 -15.37 1.31
C SER A 88 -45.09 -14.16 1.50
N VAL A 89 -44.58 -14.01 2.73
CA VAL A 89 -43.74 -12.86 3.03
C VAL A 89 -42.46 -12.91 2.20
N GLU A 90 -41.87 -14.09 2.05
CA GLU A 90 -40.67 -14.17 1.23
C GLU A 90 -40.95 -14.02 -0.26
N CYS A 91 -42.18 -14.27 -0.71
CA CYS A 91 -42.54 -13.86 -2.08
C CYS A 91 -42.47 -12.35 -2.22
N LEU A 92 -42.98 -11.62 -1.22
CA LEU A 92 -42.82 -10.17 -1.21
C LEU A 92 -41.36 -9.78 -1.20
N GLU A 93 -40.54 -10.49 -0.42
CA GLU A 93 -39.12 -10.19 -0.41
C GLU A 93 -38.51 -10.39 -1.79
N ASP A 94 -38.90 -11.45 -2.50
CA ASP A 94 -38.34 -11.69 -3.82
C ASP A 94 -38.76 -10.61 -4.80
N ALA A 95 -40.01 -10.19 -4.77
CA ALA A 95 -40.48 -9.19 -5.74
C ALA A 95 -40.03 -7.77 -5.41
N ARG A 96 -39.70 -7.49 -4.16
CA ARG A 96 -39.36 -6.13 -3.77
C ARG A 96 -38.10 -5.64 -4.48
N ASP A 97 -37.16 -6.54 -4.78
CA ASP A 97 -35.93 -6.12 -5.44
C ASP A 97 -36.21 -5.47 -6.79
N ASP A 98 -36.97 -6.16 -7.65
CA ASP A 98 -37.24 -5.57 -8.95
C ASP A 98 -38.26 -4.44 -8.86
N TYR A 99 -39.12 -4.43 -7.85
CA TYR A 99 -39.99 -3.26 -7.66
C TYR A 99 -39.17 -2.00 -7.44
N LEU A 100 -38.23 -2.04 -6.48
CA LEU A 100 -37.38 -0.88 -6.26
C LEU A 100 -36.47 -0.60 -7.45
N THR A 101 -36.05 -1.62 -8.20
CA THR A 101 -35.22 -1.37 -9.37
C THR A 101 -35.98 -0.58 -10.43
N GLN A 102 -37.18 -1.07 -10.79
CA GLN A 102 -38.02 -0.32 -11.72
C GLN A 102 -38.26 1.08 -11.21
N LEU A 103 -38.44 1.23 -9.90
CA LEU A 103 -38.79 2.53 -9.34
C LEU A 103 -37.61 3.50 -9.45
N VAL A 104 -36.39 3.04 -9.19
CA VAL A 104 -35.24 3.92 -9.34
C VAL A 104 -35.03 4.26 -10.80
N GLU A 105 -35.33 3.33 -11.71
CA GLU A 105 -35.24 3.68 -13.13
C GLU A 105 -36.21 4.79 -13.48
N LEU A 106 -37.44 4.71 -12.96
CA LEU A 106 -38.40 5.78 -13.20
C LEU A 106 -37.90 7.10 -12.66
N PHE A 107 -37.37 7.11 -11.44
CA PHE A 107 -36.89 8.37 -10.88
C PHE A 107 -35.76 8.94 -11.73
N LYS A 108 -34.83 8.08 -12.17
CA LYS A 108 -33.73 8.56 -12.99
C LYS A 108 -34.23 9.16 -14.29
N GLU A 109 -35.25 8.55 -14.89
CA GLU A 109 -35.78 9.08 -16.14
C GLU A 109 -36.48 10.42 -15.92
N THR A 110 -37.20 10.56 -14.83
CA THR A 110 -38.02 11.75 -14.59
C THR A 110 -37.28 12.87 -13.88
N LYS A 111 -35.98 12.73 -13.65
CA LYS A 111 -35.21 13.80 -13.03
C LYS A 111 -35.01 14.99 -13.96
N LYS A 112 -35.36 14.86 -15.23
CA LYS A 112 -35.13 15.89 -16.24
C LYS A 112 -36.38 16.72 -16.55
N CYS A 113 -37.33 16.78 -15.62
CA CYS A 113 -38.51 17.62 -15.78
C CYS A 113 -38.72 18.65 -14.68
N LEU A 114 -38.01 18.54 -13.55
CA LEU A 114 -38.27 19.43 -12.45
C LEU A 114 -38.00 20.89 -12.80
N ARG A 115 -37.24 21.15 -13.85
CA ARG A 115 -37.04 22.49 -14.37
C ARG A 115 -37.89 22.66 -15.63
N GLU A 116 -38.49 23.83 -15.77
CA GLU A 116 -39.38 24.12 -16.90
C GLU A 116 -38.69 23.90 -18.24
N ALA B 1 -29.04 31.11 11.17
CA ALA B 1 -30.24 31.93 11.08
C ALA B 1 -29.99 33.11 10.17
N ASN B 2 -30.84 34.12 10.25
CA ASN B 2 -30.65 35.32 9.46
C ASN B 2 -30.62 36.59 10.28
N ASN B 3 -31.49 36.72 11.28
CA ASN B 3 -31.42 37.90 12.14
C ASN B 3 -30.10 37.95 12.89
N HIS B 4 -29.61 36.79 13.34
CA HIS B 4 -28.30 36.74 13.98
C HIS B 4 -27.21 37.18 13.01
N ILE B 5 -27.30 36.74 11.76
CA ILE B 5 -26.30 37.11 10.76
C ILE B 5 -26.30 38.62 10.55
N ARG B 6 -27.49 39.22 10.44
CA ARG B 6 -27.56 40.65 10.23
C ARG B 6 -26.99 41.40 11.43
N THR B 7 -27.26 40.92 12.65
CA THR B 7 -26.68 41.56 13.83
C THR B 7 -25.15 41.47 13.83
N VAL B 8 -24.60 40.29 13.51
CA VAL B 8 -23.15 40.14 13.51
C VAL B 8 -22.51 41.01 12.44
N LEU B 9 -23.07 41.03 11.23
CA LEU B 9 -22.50 41.88 10.19
C LEU B 9 -22.60 43.35 10.56
N LYS B 10 -23.74 43.77 11.12
CA LYS B 10 -23.86 45.14 11.60
C LYS B 10 -22.80 45.44 12.64
N LEU B 11 -22.37 44.41 13.38
CA LEU B 11 -21.36 44.64 14.40
C LEU B 11 -19.96 44.75 13.79
N PHE B 12 -19.64 43.96 12.77
CA PHE B 12 -18.34 44.10 12.09
C PHE B 12 -18.26 45.27 11.13
N ARG B 13 -19.18 46.23 11.23
CA ARG B 13 -19.00 47.50 10.54
C ARG B 13 -18.56 48.62 11.47
N THR B 14 -18.75 48.44 12.78
CA THR B 14 -18.26 49.42 13.74
C THR B 14 -16.74 49.44 13.79
N ILE B 15 -16.10 48.33 13.40
CA ILE B 15 -14.63 48.27 13.41
C ILE B 15 -14.07 49.34 12.49
N ASP B 16 -13.01 50.00 12.93
CA ASP B 16 -12.37 51.03 12.14
C ASP B 16 -10.86 50.96 12.32
N LEU B 17 -10.14 51.05 11.21
CA LEU B 17 -8.69 51.15 11.22
C LEU B 17 -8.29 52.48 10.58
N ASP B 18 -7.17 53.02 11.04
CA ASP B 18 -6.78 54.37 10.65
C ASP B 18 -6.56 54.47 9.15
N ASP B 19 -7.14 55.52 8.55
CA ASP B 19 -7.04 55.72 7.11
C ASP B 19 -5.68 56.24 6.69
N SER B 20 -5.00 57.00 7.57
CA SER B 20 -3.71 57.56 7.21
C SER B 20 -2.66 56.49 6.96
N LYS B 21 -2.86 55.28 7.45
CA LYS B 21 -1.89 54.23 7.27
C LYS B 21 -1.90 53.74 5.81
N LYS B 22 -0.86 53.00 5.47
CA LYS B 22 -0.60 52.64 4.07
C LYS B 22 -1.64 51.67 3.54
N SER B 23 -1.92 51.78 2.24
CA SER B 23 -3.03 51.05 1.64
C SER B 23 -2.83 49.54 1.73
N PHE B 24 -1.63 49.06 1.43
CA PHE B 24 -1.41 47.61 1.47
C PHE B 24 -1.53 47.07 2.89
N TYR B 25 -1.16 47.87 3.88
CA TYR B 25 -1.34 47.43 5.26
C TYR B 25 -2.82 47.33 5.62
N LEU B 26 -3.62 48.31 5.20
CA LEU B 26 -5.06 48.23 5.45
C LEU B 26 -5.65 46.99 4.78
N THR B 27 -5.27 46.72 3.54
CA THR B 27 -5.79 45.54 2.88
C THR B 27 -5.35 44.27 3.59
N ALA B 28 -4.09 44.21 4.04
CA ALA B 28 -3.61 43.02 4.74
C ALA B 28 -4.39 42.78 6.03
N ALA B 29 -4.56 43.84 6.84
CA ALA B 29 -5.26 43.68 8.11
C ALA B 29 -6.73 43.32 7.89
N LYS B 30 -7.39 44.02 6.97
CA LYS B 30 -8.80 43.73 6.73
C LYS B 30 -8.97 42.33 6.17
N TYR B 31 -8.08 41.88 5.29
CA TYR B 31 -8.24 40.54 4.76
C TYR B 31 -7.97 39.50 5.84
N GLY B 32 -7.00 39.74 6.72
CA GLY B 32 -6.77 38.81 7.80
C GLY B 32 -7.97 38.65 8.70
N ILE B 33 -8.57 39.77 9.12
CA ILE B 33 -9.75 39.65 9.98
C ILE B 33 -10.91 39.02 9.23
N GLN B 34 -11.12 39.42 7.97
CA GLN B 34 -12.26 38.92 7.22
C GLN B 34 -12.15 37.43 6.93
N THR B 35 -10.94 36.90 6.83
CA THR B 35 -10.82 35.48 6.53
C THR B 35 -10.66 34.61 7.76
N GLN B 36 -10.19 35.15 8.88
CA GLN B 36 -9.95 34.31 10.05
C GLN B 36 -10.95 34.52 11.17
N LEU B 37 -11.78 35.55 11.11
CA LEU B 37 -12.65 35.89 12.22
C LEU B 37 -14.04 36.32 11.79
N ARG B 38 -14.31 36.49 10.50
CA ARG B 38 -15.65 36.75 10.01
C ARG B 38 -16.23 35.63 9.18
N GLU B 39 -15.41 34.76 8.61
CA GLU B 39 -15.99 33.64 7.90
C GLU B 39 -16.41 32.54 8.87
N PRO B 40 -15.53 32.03 9.74
CA PRO B 40 -16.00 31.01 10.68
C PRO B 40 -17.06 31.51 11.62
N ILE B 41 -17.02 32.78 12.04
CA ILE B 41 -18.10 33.30 12.87
C ILE B 41 -19.41 33.31 12.11
N ILE B 42 -19.38 33.73 10.84
CA ILE B 42 -20.65 33.83 10.12
C ILE B 42 -21.18 32.42 9.87
N ARG B 43 -20.28 31.47 9.64
CA ARG B 43 -20.68 30.08 9.45
C ARG B 43 -21.29 29.50 10.72
N ILE B 44 -20.67 29.77 11.87
CA ILE B 44 -21.20 29.26 13.14
C ILE B 44 -22.56 29.87 13.43
N VAL B 45 -22.69 31.17 13.23
CA VAL B 45 -23.94 31.85 13.56
C VAL B 45 -25.06 31.41 12.63
N GLY B 46 -24.73 31.11 11.37
CA GLY B 46 -25.79 30.68 10.46
C GLY B 46 -26.51 29.43 10.88
N GLY B 47 -25.89 28.62 11.73
CA GLY B 47 -26.47 27.36 12.15
C GLY B 47 -27.17 27.40 13.49
N TYR B 48 -27.97 28.44 13.72
CA TYR B 48 -28.71 28.61 14.96
C TYR B 48 -30.20 28.64 14.67
N LEU B 49 -30.99 28.20 15.64
CA LEU B 49 -32.41 28.35 15.54
C LEU B 49 -32.79 29.83 15.66
N PRO B 50 -33.88 30.25 15.03
CA PRO B 50 -34.30 31.66 15.14
C PRO B 50 -34.56 32.10 16.56
N SER B 51 -35.06 31.21 17.42
CA SER B 51 -35.38 31.59 18.79
C SER B 51 -34.13 31.73 19.65
N THR B 52 -33.02 31.11 19.27
CA THR B 52 -31.79 31.22 20.03
C THR B 52 -31.28 32.66 20.00
N LYS B 53 -30.68 33.08 21.12
CA LYS B 53 -30.21 34.44 21.27
C LYS B 53 -28.69 34.48 21.31
N LEU B 54 -28.12 35.52 20.71
CA LEU B 54 -26.68 35.73 20.74
C LEU B 54 -26.27 36.36 22.07
N SER B 55 -24.98 36.71 22.17
CA SER B 55 -24.47 37.47 23.30
C SER B 55 -23.46 38.47 22.73
N GLU B 56 -23.96 39.66 22.39
CA GLU B 56 -23.11 40.66 21.75
C GLU B 56 -22.08 41.26 22.70
N ALA B 57 -22.18 41.00 24.01
CA ALA B 57 -21.29 41.63 24.97
C ALA B 57 -19.83 41.27 24.68
N CYS B 58 -19.50 40.00 24.82
CA CYS B 58 -18.13 39.63 24.50
C CYS B 58 -17.88 39.59 23.00
N VAL B 59 -18.88 39.80 22.16
CA VAL B 59 -18.59 40.13 20.76
C VAL B 59 -18.01 41.54 20.67
N LYS B 60 -18.53 42.47 21.47
CA LYS B 60 -17.85 43.75 21.59
C LYS B 60 -16.47 43.59 22.21
N ASN B 61 -16.30 42.60 23.09
CA ASN B 61 -14.96 42.30 23.57
C ASN B 61 -14.07 41.78 22.44
N MET B 62 -14.66 40.98 21.54
CA MET B 62 -13.97 40.59 20.31
C MET B 62 -13.42 41.81 19.59
N ILE B 63 -14.27 42.82 19.40
CA ILE B 63 -13.86 44.03 18.68
C ILE B 63 -12.76 44.78 19.43
N SER B 64 -12.89 44.87 20.75
CA SER B 64 -11.83 45.55 21.50
C SER B 64 -10.50 44.82 21.33
N GLU B 65 -10.51 43.49 21.40
CA GLU B 65 -9.28 42.75 21.23
C GLU B 65 -8.75 42.84 19.80
N VAL B 66 -9.62 42.94 18.81
CA VAL B 66 -9.11 43.04 17.44
C VAL B 66 -8.49 44.41 17.20
N TYR B 67 -9.05 45.47 17.79
CA TYR B 67 -8.34 46.75 17.76
C TYR B 67 -6.96 46.63 18.38
N GLU B 68 -6.85 45.99 19.55
CA GLU B 68 -5.54 45.89 20.18
C GLU B 68 -4.57 45.07 19.34
N ILE B 69 -5.05 43.98 18.74
CA ILE B 69 -4.18 43.09 17.99
C ILE B 69 -3.71 43.77 16.70
N GLU B 70 -4.60 44.52 16.05
CA GLU B 70 -4.18 45.29 14.88
C GLU B 70 -3.18 46.37 15.27
N GLY B 71 -3.38 47.00 16.43
CA GLY B 71 -2.41 47.98 16.88
C GLY B 71 -1.03 47.39 17.08
N ASP B 72 -0.97 46.20 17.69
CA ASP B 72 0.32 45.54 17.88
C ASP B 72 0.95 45.17 16.55
N PHE B 73 0.15 44.68 15.59
CA PHE B 73 0.70 44.34 14.27
C PHE B 73 1.24 45.58 13.58
N TYR B 74 0.53 46.71 13.67
CA TYR B 74 1.01 47.94 13.06
C TYR B 74 2.30 48.42 13.71
N SER B 75 2.37 48.33 15.04
CA SER B 75 3.60 48.73 15.73
C SER B 75 4.78 47.85 15.30
N LYS B 76 4.54 46.54 15.18
CA LYS B 76 5.62 45.63 14.78
C LYS B 76 6.02 45.86 13.33
N PHE B 77 5.08 46.28 12.48
CA PHE B 77 5.40 46.53 11.08
C PHE B 77 6.12 47.86 10.89
N SER B 78 5.78 48.86 11.70
CA SER B 78 6.31 50.20 11.46
C SER B 78 7.81 50.26 11.77
N TYR B 79 8.18 50.03 13.03
CA TYR B 79 9.56 50.23 13.46
C TYR B 79 10.14 49.09 14.27
N ALA B 80 9.32 48.20 14.83
CA ALA B 80 9.87 47.12 15.65
C ALA B 80 10.72 46.18 14.82
N CYS B 81 10.29 45.85 13.61
CA CYS B 81 11.07 44.96 12.76
C CYS B 81 12.37 45.64 12.37
N GLU B 82 13.48 44.92 12.52
CA GLU B 82 14.81 45.49 12.35
C GLU B 82 15.64 44.85 11.26
N ASP B 83 15.32 43.62 10.84
CA ASP B 83 16.10 42.96 9.81
C ASP B 83 15.94 43.61 8.44
N HIS B 84 14.96 44.49 8.27
CA HIS B 84 14.69 45.07 6.97
C HIS B 84 14.27 46.53 7.15
N ALA B 85 14.16 47.23 6.02
CA ALA B 85 13.84 48.64 6.05
C ALA B 85 12.43 48.87 6.57
N PRO B 86 12.19 49.98 7.26
CA PRO B 86 10.84 50.27 7.78
C PRO B 86 9.86 50.52 6.65
N TYR B 87 8.59 50.23 6.94
CA TYR B 87 7.49 50.45 6.01
C TYR B 87 7.67 49.68 4.71
N SER B 88 8.40 48.57 4.76
CA SER B 88 8.71 47.81 3.56
C SER B 88 7.94 46.50 3.54
N VAL B 89 7.73 45.98 2.32
CA VAL B 89 6.81 44.87 2.13
C VAL B 89 7.29 43.60 2.82
N GLU B 90 8.60 43.38 2.88
CA GLU B 90 9.08 42.18 3.57
C GLU B 90 8.83 42.25 5.07
N CYS B 91 8.88 43.45 5.67
CA CYS B 91 8.46 43.58 7.06
C CYS B 91 6.98 43.23 7.23
N LEU B 92 6.15 43.69 6.29
CA LEU B 92 4.74 43.35 6.32
C LEU B 92 4.55 41.84 6.26
N GLU B 93 5.24 41.17 5.35
CA GLU B 93 5.09 39.73 5.23
C GLU B 93 5.60 39.01 6.47
N ASP B 94 6.70 39.50 7.06
CA ASP B 94 7.22 38.86 8.26
C ASP B 94 6.25 38.98 9.42
N ALA B 95 5.61 40.14 9.58
CA ALA B 95 4.70 40.33 10.71
C ALA B 95 3.33 39.71 10.49
N ARG B 96 2.90 39.54 9.23
CA ARG B 96 1.56 39.04 8.96
C ARG B 96 1.37 37.63 9.51
N ASP B 97 2.42 36.81 9.52
CA ASP B 97 2.28 35.44 10.01
C ASP B 97 1.81 35.41 11.45
N ASP B 98 2.51 36.10 12.35
CA ASP B 98 2.09 36.04 13.74
C ASP B 98 0.85 36.89 13.98
N TYR B 99 0.60 37.92 13.15
CA TYR B 99 -0.66 38.64 13.26
C TYR B 99 -1.83 37.68 13.09
N LEU B 100 -1.83 36.92 12.00
CA LEU B 100 -2.89 35.94 11.80
C LEU B 100 -2.87 34.87 12.88
N THR B 101 -1.70 34.53 13.41
CA THR B 101 -1.64 33.51 14.46
C THR B 101 -2.36 33.96 15.73
N GLN B 102 -2.01 35.14 16.25
CA GLN B 102 -2.75 35.60 17.42
C GLN B 102 -4.22 35.83 17.08
N LEU B 103 -4.53 36.17 15.83
CA LEU B 103 -5.93 36.42 15.48
C LEU B 103 -6.74 35.12 15.54
N VAL B 104 -6.18 34.02 15.04
CA VAL B 104 -6.88 32.75 15.15
C VAL B 104 -6.94 32.30 16.60
N GLU B 105 -5.93 32.63 17.41
CA GLU B 105 -6.02 32.32 18.83
C GLU B 105 -7.19 33.04 19.47
N LEU B 106 -7.38 34.32 19.12
CA LEU B 106 -8.51 35.07 19.64
C LEU B 106 -9.83 34.44 19.21
N PHE B 107 -9.94 34.07 17.94
CA PHE B 107 -11.19 33.47 17.48
C PHE B 107 -11.48 32.17 18.20
N LYS B 108 -10.46 31.32 18.38
CA LYS B 108 -10.67 30.06 19.07
C LYS B 108 -11.11 30.28 20.50
N GLU B 109 -10.54 31.28 21.17
CA GLU B 109 -10.95 31.56 22.54
C GLU B 109 -12.38 32.06 22.61
N THR B 110 -12.79 32.90 21.66
CA THR B 110 -14.08 33.56 21.72
C THR B 110 -15.20 32.77 21.04
N LYS B 111 -14.97 31.50 20.70
CA LYS B 111 -16.04 30.71 20.10
C LYS B 111 -17.12 30.32 21.09
N LYS B 112 -16.93 30.61 22.38
CA LYS B 112 -17.92 30.28 23.40
C LYS B 112 -18.92 31.41 23.66
N CYS B 113 -18.71 32.59 23.09
CA CYS B 113 -19.66 33.69 23.28
C CYS B 113 -20.96 33.48 22.53
N LEU B 114 -20.93 32.73 21.44
CA LEU B 114 -22.03 32.82 20.49
C LEU B 114 -23.33 32.27 21.06
N ARG B 115 -23.29 31.57 22.19
CA ARG B 115 -24.48 31.17 22.92
C ARG B 115 -24.47 31.84 24.29
N GLU B 116 -25.57 31.67 25.02
CA GLU B 116 -25.70 32.31 26.32
C GLU B 116 -24.68 31.79 27.33
N SER C 1 58.58 -17.09 0.76
CA SER C 1 58.64 -15.78 0.13
C SER C 1 57.31 -15.04 0.27
N PRO C 2 57.14 -14.34 1.39
CA PRO C 2 55.89 -13.62 1.62
C PRO C 2 55.70 -12.51 0.61
N MET C 3 54.44 -12.20 0.33
CA MET C 3 54.12 -11.10 -0.57
C MET C 3 53.50 -9.95 0.22
N TYR C 4 53.53 -8.77 -0.38
CA TYR C 4 52.94 -7.57 0.20
C TYR C 4 52.18 -6.86 -0.90
N SER C 5 50.88 -6.68 -0.70
CA SER C 5 50.01 -6.18 -1.75
C SER C 5 49.35 -4.88 -1.34
N ILE C 6 49.13 -4.00 -2.31
CA ILE C 6 48.44 -2.74 -2.12
C ILE C 6 47.22 -2.74 -3.04
N ILE C 7 46.05 -2.44 -2.48
CA ILE C 7 44.82 -2.37 -3.26
C ILE C 7 44.22 -0.99 -3.05
N THR C 8 44.16 -0.19 -4.12
CA THR C 8 43.71 1.18 -4.05
C THR C 8 42.76 1.45 -5.21
N PRO C 9 41.82 2.38 -5.05
CA PRO C 9 40.93 2.71 -6.16
C PRO C 9 41.71 3.16 -7.38
N ASN C 10 41.19 2.78 -8.54
CA ASN C 10 41.94 2.93 -9.79
C ASN C 10 42.26 4.38 -10.08
N ILE C 11 41.29 5.27 -9.90
CA ILE C 11 41.49 6.70 -10.10
C ILE C 11 41.28 7.40 -8.77
N LEU C 12 42.30 8.14 -8.33
CA LEU C 12 42.25 8.87 -7.08
C LEU C 12 41.46 10.16 -7.25
N ARG C 13 41.16 10.81 -6.12
CA ARG C 13 40.44 12.07 -6.10
C ARG C 13 41.15 13.06 -5.21
N LEU C 14 40.94 14.34 -5.49
CA LEU C 14 41.55 15.42 -4.72
C LEU C 14 40.69 15.77 -3.51
N GLU C 15 41.34 15.91 -2.35
CA GLU C 15 40.68 16.31 -1.12
C GLU C 15 39.53 15.36 -0.76
N SER C 16 39.91 14.11 -0.49
CA SER C 16 38.95 13.11 -0.05
C SER C 16 39.71 11.99 0.65
N GLU C 17 38.96 11.18 1.41
CA GLU C 17 39.54 10.06 2.14
C GLU C 17 39.64 8.86 1.21
N GLU C 18 40.86 8.50 0.83
CA GLU C 18 41.11 7.37 -0.06
C GLU C 18 41.81 6.27 0.72
N THR C 19 41.27 5.06 0.63
CA THR C 19 41.75 3.95 1.44
C THR C 19 42.66 3.06 0.61
N MET C 20 43.70 2.51 1.24
CA MET C 20 44.62 1.58 0.60
C MET C 20 44.78 0.36 1.50
N VAL C 21 44.15 -0.73 1.12
CA VAL C 21 44.15 -1.95 1.92
C VAL C 21 45.49 -2.67 1.70
N LEU C 22 46.14 -3.02 2.81
CA LEU C 22 47.45 -3.65 2.78
C LEU C 22 47.37 -5.06 3.35
N GLU C 23 47.91 -6.03 2.61
CA GLU C 23 48.01 -7.40 3.11
C GLU C 23 49.45 -7.86 3.03
N ALA C 24 49.79 -8.82 3.88
CA ALA C 24 51.10 -9.49 3.84
C ALA C 24 50.86 -10.99 4.00
N HIS C 25 50.62 -11.67 2.88
CA HIS C 25 50.31 -13.09 2.94
C HIS C 25 51.54 -13.91 3.29
N ASP C 26 51.36 -14.91 4.15
CA ASP C 26 52.41 -15.83 4.56
C ASP C 26 53.59 -15.08 5.19
N ALA C 27 53.27 -14.14 6.06
CA ALA C 27 54.27 -13.33 6.75
C ALA C 27 54.28 -13.68 8.23
N GLN C 28 55.47 -13.85 8.78
CA GLN C 28 55.65 -14.22 10.18
C GLN C 28 56.15 -13.02 10.95
N GLY C 29 55.46 -12.69 12.04
CA GLY C 29 55.85 -11.59 12.90
C GLY C 29 55.35 -10.25 12.40
N ASP C 30 55.56 -9.23 13.23
CA ASP C 30 55.16 -7.88 12.87
C ASP C 30 56.06 -7.33 11.78
N VAL C 31 55.48 -6.50 10.91
CA VAL C 31 56.21 -5.81 9.86
C VAL C 31 55.80 -4.35 9.85
N PRO C 32 56.73 -3.41 10.01
CA PRO C 32 56.38 -2.00 9.80
C PRO C 32 56.07 -1.75 8.33
N VAL C 33 55.13 -0.84 8.09
CA VAL C 33 54.79 -0.46 6.73
C VAL C 33 54.62 1.05 6.68
N THR C 34 55.20 1.68 5.66
CA THR C 34 55.06 3.10 5.41
C THR C 34 54.56 3.30 4.00
N VAL C 35 53.54 4.15 3.83
CA VAL C 35 52.99 4.46 2.52
C VAL C 35 53.28 5.93 2.25
N THR C 36 53.94 6.20 1.13
CA THR C 36 54.24 7.56 0.69
C THR C 36 53.76 7.75 -0.74
N VAL C 37 53.19 8.91 -1.01
CA VAL C 37 52.73 9.26 -2.35
C VAL C 37 53.55 10.42 -2.86
N HIS C 38 54.02 10.31 -4.11
CA HIS C 38 54.82 11.35 -4.73
C HIS C 38 54.20 11.72 -6.07
N ASP C 39 54.48 12.94 -6.52
CA ASP C 39 54.02 13.37 -7.82
C ASP C 39 54.77 12.63 -8.93
N PHE C 40 54.07 12.34 -10.02
CA PHE C 40 54.63 11.65 -11.17
C PHE C 40 54.59 12.58 -12.38
N PRO C 41 55.74 12.89 -13.01
CA PRO C 41 57.06 12.43 -12.58
C PRO C 41 57.64 13.30 -11.47
N GLY C 42 58.94 13.17 -11.22
CA GLY C 42 59.59 13.96 -10.21
C GLY C 42 59.36 13.42 -8.81
N LYS C 43 59.70 14.26 -7.84
CA LYS C 43 59.54 13.92 -6.44
C LYS C 43 59.02 15.14 -5.68
N LEU C 45 56.98 15.44 -3.16
CA LEU C 45 56.42 14.66 -2.06
C LEU C 45 55.12 15.30 -1.58
N VAL C 46 54.00 14.87 -2.18
CA VAL C 46 52.71 15.43 -1.79
C VAL C 46 52.33 14.96 -0.38
N LEU C 47 52.65 13.71 -0.04
CA LEU C 47 52.33 13.20 1.29
C LEU C 47 53.15 11.94 1.56
N SER C 48 53.67 11.84 2.79
CA SER C 48 54.40 10.65 3.23
C SER C 48 54.01 10.24 4.64
N SER C 49 52.81 10.62 5.08
CA SER C 49 52.37 10.33 6.42
C SER C 49 51.59 9.02 6.45
N GLU C 50 50.97 8.74 7.59
CA GLU C 50 50.10 7.59 7.77
C GLU C 50 50.85 6.27 7.54
N LYS C 51 51.81 6.01 8.42
CA LYS C 51 52.43 4.69 8.52
C LYS C 51 51.62 3.83 9.48
N THR C 52 51.88 2.52 9.44
CA THR C 52 51.10 1.59 10.26
C THR C 52 52.01 0.42 10.61
N VAL C 53 51.63 -0.31 11.66
CA VAL C 53 52.33 -1.53 12.08
C VAL C 53 51.36 -2.69 11.92
N LEU C 54 51.73 -3.67 11.10
CA LEU C 54 50.91 -4.85 10.90
C LEU C 54 51.17 -5.87 12.00
N THR C 55 50.08 -6.49 12.49
CA THR C 55 50.19 -7.48 13.53
C THR C 55 49.44 -8.74 13.13
N PRO C 56 49.90 -9.91 13.60
CA PRO C 56 49.11 -11.13 13.36
C PRO C 56 47.77 -11.12 14.08
N ALA C 57 47.55 -10.20 15.02
CA ALA C 57 46.27 -10.11 15.69
C ALA C 57 45.15 -9.76 14.71
N THR C 58 45.49 -9.10 13.60
CA THR C 58 44.53 -8.78 12.56
C THR C 58 44.68 -9.70 11.35
N ASN C 59 45.45 -10.79 11.50
CA ASN C 59 45.81 -11.69 10.41
C ASN C 59 46.59 -10.99 9.31
N HIS C 60 47.40 -10.00 9.71
CA HIS C 60 48.24 -9.24 8.80
C HIS C 60 47.42 -8.59 7.69
N MET C 61 46.53 -7.68 8.10
CA MET C 61 45.73 -6.92 7.15
C MET C 61 45.45 -5.56 7.75
N GLY C 62 45.63 -4.51 6.95
CA GLY C 62 45.40 -3.18 7.47
C GLY C 62 45.08 -2.23 6.33
N ASN C 63 44.55 -1.07 6.70
CA ASN C 63 44.22 -0.03 5.74
C ASN C 63 44.76 1.29 6.22
N VAL C 64 45.22 2.09 5.27
CA VAL C 64 45.82 3.38 5.53
C VAL C 64 45.06 4.41 4.71
N THR C 65 44.39 5.34 5.37
CA THR C 65 43.59 6.34 4.70
C THR C 65 44.30 7.68 4.76
N PHE C 66 44.33 8.39 3.64
CA PHE C 66 44.95 9.71 3.61
C PHE C 66 44.25 10.56 2.57
N THR C 67 44.37 11.87 2.74
CA THR C 67 43.78 12.85 1.84
C THR C 67 44.89 13.68 1.21
N ILE C 68 45.06 13.54 -0.09
CA ILE C 68 46.13 14.24 -0.81
C ILE C 68 45.76 15.71 -0.96
N PRO C 69 46.63 16.64 -0.57
CA PRO C 69 46.33 18.06 -0.77
C PRO C 69 46.33 18.41 -2.24
N ALA C 70 45.51 19.39 -2.59
CA ALA C 70 45.40 19.89 -3.95
C ALA C 70 46.07 21.27 -4.02
N ASN C 71 47.06 21.38 -4.89
CA ASN C 71 47.78 22.65 -5.05
C ASN C 71 47.87 23.07 -6.52
N GLU C 73 50.74 22.42 -7.85
CA GLU C 73 51.21 21.58 -8.96
C GLU C 73 50.04 20.89 -9.64
N PHE C 74 48.95 20.72 -8.90
CA PHE C 74 47.78 20.04 -9.43
C PHE C 74 46.95 20.95 -10.33
N LYS C 75 46.89 22.24 -10.03
CA LYS C 75 46.11 23.18 -10.83
C LYS C 75 46.92 23.80 -11.97
N SER C 76 48.23 23.57 -12.02
CA SER C 76 49.04 24.15 -13.08
C SER C 76 48.69 23.55 -14.44
N GLU C 77 48.58 22.22 -14.51
CA GLU C 77 48.28 21.51 -15.73
C GLU C 77 47.05 20.64 -15.51
N LYS C 78 46.07 20.75 -16.41
CA LYS C 78 44.85 19.97 -16.31
C LYS C 78 44.38 19.36 -17.62
N GLY C 79 44.78 19.92 -18.77
CA GLY C 79 44.29 19.39 -20.04
C GLY C 79 44.82 18.01 -20.36
N ARG C 80 45.96 17.64 -19.78
CA ARG C 80 46.54 16.32 -19.93
C ARG C 80 46.48 15.59 -18.61
N ASN C 81 46.18 14.29 -18.66
CA ASN C 81 46.00 13.51 -17.43
C ASN C 81 47.27 13.53 -16.60
N LYS C 82 47.11 13.63 -15.29
CA LYS C 82 48.22 13.65 -14.37
C LYS C 82 48.16 12.44 -13.46
N PHE C 83 49.34 11.96 -13.06
CA PHE C 83 49.45 10.73 -12.31
C PHE C 83 50.27 10.96 -11.05
N VAL C 84 50.03 10.13 -10.04
CA VAL C 84 50.82 10.12 -8.81
C VAL C 84 51.32 8.71 -8.58
N THR C 85 52.43 8.62 -7.85
CA THR C 85 53.08 7.35 -7.57
C THR C 85 52.89 7.01 -6.10
N VAL C 86 52.30 5.86 -5.83
CA VAL C 86 52.06 5.38 -4.48
C VAL C 86 53.14 4.35 -4.19
N GLN C 87 54.22 4.78 -3.55
CA GLN C 87 55.35 3.90 -3.25
C GLN C 87 55.35 3.59 -1.76
N ALA C 88 55.13 2.33 -1.42
CA ALA C 88 55.06 1.90 -0.03
C ALA C 88 56.15 0.89 0.25
N THR C 89 56.68 0.90 1.47
CA THR C 89 57.76 0.04 1.89
C THR C 89 57.27 -0.90 2.98
N PHE C 90 57.41 -2.20 2.75
CA PHE C 90 57.08 -3.23 3.73
C PHE C 90 58.40 -3.75 4.28
N GLY C 91 58.78 -3.29 5.46
CA GLY C 91 60.07 -3.65 6.01
C GLY C 91 61.20 -3.15 5.15
N THR C 92 61.88 -4.05 4.47
CA THR C 92 62.94 -3.70 3.52
C THR C 92 62.53 -3.87 2.07
N GLN C 93 61.31 -4.31 1.81
CA GLN C 93 60.82 -4.53 0.46
C GLN C 93 59.90 -3.38 0.07
N VAL C 94 60.12 -2.82 -1.12
CA VAL C 94 59.38 -1.66 -1.60
C VAL C 94 58.54 -2.06 -2.80
N VAL C 95 57.29 -1.60 -2.81
CA VAL C 95 56.37 -1.82 -3.92
C VAL C 95 55.73 -0.49 -4.25
N GLU C 96 55.67 -0.17 -5.55
CA GLU C 96 55.13 1.10 -6.01
C GLU C 96 54.19 0.87 -7.18
N LYS C 97 53.24 1.78 -7.35
CA LYS C 97 52.29 1.67 -8.43
C LYS C 97 51.77 3.06 -8.76
N VAL C 98 51.71 3.37 -10.05
CA VAL C 98 51.30 4.69 -10.51
C VAL C 98 49.80 4.68 -10.78
N VAL C 99 49.07 5.53 -10.09
CA VAL C 99 47.62 5.57 -10.22
C VAL C 99 47.22 6.93 -10.76
N LEU C 100 46.11 6.98 -11.49
CA LEU C 100 45.61 8.20 -12.09
C LEU C 100 44.91 9.05 -11.05
N VAL C 101 44.95 10.37 -11.25
CA VAL C 101 44.28 11.32 -10.37
C VAL C 101 43.31 12.14 -11.20
N SER C 102 42.04 12.12 -10.82
CA SER C 102 41.03 12.94 -11.46
C SER C 102 40.98 14.31 -10.79
N LEU C 103 40.24 15.22 -11.42
CA LEU C 103 40.04 16.55 -10.85
C LEU C 103 38.67 16.71 -10.20
N GLN C 104 37.70 15.88 -10.56
CA GLN C 104 36.38 15.95 -9.96
C GLN C 104 36.47 15.71 -8.46
N SER C 105 35.81 16.56 -7.68
CA SER C 105 35.87 16.48 -6.23
C SER C 105 34.52 16.45 -5.54
N GLY C 106 33.42 16.69 -6.24
CA GLY C 106 32.11 16.68 -5.61
C GLY C 106 31.04 16.98 -6.62
N TYR C 107 29.81 16.99 -6.14
CA TYR C 107 28.64 17.24 -6.98
C TYR C 107 27.94 18.51 -6.55
N LEU C 108 27.32 19.18 -7.51
CA LEU C 108 26.51 20.37 -7.26
C LEU C 108 25.12 20.13 -7.85
N PHE C 109 24.13 19.99 -6.99
CA PHE C 109 22.76 19.75 -7.44
C PHE C 109 22.00 21.07 -7.33
N ILE C 110 21.71 21.69 -8.46
CA ILE C 110 21.05 22.99 -8.49
C ILE C 110 19.53 22.78 -8.47
N GLN C 111 18.85 23.48 -7.58
CA GLN C 111 17.40 23.41 -7.48
C GLN C 111 16.82 24.81 -7.64
N THR C 112 15.97 24.97 -8.65
CA THR C 112 15.21 26.19 -8.84
C THR C 112 13.77 25.94 -8.42
N ASP C 113 13.15 26.92 -7.77
CA ASP C 113 11.81 26.72 -7.22
C ASP C 113 10.81 26.40 -8.33
N LYS C 114 10.73 27.24 -9.35
CA LYS C 114 9.82 27.04 -10.47
C LYS C 114 10.54 26.35 -11.61
N THR C 115 9.80 26.14 -12.71
CA THR C 115 10.41 25.65 -13.94
C THR C 115 10.13 26.55 -15.14
N ILE C 116 9.44 27.66 -14.96
CA ILE C 116 9.19 28.62 -16.02
C ILE C 116 8.98 29.99 -15.40
N TYR C 117 9.64 31.01 -15.94
CA TYR C 117 9.62 32.34 -15.37
C TYR C 117 9.19 33.35 -16.43
N THR C 118 8.53 34.38 -15.99
CA THR C 118 8.21 35.46 -16.90
C THR C 118 9.19 36.61 -16.73
N PRO C 119 9.46 37.38 -17.78
CA PRO C 119 10.36 38.52 -17.62
C PRO C 119 9.84 39.50 -16.59
N GLY C 120 10.76 40.07 -15.82
CA GLY C 120 10.37 40.90 -14.71
C GLY C 120 10.09 40.14 -13.42
N SER C 121 10.40 38.86 -13.37
CA SER C 121 10.21 38.04 -12.18
C SER C 121 11.56 37.55 -11.67
N THR C 122 11.69 37.50 -10.34
CA THR C 122 12.94 37.10 -9.73
C THR C 122 13.12 35.59 -9.79
N VAL C 123 14.38 35.17 -9.87
CA VAL C 123 14.75 33.76 -9.89
C VAL C 123 15.34 33.42 -8.54
N LEU C 124 14.77 32.44 -7.87
CA LEU C 124 15.28 31.96 -6.59
C LEU C 124 15.75 30.53 -6.78
N TYR C 125 17.03 30.27 -6.47
CA TYR C 125 17.57 28.94 -6.65
C TYR C 125 18.61 28.66 -5.59
N ARG C 126 18.86 27.39 -5.36
CA ARG C 126 19.85 26.92 -4.40
C ARG C 126 20.91 26.10 -5.11
N ILE C 127 22.04 25.92 -4.45
CA ILE C 127 23.17 25.17 -4.98
C ILE C 127 23.68 24.28 -3.86
N PHE C 128 23.28 23.02 -3.86
CA PHE C 128 23.79 22.09 -2.87
C PHE C 128 25.23 21.74 -3.20
N THR C 129 26.05 21.57 -2.17
CA THR C 129 27.45 21.21 -2.34
C THR C 129 27.72 19.95 -1.55
N VAL C 130 27.92 18.83 -2.25
CA VAL C 130 28.19 17.54 -1.61
C VAL C 130 29.43 16.93 -2.26
N ASN C 131 30.11 16.07 -1.50
CA ASN C 131 31.30 15.40 -1.99
C ASN C 131 30.94 14.02 -2.53
N HIS C 132 31.96 13.26 -2.94
CA HIS C 132 31.71 12.01 -3.65
C HIS C 132 30.94 11.02 -2.79
N LYS C 133 31.01 11.15 -1.48
CA LYS C 133 30.34 10.26 -0.55
C LYS C 133 28.97 10.77 -0.13
N LEU C 134 28.50 11.86 -0.74
CA LEU C 134 27.22 12.48 -0.44
C LEU C 134 27.16 12.98 1.01
N LEU C 135 28.07 13.88 1.34
CA LEU C 135 28.11 14.55 2.63
C LEU C 135 28.39 16.03 2.39
N PRO C 136 27.90 16.90 3.27
CA PRO C 136 28.15 18.33 3.09
C PRO C 136 29.65 18.64 3.16
N VAL C 137 30.07 19.59 2.33
CA VAL C 137 31.47 19.96 2.24
C VAL C 137 31.57 21.48 2.15
N GLY C 138 32.69 22.01 2.61
CA GLY C 138 32.94 23.45 2.50
C GLY C 138 33.89 23.78 1.37
N ARG C 139 33.35 24.23 0.24
CA ARG C 139 34.16 24.56 -0.92
C ARG C 139 33.63 25.84 -1.52
N THR C 140 34.38 26.41 -2.45
CA THR C 140 34.03 27.65 -3.12
C THR C 140 33.46 27.34 -4.49
N VAL C 141 32.32 27.93 -4.82
CA VAL C 141 31.64 27.67 -6.07
C VAL C 141 31.67 28.90 -6.96
N MET C 142 31.45 28.69 -8.25
CA MET C 142 31.30 29.75 -9.22
C MET C 142 30.03 29.49 -10.01
N VAL C 143 29.26 30.54 -10.30
CA VAL C 143 28.00 30.40 -11.01
C VAL C 143 27.94 31.42 -12.13
N ASN C 144 27.53 30.96 -13.31
CA ASN C 144 27.32 31.83 -14.46
C ASN C 144 25.97 31.50 -15.06
N ILE C 145 25.15 32.52 -15.28
CA ILE C 145 23.82 32.36 -15.83
C ILE C 145 23.84 32.79 -17.28
N GLU C 146 23.51 31.87 -18.18
CA GLU C 146 23.70 32.07 -19.61
C GLU C 146 22.40 32.50 -20.27
N ASN C 147 22.52 33.33 -21.31
CA ASN C 147 21.40 33.71 -22.15
C ASN C 147 20.96 32.50 -22.97
N PRO C 148 19.90 32.63 -23.76
CA PRO C 148 19.57 31.54 -24.69
C PRO C 148 20.69 31.26 -25.68
N GLU C 149 21.42 32.29 -26.09
CA GLU C 149 22.52 32.10 -27.03
C GLU C 149 23.76 31.51 -26.36
N GLY C 150 23.96 31.77 -25.07
CA GLY C 150 25.09 31.22 -24.36
C GLY C 150 26.15 32.25 -23.98
N ILE C 151 25.72 33.44 -23.59
CA ILE C 151 26.63 34.50 -23.15
C ILE C 151 26.33 34.77 -21.67
N PRO C 152 27.31 34.66 -20.78
CA PRO C 152 27.05 34.84 -19.35
C PRO C 152 26.50 36.23 -19.05
N VAL C 153 25.57 36.29 -18.11
CA VAL C 153 24.91 37.54 -17.76
C VAL C 153 25.23 37.93 -16.33
N LYS C 154 25.45 36.93 -15.48
CA LYS C 154 25.79 37.18 -14.09
C LYS C 154 26.88 36.22 -13.64
N GLN C 155 27.84 36.73 -12.89
CA GLN C 155 28.93 35.94 -12.34
C GLN C 155 29.03 36.19 -10.85
N ASP C 156 29.24 35.13 -10.07
CA ASP C 156 29.30 35.27 -8.63
C ASP C 156 30.22 34.21 -8.05
N SER C 157 30.70 34.47 -6.83
CA SER C 157 31.54 33.55 -6.10
C SER C 157 31.02 33.44 -4.67
N LEU C 158 30.84 32.20 -4.21
CA LEU C 158 30.33 31.96 -2.88
C LEU C 158 31.14 30.87 -2.20
N SER C 159 31.08 30.85 -0.87
CA SER C 159 31.71 29.82 -0.07
C SER C 159 30.64 29.07 0.69
N SER C 160 30.76 27.74 0.72
CA SER C 160 29.82 26.91 1.45
C SER C 160 30.22 26.74 2.92
N GLN C 161 31.31 27.38 3.35
CA GLN C 161 31.77 27.24 4.72
C GLN C 161 30.71 27.74 5.69
N ASN C 162 30.45 26.94 6.73
CA ASN C 162 29.49 27.23 7.79
C ASN C 162 28.07 27.44 7.27
N GLN C 163 27.78 27.00 6.04
CA GLN C 163 26.44 27.07 5.49
C GLN C 163 25.77 25.71 5.38
N LEU C 164 26.43 24.65 5.84
CA LEU C 164 25.87 23.29 5.83
C LEU C 164 25.52 22.83 4.42
N GLY C 165 26.24 23.31 3.42
CA GLY C 165 26.06 22.80 2.07
C GLY C 165 24.85 23.31 1.32
N VAL C 166 24.31 24.46 1.69
CA VAL C 166 23.21 25.07 0.96
C VAL C 166 23.56 26.54 0.74
N LEU C 167 23.42 27.01 -0.50
CA LEU C 167 23.78 28.38 -0.86
C LEU C 167 22.61 29.06 -1.56
N PRO C 168 21.61 29.52 -0.82
CA PRO C 168 20.48 30.20 -1.46
C PRO C 168 20.95 31.46 -2.16
N LEU C 169 20.35 31.73 -3.32
CA LEU C 169 20.79 32.83 -4.18
C LEU C 169 19.56 33.44 -4.85
N SER C 170 19.80 34.43 -5.71
CA SER C 170 18.69 35.12 -6.35
C SER C 170 19.17 35.78 -7.63
N TRP C 171 18.19 36.12 -8.49
CA TRP C 171 18.44 36.93 -9.68
C TRP C 171 17.11 37.45 -10.18
N ASP C 172 17.07 38.74 -10.51
CA ASP C 172 15.86 39.38 -11.02
C ASP C 172 16.00 39.53 -12.53
N ILE C 173 15.17 38.81 -13.26
CA ILE C 173 15.34 38.70 -14.72
C ILE C 173 15.13 40.08 -15.34
N PRO C 174 16.02 40.54 -16.20
CA PRO C 174 15.84 41.87 -16.81
C PRO C 174 14.61 41.89 -17.69
N GLU C 175 14.02 43.07 -17.83
CA GLU C 175 12.76 43.18 -18.56
C GLU C 175 12.94 42.88 -20.05
N LEU C 176 14.02 43.33 -20.65
CA LEU C 176 14.26 43.15 -22.08
C LEU C 176 15.26 42.01 -22.25
N VAL C 177 14.74 40.78 -22.33
CA VAL C 177 15.57 39.60 -22.44
C VAL C 177 15.05 38.69 -23.54
N ASN C 178 15.94 37.84 -24.02
CA ASN C 178 15.60 36.85 -25.03
C ASN C 178 14.87 35.68 -24.39
N MET C 179 14.07 35.00 -25.20
CA MET C 179 13.21 33.94 -24.70
C MET C 179 13.93 32.60 -24.82
N GLY C 180 13.21 31.51 -24.66
CA GLY C 180 13.79 30.20 -24.80
C GLY C 180 14.50 29.74 -23.56
N GLN C 181 15.13 28.58 -23.68
CA GLN C 181 15.81 27.98 -22.54
C GLN C 181 16.98 28.85 -22.09
N TRP C 182 17.07 29.05 -20.79
CA TRP C 182 18.26 29.62 -20.16
C TRP C 182 19.03 28.51 -19.47
N LYS C 183 20.23 28.82 -19.03
CA LYS C 183 21.03 27.82 -18.33
C LYS C 183 21.74 28.46 -17.16
N ILE C 184 21.94 27.66 -16.11
CA ILE C 184 22.72 28.04 -14.94
C ILE C 184 23.82 27.01 -14.78
N ARG C 185 25.07 27.42 -14.99
CA ARG C 185 26.20 26.52 -14.87
C ARG C 185 27.02 26.87 -13.63
N ALA C 186 27.21 25.89 -12.76
CA ALA C 186 27.98 26.05 -11.54
C ALA C 186 29.05 24.98 -11.48
N TYR C 187 30.24 25.35 -11.02
CA TYR C 187 31.37 24.44 -10.98
C TYR C 187 32.25 24.79 -9.79
N TYR C 188 32.85 23.78 -9.19
CA TYR C 188 33.75 24.01 -8.08
C TYR C 188 34.98 24.78 -8.53
N GLU C 189 35.50 25.61 -7.64
CA GLU C 189 36.58 26.51 -8.03
C GLU C 189 37.88 25.77 -8.30
N ASN C 190 38.11 24.64 -7.62
CA ASN C 190 39.34 23.90 -7.81
C ASN C 190 39.37 23.12 -9.12
N SER C 191 38.21 22.70 -9.62
CA SER C 191 38.12 21.82 -10.79
C SER C 191 37.22 22.47 -11.83
N PRO C 192 37.72 23.48 -12.54
CA PRO C 192 36.85 24.25 -13.44
C PRO C 192 36.45 23.52 -14.71
N GLN C 193 36.98 22.34 -14.96
CA GLN C 193 36.66 21.62 -16.18
C GLN C 193 35.48 20.66 -16.04
N GLN C 194 34.91 20.53 -14.84
CA GLN C 194 33.67 19.79 -14.64
C GLN C 194 32.59 20.76 -14.22
N VAL C 195 31.50 20.80 -14.96
CA VAL C 195 30.45 21.81 -14.79
C VAL C 195 29.10 21.13 -14.71
N PHE C 196 28.27 21.59 -13.77
CA PHE C 196 26.92 21.09 -13.58
C PHE C 196 25.93 22.18 -13.93
N SER C 197 24.74 21.79 -14.41
CA SER C 197 23.85 22.78 -14.97
C SER C 197 22.39 22.38 -14.80
N THR C 198 21.51 23.37 -14.97
CA THR C 198 20.07 23.19 -15.03
C THR C 198 19.52 24.18 -16.05
N GLU C 199 18.29 23.94 -16.48
CA GLU C 199 17.66 24.79 -17.49
C GLU C 199 16.32 25.27 -16.98
N PHE C 200 16.11 26.59 -17.04
CA PHE C 200 14.82 27.18 -16.75
C PHE C 200 14.40 28.02 -17.93
N GLU C 201 13.10 28.02 -18.22
CA GLU C 201 12.59 28.61 -19.45
C GLU C 201 11.94 29.95 -19.14
N VAL C 202 12.28 30.96 -19.92
CA VAL C 202 11.63 32.26 -19.85
C VAL C 202 10.62 32.34 -20.98
N LYS C 203 9.37 32.60 -20.63
CA LYS C 203 8.30 32.55 -21.62
C LYS C 203 7.20 33.53 -21.21
N GLU C 204 6.38 33.90 -22.18
CA GLU C 204 5.18 34.68 -21.92
C GLU C 204 4.06 33.70 -21.59
N TYR C 205 3.60 33.71 -20.35
CA TYR C 205 2.52 32.79 -20.02
C TYR C 205 1.66 33.36 -18.91
N VAL C 206 0.43 32.88 -18.88
CA VAL C 206 -0.47 33.00 -17.75
C VAL C 206 -0.87 31.60 -17.33
N LEU C 207 -0.96 31.37 -16.03
CA LEU C 207 -1.10 30.02 -15.51
C LEU C 207 -2.37 29.37 -16.07
N PRO C 208 -2.31 28.10 -16.47
CA PRO C 208 -3.52 27.44 -16.97
C PRO C 208 -4.48 27.16 -15.83
N SER C 209 -5.56 26.44 -16.11
CA SER C 209 -6.50 26.08 -15.06
C SER C 209 -6.71 24.58 -14.89
N PHE C 210 -6.18 23.75 -15.77
CA PHE C 210 -6.46 22.32 -15.70
C PHE C 210 -5.46 21.53 -16.51
N GLU C 211 -5.12 20.35 -16.00
CA GLU C 211 -4.11 19.49 -16.59
C GLU C 211 -4.77 18.50 -17.54
N VAL C 212 -4.17 18.32 -18.71
CA VAL C 212 -4.64 17.38 -19.72
C VAL C 212 -3.64 16.23 -19.82
N ILE C 213 -4.15 15.01 -19.70
CA ILE C 213 -3.32 13.81 -19.70
C ILE C 213 -3.76 12.95 -20.88
N VAL C 214 -2.82 12.59 -21.75
CA VAL C 214 -3.07 11.66 -22.84
C VAL C 214 -2.16 10.45 -22.62
N GLU C 215 -2.75 9.33 -22.23
CA GLU C 215 -2.03 8.06 -22.09
C GLU C 215 -2.63 7.03 -23.02
N PRO C 216 -1.93 6.59 -24.05
CA PRO C 216 -2.46 5.53 -24.91
C PRO C 216 -2.62 4.24 -24.12
N THR C 217 -3.53 3.38 -24.61
CA THR C 217 -3.84 2.15 -23.90
C THR C 217 -2.61 1.26 -23.78
N GLU C 218 -1.82 1.16 -24.85
CA GLU C 218 -0.55 0.47 -24.81
C GLU C 218 0.55 1.47 -25.17
N LYS C 219 1.69 1.36 -24.48
CA LYS C 219 2.77 2.31 -24.73
C LYS C 219 3.55 1.90 -25.98
N PHE C 220 2.83 1.59 -27.06
CA PHE C 220 3.41 1.25 -28.34
C PHE C 220 2.28 1.07 -29.34
N TYR C 221 2.62 0.75 -30.59
CA TYR C 221 1.61 0.50 -31.61
C TYR C 221 2.06 -0.68 -32.45
N TYR C 222 1.34 -1.79 -32.35
CA TYR C 222 1.66 -2.95 -33.16
C TYR C 222 1.44 -2.64 -34.63
N ILE C 223 2.43 -2.98 -35.46
CA ILE C 223 2.39 -2.55 -36.86
C ILE C 223 1.32 -3.32 -37.63
N TYR C 224 1.09 -4.58 -37.26
CA TYR C 224 0.10 -5.39 -37.97
C TYR C 224 -1.26 -5.36 -37.32
N ASN C 225 -1.45 -4.58 -36.25
CA ASN C 225 -2.76 -4.44 -35.66
C ASN C 225 -3.69 -3.74 -36.64
N GLU C 226 -4.88 -4.30 -36.84
CA GLU C 226 -5.84 -3.73 -37.77
C GLU C 226 -6.82 -2.78 -37.10
N LYS C 227 -6.65 -2.51 -35.81
CA LYS C 227 -7.57 -1.64 -35.09
C LYS C 227 -7.09 -0.20 -34.99
N GLY C 228 -5.79 0.04 -35.11
CA GLY C 228 -5.25 1.39 -35.02
C GLY C 228 -4.93 1.80 -33.58
N LEU C 229 -4.29 2.95 -33.47
CA LEU C 229 -3.85 3.44 -32.17
C LEU C 229 -5.03 3.84 -31.31
N GLU C 230 -4.97 3.50 -30.03
CA GLU C 230 -6.04 3.75 -29.06
C GLU C 230 -5.49 4.72 -28.02
N VAL C 231 -5.93 5.97 -28.09
CA VAL C 231 -5.46 7.00 -27.17
C VAL C 231 -6.64 7.52 -26.38
N THR C 232 -6.43 7.74 -25.09
CA THR C 232 -7.44 8.25 -24.19
C THR C 232 -7.01 9.62 -23.67
N ILE C 233 -7.86 10.62 -23.88
CA ILE C 233 -7.60 11.99 -23.43
C ILE C 233 -8.47 12.26 -22.22
N THR C 234 -7.85 12.67 -21.12
CA THR C 234 -8.55 12.95 -19.88
C THR C 234 -8.13 14.31 -19.35
N ALA C 235 -9.09 15.05 -18.80
CA ALA C 235 -8.87 16.41 -18.38
C ALA C 235 -9.56 16.63 -17.04
N ARG C 236 -8.79 16.99 -16.03
CA ARG C 236 -9.31 17.31 -14.71
C ARG C 236 -8.79 18.67 -14.28
N PHE C 237 -9.62 19.42 -13.56
CA PHE C 237 -9.19 20.71 -13.08
C PHE C 237 -8.02 20.54 -12.13
N LEU C 238 -7.34 21.65 -11.85
CA LEU C 238 -6.13 21.60 -11.01
C LEU C 238 -6.46 21.07 -9.63
N TYR C 239 -7.55 21.53 -9.06
CA TYR C 239 -7.93 21.25 -7.68
C TYR C 239 -8.87 20.06 -7.52
N GLY C 240 -9.05 19.25 -8.57
CA GLY C 240 -9.66 17.95 -8.40
C GLY C 240 -11.11 17.82 -8.83
N LYS C 241 -11.48 18.45 -9.94
CA LYS C 241 -12.83 18.36 -10.46
C LYS C 241 -12.76 18.02 -11.94
N LYS C 242 -13.83 17.40 -12.46
CA LYS C 242 -13.85 16.97 -13.84
C LYS C 242 -14.18 18.13 -14.78
N VAL C 243 -13.72 18.00 -16.02
CA VAL C 243 -13.80 19.07 -17.01
C VAL C 243 -14.75 18.66 -18.11
N GLU C 244 -15.55 19.62 -18.58
CA GLU C 244 -16.40 19.42 -19.75
C GLU C 244 -15.94 20.37 -20.84
N GLY C 245 -15.72 19.83 -22.03
CA GLY C 245 -15.23 20.66 -23.12
C GLY C 245 -15.11 19.87 -24.40
N THR C 246 -14.40 20.43 -25.36
CA THR C 246 -14.13 19.79 -26.63
C THR C 246 -12.62 19.76 -26.86
N ALA C 247 -12.12 18.62 -27.32
CA ALA C 247 -10.68 18.42 -27.45
C ALA C 247 -10.34 18.07 -28.88
N PHE C 248 -9.40 18.81 -29.47
CA PHE C 248 -8.83 18.47 -30.75
C PHE C 248 -7.55 17.68 -30.53
N VAL C 249 -7.32 16.68 -31.38
CA VAL C 249 -6.11 15.88 -31.31
C VAL C 249 -5.55 15.73 -32.72
N ILE C 250 -4.27 15.38 -32.79
CA ILE C 250 -3.61 15.16 -34.07
C ILE C 250 -2.49 14.16 -33.86
N PHE C 251 -2.15 13.44 -34.91
CA PHE C 251 -1.10 12.43 -34.87
C PHE C 251 -0.07 12.71 -35.96
N GLY C 252 1.17 12.32 -35.71
CA GLY C 252 2.22 12.48 -36.68
C GLY C 252 3.28 11.41 -36.53
N ILE C 253 4.22 11.39 -37.46
CA ILE C 253 5.33 10.44 -37.44
C ILE C 253 6.60 11.21 -37.16
N GLN C 254 7.29 10.85 -36.09
CA GLN C 254 8.49 11.55 -35.66
C GLN C 254 9.70 10.67 -35.93
N ASP C 255 10.44 10.99 -36.98
CA ASP C 255 11.64 10.26 -37.36
C ASP C 255 12.85 11.21 -37.29
N GLY C 256 13.87 10.79 -36.55
CA GLY C 256 15.03 11.63 -36.35
C GLY C 256 14.70 12.90 -35.61
N GLU C 257 14.72 14.02 -36.32
CA GLU C 257 14.33 15.31 -35.75
C GLU C 257 13.23 15.99 -36.55
N GLN C 258 12.84 15.45 -37.70
CA GLN C 258 11.80 16.04 -38.53
C GLN C 258 10.45 15.47 -38.13
N ARG C 259 9.49 16.35 -37.87
CA ARG C 259 8.14 15.97 -37.49
C ARG C 259 7.21 16.27 -38.65
N ILE C 260 6.51 15.26 -39.14
CA ILE C 260 5.50 15.41 -40.18
C ILE C 260 4.15 15.02 -39.60
N SER C 261 3.16 15.86 -39.82
CA SER C 261 1.83 15.64 -39.28
C SER C 261 0.95 14.93 -40.29
N LEU C 262 -0.16 14.38 -39.81
CA LEU C 262 -1.09 13.66 -40.66
C LEU C 262 -2.32 14.51 -40.93
N PRO C 263 -2.47 15.04 -42.14
CA PRO C 263 -3.59 15.95 -42.39
C PRO C 263 -4.95 15.34 -42.16
N GLU C 264 -5.12 14.05 -42.45
CA GLU C 264 -6.40 13.40 -42.33
C GLU C 264 -6.68 12.86 -40.94
N SER C 265 -5.95 13.33 -39.92
CA SER C 265 -6.03 12.73 -38.61
C SER C 265 -6.64 13.62 -37.54
N LEU C 266 -6.68 14.94 -37.73
CA LEU C 266 -7.19 15.82 -36.67
C LEU C 266 -8.67 15.58 -36.46
N LYS C 267 -9.06 15.42 -35.20
CA LYS C 267 -10.43 15.08 -34.86
C LYS C 267 -10.85 15.86 -33.63
N ARG C 268 -12.15 16.16 -33.55
CA ARG C 268 -12.74 16.79 -32.37
C ARG C 268 -13.58 15.74 -31.66
N ILE C 269 -13.16 15.38 -30.45
CA ILE C 269 -13.80 14.32 -29.68
C ILE C 269 -14.31 14.90 -28.36
N PRO C 270 -15.58 15.30 -28.28
CA PRO C 270 -16.05 15.99 -27.07
C PRO C 270 -15.88 15.10 -25.86
N ILE C 271 -15.44 15.70 -24.76
CA ILE C 271 -15.17 14.98 -23.53
C ILE C 271 -16.30 15.24 -22.56
N GLU C 272 -16.97 14.18 -22.14
CA GLU C 272 -18.00 14.25 -21.12
C GLU C 272 -17.49 13.51 -19.89
N ASP C 273 -17.63 14.13 -18.72
CA ASP C 273 -17.09 13.59 -17.47
C ASP C 273 -15.57 13.47 -17.54
N GLY C 274 -14.94 14.32 -18.34
CA GLY C 274 -13.48 14.39 -18.38
C GLY C 274 -12.78 13.16 -18.91
N SER C 275 -13.25 12.59 -20.02
CA SER C 275 -12.56 11.49 -20.67
C SER C 275 -13.10 11.32 -22.08
N GLY C 276 -12.20 11.30 -23.05
CA GLY C 276 -12.59 11.08 -24.44
C GLY C 276 -11.60 10.17 -25.12
N GLU C 277 -12.06 9.52 -26.18
CA GLU C 277 -11.24 8.51 -26.84
C GLU C 277 -11.35 8.66 -28.34
N VAL C 278 -10.20 8.70 -29.01
CA VAL C 278 -10.13 8.78 -30.46
C VAL C 278 -9.17 7.69 -30.93
N VAL C 279 -9.38 7.24 -32.17
CA VAL C 279 -8.59 6.15 -32.75
C VAL C 279 -8.01 6.62 -34.07
N LEU C 280 -6.75 6.27 -34.33
CA LEU C 280 -6.10 6.56 -35.60
C LEU C 280 -6.10 5.27 -36.41
N SER C 281 -7.02 5.18 -37.38
CA SER C 281 -7.14 3.97 -38.18
C SER C 281 -5.89 3.77 -39.02
N ARG C 282 -5.49 2.50 -39.18
CA ARG C 282 -4.24 2.20 -39.86
C ARG C 282 -4.24 2.68 -41.30
N LYS C 283 -5.43 2.80 -41.92
CA LYS C 283 -5.50 3.35 -43.26
C LYS C 283 -4.98 4.77 -43.29
N VAL C 284 -5.34 5.57 -42.28
CA VAL C 284 -4.85 6.95 -42.20
C VAL C 284 -3.33 6.96 -42.04
N LEU C 285 -2.81 6.08 -41.18
CA LEU C 285 -1.37 6.06 -40.94
C LEU C 285 -0.61 5.67 -42.21
N LEU C 286 -1.13 4.71 -42.95
CA LEU C 286 -0.44 4.29 -44.17
C LEU C 286 -0.54 5.36 -45.25
N ASP C 287 -1.71 5.98 -45.40
CA ASP C 287 -1.88 6.94 -46.49
C ASP C 287 -1.18 8.26 -46.21
N GLY C 288 -1.05 8.65 -44.94
CA GLY C 288 -0.39 9.89 -44.63
C GLY C 288 1.09 9.88 -45.00
N VAL C 289 1.77 8.78 -44.70
CA VAL C 289 3.15 8.63 -45.13
C VAL C 289 3.19 8.23 -46.61
N GLN C 290 4.26 8.58 -47.28
CA GLN C 290 4.42 8.29 -48.70
C GLN C 290 5.01 6.93 -48.99
N ASN C 291 5.32 6.13 -47.97
CA ASN C 291 5.83 4.78 -48.18
C ASN C 291 4.71 3.79 -47.90
N PRO C 292 4.13 3.16 -48.92
CA PRO C 292 3.07 2.17 -48.66
C PRO C 292 3.56 0.93 -47.91
N ARG C 293 4.87 0.67 -47.91
CA ARG C 293 5.40 -0.47 -47.17
C ARG C 293 5.25 -0.22 -45.67
N ALA C 294 4.36 -0.99 -45.03
CA ALA C 294 4.14 -0.81 -43.61
C ALA C 294 5.37 -1.20 -42.80
N GLU C 295 6.08 -2.25 -43.23
CA GLU C 295 7.24 -2.72 -42.48
C GLU C 295 8.36 -1.68 -42.46
N ASP C 296 8.53 -0.94 -43.55
CA ASP C 296 9.57 0.08 -43.59
C ASP C 296 9.30 1.24 -42.66
N LEU C 297 8.09 1.33 -42.11
CA LEU C 297 7.75 2.40 -41.18
C LEU C 297 8.22 2.12 -39.75
N VAL C 298 8.71 0.90 -39.48
CA VAL C 298 9.06 0.56 -38.11
C VAL C 298 10.21 1.43 -37.63
N GLY C 299 10.26 1.64 -36.32
CA GLY C 299 11.32 2.42 -35.72
C GLY C 299 10.91 3.86 -35.47
N LYS C 300 10.20 4.43 -36.43
CA LYS C 300 9.69 5.79 -36.29
C LYS C 300 8.66 5.84 -35.17
N SER C 301 8.55 6.99 -34.53
CA SER C 301 7.66 7.15 -33.38
C SER C 301 6.50 8.09 -33.71
N LEU C 302 5.32 7.72 -33.27
CA LEU C 302 4.16 8.58 -33.34
C LEU C 302 4.24 9.66 -32.26
N TYR C 303 3.39 10.66 -32.37
CA TYR C 303 3.30 11.68 -31.33
C TYR C 303 1.90 12.28 -31.36
N VAL C 304 1.33 12.47 -30.18
CA VAL C 304 -0.05 12.89 -30.03
C VAL C 304 -0.07 14.30 -29.45
N SER C 305 -0.73 15.21 -30.14
CA SER C 305 -0.83 16.60 -29.73
C SER C 305 -2.30 16.90 -29.47
N ALA C 306 -2.65 17.14 -28.21
CA ALA C 306 -4.05 17.30 -27.80
C ALA C 306 -4.30 18.71 -27.33
N THR C 307 -5.30 19.35 -27.91
CA THR C 307 -5.70 20.71 -27.55
C THR C 307 -7.12 20.67 -27.00
N VAL C 308 -7.31 21.20 -25.80
CA VAL C 308 -8.58 21.13 -25.10
C VAL C 308 -9.08 22.54 -24.84
N ILE C 309 -10.36 22.77 -25.09
CA ILE C 309 -11.00 24.05 -24.84
C ILE C 309 -12.30 23.81 -24.09
N LEU C 310 -12.52 24.55 -23.01
CA LEU C 310 -13.73 24.37 -22.23
C LEU C 310 -14.93 24.94 -22.98
N HIS C 311 -16.12 24.47 -22.59
CA HIS C 311 -17.34 25.02 -23.18
C HIS C 311 -17.52 26.48 -22.85
N SER C 312 -16.90 26.94 -21.76
CA SER C 312 -16.83 28.38 -21.51
C SER C 312 -16.02 29.07 -22.58
N GLY C 313 -15.00 28.39 -23.12
CA GLY C 313 -14.15 29.00 -24.12
C GLY C 313 -13.19 30.02 -23.55
N SER C 314 -13.04 30.06 -22.23
CA SER C 314 -12.22 31.06 -21.58
C SER C 314 -10.76 30.64 -21.47
N ASP C 315 -10.48 29.34 -21.44
CA ASP C 315 -9.13 28.84 -21.24
C ASP C 315 -8.85 27.71 -22.22
N MET C 316 -7.63 27.69 -22.76
CA MET C 316 -7.16 26.64 -23.64
C MET C 316 -5.84 26.11 -23.12
N VAL C 317 -5.68 24.79 -23.15
CA VAL C 317 -4.45 24.16 -22.70
C VAL C 317 -4.02 23.13 -23.74
N GLN C 318 -2.70 23.00 -23.92
CA GLN C 318 -2.12 22.04 -24.83
C GLN C 318 -1.32 21.02 -24.03
N ALA C 319 -1.44 19.75 -24.40
CA ALA C 319 -0.66 18.69 -23.80
C ALA C 319 -0.22 17.73 -24.91
N GLU C 320 1.05 17.36 -24.91
CA GLU C 320 1.62 16.54 -25.96
C GLU C 320 2.32 15.35 -25.35
N ARG C 321 2.03 14.17 -25.89
CA ARG C 321 2.70 12.93 -25.50
C ARG C 321 3.42 12.38 -26.72
N SER C 322 4.74 12.43 -26.69
CA SER C 322 5.55 11.92 -27.78
C SER C 322 6.13 10.57 -27.38
N GLY C 323 6.98 10.04 -28.24
CA GLY C 323 7.63 8.78 -27.94
C GLY C 323 6.71 7.59 -27.88
N ILE C 324 5.79 7.47 -28.84
CA ILE C 324 5.01 6.24 -29.00
C ILE C 324 5.66 5.46 -30.13
N PRO C 325 6.49 4.47 -29.83
CA PRO C 325 7.25 3.80 -30.89
C PRO C 325 6.41 2.78 -31.64
N ILE C 326 6.57 2.78 -32.97
CA ILE C 326 5.93 1.80 -33.84
C ILE C 326 6.86 0.60 -33.93
N VAL C 327 6.47 -0.51 -33.32
CA VAL C 327 7.33 -1.68 -33.23
C VAL C 327 6.54 -2.92 -33.60
N THR C 328 7.26 -3.95 -34.05
CA THR C 328 6.67 -5.25 -34.34
C THR C 328 6.70 -6.21 -33.17
N SER C 329 7.42 -5.87 -32.09
CA SER C 329 7.56 -6.75 -30.94
C SER C 329 7.45 -5.92 -29.67
N PRO C 330 6.63 -6.33 -28.71
CA PRO C 330 6.38 -5.50 -27.53
C PRO C 330 7.45 -5.58 -26.45
N TYR C 331 8.55 -6.29 -26.68
CA TYR C 331 9.57 -6.45 -25.67
C TYR C 331 10.94 -6.22 -26.29
N GLN C 332 11.86 -5.71 -25.47
CA GLN C 332 13.24 -5.48 -25.90
C GLN C 332 14.15 -6.09 -24.86
N ILE C 333 14.93 -7.07 -25.25
CA ILE C 333 15.80 -7.82 -24.34
C ILE C 333 17.16 -7.15 -24.31
N HIS C 334 17.64 -6.85 -23.11
CA HIS C 334 18.91 -6.17 -22.92
C HIS C 334 19.86 -7.03 -22.10
N PHE C 335 21.15 -6.91 -22.41
CA PHE C 335 22.20 -7.62 -21.70
C PHE C 335 23.14 -6.65 -21.00
N THR C 336 22.60 -5.53 -20.49
CA THR C 336 23.44 -4.55 -19.85
C THR C 336 24.05 -5.08 -18.55
N LYS C 337 23.26 -5.82 -17.77
CA LYS C 337 23.67 -6.24 -16.43
C LYS C 337 24.31 -7.62 -16.40
N THR C 338 24.31 -8.36 -17.49
CA THR C 338 24.86 -9.70 -17.49
C THR C 338 26.38 -9.67 -17.56
N PRO C 339 27.09 -10.49 -16.78
CA PRO C 339 28.53 -10.59 -16.95
C PRO C 339 28.88 -11.07 -18.35
N LYS C 340 29.95 -10.51 -18.90
CA LYS C 340 30.39 -10.88 -20.23
C LYS C 340 31.42 -12.00 -20.23
N TYR C 341 31.80 -12.49 -19.05
CA TYR C 341 32.75 -13.60 -18.95
C TYR C 341 32.26 -14.55 -17.88
N PHE C 342 32.47 -15.85 -18.11
CA PHE C 342 31.96 -16.90 -17.23
C PHE C 342 33.11 -17.81 -16.83
N LYS C 343 32.78 -18.86 -16.09
CA LYS C 343 33.76 -19.83 -15.64
C LYS C 343 33.34 -21.22 -16.09
N PRO C 344 34.25 -22.02 -16.62
CA PRO C 344 33.87 -23.39 -16.98
C PRO C 344 33.44 -24.17 -15.75
N GLY C 345 32.36 -24.94 -15.91
CA GLY C 345 31.88 -25.79 -14.84
C GLY C 345 31.30 -25.08 -13.63
N MET C 346 30.59 -23.97 -13.83
CA MET C 346 29.86 -23.30 -12.78
C MET C 346 28.57 -22.78 -13.37
N PRO C 347 27.57 -22.51 -12.55
CA PRO C 347 26.42 -21.73 -13.02
C PRO C 347 26.87 -20.37 -13.52
N PHE C 348 26.22 -19.91 -14.57
CA PHE C 348 26.53 -18.63 -15.21
C PHE C 348 25.26 -17.79 -15.12
N ASP C 349 25.13 -17.04 -14.03
CA ASP C 349 23.90 -16.32 -13.77
C ASP C 349 23.70 -15.22 -14.81
N LEU C 350 22.58 -15.28 -15.52
CA LEU C 350 22.22 -14.27 -16.51
C LEU C 350 21.26 -13.28 -15.89
N MET C 351 21.51 -11.99 -16.09
CA MET C 351 20.60 -10.93 -15.69
C MET C 351 20.04 -10.30 -16.96
N VAL C 352 18.99 -10.90 -17.50
CA VAL C 352 18.33 -10.31 -18.65
C VAL C 352 17.44 -9.17 -18.17
N PHE C 353 17.34 -8.12 -18.98
CA PHE C 353 16.61 -6.91 -18.61
C PHE C 353 15.52 -6.68 -19.64
N VAL C 354 14.37 -7.31 -19.44
CA VAL C 354 13.26 -7.18 -20.38
C VAL C 354 12.60 -5.83 -20.18
N THR C 355 12.53 -5.04 -21.25
CA THR C 355 11.99 -3.69 -21.16
C THR C 355 10.96 -3.46 -22.25
N ASN C 356 10.01 -2.57 -21.96
CA ASN C 356 9.04 -2.15 -22.95
C ASN C 356 9.73 -1.33 -24.03
N PRO C 357 9.12 -1.19 -25.21
CA PRO C 357 9.78 -0.45 -26.29
C PRO C 357 10.10 0.99 -25.92
N ASP C 358 9.31 1.61 -25.06
CA ASP C 358 9.61 2.99 -24.68
C ASP C 358 10.85 3.08 -23.79
N GLY C 359 11.07 2.09 -22.94
CA GLY C 359 12.24 2.07 -22.09
C GLY C 359 11.96 1.63 -20.66
N SER C 360 10.70 1.66 -20.27
CA SER C 360 10.32 1.28 -18.92
C SER C 360 10.51 -0.23 -18.73
N PRO C 361 10.85 -0.66 -17.51
CA PRO C 361 11.05 -2.10 -17.26
C PRO C 361 9.76 -2.88 -17.43
N ALA C 362 9.90 -4.11 -17.91
CA ALA C 362 8.77 -4.99 -18.11
C ALA C 362 8.53 -5.83 -16.87
N TYR C 363 7.26 -6.14 -16.62
CA TYR C 363 6.83 -6.83 -15.41
C TYR C 363 6.07 -8.09 -15.78
N ARG C 364 6.40 -9.19 -15.11
CA ARG C 364 5.73 -10.47 -15.28
C ARG C 364 5.74 -10.92 -16.74
N VAL C 365 6.96 -11.13 -17.25
CA VAL C 365 7.13 -11.66 -18.60
C VAL C 365 8.04 -12.87 -18.53
N PRO C 366 7.62 -14.02 -19.08
CA PRO C 366 8.46 -15.21 -19.00
C PRO C 366 9.52 -15.20 -20.09
N VAL C 367 10.77 -15.43 -19.69
CA VAL C 367 11.87 -15.55 -20.63
C VAL C 367 12.31 -17.01 -20.65
N ALA C 368 13.05 -17.36 -21.70
CA ALA C 368 13.55 -18.72 -21.82
C ALA C 368 14.79 -18.71 -22.69
N VAL C 369 15.57 -19.78 -22.59
CA VAL C 369 16.75 -19.96 -23.41
C VAL C 369 16.38 -20.88 -24.57
N GLN C 370 16.77 -20.51 -25.79
CA GLN C 370 16.36 -21.27 -26.96
C GLN C 370 16.80 -22.72 -26.86
N GLY C 371 18.08 -22.94 -26.60
CA GLY C 371 18.54 -24.26 -26.25
C GLY C 371 18.12 -24.64 -24.84
N GLU C 372 18.14 -25.95 -24.58
CA GLU C 372 17.72 -26.53 -23.30
C GLU C 372 16.48 -25.81 -22.76
N ASP C 373 15.42 -25.84 -23.58
CA ASP C 373 14.19 -25.09 -23.30
C ASP C 373 13.54 -25.51 -21.99
N THR C 374 14.09 -26.51 -21.32
CA THR C 374 13.59 -26.91 -20.02
C THR C 374 13.77 -25.83 -18.96
N VAL C 375 14.64 -24.86 -19.20
CA VAL C 375 14.83 -23.75 -18.29
C VAL C 375 13.86 -22.63 -18.66
N GLN C 376 13.18 -22.08 -17.66
CA GLN C 376 12.25 -20.99 -17.87
C GLN C 376 12.15 -20.20 -16.56
N SER C 377 11.97 -18.89 -16.68
CA SER C 377 11.93 -18.03 -15.51
C SER C 377 10.79 -17.03 -15.67
N LEU C 378 10.82 -16.00 -14.83
CA LEU C 378 9.84 -14.92 -14.90
C LEU C 378 10.45 -13.72 -14.21
N THR C 379 10.28 -12.54 -14.82
CA THR C 379 10.99 -11.34 -14.37
C THR C 379 10.49 -10.88 -13.00
N GLN C 380 11.38 -10.19 -12.29
CA GLN C 380 11.07 -9.65 -10.98
C GLN C 380 10.53 -8.22 -11.13
N GLY C 381 10.48 -7.49 -10.03
CA GLY C 381 9.88 -6.17 -10.05
C GLY C 381 10.62 -5.19 -10.94
N ASP C 382 11.95 -5.16 -10.85
CA ASP C 382 12.77 -4.22 -11.58
C ASP C 382 13.12 -4.71 -12.98
N GLY C 383 12.39 -5.68 -13.51
CA GLY C 383 12.61 -6.13 -14.87
C GLY C 383 13.85 -6.97 -15.07
N VAL C 384 14.35 -7.62 -14.03
CA VAL C 384 15.53 -8.48 -14.12
C VAL C 384 15.11 -9.88 -13.75
N ALA C 385 15.36 -10.83 -14.65
CA ALA C 385 14.98 -12.22 -14.45
C ALA C 385 16.24 -13.05 -14.21
N LYS C 386 16.30 -13.72 -13.07
CA LYS C 386 17.43 -14.57 -12.75
C LYS C 386 17.34 -15.87 -13.54
N LEU C 387 18.33 -16.10 -14.39
CA LEU C 387 18.43 -17.34 -15.14
C LEU C 387 19.76 -17.98 -14.83
N SER C 388 19.79 -19.31 -14.84
CA SER C 388 21.03 -20.04 -14.56
C SER C 388 21.24 -21.06 -15.66
N ILE C 389 22.43 -21.07 -16.23
CA ILE C 389 22.80 -22.00 -17.29
C ILE C 389 24.08 -22.69 -16.88
N ASN C 390 23.99 -23.99 -16.62
CA ASN C 390 25.19 -24.78 -16.34
C ASN C 390 26.09 -24.82 -17.57
N THR C 391 27.39 -24.87 -17.32
CA THR C 391 28.39 -24.79 -18.38
C THR C 391 29.27 -26.04 -18.35
N HIS C 392 29.46 -26.66 -19.51
CA HIS C 392 30.44 -27.73 -19.59
C HIS C 392 31.84 -27.19 -19.39
N PRO C 393 32.73 -27.96 -18.76
CA PRO C 393 34.13 -27.52 -18.62
C PRO C 393 34.88 -27.53 -19.95
N SER C 394 34.64 -26.52 -20.77
CA SER C 394 35.26 -26.41 -22.09
C SER C 394 35.74 -24.99 -22.31
N GLN C 395 36.71 -24.83 -23.20
CA GLN C 395 37.29 -23.52 -23.48
C GLN C 395 36.56 -22.75 -24.58
N LYS C 396 35.58 -23.37 -25.23
CA LYS C 396 34.91 -22.72 -26.34
C LYS C 396 33.99 -21.61 -25.82
N PRO C 397 33.90 -20.48 -26.53
CA PRO C 397 32.93 -19.45 -26.14
C PRO C 397 31.52 -19.99 -26.16
N LEU C 398 30.72 -19.52 -25.20
CA LEU C 398 29.35 -19.99 -25.02
C LEU C 398 28.40 -19.01 -25.70
N SER C 399 27.60 -19.52 -26.62
CA SER C 399 26.64 -18.71 -27.38
C SER C 399 25.28 -18.83 -26.71
N ILE C 400 24.94 -17.86 -25.88
CA ILE C 400 23.68 -17.85 -25.15
C ILE C 400 22.71 -16.95 -25.89
N THR C 401 21.54 -17.49 -26.23
CA THR C 401 20.46 -16.72 -26.81
C THR C 401 19.23 -16.86 -25.92
N VAL C 402 18.60 -15.73 -25.65
CA VAL C 402 17.41 -15.69 -24.79
C VAL C 402 16.26 -15.16 -25.61
N ARG C 403 15.09 -15.75 -25.42
CA ARG C 403 13.91 -15.33 -26.15
C ARG C 403 12.71 -15.30 -25.22
N THR C 404 11.84 -14.32 -25.42
CA THR C 404 10.66 -14.19 -24.59
C THR C 404 9.59 -15.19 -25.03
N LYS C 405 9.00 -15.89 -24.07
CA LYS C 405 8.06 -16.95 -24.39
C LYS C 405 6.70 -16.66 -23.78
N LYS C 406 6.22 -15.43 -23.92
CA LYS C 406 4.93 -15.06 -23.38
C LYS C 406 3.80 -15.74 -24.15
N GLN C 407 2.79 -16.20 -23.43
CA GLN C 407 1.64 -16.85 -24.04
C GLN C 407 0.76 -15.81 -24.72
N GLU C 408 -0.20 -16.32 -25.51
CA GLU C 408 -1.10 -15.53 -26.36
C GLU C 408 -0.37 -14.52 -27.24
N LEU C 409 0.90 -14.81 -27.56
CA LEU C 409 1.68 -14.02 -28.49
C LEU C 409 2.29 -14.96 -29.52
N SER C 410 2.08 -14.64 -30.80
CA SER C 410 2.54 -15.53 -31.86
C SER C 410 4.06 -15.61 -31.87
N GLU C 411 4.58 -16.78 -32.28
CA GLU C 411 6.01 -17.01 -32.21
C GLU C 411 6.78 -16.10 -33.14
N ALA C 412 6.13 -15.58 -34.17
CA ALA C 412 6.75 -14.59 -35.06
C ALA C 412 6.73 -13.19 -34.47
N GLU C 413 6.50 -13.08 -33.17
CA GLU C 413 6.24 -11.78 -32.56
C GLU C 413 6.99 -11.56 -31.25
N GLN C 414 7.70 -12.55 -30.73
CA GLN C 414 8.45 -12.39 -29.50
C GLN C 414 9.75 -11.64 -29.76
N ALA C 415 10.50 -11.42 -28.68
CA ALA C 415 11.77 -10.69 -28.76
C ALA C 415 12.93 -11.61 -28.49
N THR C 416 13.97 -11.51 -29.31
CA THR C 416 15.12 -12.38 -29.22
C THR C 416 16.39 -11.55 -29.10
N ARG C 417 17.43 -12.15 -28.53
CA ARG C 417 18.73 -11.50 -28.42
C ARG C 417 19.79 -12.57 -28.22
N THR C 418 21.03 -12.22 -28.56
CA THR C 418 22.15 -13.15 -28.49
C THR C 418 23.31 -12.49 -27.76
N MET C 419 24.11 -13.31 -27.08
CA MET C 419 25.28 -12.84 -26.37
C MET C 419 26.44 -13.77 -26.63
N GLN C 420 27.66 -13.22 -26.57
CA GLN C 420 28.89 -14.00 -26.59
C GLN C 420 29.54 -13.86 -25.22
N ALA C 421 29.81 -14.98 -24.57
CA ALA C 421 30.49 -15.00 -23.29
C ALA C 421 31.75 -15.84 -23.41
N LEU C 422 32.85 -15.30 -22.95
CA LEU C 422 34.13 -15.99 -23.07
C LEU C 422 34.58 -16.55 -21.73
N PRO C 423 35.39 -17.60 -21.72
CA PRO C 423 35.78 -18.22 -20.46
C PRO C 423 36.85 -17.44 -19.72
N TYR C 424 36.73 -17.46 -18.39
CA TYR C 424 37.81 -17.02 -17.52
C TYR C 424 39.08 -17.78 -17.84
N SER C 425 40.19 -17.07 -17.94
CA SER C 425 41.48 -17.66 -18.28
C SER C 425 42.33 -17.73 -17.03
N THR C 426 42.82 -18.92 -16.70
CA THR C 426 43.61 -19.13 -15.50
C THR C 426 45.04 -18.71 -15.75
N VAL C 427 45.93 -19.07 -14.83
CA VAL C 427 47.36 -18.78 -14.96
C VAL C 427 48.03 -20.07 -15.40
N GLY C 428 48.49 -20.10 -16.65
CA GLY C 428 49.17 -21.28 -17.18
C GLY C 428 48.30 -22.51 -17.24
N ASN C 429 47.00 -22.34 -17.50
CA ASN C 429 46.07 -23.46 -17.62
C ASN C 429 46.10 -24.35 -16.38
N SER C 430 46.15 -23.72 -15.21
CA SER C 430 46.17 -24.47 -13.97
C SER C 430 44.79 -24.92 -13.52
N ASN C 431 43.72 -24.39 -14.15
CA ASN C 431 42.35 -24.75 -13.81
C ASN C 431 42.04 -24.47 -12.33
N ASN C 432 42.48 -23.31 -11.86
CA ASN C 432 42.17 -22.82 -10.52
C ASN C 432 41.28 -21.60 -10.67
N TYR C 433 39.98 -21.79 -10.48
CA TYR C 433 38.99 -20.73 -10.63
C TYR C 433 38.46 -20.33 -9.26
N LEU C 434 37.48 -19.45 -9.26
CA LEU C 434 36.70 -19.15 -8.07
C LEU C 434 35.37 -18.59 -8.52
N HIS C 435 34.29 -19.23 -8.09
CA HIS C 435 32.93 -18.77 -8.37
C HIS C 435 32.38 -18.14 -7.10
N LEU C 436 31.65 -17.05 -7.25
CA LEU C 436 31.15 -16.33 -6.09
C LEU C 436 29.65 -16.14 -6.27
N SER C 437 28.90 -17.18 -5.92
CA SER C 437 27.46 -17.19 -6.11
C SER C 437 26.79 -16.30 -5.07
N VAL C 438 25.64 -15.73 -5.45
CA VAL C 438 24.99 -14.72 -4.64
C VAL C 438 23.57 -14.55 -5.12
N LEU C 439 22.68 -14.14 -4.21
CA LEU C 439 21.34 -13.70 -4.58
C LEU C 439 21.38 -12.25 -5.06
N ARG C 440 20.66 -11.97 -6.14
CA ARG C 440 20.56 -10.62 -6.71
C ARG C 440 19.07 -10.30 -6.89
N THR C 441 18.57 -9.36 -6.10
CA THR C 441 17.16 -9.00 -6.12
C THR C 441 17.07 -7.55 -5.66
N GLU C 442 15.83 -7.03 -5.55
CA GLU C 442 15.63 -5.69 -5.02
C GLU C 442 15.87 -5.73 -3.51
N LEU C 443 17.15 -5.78 -3.15
CA LEU C 443 17.51 -5.83 -1.73
C LEU C 443 17.11 -4.54 -1.04
N ARG C 444 16.60 -4.67 0.16
CA ARG C 444 16.36 -3.50 0.97
C ARG C 444 17.40 -3.42 2.06
N PRO C 445 17.87 -2.22 2.40
CA PRO C 445 18.91 -2.11 3.42
C PRO C 445 18.43 -2.67 4.76
N GLY C 446 19.35 -3.34 5.44
CA GLY C 446 19.04 -3.93 6.74
C GLY C 446 19.02 -5.45 6.72
N GLU C 447 18.42 -6.04 5.69
CA GLU C 447 18.37 -7.48 5.60
C GLU C 447 19.70 -8.03 5.14
N THR C 448 20.04 -9.23 5.63
CA THR C 448 21.34 -9.80 5.37
C THR C 448 21.40 -10.41 3.98
N LEU C 449 22.63 -10.70 3.54
CA LEU C 449 22.90 -11.41 2.31
C LEU C 449 23.95 -12.48 2.58
N ASN C 450 23.84 -13.60 1.88
CA ASN C 450 24.75 -14.73 2.05
C ASN C 450 25.44 -15.02 0.73
N VAL C 451 26.64 -14.46 0.56
CA VAL C 451 27.45 -14.87 -0.58
C VAL C 451 27.89 -16.32 -0.40
N ASN C 452 28.31 -16.94 -1.50
CA ASN C 452 28.78 -18.31 -1.49
C ASN C 452 30.16 -18.36 -2.12
N PHE C 453 31.20 -18.38 -1.28
CA PHE C 453 32.58 -18.35 -1.77
C PHE C 453 32.95 -19.72 -2.33
N LEU C 454 32.29 -20.08 -3.42
CA LEU C 454 32.53 -21.37 -4.05
C LEU C 454 33.94 -21.42 -4.62
N LEU C 455 34.51 -22.62 -4.64
CA LEU C 455 35.90 -22.83 -5.01
C LEU C 455 35.98 -24.01 -5.96
N ARG C 456 37.04 -24.05 -6.77
CA ARG C 456 37.30 -25.22 -7.60
C ARG C 456 38.79 -25.31 -7.87
N MET C 457 39.42 -26.36 -7.33
CA MET C 457 40.84 -26.58 -7.51
C MET C 457 41.17 -28.01 -7.10
N ASP C 458 42.29 -28.50 -7.62
CA ASP C 458 42.65 -29.90 -7.46
C ASP C 458 42.90 -30.22 -6.00
N ARG C 459 42.67 -31.49 -5.63
CA ARG C 459 42.89 -31.91 -4.26
C ARG C 459 44.36 -31.85 -3.85
N ALA C 460 45.28 -31.70 -4.81
CA ALA C 460 46.69 -31.65 -4.47
C ALA C 460 47.08 -30.35 -3.78
N HIS C 461 46.24 -29.32 -3.84
CA HIS C 461 46.59 -28.02 -3.27
C HIS C 461 45.46 -27.46 -2.41
N GLU C 462 44.68 -28.34 -1.77
CA GLU C 462 43.58 -27.87 -0.96
C GLU C 462 44.00 -27.46 0.44
N ALA C 463 45.26 -27.66 0.82
CA ALA C 463 45.74 -27.26 2.13
C ALA C 463 46.41 -25.89 2.12
N LYS C 464 46.77 -25.36 0.95
CA LYS C 464 47.49 -24.10 0.89
C LYS C 464 46.57 -22.91 1.13
N ILE C 465 45.29 -23.04 0.85
CA ILE C 465 44.34 -21.94 0.94
C ILE C 465 43.54 -22.05 2.22
N ARG C 466 43.59 -20.99 3.03
CA ARG C 466 42.90 -20.98 4.30
C ARG C 466 42.00 -19.78 4.53
N TYR C 467 42.03 -18.77 3.66
CA TYR C 467 41.15 -17.64 3.81
C TYR C 467 40.84 -17.03 2.45
N TYR C 468 39.74 -16.27 2.40
CA TYR C 468 39.34 -15.54 1.21
C TYR C 468 39.22 -14.06 1.56
N THR C 469 40.05 -13.23 0.94
CA THR C 469 39.94 -11.78 1.11
C THR C 469 38.78 -11.28 0.28
N TYR C 470 38.11 -10.24 0.76
CA TYR C 470 37.02 -9.64 0.01
C TYR C 470 36.99 -8.13 0.25
N LEU C 471 36.50 -7.40 -0.76
CA LEU C 471 36.43 -5.96 -0.74
C LEU C 471 35.06 -5.55 -1.24
N ILE C 472 34.61 -4.36 -0.86
CA ILE C 472 33.30 -3.88 -1.27
C ILE C 472 33.44 -2.44 -1.76
N MET C 473 33.37 -2.26 -3.07
CA MET C 473 33.28 -0.93 -3.65
C MET C 473 31.92 -0.34 -3.38
N ASN C 474 31.86 0.98 -3.30
CA ASN C 474 30.57 1.67 -3.20
C ASN C 474 30.80 3.15 -3.46
N LYS C 475 30.11 3.69 -4.45
CA LYS C 475 30.13 5.11 -4.79
C LYS C 475 31.53 5.62 -5.13
N GLY C 476 32.51 4.73 -5.27
CA GLY C 476 33.85 5.11 -5.65
C GLY C 476 34.94 4.94 -4.61
N ARG C 477 34.68 4.27 -3.50
CA ARG C 477 35.73 4.03 -2.52
C ARG C 477 35.44 2.74 -1.76
N LEU C 478 36.52 2.13 -1.26
CA LEU C 478 36.39 0.89 -0.50
C LEU C 478 35.58 1.15 0.75
N LEU C 479 34.61 0.28 1.02
CA LEU C 479 33.73 0.45 2.17
C LEU C 479 34.02 -0.53 3.28
N LYS C 480 34.37 -1.76 2.94
CA LYS C 480 34.68 -2.78 3.92
C LYS C 480 35.74 -3.70 3.33
N ALA C 481 36.64 -4.18 4.16
CA ALA C 481 37.70 -5.05 3.67
C ALA C 481 38.11 -5.97 4.79
N GLY C 482 37.87 -7.27 4.64
CA GLY C 482 38.16 -8.19 5.71
C GLY C 482 38.52 -9.55 5.17
N ARG C 483 38.73 -10.49 6.08
CA ARG C 483 39.10 -11.85 5.73
C ARG C 483 37.85 -12.73 5.71
N GLN C 484 38.06 -13.99 5.38
CA GLN C 484 37.02 -15.01 5.50
C GLN C 484 37.74 -16.34 5.70
N VAL C 485 37.82 -16.79 6.95
CA VAL C 485 38.58 -18.00 7.26
C VAL C 485 37.81 -19.21 6.79
N ARG C 486 38.54 -20.21 6.28
CA ARG C 486 37.95 -21.45 5.80
C ARG C 486 38.85 -22.60 6.22
N GLU C 487 38.28 -23.55 6.97
CA GLU C 487 39.09 -24.67 7.44
C GLU C 487 39.35 -25.63 6.28
N PRO C 488 40.56 -26.16 6.17
CA PRO C 488 40.87 -27.06 5.05
C PRO C 488 39.97 -28.30 5.08
N GLY C 489 39.63 -28.79 3.89
CA GLY C 489 38.65 -29.84 3.74
C GLY C 489 37.24 -29.33 3.53
N GLN C 490 37.01 -28.03 3.67
CA GLN C 490 35.72 -27.41 3.46
C GLN C 490 35.74 -26.72 2.11
N ASP C 491 34.69 -26.93 1.31
CA ASP C 491 34.71 -26.47 -0.07
C ASP C 491 33.74 -25.33 -0.36
N LEU C 492 32.69 -25.16 0.42
CA LEU C 492 31.80 -24.02 0.28
C LEU C 492 31.83 -23.22 1.58
N VAL C 493 31.96 -21.90 1.46
CA VAL C 493 32.02 -21.01 2.61
C VAL C 493 30.97 -19.93 2.44
N VAL C 494 30.10 -19.78 3.43
CA VAL C 494 29.05 -18.78 3.40
C VAL C 494 29.48 -17.63 4.31
N LEU C 495 29.58 -16.44 3.74
CA LEU C 495 29.97 -15.26 4.50
C LEU C 495 28.77 -14.35 4.69
N PRO C 496 28.23 -14.23 5.89
CA PRO C 496 27.04 -13.37 6.10
C PRO C 496 27.45 -11.92 6.06
N LEU C 497 26.85 -11.16 5.16
CA LEU C 497 27.18 -9.75 4.96
C LEU C 497 26.05 -8.89 5.51
N SER C 498 26.40 -7.97 6.41
CA SER C 498 25.45 -7.11 7.08
C SER C 498 25.25 -5.85 6.24
N ILE C 499 24.20 -5.84 5.42
CA ILE C 499 23.92 -4.71 4.55
C ILE C 499 23.19 -3.64 5.35
N THR C 500 23.87 -2.53 5.61
CA THR C 500 23.25 -1.39 6.28
C THR C 500 22.57 -0.52 5.23
N THR C 501 22.22 0.70 5.61
CA THR C 501 21.72 1.66 4.64
C THR C 501 22.86 2.39 3.93
N ASP C 502 24.10 2.17 4.37
CA ASP C 502 25.27 2.77 3.76
C ASP C 502 25.62 2.19 2.40
N PHE C 503 24.99 1.09 1.99
CA PHE C 503 25.36 0.41 0.76
C PHE C 503 24.58 0.88 -0.46
N ILE C 504 23.72 1.88 -0.33
CA ILE C 504 22.96 2.38 -1.48
C ILE C 504 23.92 2.98 -2.49
N PRO C 505 23.74 2.73 -3.80
CA PRO C 505 22.75 1.86 -4.44
C PRO C 505 23.30 0.53 -4.92
N SER C 506 24.61 0.39 -5.03
CA SER C 506 25.20 -0.85 -5.51
C SER C 506 26.59 -1.01 -4.91
N PHE C 507 26.99 -2.25 -4.68
CA PHE C 507 28.31 -2.54 -4.17
C PHE C 507 28.92 -3.65 -4.99
N ARG C 508 30.16 -3.45 -5.44
CA ARG C 508 30.82 -4.39 -6.34
C ARG C 508 31.75 -5.26 -5.53
N LEU C 509 31.20 -6.31 -4.95
CA LEU C 509 31.98 -7.22 -4.11
C LEU C 509 33.00 -7.96 -4.96
N VAL C 510 34.25 -7.97 -4.51
CA VAL C 510 35.30 -8.77 -5.15
C VAL C 510 35.84 -9.73 -4.11
N ALA C 511 36.77 -10.57 -4.54
CA ALA C 511 37.37 -11.55 -3.64
C ALA C 511 38.58 -12.15 -4.32
N TYR C 512 39.48 -12.71 -3.52
CA TYR C 512 40.61 -13.42 -4.08
C TYR C 512 41.29 -14.25 -3.00
N TYR C 513 42.10 -15.20 -3.45
CA TYR C 513 42.99 -15.95 -2.57
C TYR C 513 44.34 -16.00 -3.24
N THR C 514 45.24 -16.84 -2.72
CA THR C 514 46.58 -16.93 -3.29
C THR C 514 47.22 -18.24 -2.88
N LEU C 515 47.82 -18.93 -3.83
CA LEU C 515 48.48 -20.20 -3.58
C LEU C 515 49.82 -20.20 -4.30
N ILE C 516 50.56 -21.29 -4.13
CA ILE C 516 51.76 -21.55 -4.91
C ILE C 516 51.62 -22.95 -5.49
N GLY C 517 51.83 -23.08 -6.79
CA GLY C 517 51.65 -24.36 -7.45
C GLY C 517 52.47 -24.51 -8.71
N ALA C 518 52.22 -25.57 -9.47
CA ALA C 518 52.95 -25.89 -10.70
C ALA C 518 54.43 -25.99 -10.34
N SER C 519 55.30 -25.15 -10.88
CA SER C 519 56.71 -25.18 -10.54
C SER C 519 57.05 -24.38 -9.30
N GLY C 520 56.07 -23.75 -8.67
CA GLY C 520 56.33 -22.93 -7.50
C GLY C 520 56.27 -21.45 -7.80
N GLN C 521 55.32 -21.04 -8.63
CA GLN C 521 55.12 -19.64 -8.99
C GLN C 521 53.85 -19.12 -8.35
N ARG C 522 53.87 -17.86 -7.94
CA ARG C 522 52.71 -17.27 -7.30
C ARG C 522 51.58 -17.09 -8.31
N GLU C 523 50.34 -17.14 -7.82
CA GLU C 523 49.20 -16.87 -8.66
C GLU C 523 48.09 -16.27 -7.81
N VAL C 524 47.18 -15.56 -8.47
CA VAL C 524 46.04 -14.93 -7.82
C VAL C 524 44.80 -15.26 -8.62
N VAL C 525 43.71 -15.57 -7.92
CA VAL C 525 42.43 -15.89 -8.54
C VAL C 525 41.38 -14.98 -7.94
N ALA C 526 40.58 -14.35 -8.79
CA ALA C 526 39.67 -13.33 -8.31
C ALA C 526 38.28 -13.54 -8.90
N ASP C 527 37.34 -12.77 -8.39
CA ASP C 527 35.98 -12.74 -8.93
C ASP C 527 35.32 -11.43 -8.55
N SER C 528 34.18 -11.17 -9.18
CA SER C 528 33.45 -9.93 -8.93
C SER C 528 31.96 -10.21 -9.01
N VAL C 529 31.20 -9.38 -8.30
CA VAL C 529 29.75 -9.45 -8.31
C VAL C 529 29.20 -8.04 -8.22
N TRP C 530 28.19 -7.75 -9.01
CA TRP C 530 27.47 -6.49 -8.94
C TRP C 530 26.11 -6.77 -8.30
N VAL C 531 25.79 -6.06 -7.23
CA VAL C 531 24.55 -6.21 -6.51
C VAL C 531 23.82 -4.89 -6.53
N ASP C 532 22.55 -4.90 -6.92
CA ASP C 532 21.75 -3.69 -7.00
C ASP C 532 20.85 -3.61 -5.76
N VAL C 533 20.97 -2.54 -5.01
CA VAL C 533 20.14 -2.29 -3.84
C VAL C 533 19.06 -1.29 -4.22
N LYS C 534 17.94 -1.35 -3.53
CA LYS C 534 16.83 -0.43 -3.81
C LYS C 534 17.27 1.01 -3.54
N ASP C 535 16.96 1.89 -4.48
CA ASP C 535 17.44 3.26 -4.44
C ASP C 535 16.51 4.11 -3.59
N SER C 536 16.99 4.55 -2.43
CA SER C 536 16.26 5.44 -1.54
C SER C 536 17.29 6.21 -0.71
N CYS C 537 16.81 7.00 0.26
CA CYS C 537 17.73 7.73 1.10
C CYS C 537 18.66 6.82 1.88
N VAL C 538 19.86 7.34 2.12
CA VAL C 538 20.70 6.86 3.20
C VAL C 538 20.08 7.21 4.55
N GLY C 539 19.22 8.23 4.58
CA GLY C 539 18.48 8.55 5.79
C GLY C 539 16.99 8.35 5.56
N SER C 540 16.18 9.33 5.90
CA SER C 540 14.74 9.29 5.64
C SER C 540 14.16 10.66 5.90
N LEU C 541 13.25 11.08 5.03
CA LEU C 541 12.52 12.32 5.23
C LEU C 541 11.18 12.21 4.52
N VAL C 542 10.15 12.74 5.16
CA VAL C 542 8.79 12.69 4.63
C VAL C 542 7.99 13.83 5.22
N VAL C 543 7.02 14.33 4.46
CA VAL C 543 6.19 15.45 4.87
C VAL C 543 4.74 15.02 4.80
N LYS C 544 3.98 15.31 5.85
CA LYS C 544 2.55 15.02 5.88
C LYS C 544 1.85 16.17 6.59
N SER C 545 0.55 16.02 6.82
CA SER C 545 -0.29 17.11 7.32
C SER C 545 -0.63 16.92 8.78
N GLY C 546 -0.62 18.03 9.53
CA GLY C 546 -0.93 17.97 10.94
C GLY C 546 -2.39 17.63 11.21
N GLN C 547 -3.30 18.19 10.41
CA GLN C 547 -4.72 17.92 10.60
C GLN C 547 -5.04 16.46 10.33
N SER C 548 -6.09 15.96 11.00
CA SER C 548 -6.67 14.66 10.71
C SER C 548 -8.17 14.80 10.42
N GLU C 549 -8.63 16.01 10.13
CA GLU C 549 -10.05 16.29 9.96
C GLU C 549 -10.19 17.60 9.21
N ASP C 550 -11.42 17.85 8.74
CA ASP C 550 -11.77 19.11 8.06
C ASP C 550 -10.86 19.34 6.86
N ARG C 551 -10.93 18.41 5.91
CA ARG C 551 -10.05 18.46 4.76
C ARG C 551 -10.48 19.55 3.78
N GLN C 552 -9.75 19.65 2.67
CA GLN C 552 -9.87 20.70 1.67
C GLN C 552 -9.78 22.07 2.34
N PRO C 553 -8.58 22.49 2.75
CA PRO C 553 -8.44 23.80 3.38
C PRO C 553 -8.89 24.92 2.44
N VAL C 554 -9.57 25.90 3.00
CA VAL C 554 -10.02 27.06 2.23
C VAL C 554 -8.85 28.04 2.14
N PRO C 555 -8.76 28.86 1.08
CA PRO C 555 -7.65 29.80 0.99
C PRO C 555 -7.70 30.83 2.10
N GLY C 556 -6.57 31.01 2.76
CA GLY C 556 -6.47 31.89 3.91
C GLY C 556 -6.58 31.21 5.25
N GLN C 557 -6.52 29.88 5.29
CA GLN C 557 -6.69 29.11 6.52
C GLN C 557 -5.36 28.50 6.93
N GLN C 558 -5.02 28.65 8.21
CA GLN C 558 -3.81 28.05 8.75
C GLN C 558 -3.89 26.54 8.69
N MET C 559 -2.80 25.91 8.28
CA MET C 559 -2.66 24.49 8.46
C MET C 559 -1.21 24.18 8.84
N THR C 560 -1.04 23.10 9.60
CA THR C 560 0.27 22.72 10.13
C THR C 560 0.75 21.48 9.40
N LEU C 561 1.93 21.55 8.82
CA LEU C 561 2.54 20.43 8.13
C LEU C 561 3.68 19.87 8.96
N LYS C 562 3.73 18.56 9.07
CA LYS C 562 4.64 17.86 9.95
C LYS C 562 5.79 17.27 9.15
N ILE C 563 7.02 17.48 9.62
CA ILE C 563 8.23 16.99 8.97
C ILE C 563 8.89 15.98 9.88
N GLU C 564 9.07 14.76 9.39
CA GLU C 564 9.70 13.68 10.13
C GLU C 564 11.08 13.42 9.53
N GLY C 565 12.07 14.19 9.97
CA GLY C 565 13.41 14.10 9.45
C GLY C 565 14.41 13.68 10.52
N ASP C 566 15.59 13.29 10.06
CA ASP C 566 16.63 12.85 10.96
C ASP C 566 17.13 14.00 11.81
N HIS C 567 17.50 13.69 13.06
CA HIS C 567 17.88 14.72 14.01
C HIS C 567 19.16 15.41 13.56
N GLY C 568 19.24 16.71 13.84
CA GLY C 568 20.37 17.52 13.47
C GLY C 568 20.38 17.97 12.03
N ALA C 569 19.50 17.43 11.20
CA ALA C 569 19.49 17.73 9.78
C ALA C 569 18.91 19.13 9.54
N ARG C 570 18.93 19.54 8.29
CA ARG C 570 18.37 20.82 7.88
C ARG C 570 17.53 20.59 6.64
N VAL C 571 16.28 21.02 6.69
CA VAL C 571 15.36 20.85 5.56
C VAL C 571 15.22 22.19 4.87
N VAL C 572 14.96 22.14 3.57
CA VAL C 572 14.67 23.33 2.79
C VAL C 572 13.35 23.10 2.05
N LEU C 573 12.47 24.09 2.10
CA LEU C 573 11.10 23.92 1.66
C LEU C 573 10.80 24.83 0.47
N VAL C 574 9.91 24.37 -0.39
CA VAL C 574 9.38 25.18 -1.47
C VAL C 574 8.03 24.63 -1.87
N ALA C 575 7.07 25.52 -2.13
CA ALA C 575 5.73 25.14 -2.55
C ALA C 575 5.46 25.74 -3.93
N VAL C 576 5.03 24.89 -4.86
CA VAL C 576 4.86 25.29 -6.25
C VAL C 576 3.43 25.02 -6.66
N ASP C 577 2.79 26.01 -7.28
CA ASP C 577 1.48 25.79 -7.88
C ASP C 577 1.58 24.72 -8.95
N LYS C 578 0.56 23.86 -9.04
CA LYS C 578 0.61 22.76 -10.01
C LYS C 578 0.36 23.23 -11.43
N GLY C 579 -0.18 24.44 -11.62
CA GLY C 579 -0.29 24.97 -12.96
C GLY C 579 1.05 25.10 -13.64
N VAL C 580 2.08 25.48 -12.87
CA VAL C 580 3.42 25.59 -13.42
C VAL C 580 3.89 24.25 -13.98
N PHE C 581 3.67 23.17 -13.24
CA PHE C 581 4.08 21.87 -13.74
C PHE C 581 3.23 21.40 -14.91
N VAL C 582 1.97 21.83 -14.96
CA VAL C 582 1.17 21.57 -16.16
C VAL C 582 1.79 22.24 -17.36
N LEU C 583 2.29 23.46 -17.18
CA LEU C 583 2.82 24.23 -18.29
C LEU C 583 4.21 23.77 -18.71
N ASN C 584 5.03 23.31 -17.77
CA ASN C 584 6.36 22.80 -18.10
C ASN C 584 6.83 21.91 -16.96
N LYS C 585 6.90 20.61 -17.21
CA LYS C 585 7.19 19.63 -16.16
C LYS C 585 8.60 19.06 -16.27
N LYS C 586 9.48 19.71 -17.00
CA LYS C 586 10.83 19.23 -17.16
C LYS C 586 11.77 19.88 -16.15
N ASN C 587 12.94 19.26 -15.95
CA ASN C 587 13.97 19.78 -15.06
C ASN C 587 13.49 19.92 -13.62
N LYS C 588 12.88 18.85 -13.11
CA LYS C 588 12.58 18.77 -11.69
C LYS C 588 13.74 18.13 -10.95
N LEU C 589 13.63 18.00 -9.63
CA LEU C 589 14.66 17.36 -8.84
C LEU C 589 14.02 16.28 -7.97
N THR C 590 14.64 15.11 -7.94
CA THR C 590 14.13 13.99 -7.15
C THR C 590 15.29 13.05 -6.86
N GLN C 591 15.02 12.07 -5.99
CA GLN C 591 16.07 11.15 -5.59
C GLN C 591 16.57 10.31 -6.76
N SER C 592 15.71 10.02 -7.71
CA SER C 592 16.10 9.16 -8.83
C SER C 592 17.23 9.79 -9.63
N LYS C 593 17.13 11.08 -9.91
CA LYS C 593 18.20 11.72 -10.69
C LYS C 593 19.50 11.82 -9.88
N ILE C 594 19.41 12.02 -8.57
CA ILE C 594 20.62 12.06 -7.75
C ILE C 594 21.32 10.72 -7.80
N TRP C 595 20.57 9.63 -7.67
CA TRP C 595 21.20 8.31 -7.72
C TRP C 595 21.72 8.01 -9.11
N ASP C 596 21.04 8.47 -10.15
CA ASP C 596 21.53 8.27 -11.51
C ASP C 596 22.87 8.99 -11.71
N VAL C 597 22.97 10.23 -11.21
CA VAL C 597 24.21 10.97 -11.35
C VAL C 597 25.33 10.32 -10.54
N VAL C 598 25.03 9.86 -9.34
CA VAL C 598 26.07 9.19 -8.53
C VAL C 598 26.54 7.91 -9.21
N GLU C 599 25.61 7.12 -9.73
CA GLU C 599 25.98 5.87 -10.40
C GLU C 599 26.73 6.12 -11.70
N LYS C 600 26.44 7.24 -12.38
CA LYS C 600 27.12 7.54 -13.63
C LYS C 600 28.60 7.88 -13.43
N ALA C 601 29.05 8.10 -12.20
CA ALA C 601 30.43 8.44 -11.93
C ALA C 601 31.21 7.30 -11.27
N ASP C 602 30.63 6.10 -11.21
CA ASP C 602 31.34 4.97 -10.63
C ASP C 602 32.51 4.53 -11.51
N ILE C 603 33.63 4.20 -10.87
CA ILE C 603 34.83 3.85 -11.61
C ILE C 603 34.65 2.52 -12.32
N GLY C 604 33.96 1.57 -11.68
CA GLY C 604 33.78 0.26 -12.29
C GLY C 604 32.99 0.37 -13.58
N CYS C 605 33.37 -0.47 -14.55
CA CYS C 605 32.78 -0.35 -15.88
C CYS C 605 32.46 -1.70 -16.49
N THR C 606 32.09 -2.69 -15.68
CA THR C 606 31.56 -3.97 -16.14
C THR C 606 30.91 -4.69 -14.96
N PRO C 607 29.72 -5.23 -15.12
CA PRO C 607 28.99 -5.82 -13.98
C PRO C 607 29.48 -7.20 -13.57
N GLY C 608 30.80 -7.34 -13.41
CA GLY C 608 31.33 -8.55 -12.81
C GLY C 608 32.17 -9.42 -13.73
N SER C 609 33.07 -10.20 -13.12
CA SER C 609 33.95 -11.13 -13.80
C SER C 609 34.83 -10.42 -14.81
N GLY C 610 35.67 -11.17 -15.52
CA GLY C 610 36.59 -10.55 -16.46
C GLY C 610 37.43 -11.58 -17.15
N LYS C 611 38.33 -11.08 -18.00
CA LYS C 611 39.19 -11.96 -18.77
C LYS C 611 40.13 -12.76 -17.87
N ASP C 612 40.69 -12.12 -16.85
CA ASP C 612 41.52 -12.77 -15.85
C ASP C 612 41.60 -11.84 -14.64
N TYR C 613 42.51 -12.15 -13.69
CA TYR C 613 42.50 -11.43 -12.43
C TYR C 613 42.78 -9.94 -12.62
N ALA C 614 43.75 -9.60 -13.46
CA ALA C 614 44.00 -8.20 -13.74
C ALA C 614 42.77 -7.54 -14.35
N GLY C 615 42.13 -8.24 -15.29
CA GLY C 615 40.90 -7.72 -15.85
C GLY C 615 39.80 -7.57 -14.81
N VAL C 616 39.69 -8.54 -13.89
CA VAL C 616 38.65 -8.46 -12.87
C VAL C 616 38.86 -7.24 -11.99
N PHE C 617 40.11 -7.02 -11.57
CA PHE C 617 40.38 -5.88 -10.70
C PHE C 617 40.14 -4.57 -11.42
N SER C 618 40.62 -4.44 -12.66
CA SER C 618 40.40 -3.20 -13.39
C SER C 618 38.92 -2.97 -13.68
N ASP C 619 38.17 -4.04 -13.94
CA ASP C 619 36.73 -3.91 -14.11
C ASP C 619 36.08 -3.40 -12.84
N ALA C 620 36.52 -3.89 -11.68
CA ALA C 620 35.97 -3.39 -10.43
C ALA C 620 36.33 -1.92 -10.23
N GLY C 621 37.56 -1.54 -10.58
CA GLY C 621 38.03 -0.19 -10.33
C GLY C 621 39.10 -0.14 -9.27
N LEU C 622 39.99 -1.13 -9.26
CA LEU C 622 41.00 -1.30 -8.23
C LEU C 622 42.38 -1.36 -8.86
N THR C 623 43.38 -1.69 -8.04
CA THR C 623 44.76 -1.79 -8.52
C THR C 623 45.52 -2.68 -7.54
N PHE C 624 45.71 -3.94 -7.91
CA PHE C 624 46.36 -4.92 -7.04
C PHE C 624 47.78 -5.15 -7.53
N THR C 625 48.75 -4.64 -6.78
CA THR C 625 50.15 -4.84 -7.08
C THR C 625 50.83 -5.52 -5.90
N SER C 626 51.82 -6.35 -6.21
CA SER C 626 52.50 -7.15 -5.19
C SER C 626 54.00 -7.09 -5.42
N SER C 627 54.74 -7.47 -4.38
CA SER C 627 56.20 -7.47 -4.49
C SER C 627 56.68 -8.48 -5.50
N SER C 628 55.99 -9.61 -5.64
CA SER C 628 56.42 -10.63 -6.60
C SER C 628 56.33 -10.12 -8.03
N GLY C 629 55.25 -9.41 -8.36
CA GLY C 629 55.13 -8.82 -9.67
C GLY C 629 53.74 -8.88 -10.28
N GLN C 630 52.86 -9.70 -9.73
CA GLN C 630 51.53 -9.87 -10.28
C GLN C 630 50.74 -8.59 -10.05
N GLN C 631 50.74 -7.70 -11.03
CA GLN C 631 50.10 -6.40 -10.88
C GLN C 631 49.16 -6.11 -12.02
N THR C 632 48.14 -5.31 -11.73
CA THR C 632 47.08 -5.05 -12.69
C THR C 632 47.58 -4.15 -13.82
N ALA C 633 46.80 -4.10 -14.89
CA ALA C 633 47.15 -3.32 -16.06
C ALA C 633 46.95 -1.83 -15.81
N GLN C 634 47.80 -1.02 -16.43
CA GLN C 634 47.74 0.42 -16.23
C GLN C 634 46.53 1.03 -16.92
N ARG C 635 45.96 2.05 -16.31
CA ARG C 635 44.84 2.80 -16.86
C ARG C 635 45.23 4.26 -16.98
N ALA C 636 44.94 4.87 -18.14
CA ALA C 636 45.26 6.27 -18.35
C ALA C 636 44.13 7.05 -19.01
N GLU C 637 42.90 6.57 -18.91
CA GLU C 637 41.75 7.26 -19.46
C GLU C 637 40.65 7.32 -18.42
N LEU C 638 39.94 8.44 -18.36
CA LEU C 638 38.90 8.59 -17.35
C LEU C 638 37.75 7.62 -17.57
N GLN C 639 37.39 7.36 -18.82
CA GLN C 639 36.25 6.52 -19.15
C GLN C 639 36.70 5.24 -19.84
N CYS C 640 36.12 4.11 -19.42
CA CYS C 640 36.38 2.84 -20.09
C CYS C 640 35.82 2.90 -21.52
N PRO C 641 36.42 2.15 -22.45
CA PRO C 641 35.95 2.21 -23.83
C PRO C 641 34.50 1.76 -23.96
N GLN C 642 33.78 2.42 -24.86
CA GLN C 642 32.39 2.09 -25.09
C GLN C 642 32.26 0.72 -25.74
N GLU D 5 -31.63 44.27 1.53
CA GLU D 5 -31.53 42.85 1.17
C GLU D 5 -30.47 42.16 2.01
N ASP D 6 -30.57 40.84 2.11
CA ASP D 6 -29.62 40.04 2.88
C ASP D 6 -28.41 39.58 2.06
N ILE D 7 -27.64 40.52 1.54
CA ILE D 7 -26.38 40.22 0.87
C ILE D 7 -25.28 40.98 1.56
N ILE D 8 -24.04 40.50 1.39
CA ILE D 8 -22.91 41.19 1.98
C ILE D 8 -22.76 42.55 1.31
N ALA D 9 -22.30 43.54 2.08
CA ALA D 9 -22.25 44.90 1.59
C ALA D 9 -21.33 45.00 0.37
N GLU D 10 -21.47 46.12 -0.33
CA GLU D 10 -20.71 46.31 -1.56
C GLU D 10 -19.22 46.48 -1.28
N GLU D 11 -18.87 47.11 -0.16
CA GLU D 11 -17.49 47.44 0.16
C GLU D 11 -16.83 46.47 1.13
N ASN D 12 -17.61 45.79 1.99
CA ASN D 12 -17.02 44.98 3.04
C ASN D 12 -16.24 43.79 2.50
N ILE D 13 -16.53 43.36 1.28
CA ILE D 13 -15.78 42.27 0.69
C ILE D 13 -14.35 42.73 0.44
N VAL D 14 -13.39 41.90 0.81
CA VAL D 14 -11.98 42.18 0.58
C VAL D 14 -11.41 41.08 -0.30
N SER D 15 -10.67 41.48 -1.33
CA SER D 15 -10.29 40.59 -2.42
C SER D 15 -9.02 39.82 -2.10
N ARG D 16 -8.96 38.59 -2.60
CA ARG D 16 -7.74 37.79 -2.54
C ARG D 16 -6.68 38.43 -3.41
N SER D 17 -5.56 38.83 -2.83
CA SER D 17 -4.61 39.64 -3.56
C SER D 17 -3.31 38.93 -3.91
N GLU D 18 -2.86 37.98 -3.10
CA GLU D 18 -1.57 37.32 -3.31
C GLU D 18 -1.77 36.03 -4.09
N PHE D 19 -1.17 35.95 -5.27
CA PHE D 19 -1.25 34.78 -6.13
C PHE D 19 0.17 34.38 -6.52
N PRO D 20 1.00 33.99 -5.55
CA PRO D 20 2.41 33.75 -5.86
C PRO D 20 2.59 32.42 -6.57
N GLU D 21 3.39 32.42 -7.62
CA GLU D 21 3.62 31.19 -8.37
C GLU D 21 4.27 30.14 -7.49
N SER D 22 5.25 30.54 -6.67
CA SER D 22 5.86 29.63 -5.70
C SER D 22 6.22 30.42 -4.45
N TRP D 23 5.76 29.94 -3.31
CA TRP D 23 6.01 30.59 -2.04
C TRP D 23 6.71 29.63 -1.09
N LEU D 24 6.84 29.99 0.18
CA LEU D 24 7.46 29.14 1.19
C LEU D 24 8.90 28.82 0.82
N TRP D 25 9.71 29.87 0.77
CA TRP D 25 11.15 29.75 0.54
C TRP D 25 11.85 29.88 1.89
N ASN D 26 11.78 28.81 2.68
CA ASN D 26 12.29 28.83 4.04
C ASN D 26 13.17 27.61 4.29
N VAL D 27 14.08 27.78 5.26
CA VAL D 27 15.02 26.74 5.66
C VAL D 27 14.84 26.49 7.15
N GLU D 28 14.74 25.22 7.54
CA GLU D 28 14.46 24.84 8.90
C GLU D 28 15.49 23.85 9.41
N ASP D 29 15.83 23.98 10.69
CA ASP D 29 16.78 23.10 11.35
C ASP D 29 16.02 22.22 12.33
N LEU D 30 16.21 20.91 12.23
CA LEU D 30 15.49 19.97 13.09
C LEU D 30 16.25 19.77 14.40
N LYS D 31 16.27 20.84 15.20
CA LYS D 31 16.98 20.81 16.48
C LYS D 31 16.15 20.20 17.61
N GLU D 32 14.92 19.77 17.33
CA GLU D 32 14.08 19.18 18.35
C GLU D 32 14.65 17.84 18.80
N PRO D 33 14.38 17.43 20.04
CA PRO D 33 14.96 16.18 20.56
C PRO D 33 14.49 14.98 19.76
N PRO D 34 15.36 13.98 19.57
CA PRO D 34 15.02 12.84 18.73
C PRO D 34 14.25 11.78 19.51
N LYS D 35 13.00 11.55 19.10
CA LYS D 35 12.17 10.50 19.67
C LYS D 35 12.15 9.31 18.72
N ASN D 36 12.41 8.13 19.26
CA ASN D 36 12.43 6.88 18.50
C ASN D 36 13.44 6.98 17.34
N GLY D 37 14.41 7.89 17.46
CA GLY D 37 15.43 8.07 16.44
C GLY D 37 15.04 8.97 15.28
N ILE D 38 13.80 9.42 15.21
CA ILE D 38 13.32 10.25 14.11
C ILE D 38 12.68 11.50 14.71
N SER D 39 13.24 12.66 14.38
CA SER D 39 12.73 13.90 14.95
C SER D 39 11.39 14.27 14.32
N THR D 40 10.87 15.42 14.73
CA THR D 40 9.57 15.89 14.25
C THR D 40 9.49 17.39 14.47
N LYS D 41 8.98 18.11 13.46
CA LYS D 41 8.72 19.53 13.57
C LYS D 41 7.30 19.80 13.14
N LEU D 42 6.74 20.89 13.67
CA LEU D 42 5.44 21.38 13.27
C LEU D 42 5.59 22.83 12.84
N MET D 43 5.02 23.18 11.70
CA MET D 43 5.11 24.52 11.14
C MET D 43 3.72 25.11 11.02
N ASN D 44 3.58 26.37 11.41
CA ASN D 44 2.30 27.07 11.35
C ASN D 44 2.29 27.95 10.10
N ILE D 45 2.10 27.31 8.96
CA ILE D 45 2.05 28.02 7.69
C ILE D 45 0.62 28.43 7.40
N PHE D 46 0.45 29.60 6.80
CA PHE D 46 -0.85 30.12 6.40
C PHE D 46 -0.94 30.05 4.90
N LEU D 47 -1.96 29.38 4.38
CA LEU D 47 -2.05 29.14 2.96
C LEU D 47 -2.27 30.43 2.20
N LYS D 48 -1.78 30.47 0.97
CA LYS D 48 -1.90 31.66 0.14
C LYS D 48 -3.33 31.76 -0.37
N ASP D 49 -3.58 32.73 -1.24
CA ASP D 49 -4.94 33.11 -1.59
C ASP D 49 -5.40 32.54 -2.93
N SER D 50 -4.69 31.59 -3.49
CA SER D 50 -5.02 31.05 -4.80
C SER D 50 -5.61 29.67 -4.67
N ILE D 51 -6.74 29.43 -5.36
CA ILE D 51 -7.41 28.13 -5.33
C ILE D 51 -6.72 27.23 -6.35
N THR D 52 -5.88 26.32 -5.87
CA THR D 52 -5.07 25.47 -6.72
C THR D 52 -4.60 24.29 -5.89
N THR D 53 -3.62 23.55 -6.41
CA THR D 53 -3.05 22.41 -5.70
C THR D 53 -1.55 22.66 -5.52
N TRP D 54 -1.16 23.09 -4.32
CA TRP D 54 0.24 23.33 -4.05
C TRP D 54 0.99 22.01 -3.92
N GLU D 55 2.21 21.98 -4.44
CA GLU D 55 3.09 20.81 -4.37
C GLU D 55 4.32 21.18 -3.57
N ILE D 56 4.44 20.64 -2.36
CA ILE D 56 5.49 21.03 -1.42
C ILE D 56 6.59 19.99 -1.43
N LEU D 57 7.81 20.42 -1.71
CA LEU D 57 8.97 19.54 -1.84
C LEU D 57 10.00 19.92 -0.78
N ALA D 58 10.52 18.91 -0.08
CA ALA D 58 11.48 19.11 1.00
C ALA D 58 12.77 18.37 0.68
N VAL D 59 13.90 19.05 0.84
CA VAL D 59 15.21 18.48 0.58
C VAL D 59 16.06 18.58 1.85
N SER D 60 16.60 17.45 2.28
CA SER D 60 17.37 17.38 3.51
C SER D 60 18.85 17.55 3.25
N MET D 61 19.55 18.16 4.21
CA MET D 61 21.00 18.29 4.13
C MET D 61 21.58 18.05 5.52
N SER D 62 21.82 16.79 5.84
CA SER D 62 22.31 16.38 7.15
C SER D 62 23.80 16.12 7.09
N ASP D 63 24.51 16.50 8.15
CA ASP D 63 25.97 16.41 8.13
C ASP D 63 26.45 14.96 8.14
N LYS D 64 25.75 14.09 8.86
CA LYS D 64 26.26 12.73 9.09
C LYS D 64 25.67 11.69 8.16
N LYS D 65 24.40 11.82 7.78
CA LYS D 65 23.70 10.77 7.06
C LYS D 65 23.77 10.96 5.54
N GLY D 66 23.30 12.09 5.03
CA GLY D 66 23.40 12.34 3.61
C GLY D 66 22.51 13.43 3.08
N ILE D 67 21.82 13.15 1.98
CA ILE D 67 20.89 14.09 1.36
C ILE D 67 19.62 13.34 0.98
N CYS D 68 18.47 13.92 1.30
CA CYS D 68 17.18 13.34 0.97
C CYS D 68 16.34 14.31 0.17
N VAL D 69 15.42 13.76 -0.62
CA VAL D 69 14.42 14.53 -1.32
C VAL D 69 13.09 13.82 -1.13
N ALA D 70 12.19 14.41 -0.34
CA ALA D 70 10.92 13.78 -0.07
C ALA D 70 10.07 13.70 -1.33
N ASP D 71 9.18 12.72 -1.36
CA ASP D 71 8.17 12.70 -2.40
C ASP D 71 7.27 13.92 -2.23
N PRO D 72 6.88 14.58 -3.32
CA PRO D 72 6.08 15.80 -3.19
C PRO D 72 4.78 15.55 -2.45
N PHE D 73 4.41 16.52 -1.61
CA PHE D 73 3.20 16.46 -0.82
C PHE D 73 2.25 17.57 -1.30
N GLU D 74 1.02 17.19 -1.63
CA GLU D 74 0.07 18.09 -2.27
C GLU D 74 -1.09 18.39 -1.34
N VAL D 75 -1.41 19.67 -1.18
CA VAL D 75 -2.58 20.12 -0.44
C VAL D 75 -3.51 20.81 -1.43
N THR D 76 -4.76 20.37 -1.47
CA THR D 76 -5.69 20.82 -2.51
C THR D 76 -6.61 21.89 -1.93
N VAL D 77 -6.17 23.15 -2.05
CA VAL D 77 -6.99 24.25 -1.59
C VAL D 77 -8.18 24.43 -2.50
N MET D 78 -9.38 24.48 -1.93
CA MET D 78 -10.59 24.63 -2.72
C MET D 78 -11.70 25.19 -1.87
N GLN D 79 -12.50 26.06 -2.47
CA GLN D 79 -13.63 26.68 -1.81
C GLN D 79 -14.92 26.27 -2.52
N ASP D 80 -16.04 26.44 -1.83
CA ASP D 80 -17.33 26.03 -2.39
C ASP D 80 -17.70 26.87 -3.60
N PHE D 81 -17.64 28.19 -3.47
CA PHE D 81 -18.03 29.11 -4.53
C PHE D 81 -16.94 30.17 -4.66
N PHE D 82 -16.32 30.25 -5.83
CA PHE D 82 -15.19 31.15 -5.97
C PHE D 82 -15.06 31.62 -7.40
N ILE D 83 -14.38 32.75 -7.57
CA ILE D 83 -14.11 33.35 -8.86
C ILE D 83 -12.75 32.90 -9.34
N ASP D 84 -12.61 32.73 -10.66
CA ASP D 84 -11.32 32.47 -11.28
C ASP D 84 -11.19 33.43 -12.45
N LEU D 85 -10.70 34.64 -12.19
CA LEU D 85 -10.53 35.63 -13.24
C LEU D 85 -9.45 35.21 -14.21
N ARG D 86 -9.71 35.42 -15.51
CA ARG D 86 -8.82 34.99 -16.58
C ARG D 86 -8.28 36.21 -17.31
N LEU D 87 -6.97 36.36 -17.33
CA LEU D 87 -6.35 37.51 -17.99
C LEU D 87 -5.24 37.07 -18.92
N PRO D 88 -5.09 37.75 -20.05
CA PRO D 88 -3.90 37.54 -20.88
C PRO D 88 -2.69 38.12 -20.18
N TYR D 89 -1.51 37.68 -20.60
CA TYR D 89 -0.29 38.18 -19.98
C TYR D 89 -0.20 39.69 -20.12
N SER D 90 -0.42 40.19 -21.33
CA SER D 90 -0.27 41.60 -21.62
C SER D 90 -1.29 42.02 -22.66
N VAL D 91 -1.82 43.24 -22.51
CA VAL D 91 -2.74 43.82 -23.46
C VAL D 91 -2.19 45.17 -23.89
N VAL D 92 -2.15 45.40 -25.20
CA VAL D 92 -1.51 46.60 -25.72
C VAL D 92 -2.37 47.82 -25.43
N ARG D 93 -1.71 48.93 -25.18
CA ARG D 93 -2.40 50.16 -24.80
C ARG D 93 -3.32 50.65 -25.92
N ASN D 94 -4.45 51.21 -25.53
CA ASN D 94 -5.45 51.84 -26.40
C ASN D 94 -6.17 50.85 -27.31
N GLU D 95 -6.00 49.55 -27.10
CA GLU D 95 -6.66 48.56 -27.94
C GLU D 95 -7.60 47.73 -27.09
N GLN D 96 -8.84 47.64 -27.52
CA GLN D 96 -9.91 47.06 -26.71
C GLN D 96 -9.73 45.55 -26.59
N VAL D 97 -9.85 45.02 -25.38
CA VAL D 97 -9.72 43.59 -25.13
C VAL D 97 -10.89 43.14 -24.27
N GLU D 98 -11.06 41.83 -24.19
CA GLU D 98 -12.17 41.22 -23.46
C GLU D 98 -11.65 40.41 -22.30
N ILE D 99 -12.24 40.64 -21.12
CA ILE D 99 -11.86 39.97 -19.88
C ILE D 99 -13.05 39.18 -19.39
N ARG D 100 -12.82 37.92 -19.06
CA ARG D 100 -13.89 37.01 -18.64
C ARG D 100 -13.75 36.69 -17.16
N ALA D 101 -14.84 36.86 -16.43
CA ALA D 101 -14.93 36.40 -15.04
C ALA D 101 -15.70 35.09 -15.02
N VAL D 102 -15.08 34.05 -14.49
CA VAL D 102 -15.67 32.71 -14.47
C VAL D 102 -16.04 32.38 -13.05
N LEU D 103 -17.33 32.19 -12.80
CA LEU D 103 -17.88 31.95 -11.47
C LEU D 103 -18.17 30.48 -11.33
N TYR D 104 -17.69 29.87 -10.26
CA TYR D 104 -17.91 28.44 -10.02
C TYR D 104 -18.84 28.25 -8.84
N ASN D 105 -19.65 27.19 -8.90
CA ASN D 105 -20.51 26.81 -7.79
C ASN D 105 -20.42 25.31 -7.62
N TYR D 106 -20.04 24.86 -6.43
CA TYR D 106 -19.85 23.43 -6.18
C TYR D 106 -20.72 22.92 -5.04
N ARG D 107 -21.91 23.47 -4.89
CA ARG D 107 -22.92 22.86 -4.04
C ARG D 107 -23.58 21.72 -4.78
N GLN D 108 -23.80 20.60 -4.10
CA GLN D 108 -24.30 19.42 -4.77
C GLN D 108 -25.68 19.66 -5.35
N ASN D 109 -26.57 20.35 -4.62
CA ASN D 109 -27.92 20.54 -5.12
C ASN D 109 -28.50 21.90 -4.76
N GLN D 110 -27.66 22.92 -4.62
CA GLN D 110 -28.13 24.26 -4.26
C GLN D 110 -27.85 25.23 -5.39
N GLU D 111 -28.90 25.77 -5.99
CA GLU D 111 -28.76 26.81 -7.00
C GLU D 111 -28.38 28.11 -6.33
N LEU D 112 -27.54 28.89 -7.00
CA LEU D 112 -26.90 30.04 -6.37
C LEU D 112 -27.27 31.30 -7.14
N LYS D 113 -27.18 32.44 -6.46
CA LYS D 113 -27.61 33.73 -7.01
C LYS D 113 -26.52 34.76 -6.77
N VAL D 114 -25.54 34.80 -7.64
CA VAL D 114 -24.38 35.65 -7.48
C VAL D 114 -24.72 37.05 -7.96
N ARG D 115 -24.01 38.05 -7.45
CA ARG D 115 -24.13 39.44 -7.91
C ARG D 115 -22.74 40.02 -8.15
N VAL D 116 -22.17 39.74 -9.33
CA VAL D 116 -20.81 40.17 -9.64
C VAL D 116 -20.79 41.66 -9.91
N GLU D 117 -19.59 42.23 -9.97
CA GLU D 117 -19.43 43.67 -10.02
C GLU D 117 -17.97 43.98 -10.33
N LEU D 118 -17.76 44.94 -11.22
CA LEU D 118 -16.43 45.37 -11.64
C LEU D 118 -16.18 46.75 -11.06
N LEU D 119 -15.37 46.82 -10.02
CA LEU D 119 -15.09 48.10 -9.38
C LEU D 119 -14.35 49.03 -10.35
N HIS D 120 -14.54 50.32 -10.17
CA HIS D 120 -13.94 51.29 -11.09
C HIS D 120 -12.44 51.38 -10.87
N ASN D 121 -11.70 51.55 -11.96
CA ASN D 121 -10.26 51.72 -11.92
C ASN D 121 -9.88 52.94 -12.75
N PRO D 122 -9.16 53.90 -12.18
CA PRO D 122 -8.81 55.10 -12.96
C PRO D 122 -7.91 54.81 -14.14
N ALA D 123 -7.24 53.66 -14.18
CA ALA D 123 -6.36 53.36 -15.31
C ALA D 123 -7.16 52.93 -16.54
N PHE D 124 -7.86 51.81 -16.46
CA PHE D 124 -8.60 51.30 -17.60
C PHE D 124 -9.79 52.21 -17.90
N CYS D 125 -10.58 51.80 -18.88
CA CYS D 125 -11.85 52.45 -19.18
C CYS D 125 -12.88 51.37 -19.45
N SER D 126 -14.01 51.46 -18.75
CA SER D 126 -15.09 50.50 -18.93
C SER D 126 -16.38 51.17 -18.46
N LEU D 127 -17.44 50.38 -18.33
CA LEU D 127 -18.73 50.96 -17.95
C LEU D 127 -18.75 51.42 -16.50
N ALA D 128 -17.85 50.91 -15.67
CA ALA D 128 -17.82 51.30 -14.28
C ALA D 128 -17.41 52.76 -14.13
N THR D 129 -18.03 53.45 -13.19
CA THR D 129 -17.73 54.86 -12.94
C THR D 129 -17.91 55.13 -11.45
N THR D 130 -17.29 56.21 -10.98
CA THR D 130 -17.42 56.57 -9.58
C THR D 130 -18.84 56.94 -9.20
N LYS D 131 -19.71 57.19 -10.17
CA LYS D 131 -21.11 57.50 -9.94
C LYS D 131 -22.03 56.31 -10.17
N ARG D 132 -21.74 55.48 -11.16
CA ARG D 132 -22.56 54.35 -11.52
C ARG D 132 -21.72 53.07 -11.52
N ARG D 133 -22.29 51.99 -11.00
CA ARG D 133 -21.56 50.74 -10.81
C ARG D 133 -22.08 49.69 -11.79
N HIS D 134 -21.20 48.76 -12.16
CA HIS D 134 -21.50 47.73 -13.15
C HIS D 134 -21.83 46.43 -12.44
N GLN D 135 -23.10 46.05 -12.45
CA GLN D 135 -23.54 44.83 -11.76
C GLN D 135 -24.30 43.93 -12.71
N GLN D 136 -23.90 42.67 -12.77
CA GLN D 136 -24.72 41.61 -13.33
C GLN D 136 -25.17 40.71 -12.18
N THR D 137 -26.47 40.48 -12.09
CA THR D 137 -27.03 39.54 -11.12
C THR D 137 -27.31 38.25 -11.87
N VAL D 138 -26.44 37.27 -11.69
CA VAL D 138 -26.47 36.05 -12.47
C VAL D 138 -27.07 34.92 -11.64
N THR D 139 -27.28 33.77 -12.28
CA THR D 139 -27.77 32.57 -11.60
C THR D 139 -26.88 31.40 -12.00
N ILE D 140 -26.38 30.68 -11.02
CA ILE D 140 -25.45 29.57 -11.25
C ILE D 140 -26.18 28.27 -10.91
N PRO D 141 -26.45 27.40 -11.88
CA PRO D 141 -26.95 26.08 -11.54
C PRO D 141 -25.91 25.30 -10.78
N PRO D 142 -26.33 24.32 -9.97
CA PRO D 142 -25.37 23.61 -9.11
C PRO D 142 -24.36 22.82 -9.92
N LYS D 143 -23.15 22.74 -9.38
CA LYS D 143 -22.03 22.03 -10.01
C LYS D 143 -21.82 22.52 -11.44
N SER D 144 -21.99 23.82 -11.65
CA SER D 144 -21.88 24.42 -12.97
C SER D 144 -21.05 25.68 -12.91
N SER D 145 -20.41 26.00 -14.01
CA SER D 145 -19.65 27.22 -14.16
C SER D 145 -20.52 28.29 -14.79
N LEU D 146 -19.98 29.50 -14.85
CA LEU D 146 -20.60 30.57 -15.61
C LEU D 146 -19.49 31.48 -16.09
N SER D 147 -19.73 32.17 -17.19
CA SER D 147 -18.76 33.13 -17.71
C SER D 147 -19.44 34.47 -17.90
N VAL D 148 -18.83 35.52 -17.40
CA VAL D 148 -19.32 36.88 -17.57
C VAL D 148 -18.31 37.64 -18.42
N PRO D 149 -18.72 38.29 -19.50
CA PRO D 149 -17.77 39.04 -20.32
C PRO D 149 -17.62 40.48 -19.85
N TYR D 150 -16.39 40.99 -19.85
CA TYR D 150 -16.12 42.39 -19.58
C TYR D 150 -15.18 42.93 -20.66
N VAL D 151 -15.45 44.15 -21.13
CA VAL D 151 -14.60 44.82 -22.10
C VAL D 151 -13.94 46.00 -21.40
N ILE D 152 -12.63 46.07 -21.48
CA ILE D 152 -11.87 47.15 -20.85
C ILE D 152 -10.83 47.66 -21.84
N VAL D 153 -10.68 48.97 -21.88
CA VAL D 153 -9.71 49.64 -22.74
C VAL D 153 -8.58 50.16 -21.86
N PRO D 154 -7.40 49.56 -21.88
CA PRO D 154 -6.27 50.11 -21.13
C PRO D 154 -5.93 51.51 -21.63
N LEU D 155 -5.48 52.35 -20.71
CA LEU D 155 -5.29 53.76 -21.05
C LEU D 155 -3.89 54.25 -20.71
N LYS D 156 -3.28 53.71 -19.65
CA LYS D 156 -1.94 54.12 -19.26
C LYS D 156 -1.06 52.89 -19.05
N THR D 157 0.24 53.08 -19.21
CA THR D 157 1.20 51.99 -19.16
C THR D 157 1.50 51.61 -17.71
N GLY D 158 2.32 50.58 -17.55
CA GLY D 158 2.70 50.09 -16.24
C GLY D 158 2.08 48.75 -15.92
N LEU D 159 1.85 48.47 -14.63
CA LEU D 159 1.12 47.29 -14.20
C LEU D 159 -0.17 47.76 -13.55
N GLN D 160 -1.30 47.30 -14.06
CA GLN D 160 -2.60 47.75 -13.57
C GLN D 160 -3.38 46.57 -13.02
N GLU D 161 -4.28 46.86 -12.09
CA GLU D 161 -5.05 45.85 -11.40
C GLU D 161 -6.46 45.77 -11.96
N VAL D 162 -7.02 44.55 -11.95
CA VAL D 162 -8.41 44.31 -12.34
C VAL D 162 -9.04 43.43 -11.28
N GLU D 163 -10.25 43.80 -10.85
CA GLU D 163 -10.92 43.10 -9.77
C GLU D 163 -12.39 42.90 -10.10
N VAL D 164 -12.96 41.81 -9.60
CA VAL D 164 -14.39 41.58 -9.64
C VAL D 164 -14.82 41.06 -8.27
N LYS D 165 -15.97 41.54 -7.79
CA LYS D 165 -16.45 41.21 -6.46
C LYS D 165 -17.83 40.59 -6.55
N ALA D 166 -17.99 39.42 -5.94
CA ALA D 166 -19.25 38.69 -5.92
C ALA D 166 -19.86 38.75 -4.53
N ALA D 167 -21.15 38.42 -4.46
CA ALA D 167 -21.82 38.41 -3.16
C ALA D 167 -23.07 37.55 -3.28
N VAL D 168 -23.03 36.35 -2.70
CA VAL D 168 -24.15 35.43 -2.85
C VAL D 168 -25.38 36.01 -2.16
N TYR D 169 -26.55 35.62 -2.67
CA TYR D 169 -27.82 36.11 -2.13
C TYR D 169 -28.39 35.12 -1.14
N HIS D 170 -29.07 35.64 -0.12
CA HIS D 170 -29.76 34.82 0.90
C HIS D 170 -28.75 34.03 1.73
N HIS D 171 -27.62 33.62 1.15
CA HIS D 171 -26.57 33.19 2.10
C HIS D 171 -25.62 34.39 2.26
N PHE D 172 -24.60 34.25 3.07
CA PHE D 172 -23.64 35.35 3.23
C PHE D 172 -22.27 34.80 2.87
N ILE D 173 -21.96 34.84 1.58
CA ILE D 173 -20.70 34.35 1.03
C ILE D 173 -20.22 35.35 0.00
N SER D 174 -18.92 35.60 -0.02
CA SER D 174 -18.36 36.54 -0.97
C SER D 174 -17.00 36.04 -1.43
N ASP D 175 -16.57 36.55 -2.58
CA ASP D 175 -15.22 36.29 -3.07
C ASP D 175 -14.89 37.29 -4.16
N GLY D 176 -13.83 38.06 -3.97
CA GLY D 176 -13.34 38.97 -4.99
C GLY D 176 -11.89 38.68 -5.29
N VAL D 177 -11.49 38.90 -6.54
CA VAL D 177 -10.14 38.59 -7.00
C VAL D 177 -9.53 39.83 -7.60
N ARG D 178 -8.36 40.21 -7.12
CA ARG D 178 -7.59 41.31 -7.68
C ARG D 178 -6.40 40.73 -8.42
N LYS D 179 -6.42 40.82 -9.74
CA LYS D 179 -5.31 40.36 -10.56
C LYS D 179 -4.71 41.54 -11.32
N SER D 180 -3.41 41.47 -11.55
CA SER D 180 -2.65 42.54 -12.19
C SER D 180 -2.05 42.04 -13.49
N LEU D 181 -2.23 42.81 -14.55
CA LEU D 181 -1.75 42.47 -15.88
C LEU D 181 -0.91 43.61 -16.43
N LYS D 182 0.06 43.25 -17.26
CA LYS D 182 0.96 44.24 -17.84
C LYS D 182 0.32 44.90 -19.05
N VAL D 183 0.54 46.21 -19.17
CA VAL D 183 0.15 46.96 -20.36
C VAL D 183 1.40 47.59 -20.95
N VAL D 184 1.57 47.44 -22.26
CA VAL D 184 2.77 47.91 -22.94
C VAL D 184 2.37 48.76 -24.13
N PRO D 185 3.15 49.79 -24.49
CA PRO D 185 2.82 50.55 -25.69
C PRO D 185 2.99 49.71 -26.94
N GLU D 186 2.23 50.06 -27.98
CA GLU D 186 2.27 49.30 -29.22
C GLU D 186 3.65 49.38 -29.85
N GLY D 187 4.17 48.23 -30.26
CA GLY D 187 5.49 48.17 -30.86
C GLY D 187 5.99 46.75 -30.91
N ILE D 188 7.20 46.61 -31.44
CA ILE D 188 7.83 45.31 -31.59
C ILE D 188 9.27 45.39 -31.11
N ARG D 189 9.82 44.24 -30.74
CA ARG D 189 11.18 44.15 -30.23
C ARG D 189 12.14 43.84 -31.38
N MET D 190 13.01 44.79 -31.71
CA MET D 190 14.05 44.59 -32.70
C MET D 190 15.37 45.09 -32.15
N ASN D 191 16.46 44.44 -32.55
CA ASN D 191 17.77 44.67 -31.96
C ASN D 191 18.78 44.90 -33.08
N LYS D 192 18.94 46.14 -33.51
CA LYS D 192 19.89 46.44 -34.57
C LYS D 192 21.30 46.57 -33.99
N THR D 193 22.25 45.97 -34.70
CA THR D 193 23.64 46.00 -34.25
C THR D 193 24.23 47.37 -34.56
N VAL D 194 24.72 48.05 -33.53
CA VAL D 194 25.31 49.37 -33.72
C VAL D 194 26.57 49.26 -34.56
N ALA D 195 27.48 48.36 -34.18
CA ALA D 195 28.75 48.21 -34.88
C ALA D 195 29.45 46.95 -34.38
N VAL D 196 30.35 46.44 -35.21
CA VAL D 196 31.28 45.39 -34.84
C VAL D 196 32.67 45.83 -35.27
N ARG D 197 33.65 45.68 -34.39
CA ARG D 197 35.01 46.10 -34.68
C ARG D 197 35.99 45.18 -33.98
N THR D 198 37.20 45.10 -34.53
CA THR D 198 38.27 44.28 -33.99
C THR D 198 39.30 45.19 -33.33
N LEU D 199 39.64 44.88 -32.09
CA LEU D 199 40.61 45.67 -31.34
C LEU D 199 42.01 45.14 -31.56
N ASP D 200 42.93 46.04 -31.91
CA ASP D 200 44.34 45.69 -32.11
C ASP D 200 45.18 46.90 -31.76
N PRO D 201 45.72 46.94 -30.54
CA PRO D 201 46.47 48.13 -30.10
C PRO D 201 47.66 48.46 -30.98
N GLU D 202 48.34 47.46 -31.53
CA GLU D 202 49.54 47.69 -32.33
C GLU D 202 49.28 47.78 -33.82
N ARG D 203 48.30 47.06 -34.34
CA ARG D 203 47.94 47.13 -35.76
C ARG D 203 46.99 48.26 -36.08
N LEU D 204 46.43 48.93 -35.07
CA LEU D 204 45.49 50.02 -35.31
C LEU D 204 45.83 51.24 -34.46
N VAL D 209 48.82 51.94 -28.70
CA VAL D 209 47.47 52.01 -28.15
C VAL D 209 46.45 52.10 -29.28
N GLN D 210 45.17 52.13 -28.91
CA GLN D 210 44.08 52.22 -29.87
C GLN D 210 42.96 53.04 -29.24
N LYS D 211 42.71 54.23 -29.79
CA LYS D 211 41.61 55.08 -29.33
C LYS D 211 40.41 54.84 -30.22
N GLU D 212 39.40 54.16 -29.68
CA GLU D 212 38.22 53.78 -30.45
C GLU D 212 36.97 54.36 -29.79
N ASP D 213 36.08 54.90 -30.62
CA ASP D 213 34.82 55.46 -30.15
C ASP D 213 33.66 54.82 -30.91
N ILE D 214 32.60 54.50 -30.18
CA ILE D 214 31.41 53.88 -30.75
C ILE D 214 30.31 54.94 -30.81
N PRO D 215 29.92 55.42 -31.99
CA PRO D 215 28.87 56.43 -32.06
C PRO D 215 27.54 55.84 -31.63
N PRO D 216 26.68 56.64 -31.00
CA PRO D 216 25.36 56.14 -30.61
C PRO D 216 24.51 55.80 -31.83
N ALA D 217 23.61 54.83 -31.64
CA ALA D 217 22.74 54.42 -32.72
C ALA D 217 21.67 55.48 -33.00
N ASP D 218 21.08 55.38 -34.19
CA ASP D 218 20.11 56.39 -34.62
C ASP D 218 18.86 56.39 -33.75
N LEU D 219 18.32 55.21 -33.45
CA LEU D 219 17.06 55.07 -32.71
C LEU D 219 15.95 55.85 -33.40
N SER D 220 15.89 55.76 -34.72
CA SER D 220 14.90 56.51 -35.49
C SER D 220 13.48 56.04 -35.17
N ASP D 221 13.28 54.74 -35.04
CA ASP D 221 11.96 54.16 -34.83
C ASP D 221 11.69 53.82 -33.37
N GLN D 222 12.50 54.32 -32.44
CA GLN D 222 12.28 54.03 -31.03
C GLN D 222 10.95 54.59 -30.56
N VAL D 223 10.17 53.76 -29.90
CA VAL D 223 8.90 54.21 -29.33
C VAL D 223 9.17 55.12 -28.14
N PRO D 224 8.52 56.27 -28.04
CA PRO D 224 8.79 57.18 -26.92
C PRO D 224 8.42 56.56 -25.59
N ASP D 225 9.11 57.02 -24.54
CA ASP D 225 8.88 56.57 -23.17
C ASP D 225 9.12 55.07 -23.01
N THR D 226 10.11 54.55 -23.74
CA THR D 226 10.48 53.14 -23.68
C THR D 226 11.95 53.04 -23.36
N GLU D 227 12.28 52.21 -22.38
CA GLU D 227 13.68 52.00 -22.01
C GLU D 227 14.39 51.21 -23.10
N SER D 228 15.62 51.61 -23.40
CA SER D 228 16.46 50.94 -24.38
C SER D 228 17.75 50.50 -23.72
N GLU D 229 18.12 49.23 -23.93
CA GLU D 229 19.29 48.64 -23.31
C GLU D 229 20.38 48.46 -24.35
N THR D 230 21.60 48.88 -24.01
CA THR D 230 22.76 48.70 -24.85
C THR D 230 23.73 47.75 -24.16
N ARG D 231 24.06 46.65 -24.83
CA ARG D 231 24.92 45.60 -24.28
C ARG D 231 26.27 45.64 -24.96
N ILE D 232 27.33 45.58 -24.17
CA ILE D 232 28.70 45.58 -24.68
C ILE D 232 29.36 44.27 -24.29
N LEU D 233 29.91 43.57 -25.27
CA LEU D 233 30.54 42.27 -25.08
C LEU D 233 32.01 42.35 -25.45
N LEU D 234 32.85 41.69 -24.66
CA LEU D 234 34.28 41.62 -24.91
C LEU D 234 34.70 40.16 -24.95
N GLN D 235 35.35 39.76 -26.03
CA GLN D 235 35.84 38.39 -26.19
C GLN D 235 37.19 38.42 -26.87
N GLY D 236 38.11 37.61 -26.36
CA GLY D 236 39.43 37.54 -26.94
C GLY D 236 39.49 36.66 -28.18
N THR D 237 40.63 36.73 -28.87
CA THR D 237 40.87 35.93 -30.07
C THR D 237 42.05 35.01 -29.81
N PRO D 238 41.81 33.76 -29.44
CA PRO D 238 42.93 32.84 -29.21
C PRO D 238 43.55 32.35 -30.51
N VAL D 239 44.88 32.19 -30.48
CA VAL D 239 45.63 31.65 -31.61
C VAL D 239 46.54 30.55 -31.09
N ALA D 240 46.84 29.59 -31.96
CA ALA D 240 47.59 28.40 -31.57
C ALA D 240 48.40 27.93 -32.77
N GLN D 241 48.81 26.67 -32.74
CA GLN D 241 49.58 26.03 -33.80
C GLN D 241 50.95 26.67 -33.93
N MET D 242 51.48 26.73 -35.16
CA MET D 242 52.82 27.25 -35.43
C MET D 242 53.90 26.50 -34.65
N THR D 243 53.68 25.20 -34.43
CA THR D 243 54.60 24.37 -33.69
C THR D 243 54.76 23.02 -34.38
N GLU D 244 55.87 22.36 -34.11
CA GLU D 244 56.18 21.05 -34.66
C GLU D 244 56.00 19.99 -33.58
N ASP D 245 55.26 18.94 -33.90
CA ASP D 245 55.04 17.86 -32.94
C ASP D 245 56.33 17.11 -32.68
N ALA D 246 56.56 16.77 -31.41
CA ALA D 246 57.76 16.07 -31.01
C ALA D 246 57.63 14.58 -31.33
N VAL D 247 58.71 13.84 -31.10
CA VAL D 247 58.73 12.42 -31.40
C VAL D 247 57.82 11.67 -30.42
N ASP D 248 57.05 10.71 -30.95
CA ASP D 248 56.17 9.91 -30.12
C ASP D 248 56.93 8.92 -29.24
N ALA D 249 58.23 8.77 -29.44
CA ALA D 249 59.10 7.91 -28.63
C ALA D 249 58.68 6.45 -28.67
N GLU D 250 57.92 6.05 -29.69
CA GLU D 250 57.51 4.65 -29.81
C GLU D 250 58.73 3.75 -30.06
N ARG D 251 59.67 4.22 -30.87
CA ARG D 251 60.85 3.44 -31.22
C ARG D 251 62.05 3.71 -30.32
N LEU D 252 61.89 4.53 -29.28
CA LEU D 252 62.97 4.85 -28.38
C LEU D 252 63.10 3.86 -27.22
N LYS D 253 62.59 2.63 -27.40
CA LYS D 253 62.65 1.65 -26.33
C LYS D 253 64.06 1.13 -26.11
N HIS D 254 64.91 1.15 -27.14
CA HIS D 254 66.26 0.61 -27.00
C HIS D 254 67.12 1.44 -26.05
N LEU D 255 66.70 2.66 -25.71
CA LEU D 255 67.45 3.50 -24.80
C LEU D 255 67.30 3.02 -23.35
N VAL D 257 69.81 0.99 -21.35
CA VAL D 257 71.05 0.25 -21.13
C VAL D 257 71.51 0.42 -19.68
N THR D 258 71.70 -0.71 -19.00
CA THR D 258 72.10 -0.67 -17.60
C THR D 258 73.52 -0.10 -17.46
N PRO D 259 73.79 0.66 -16.42
CA PRO D 259 75.16 1.11 -16.16
C PRO D 259 76.07 -0.06 -15.80
N SER D 260 77.32 0.03 -16.22
CA SER D 260 78.31 -1.00 -15.96
C SER D 260 79.68 -0.45 -16.37
N GLY D 261 80.72 -1.24 -16.11
CA GLY D 261 82.06 -0.88 -16.52
C GLY D 261 82.67 0.23 -15.67
N CYS D 262 83.72 0.84 -16.22
CA CYS D 262 84.46 1.88 -15.53
C CYS D 262 83.70 3.20 -15.64
N GLY D 263 84.37 4.30 -15.30
CA GLY D 263 83.72 5.61 -15.37
C GLY D 263 83.28 5.95 -16.77
N GLU D 264 84.13 5.71 -17.76
CA GLU D 264 83.76 5.97 -19.15
C GLU D 264 82.59 5.09 -19.58
N GLN D 265 82.63 3.81 -19.23
CA GLN D 265 81.54 2.91 -19.58
C GLN D 265 80.26 3.29 -18.85
N ASN D 266 80.39 3.74 -17.59
CA ASN D 266 79.21 4.19 -16.86
C ASN D 266 78.61 5.44 -17.50
N MET D 267 79.44 6.37 -17.96
CA MET D 267 78.91 7.51 -18.73
C MET D 267 78.20 7.05 -19.99
N ILE D 268 78.80 6.09 -20.71
CA ILE D 268 78.17 5.56 -21.91
C ILE D 268 76.80 4.97 -21.57
N GLY D 269 76.70 4.30 -20.42
CA GLY D 269 75.42 3.74 -20.02
C GLY D 269 74.40 4.79 -19.64
N MET D 270 74.78 5.76 -18.80
CA MET D 270 73.81 6.68 -18.24
C MET D 270 73.33 7.71 -19.26
N THR D 271 74.24 8.27 -20.06
CA THR D 271 73.88 9.43 -20.88
C THR D 271 72.67 9.20 -21.77
N PRO D 272 72.56 8.10 -22.53
CA PRO D 272 71.35 7.94 -23.34
C PRO D 272 70.10 7.74 -22.51
N THR D 273 70.18 6.93 -21.45
CA THR D 273 69.01 6.71 -20.60
C THR D 273 68.60 7.99 -19.89
N VAL D 274 69.56 8.74 -19.36
CA VAL D 274 69.25 9.97 -18.65
C VAL D 274 68.63 11.00 -19.60
N ILE D 275 69.21 11.16 -20.79
CA ILE D 275 68.64 12.12 -21.72
C ILE D 275 67.27 11.66 -22.20
N ALA D 276 67.05 10.34 -22.34
CA ALA D 276 65.76 9.85 -22.76
C ALA D 276 64.69 10.11 -21.71
N VAL D 277 65.01 9.86 -20.44
CA VAL D 277 64.01 10.11 -19.40
C VAL D 277 63.76 11.61 -19.25
N HIS D 278 64.80 12.44 -19.42
CA HIS D 278 64.59 13.89 -19.39
C HIS D 278 63.68 14.33 -20.53
N TYR D 279 63.91 13.79 -21.74
CA TYR D 279 63.06 14.13 -22.88
C TYR D 279 61.62 13.68 -22.66
N LEU D 280 61.44 12.48 -22.12
CA LEU D 280 60.09 11.99 -21.86
C LEU D 280 59.39 12.85 -20.80
N ASP D 281 60.12 13.26 -19.77
CA ASP D 281 59.55 14.17 -18.77
C ASP D 281 59.14 15.48 -19.40
N GLU D 282 60.00 16.05 -20.25
CA GLU D 282 59.69 17.32 -20.88
C GLU D 282 58.47 17.22 -21.79
N THR D 283 58.39 16.16 -22.59
CA THR D 283 57.30 16.01 -23.55
C THR D 283 56.04 15.40 -22.96
N GLU D 284 56.12 14.86 -21.73
CA GLU D 284 54.94 14.31 -21.04
C GLU D 284 54.25 13.24 -21.88
N GLN D 285 55.03 12.27 -22.34
CA GLN D 285 54.51 11.18 -23.15
C GLN D 285 54.63 9.82 -22.45
N TRP D 286 54.77 9.82 -21.12
CA TRP D 286 54.84 8.57 -20.38
C TRP D 286 53.55 7.77 -20.42
N GLU D 287 52.44 8.39 -20.83
CA GLU D 287 51.16 7.70 -20.83
C GLU D 287 51.16 6.51 -21.78
N LYS D 288 51.97 6.56 -22.84
CA LYS D 288 52.01 5.50 -23.83
C LYS D 288 53.30 4.72 -23.87
N PHE D 289 54.42 5.28 -23.42
CA PHE D 289 55.68 4.56 -23.43
C PHE D 289 55.72 3.47 -22.37
N GLY D 290 54.85 3.53 -21.36
CA GLY D 290 54.84 2.55 -20.30
C GLY D 290 55.16 3.14 -18.95
N LEU D 291 54.17 3.13 -18.05
CA LEU D 291 54.31 3.81 -16.77
C LEU D 291 55.35 3.13 -15.88
N GLU D 292 55.52 1.82 -16.02
CA GLU D 292 56.34 1.08 -15.06
C GLU D 292 57.84 1.29 -15.26
N LYS D 293 58.29 1.52 -16.50
CA LYS D 293 59.72 1.54 -16.79
C LYS D 293 60.44 2.74 -16.18
N ARG D 294 59.72 3.80 -15.83
CA ARG D 294 60.39 4.98 -15.28
C ARG D 294 61.08 4.66 -13.96
N GLN D 295 60.45 3.84 -13.12
CA GLN D 295 61.08 3.49 -11.85
C GLN D 295 62.37 2.71 -12.05
N GLY D 296 62.39 1.77 -12.99
CA GLY D 296 63.62 1.06 -13.29
C GLY D 296 64.69 1.97 -13.84
N ALA D 297 64.28 2.91 -14.71
CA ALA D 297 65.24 3.88 -15.23
C ALA D 297 65.84 4.72 -14.11
N LEU D 298 65.00 5.19 -13.19
CA LEU D 298 65.50 5.97 -12.07
C LEU D 298 66.43 5.15 -11.18
N GLU D 299 66.09 3.88 -10.95
CA GLU D 299 66.94 3.02 -10.13
C GLU D 299 68.32 2.85 -10.77
N LEU D 300 68.35 2.58 -12.08
CA LEU D 300 69.62 2.35 -12.74
C LEU D 300 70.46 3.62 -12.82
N ILE D 301 69.83 4.77 -13.11
CA ILE D 301 70.60 6.00 -13.17
C ILE D 301 71.11 6.38 -11.78
N LYS D 302 70.32 6.13 -10.73
CA LYS D 302 70.80 6.38 -9.37
C LYS D 302 71.98 5.47 -9.04
N LYS D 303 71.91 4.21 -9.46
CA LYS D 303 73.03 3.30 -9.22
C LYS D 303 74.29 3.80 -9.91
N GLY D 304 74.17 4.23 -11.16
CA GLY D 304 75.32 4.78 -11.86
C GLY D 304 75.86 6.05 -11.22
N TYR D 305 74.95 6.92 -10.76
CA TYR D 305 75.37 8.14 -10.08
C TYR D 305 76.11 7.83 -8.79
N THR D 306 75.64 6.84 -8.03
CA THR D 306 76.33 6.43 -6.82
C THR D 306 77.70 5.84 -7.14
N GLN D 307 77.78 5.05 -8.21
CA GLN D 307 79.07 4.49 -8.60
C GLN D 307 80.07 5.59 -8.95
N GLN D 308 79.62 6.61 -9.69
CA GLN D 308 80.52 7.70 -10.05
C GLN D 308 80.84 8.59 -8.86
N LEU D 309 79.91 8.72 -7.91
CA LEU D 309 80.25 9.40 -6.66
C LEU D 309 81.33 8.64 -5.91
N ALA D 310 81.27 7.31 -5.93
CA ALA D 310 82.36 6.52 -5.38
C ALA D 310 83.65 6.69 -6.17
N PHE D 311 83.55 6.91 -7.48
CA PHE D 311 84.71 7.07 -8.34
C PHE D 311 85.27 8.49 -8.33
N ARG D 312 84.65 9.40 -7.59
CA ARG D 312 85.13 10.78 -7.56
C ARG D 312 86.49 10.84 -6.86
N GLN D 313 87.42 11.59 -7.46
CA GLN D 313 88.73 11.77 -6.87
C GLN D 313 88.64 12.69 -5.65
N PRO D 314 89.62 12.62 -4.75
CA PRO D 314 89.59 13.50 -3.57
C PRO D 314 89.61 14.98 -3.92
N SER D 315 90.15 15.34 -5.08
CA SER D 315 90.14 16.72 -5.54
C SER D 315 88.88 17.07 -6.33
N SER D 316 87.80 16.31 -6.12
CA SER D 316 86.54 16.47 -6.87
C SER D 316 86.80 16.39 -8.37
N ALA D 317 87.50 15.34 -8.78
CA ALA D 317 87.85 15.12 -10.18
C ALA D 317 87.28 13.80 -10.66
N PHE D 318 86.90 13.77 -11.93
CA PHE D 318 86.32 12.59 -12.55
C PHE D 318 87.25 12.09 -13.65
N ALA D 319 87.55 10.79 -13.63
CA ALA D 319 88.45 10.19 -14.61
C ALA D 319 88.08 8.73 -14.79
N ALA D 320 88.68 8.11 -15.80
CA ALA D 320 88.42 6.69 -16.06
C ALA D 320 88.89 5.83 -14.89
N PHE D 321 90.06 6.14 -14.33
CA PHE D 321 90.60 5.42 -13.18
C PHE D 321 91.07 6.42 -12.14
N VAL D 322 91.00 6.01 -10.87
CA VAL D 322 91.45 6.88 -9.79
C VAL D 322 92.96 7.08 -9.86
N LYS D 323 93.70 6.05 -10.26
CA LYS D 323 95.14 6.20 -10.44
C LYS D 323 95.47 7.05 -11.66
N ARG D 324 94.67 6.95 -12.71
CA ARG D 324 94.89 7.74 -13.91
C ARG D 324 94.67 9.22 -13.63
N ALA D 325 95.41 10.06 -14.34
CA ALA D 325 95.29 11.50 -14.16
C ALA D 325 93.88 11.95 -14.55
N PRO D 326 93.31 12.91 -13.83
CA PRO D 326 91.96 13.40 -14.18
C PRO D 326 91.94 14.05 -15.55
N SER D 327 90.82 13.86 -16.25
CA SER D 327 90.63 14.40 -17.58
C SER D 327 89.66 15.57 -17.51
N THR D 328 90.07 16.71 -18.09
CA THR D 328 89.21 17.90 -18.04
C THR D 328 87.90 17.66 -18.78
N TRP D 329 87.94 16.99 -19.93
CA TRP D 329 86.71 16.72 -20.67
C TRP D 329 85.77 15.82 -19.88
N LEU D 330 86.33 14.80 -19.21
CA LEU D 330 85.49 13.93 -18.38
C LEU D 330 84.87 14.71 -17.23
N THR D 331 85.64 15.59 -16.59
CA THR D 331 85.10 16.39 -15.49
C THR D 331 84.00 17.31 -15.98
N ALA D 332 84.19 17.95 -17.14
CA ALA D 332 83.16 18.82 -17.68
C ALA D 332 81.90 18.04 -18.04
N TYR D 333 82.06 16.84 -18.61
CA TYR D 333 80.91 16.02 -18.95
C TYR D 333 80.17 15.56 -17.70
N VAL D 334 80.90 15.21 -16.65
CA VAL D 334 80.27 14.82 -15.39
C VAL D 334 79.52 16.00 -14.79
N VAL D 335 80.10 17.20 -14.88
CA VAL D 335 79.42 18.40 -14.40
C VAL D 335 78.13 18.63 -15.17
N LYS D 336 78.18 18.46 -16.49
CA LYS D 336 76.96 18.61 -17.30
C LYS D 336 75.90 17.59 -16.93
N VAL D 337 76.33 16.33 -16.73
CA VAL D 337 75.39 15.27 -16.38
C VAL D 337 74.74 15.55 -15.03
N PHE D 338 75.54 16.00 -14.06
CA PHE D 338 75.00 16.35 -12.75
C PHE D 338 74.03 17.53 -12.85
N SER D 339 74.39 18.54 -13.63
CA SER D 339 73.50 19.69 -13.79
C SER D 339 72.20 19.29 -14.46
N LEU D 340 72.23 18.29 -15.34
CA LEU D 340 71.01 17.79 -15.95
C LEU D 340 70.20 16.93 -14.99
N ALA D 341 70.87 16.18 -14.11
CA ALA D 341 70.20 15.19 -13.28
C ALA D 341 69.81 15.71 -11.90
N VAL D 342 70.20 16.93 -11.53
CA VAL D 342 69.78 17.47 -10.24
C VAL D 342 68.26 17.51 -10.14
N ASN D 343 67.57 17.75 -11.25
CA ASN D 343 66.11 17.78 -11.23
C ASN D 343 65.52 16.39 -10.98
N LEU D 344 66.16 15.34 -11.51
CA LEU D 344 65.64 13.99 -11.37
C LEU D 344 66.18 13.27 -10.14
N ILE D 345 67.46 13.44 -9.83
CA ILE D 345 68.10 12.75 -8.71
C ILE D 345 68.86 13.76 -7.87
N ALA D 346 69.16 13.38 -6.64
CA ALA D 346 69.88 14.24 -5.71
C ALA D 346 71.38 14.22 -6.02
N ILE D 347 71.96 15.41 -6.20
CA ILE D 347 73.37 15.56 -6.48
C ILE D 347 73.94 16.59 -5.52
N ASP D 348 75.08 16.28 -4.92
CA ASP D 348 75.72 17.18 -3.97
C ASP D 348 76.31 18.38 -4.70
N SER D 349 75.82 19.58 -4.40
CA SER D 349 76.36 20.78 -5.02
C SER D 349 77.78 21.07 -4.57
N GLN D 350 78.15 20.59 -3.38
CA GLN D 350 79.52 20.77 -2.91
C GLN D 350 80.52 20.07 -3.83
N VAL D 351 80.15 18.89 -4.33
CA VAL D 351 81.01 18.19 -5.27
C VAL D 351 81.20 19.01 -6.54
N LEU D 352 80.11 19.59 -7.05
CA LEU D 352 80.20 20.41 -8.26
C LEU D 352 81.07 21.64 -8.03
N CYS D 353 80.91 22.30 -6.88
CA CYS D 353 81.71 23.48 -6.59
C CYS D 353 83.19 23.12 -6.44
N GLY D 354 83.49 22.00 -5.78
CA GLY D 354 84.87 21.56 -5.66
C GLY D 354 85.48 21.23 -7.01
N ALA D 355 84.71 20.58 -7.88
CA ALA D 355 85.20 20.29 -9.23
C ALA D 355 85.47 21.58 -10.00
N VAL D 356 84.57 22.56 -9.87
CA VAL D 356 84.75 23.84 -10.54
C VAL D 356 86.03 24.53 -10.04
N LYS D 357 86.23 24.53 -8.73
CA LYS D 357 87.43 25.17 -8.17
C LYS D 357 88.70 24.44 -8.63
N TRP D 358 88.67 23.12 -8.64
CA TRP D 358 89.84 22.35 -9.08
C TRP D 358 90.15 22.64 -10.55
N LEU D 359 89.13 22.70 -11.40
CA LEU D 359 89.37 23.03 -12.80
C LEU D 359 89.91 24.45 -12.95
N ILE D 360 89.36 25.39 -12.20
CA ILE D 360 89.78 26.79 -12.33
C ILE D 360 91.21 26.97 -11.86
N LEU D 361 91.63 26.24 -10.82
CA LEU D 361 92.92 26.50 -10.19
C LEU D 361 94.09 26.26 -11.15
N GLU D 362 94.14 25.08 -11.78
CA GLU D 362 95.32 24.68 -12.52
C GLU D 362 95.03 24.08 -13.90
N LYS D 363 93.78 23.90 -14.28
CA LYS D 363 93.46 23.26 -15.55
C LYS D 363 93.31 24.25 -16.70
N GLN D 364 93.47 25.55 -16.45
CA GLN D 364 93.29 26.56 -17.49
C GLN D 364 94.51 27.46 -17.56
N LYS D 365 94.78 27.96 -18.77
CA LYS D 365 95.80 28.96 -19.03
C LYS D 365 95.27 30.36 -18.75
N PRO D 366 96.14 31.31 -18.41
CA PRO D 366 95.67 32.69 -18.17
C PRO D 366 95.02 33.33 -19.38
N ASP D 367 95.29 32.83 -20.58
CA ASP D 367 94.69 33.37 -21.80
C ASP D 367 93.26 32.90 -22.02
N GLY D 368 92.76 31.99 -21.19
CA GLY D 368 91.41 31.48 -21.36
C GLY D 368 91.31 30.19 -22.15
N VAL D 369 92.43 29.53 -22.43
CA VAL D 369 92.42 28.28 -23.18
C VAL D 369 92.25 27.12 -22.22
N PHE D 370 91.27 26.26 -22.49
CA PHE D 370 91.02 25.07 -21.69
C PHE D 370 91.87 23.93 -22.23
N GLN D 371 92.83 23.48 -21.44
CA GLN D 371 93.81 22.49 -21.86
C GLN D 371 93.43 21.12 -21.31
N GLU D 372 93.45 20.11 -22.17
CA GLU D 372 93.16 18.74 -21.78
C GLU D 372 94.46 18.05 -21.39
N ASP D 373 94.60 17.71 -20.11
CA ASP D 373 95.82 17.09 -19.60
C ASP D 373 95.87 15.59 -19.81
N ALA D 374 94.74 14.96 -20.17
CA ALA D 374 94.70 13.52 -20.38
C ALA D 374 93.55 13.16 -21.31
N PRO D 375 93.84 12.90 -22.59
CA PRO D 375 92.76 12.49 -23.51
C PRO D 375 92.16 11.15 -23.08
N VAL D 376 90.87 11.00 -23.36
CA VAL D 376 90.15 9.80 -22.97
C VAL D 376 90.68 8.60 -23.75
N ILE D 377 90.66 7.43 -23.11
CA ILE D 377 91.15 6.21 -23.76
C ILE D 377 90.28 5.87 -24.96
N HIS D 378 88.96 5.92 -24.78
CA HIS D 378 88.01 5.66 -25.86
C HIS D 378 87.48 7.01 -26.34
N GLN D 379 88.12 7.55 -27.38
CA GLN D 379 87.75 8.83 -27.94
C GLN D 379 86.91 8.70 -29.21
N GLU D 380 86.47 7.49 -29.56
CA GLU D 380 85.68 7.30 -30.77
C GLU D 380 84.24 7.76 -30.61
N MET D 381 83.81 8.10 -29.39
CA MET D 381 82.44 8.54 -29.14
C MET D 381 82.39 9.96 -28.58
N ILE D 382 83.46 10.74 -28.73
CA ILE D 382 83.47 12.12 -28.26
C ILE D 382 82.95 13.11 -29.29
N GLY D 383 82.54 12.63 -30.47
CA GLY D 383 81.99 13.50 -31.48
C GLY D 383 83.04 14.20 -32.33
N GLY D 384 82.87 15.50 -32.54
CA GLY D 384 83.80 16.26 -33.36
C GLY D 384 85.12 16.58 -32.70
N LEU D 385 85.26 16.30 -31.41
CA LEU D 385 86.52 16.57 -30.71
C LEU D 385 87.63 15.61 -31.13
N ARG D 386 87.29 14.50 -31.77
CA ARG D 386 88.32 13.57 -32.23
C ARG D 386 89.21 14.21 -33.29
N ASN D 387 88.63 14.96 -34.21
CA ASN D 387 89.42 15.64 -35.22
C ASN D 387 90.24 16.76 -34.59
N ASN D 388 91.50 16.85 -34.99
CA ASN D 388 92.43 17.78 -34.36
C ASN D 388 92.33 19.20 -34.89
N ASN D 389 91.64 19.42 -36.00
CA ASN D 389 91.54 20.75 -36.58
C ASN D 389 90.57 21.60 -35.76
N GLU D 390 91.07 22.72 -35.21
CA GLU D 390 90.28 23.61 -34.35
C GLU D 390 89.71 22.85 -33.15
N LYS D 391 90.44 21.84 -32.68
CA LYS D 391 89.99 21.07 -31.53
C LYS D 391 90.07 21.88 -30.24
N ASP D 392 91.09 22.74 -30.12
CA ASP D 392 91.23 23.55 -28.92
C ASP D 392 90.04 24.49 -28.74
N MET D 393 89.60 25.13 -29.83
CA MET D 393 88.44 26.01 -29.76
C MET D 393 87.17 25.25 -29.39
N ALA D 394 86.99 24.05 -29.97
CA ALA D 394 85.81 23.26 -29.65
C ALA D 394 85.80 22.85 -28.18
N LEU D 395 86.95 22.39 -27.67
CA LEU D 395 87.03 22.04 -26.26
C LEU D 395 86.79 23.25 -25.36
N THR D 396 87.35 24.40 -25.74
CA THR D 396 87.14 25.62 -24.98
C THR D 396 85.65 25.96 -24.90
N ALA D 397 84.96 25.91 -26.04
CA ALA D 397 83.53 26.23 -26.06
C ALA D 397 82.73 25.22 -25.25
N PHE D 398 83.06 23.94 -25.37
CA PHE D 398 82.32 22.91 -24.64
C PHE D 398 82.48 23.09 -23.13
N VAL D 399 83.71 23.30 -22.67
CA VAL D 399 83.93 23.48 -21.23
C VAL D 399 83.30 24.79 -20.75
N LEU D 400 83.34 25.83 -21.59
CA LEU D 400 82.70 27.09 -21.21
C LEU D 400 81.19 26.90 -21.05
N ILE D 401 80.56 26.16 -21.96
CA ILE D 401 79.13 25.88 -21.85
C ILE D 401 78.84 25.07 -20.60
N SER D 402 79.68 24.06 -20.32
CA SER D 402 79.48 23.24 -19.13
C SER D 402 79.60 24.06 -17.86
N LEU D 403 80.54 25.00 -17.84
CA LEU D 403 80.70 25.85 -16.66
C LEU D 403 79.54 26.83 -16.52
N GLN D 404 79.11 27.45 -17.62
CA GLN D 404 78.05 28.45 -17.56
C GLN D 404 76.72 27.81 -17.17
N GLU D 405 76.43 26.61 -17.70
CA GLU D 405 75.19 25.94 -17.32
C GLU D 405 75.21 25.51 -15.86
N ALA D 406 76.38 25.35 -15.26
CA ALA D 406 76.52 25.08 -13.83
C ALA D 406 76.94 26.33 -13.05
N LYS D 407 77.01 27.49 -13.71
CA LYS D 407 77.45 28.70 -13.04
C LYS D 407 76.49 29.09 -11.92
N ASP D 408 75.19 29.04 -12.18
CA ASP D 408 74.21 29.43 -11.17
C ASP D 408 74.23 28.48 -9.98
N ILE D 409 74.64 27.23 -10.19
CA ILE D 409 74.66 26.26 -9.10
C ILE D 409 75.74 26.61 -8.07
N CYS D 410 76.93 27.00 -8.55
CA CYS D 410 78.04 27.35 -7.67
C CYS D 410 78.41 28.83 -7.78
N GLU D 411 77.42 29.69 -8.03
CA GLU D 411 77.68 31.12 -8.13
C GLU D 411 78.19 31.68 -6.80
N GLU D 412 77.60 31.25 -5.69
CA GLU D 412 78.02 31.76 -4.39
C GLU D 412 79.37 31.19 -3.97
N GLN D 413 79.58 29.89 -4.19
CA GLN D 413 80.82 29.26 -3.75
C GLN D 413 82.03 29.77 -4.53
N VAL D 414 81.88 29.94 -5.85
CA VAL D 414 82.98 30.35 -6.72
C VAL D 414 82.68 31.74 -7.26
N ASN D 415 83.58 32.68 -6.98
CA ASN D 415 83.45 34.03 -7.49
C ASN D 415 84.35 34.30 -8.69
N SER D 416 85.35 33.45 -8.93
CA SER D 416 86.24 33.63 -10.07
C SER D 416 85.68 33.02 -11.36
N LEU D 417 84.55 32.32 -11.28
CA LEU D 417 83.96 31.74 -12.48
C LEU D 417 83.55 32.78 -13.51
N PRO D 418 82.89 33.90 -13.15
CA PRO D 418 82.55 34.90 -14.20
C PRO D 418 83.77 35.46 -14.91
N GLY D 419 84.88 35.67 -14.20
CA GLY D 419 86.08 36.16 -14.85
C GLY D 419 86.64 35.17 -15.86
N SER D 420 86.69 33.90 -15.48
CA SER D 420 87.14 32.86 -16.41
C SER D 420 86.21 32.76 -17.60
N ILE D 421 84.90 32.89 -17.36
CA ILE D 421 83.93 32.84 -18.45
C ILE D 421 84.15 33.99 -19.42
N THR D 422 84.37 35.20 -18.89
CA THR D 422 84.61 36.35 -19.76
C THR D 422 85.90 36.18 -20.54
N LYS D 423 86.95 35.66 -19.90
CA LYS D 423 88.21 35.43 -20.61
C LYS D 423 88.04 34.41 -21.72
N ALA D 424 87.31 33.32 -21.44
CA ALA D 424 87.07 32.31 -22.46
C ALA D 424 86.27 32.86 -23.62
N GLY D 425 85.24 33.68 -23.33
CA GLY D 425 84.47 34.29 -24.39
C GLY D 425 85.29 35.24 -25.24
N ASP D 426 86.14 36.04 -24.60
CA ASP D 426 87.02 36.93 -25.35
C ASP D 426 87.98 36.13 -26.23
N PHE D 427 88.53 35.04 -25.69
CA PHE D 427 89.43 34.21 -26.49
C PHE D 427 88.70 33.59 -27.68
N LEU D 428 87.47 33.12 -27.46
CA LEU D 428 86.70 32.52 -28.55
C LEU D 428 86.37 33.55 -29.63
N GLU D 429 85.97 34.76 -29.22
CA GLU D 429 85.61 35.79 -30.18
C GLU D 429 86.83 36.40 -30.86
N ALA D 430 88.01 36.28 -30.27
CA ALA D 430 89.21 36.85 -30.87
C ALA D 430 89.58 36.16 -32.17
N ASN D 431 89.44 34.85 -32.23
CA ASN D 431 89.85 34.06 -33.39
C ASN D 431 88.67 33.27 -33.96
N TYR D 432 87.49 33.89 -34.03
CA TYR D 432 86.34 33.23 -34.64
C TYR D 432 86.51 33.10 -36.15
N MET D 433 87.11 34.10 -36.80
CA MET D 433 87.24 34.08 -38.25
C MET D 433 88.09 32.92 -38.75
N ASN D 434 89.00 32.42 -37.93
CA ASN D 434 89.82 31.28 -38.33
C ASN D 434 89.06 29.96 -38.34
N LEU D 435 87.92 29.90 -37.66
CA LEU D 435 87.13 28.67 -37.62
C LEU D 435 86.52 28.39 -38.97
N GLN D 436 86.55 27.11 -39.38
CA GLN D 436 85.99 26.67 -40.65
C GLN D 436 84.95 25.57 -40.49
N ARG D 437 85.15 24.64 -39.56
CA ARG D 437 84.21 23.56 -39.36
C ARG D 437 82.89 24.09 -38.81
N SER D 438 81.78 23.55 -39.33
CA SER D 438 80.47 24.01 -38.88
C SER D 438 80.22 23.64 -37.43
N TYR D 439 80.71 22.46 -37.00
CA TYR D 439 80.54 22.06 -35.61
C TYR D 439 81.29 23.00 -34.66
N THR D 440 82.55 23.31 -34.99
CA THR D 440 83.33 24.22 -34.16
C THR D 440 82.72 25.62 -34.16
N VAL D 441 82.26 26.08 -35.33
CA VAL D 441 81.62 27.39 -35.42
C VAL D 441 80.37 27.41 -34.55
N ALA D 442 79.55 26.35 -34.62
CA ALA D 442 78.33 26.30 -33.84
C ALA D 442 78.61 26.29 -32.35
N ILE D 443 79.59 25.50 -31.91
CA ILE D 443 79.88 25.43 -30.48
C ILE D 443 80.47 26.75 -29.99
N ALA D 444 81.32 27.40 -30.79
CA ALA D 444 81.86 28.69 -30.41
C ALA D 444 80.76 29.74 -30.34
N GLY D 445 79.82 29.72 -31.30
CA GLY D 445 78.72 30.66 -31.25
C GLY D 445 77.81 30.44 -30.08
N TYR D 446 77.57 29.18 -29.71
CA TYR D 446 76.78 28.89 -28.52
C TYR D 446 77.48 29.40 -27.27
N ALA D 447 78.80 29.21 -27.19
CA ALA D 447 79.55 29.71 -26.06
C ALA D 447 79.51 31.23 -25.98
N LEU D 448 79.59 31.90 -27.13
CA LEU D 448 79.52 33.36 -27.14
C LEU D 448 78.12 33.86 -26.79
N ALA D 449 77.08 33.15 -27.25
CA ALA D 449 75.72 33.60 -27.03
C ALA D 449 75.24 33.35 -25.62
N GLN D 450 75.70 32.27 -24.98
CA GLN D 450 75.27 31.98 -23.62
C GLN D 450 75.73 33.05 -22.63
N MET D 451 76.73 33.86 -23.00
CA MET D 451 77.22 34.91 -22.12
C MET D 451 76.83 36.31 -22.58
N GLY D 452 76.46 36.49 -23.84
CA GLY D 452 75.90 37.76 -24.29
C GLY D 452 76.82 38.66 -25.09
N ARG D 453 77.56 38.09 -26.03
CA ARG D 453 78.37 38.88 -26.95
C ARG D 453 78.12 38.49 -28.41
N LEU D 454 76.97 37.90 -28.71
CA LEU D 454 76.62 37.54 -30.08
C LEU D 454 75.89 38.73 -30.70
N LYS D 455 76.66 39.62 -31.34
CA LYS D 455 76.09 40.82 -31.94
C LYS D 455 76.95 41.24 -33.11
N GLY D 456 76.35 42.03 -34.00
CA GLY D 456 77.06 42.56 -35.14
C GLY D 456 77.11 41.59 -36.30
N PRO D 457 78.25 41.55 -36.99
CA PRO D 457 78.38 40.69 -38.18
C PRO D 457 78.33 39.21 -37.86
N LEU D 458 78.48 38.82 -36.59
CA LEU D 458 78.48 37.41 -36.24
C LEU D 458 77.16 36.74 -36.59
N LEU D 459 76.03 37.41 -36.30
CA LEU D 459 74.74 36.85 -36.66
C LEU D 459 74.60 36.69 -38.17
N ASN D 460 75.05 37.68 -38.94
CA ASN D 460 74.96 37.58 -40.38
C ASN D 460 75.81 36.43 -40.91
N LYS D 461 77.02 36.26 -40.36
CA LYS D 461 77.88 35.16 -40.79
C LYS D 461 77.25 33.81 -40.46
N PHE D 462 76.68 33.68 -39.26
CA PHE D 462 76.03 32.43 -38.88
C PHE D 462 74.83 32.12 -39.77
N LEU D 463 74.04 33.15 -40.10
CA LEU D 463 72.87 32.93 -40.94
C LEU D 463 73.27 32.59 -42.38
N THR D 464 74.28 33.27 -42.91
CA THR D 464 74.76 32.95 -44.25
C THR D 464 75.45 31.60 -44.30
N THR D 465 75.95 31.12 -43.16
CA THR D 465 76.58 29.81 -43.10
C THR D 465 75.59 28.66 -43.23
N ALA D 466 74.29 28.93 -43.13
CA ALA D 466 73.29 27.87 -43.22
C ALA D 466 73.22 27.30 -44.63
N LYS D 467 73.10 25.98 -44.72
CA LYS D 467 72.93 25.29 -45.98
C LYS D 467 71.46 24.90 -46.12
N ASP D 468 70.82 25.39 -47.18
CA ASP D 468 69.39 25.22 -47.43
C ASP D 468 68.54 25.77 -46.29
N LYS D 469 69.12 26.63 -45.45
CA LYS D 469 68.44 27.27 -44.32
C LYS D 469 67.83 26.25 -43.37
N ASN D 470 68.48 25.10 -43.21
CA ASN D 470 67.98 24.06 -42.32
C ASN D 470 69.01 23.49 -41.36
N ARG D 471 70.29 23.49 -41.70
CA ARG D 471 71.29 22.85 -40.84
C ARG D 471 72.68 23.27 -41.27
N TRP D 472 73.63 23.04 -40.36
CA TRP D 472 75.05 23.27 -40.61
C TRP D 472 75.71 21.90 -40.74
N GLU D 473 76.08 21.54 -41.96
CA GLU D 473 76.72 20.27 -42.24
C GLU D 473 78.19 20.46 -42.59
N ASP D 474 78.96 19.41 -42.36
CA ASP D 474 80.37 19.34 -42.73
C ASP D 474 80.64 18.01 -43.44
N PRO D 475 81.66 17.96 -44.29
CA PRO D 475 82.04 16.69 -44.90
C PRO D 475 82.50 15.68 -43.84
N GLY D 476 82.14 14.42 -44.06
CA GLY D 476 82.48 13.35 -43.13
C GLY D 476 81.22 12.71 -42.55
N LYS D 477 81.30 12.35 -41.27
CA LYS D 477 80.18 11.71 -40.60
C LYS D 477 79.02 12.69 -40.43
N GLN D 478 77.81 12.21 -40.67
CA GLN D 478 76.63 13.05 -40.52
C GLN D 478 76.29 13.33 -39.06
N LEU D 479 76.88 12.57 -38.14
CA LEU D 479 76.64 12.80 -36.72
C LEU D 479 77.18 14.16 -36.29
N TYR D 480 78.32 14.56 -36.86
CA TYR D 480 78.85 15.90 -36.60
C TYR D 480 77.89 16.96 -37.08
N ASN D 481 77.29 16.77 -38.27
CA ASN D 481 76.30 17.72 -38.76
C ASN D 481 75.09 17.77 -37.84
N VAL D 482 74.65 16.60 -37.34
CA VAL D 482 73.50 16.55 -36.46
C VAL D 482 73.76 17.33 -35.18
N GLU D 483 74.93 17.10 -34.57
CA GLU D 483 75.24 17.80 -33.32
C GLU D 483 75.46 19.29 -33.56
N ALA D 484 76.04 19.66 -34.71
CA ALA D 484 76.20 21.08 -35.03
C ALA D 484 74.85 21.75 -35.16
N THR D 485 73.90 21.10 -35.83
CA THR D 485 72.54 21.64 -35.90
C THR D 485 71.90 21.72 -34.53
N SER D 486 72.21 20.76 -33.65
CA SER D 486 71.67 20.80 -32.30
C SER D 486 72.15 22.04 -31.56
N TYR D 487 73.47 22.27 -31.54
CA TYR D 487 73.97 23.48 -30.89
C TYR D 487 73.46 24.73 -31.56
N ALA D 488 73.27 24.70 -32.89
CA ALA D 488 72.73 25.85 -33.58
C ALA D 488 71.32 26.17 -33.11
N LEU D 489 70.48 25.14 -32.94
CA LEU D 489 69.11 25.40 -32.51
C LEU D 489 69.05 25.80 -31.05
N LEU D 490 69.95 25.28 -30.21
CA LEU D 490 70.05 25.80 -28.84
C LEU D 490 70.45 27.27 -28.84
N ALA D 491 71.40 27.66 -29.69
CA ALA D 491 71.78 29.06 -29.78
C ALA D 491 70.62 29.91 -30.26
N LEU D 492 69.85 29.42 -31.24
CA LEU D 492 68.69 30.17 -31.71
C LEU D 492 67.65 30.31 -30.61
N LEU D 493 67.41 29.26 -29.84
CA LEU D 493 66.44 29.34 -28.75
C LEU D 493 66.91 30.31 -27.67
N GLN D 494 68.21 30.30 -27.38
CA GLN D 494 68.75 31.28 -26.44
C GLN D 494 68.57 32.70 -26.96
N LEU D 495 68.79 32.90 -28.26
CA LEU D 495 68.56 34.20 -28.88
C LEU D 495 67.09 34.45 -29.17
N LYS D 496 66.23 33.42 -29.05
CA LYS D 496 64.80 33.55 -29.31
C LYS D 496 64.54 34.09 -30.71
N ASP D 497 65.17 33.46 -31.71
CA ASP D 497 64.99 33.82 -33.11
C ASP D 497 64.01 32.82 -33.72
N PHE D 498 62.78 33.26 -33.93
CA PHE D 498 61.70 32.39 -34.37
C PHE D 498 61.63 32.21 -35.88
N ASP D 499 62.49 32.89 -36.63
CA ASP D 499 62.48 32.80 -38.09
C ASP D 499 63.26 31.61 -38.62
N PHE D 500 63.95 30.86 -37.75
CA PHE D 500 64.78 29.74 -38.17
C PHE D 500 64.51 28.46 -37.41
N VAL D 501 63.82 28.51 -36.27
CA VAL D 501 63.55 27.29 -35.51
C VAL D 501 62.67 26.31 -36.27
N PRO D 502 61.55 26.71 -36.88
CA PRO D 502 60.68 25.72 -37.55
C PRO D 502 61.40 24.97 -38.66
N PRO D 503 62.20 25.62 -39.52
CA PRO D 503 62.93 24.82 -40.51
C PRO D 503 63.90 23.82 -39.90
N VAL D 504 64.59 24.22 -38.82
CA VAL D 504 65.55 23.32 -38.19
C VAL D 504 64.85 22.12 -37.58
N VAL D 505 63.75 22.36 -36.88
CA VAL D 505 63.03 21.25 -36.25
C VAL D 505 62.39 20.36 -37.32
N ARG D 506 61.93 20.94 -38.43
CA ARG D 506 61.39 20.13 -39.52
C ARG D 506 62.48 19.25 -40.13
N TRP D 507 63.67 19.81 -40.34
CA TRP D 507 64.78 19.03 -40.88
C TRP D 507 65.15 17.89 -39.92
N LEU D 508 65.19 18.18 -38.63
CA LEU D 508 65.48 17.14 -37.64
C LEU D 508 64.41 16.06 -37.64
N ASN D 509 63.14 16.46 -37.75
CA ASN D 509 62.06 15.50 -37.74
C ASN D 509 62.11 14.58 -38.96
N GLU D 510 62.39 15.15 -40.14
CA GLU D 510 62.48 14.31 -41.32
C GLU D 510 63.78 13.51 -41.35
N GLN D 511 64.79 13.92 -40.58
CA GLN D 511 66.01 13.13 -40.49
C GLN D 511 65.78 11.78 -39.82
N ARG D 512 64.88 11.74 -38.83
CA ARG D 512 64.51 10.51 -38.14
C ARG D 512 65.73 9.85 -37.48
N TYR D 513 66.32 10.58 -36.53
CA TYR D 513 67.44 10.08 -35.74
C TYR D 513 66.90 9.51 -34.43
N TYR D 514 66.93 8.19 -34.30
CA TYR D 514 66.43 7.52 -33.11
C TYR D 514 67.51 7.26 -32.06
N GLY D 515 68.73 7.73 -32.29
CA GLY D 515 69.81 7.47 -31.35
C GLY D 515 70.43 6.11 -31.54
N GLY D 516 71.27 5.74 -30.58
CA GLY D 516 71.96 4.48 -30.63
C GLY D 516 73.13 4.49 -31.60
N GLY D 517 73.64 3.29 -31.85
CA GLY D 517 74.78 3.14 -32.75
C GLY D 517 76.10 3.17 -32.01
N TYR D 518 77.16 3.35 -32.80
CA TYR D 518 78.53 3.37 -32.29
C TYR D 518 79.12 4.76 -32.52
N GLY D 519 79.71 5.32 -31.47
CA GLY D 519 80.29 6.66 -31.56
C GLY D 519 79.26 7.73 -31.82
N SER D 520 78.10 7.65 -31.16
CA SER D 520 77.03 8.62 -31.34
C SER D 520 76.47 9.10 -30.00
N THR D 521 77.25 8.99 -28.93
CA THR D 521 76.78 9.40 -27.61
C THR D 521 76.53 10.91 -27.56
N GLN D 522 77.52 11.69 -28.01
CA GLN D 522 77.40 13.16 -27.94
C GLN D 522 76.23 13.65 -28.78
N ALA D 523 76.11 13.14 -30.01
CA ALA D 523 75.04 13.61 -30.89
C ALA D 523 73.67 13.24 -30.34
N THR D 524 73.51 12.02 -29.84
CA THR D 524 72.24 11.60 -29.28
C THR D 524 71.87 12.44 -28.07
N PHE D 525 72.84 12.65 -27.17
CA PHE D 525 72.59 13.45 -25.98
C PHE D 525 72.18 14.87 -26.36
N MET D 526 72.91 15.47 -27.31
CA MET D 526 72.61 16.84 -27.72
C MET D 526 71.24 16.94 -28.37
N VAL D 527 70.91 15.99 -29.25
CA VAL D 527 69.65 16.10 -29.98
C VAL D 527 68.46 15.89 -29.05
N PHE D 528 68.58 14.97 -28.09
CA PHE D 528 67.47 14.76 -27.18
C PHE D 528 67.36 15.89 -26.16
N GLN D 529 68.49 16.46 -25.72
CA GLN D 529 68.41 17.65 -24.88
C GLN D 529 67.79 18.81 -25.64
N ALA D 530 68.09 18.93 -26.93
CA ALA D 530 67.47 19.96 -27.76
C ALA D 530 65.96 19.77 -27.83
N LEU D 531 65.52 18.53 -28.08
CA LEU D 531 64.10 18.26 -28.15
C LEU D 531 63.41 18.56 -26.83
N ALA D 532 64.04 18.20 -25.71
CA ALA D 532 63.46 18.47 -24.40
C ALA D 532 63.37 19.97 -24.13
N GLN D 533 64.43 20.71 -24.46
CA GLN D 533 64.42 22.15 -24.21
C GLN D 533 63.45 22.87 -25.13
N TYR D 534 63.18 22.31 -26.31
CA TYR D 534 62.17 22.87 -27.19
C TYR D 534 60.81 22.89 -26.50
N GLN D 535 60.46 21.80 -25.83
CA GLN D 535 59.23 21.75 -25.07
C GLN D 535 59.38 22.53 -23.76
N LYS D 536 58.24 22.94 -23.21
CA LYS D 536 58.13 23.78 -22.02
C LYS D 536 58.57 25.21 -22.36
N ASP D 537 59.09 25.40 -23.57
CA ASP D 537 59.39 26.70 -24.14
C ASP D 537 59.00 26.71 -25.61
N ALA D 538 57.85 26.10 -25.91
CA ALA D 538 57.43 25.94 -27.30
C ALA D 538 57.14 27.31 -27.92
N PRO D 539 57.72 27.62 -29.07
CA PRO D 539 57.44 28.90 -29.71
C PRO D 539 56.04 28.95 -30.31
N ASP D 540 55.13 29.67 -29.67
CA ASP D 540 53.78 29.85 -30.17
C ASP D 540 53.37 31.30 -29.93
N HIS D 541 52.10 31.59 -30.19
CA HIS D 541 51.60 32.97 -30.22
C HIS D 541 50.75 33.32 -29.01
N GLN D 542 51.09 32.79 -27.82
CA GLN D 542 50.40 33.21 -26.60
C GLN D 542 50.97 34.56 -26.18
N GLU D 543 50.29 35.64 -26.60
CA GLU D 543 50.72 37.00 -26.26
C GLU D 543 49.53 37.85 -25.86
N LEU D 544 48.52 37.24 -25.24
CA LEU D 544 47.27 37.93 -24.92
C LEU D 544 47.38 38.48 -23.51
N ASN D 545 47.60 39.79 -23.41
CA ASN D 545 47.57 40.49 -22.12
C ASN D 545 46.87 41.82 -22.26
N LEU D 546 45.78 41.84 -23.03
CA LEU D 546 45.08 43.09 -23.30
C LEU D 546 44.46 43.66 -22.03
N ASP D 547 44.52 44.98 -21.90
CA ASP D 547 43.80 45.72 -20.88
C ASP D 547 42.97 46.79 -21.58
N VAL D 548 41.65 46.67 -21.49
CA VAL D 548 40.73 47.54 -22.20
C VAL D 548 39.97 48.38 -21.19
N SER D 549 39.88 49.68 -21.46
CA SER D 549 39.16 50.63 -20.61
C SER D 549 38.07 51.31 -21.41
N LEU D 550 36.96 51.63 -20.76
CA LEU D 550 35.79 52.21 -21.41
C LEU D 550 35.54 53.59 -20.84
N GLN D 551 35.33 54.56 -21.73
CA GLN D 551 35.01 55.94 -21.34
C GLN D 551 33.50 56.10 -21.38
N LEU D 552 32.86 55.81 -20.26
CA LEU D 552 31.40 55.86 -20.21
C LEU D 552 30.92 57.29 -20.40
N PRO D 553 29.82 57.50 -21.12
CA PRO D 553 29.29 58.87 -21.27
C PRO D 553 28.90 59.51 -19.96
N SER D 554 28.40 58.73 -19.00
CA SER D 554 28.05 59.28 -17.70
C SER D 554 29.26 59.81 -16.94
N ARG D 555 30.46 59.31 -17.26
CA ARG D 555 31.71 59.76 -16.63
C ARG D 555 31.69 59.55 -15.13
N SER D 556 30.93 58.55 -14.65
CA SER D 556 30.90 58.27 -13.22
C SER D 556 32.26 57.79 -12.74
N SER D 557 32.91 56.92 -13.52
CA SER D 557 34.24 56.40 -13.17
C SER D 557 34.85 55.83 -14.45
N LYS D 558 35.94 55.09 -14.30
CA LYS D 558 36.62 54.43 -15.40
C LYS D 558 36.41 52.93 -15.27
N ILE D 559 35.86 52.31 -16.32
CA ILE D 559 35.59 50.88 -16.33
C ILE D 559 36.64 50.22 -17.22
N THR D 560 37.47 49.36 -16.62
CA THR D 560 38.55 48.69 -17.31
C THR D 560 38.55 47.21 -16.94
N HIS D 561 38.97 46.38 -17.90
CA HIS D 561 39.08 44.94 -17.69
C HIS D 561 40.26 44.42 -18.49
N ARG D 562 40.80 43.30 -18.02
CA ARG D 562 41.99 42.71 -18.62
C ARG D 562 41.67 41.32 -19.16
N ILE D 563 42.20 41.02 -20.33
CA ILE D 563 42.02 39.73 -20.98
C ILE D 563 43.38 39.06 -21.10
N HIS D 564 43.49 37.86 -20.53
CA HIS D 564 44.73 37.09 -20.58
C HIS D 564 44.49 35.78 -21.30
N TRP D 565 45.56 34.98 -21.41
CA TRP D 565 45.45 33.68 -22.07
C TRP D 565 44.48 32.77 -21.34
N GLU D 566 44.54 32.77 -19.99
CA GLU D 566 43.58 32.01 -19.21
C GLU D 566 42.17 32.58 -19.33
N SER D 567 42.04 33.83 -19.78
CA SER D 567 40.74 34.47 -19.98
C SER D 567 40.47 34.76 -21.45
N ALA D 568 41.06 33.95 -22.34
CA ALA D 568 40.86 34.16 -23.78
C ALA D 568 39.42 33.87 -24.19
N SER D 569 38.71 33.03 -23.44
CA SER D 569 37.31 32.74 -23.69
C SER D 569 36.40 33.38 -22.65
N LEU D 570 36.90 34.37 -21.91
CA LEU D 570 36.11 35.05 -20.89
C LEU D 570 35.31 36.18 -21.54
N LEU D 571 33.99 36.04 -21.55
CA LEU D 571 33.11 37.05 -22.09
C LEU D 571 32.54 37.88 -20.95
N ARG D 572 32.85 39.17 -20.96
CA ARG D 572 32.33 40.10 -19.98
C ARG D 572 31.29 40.99 -20.65
N SER D 573 30.10 41.06 -20.05
CA SER D 573 29.01 41.83 -20.60
C SER D 573 28.84 43.12 -19.79
N GLU D 574 28.65 44.22 -20.50
CA GLU D 574 28.45 45.53 -19.88
C GLU D 574 27.04 46.01 -20.24
N GLU D 575 26.30 46.44 -19.22
CA GLU D 575 24.92 46.87 -19.40
C GLU D 575 24.82 48.37 -19.14
N THR D 576 24.30 49.10 -20.12
CA THR D 576 24.11 50.54 -20.02
C THR D 576 22.68 50.89 -20.35
N LYS D 577 22.10 51.80 -19.57
CA LYS D 577 20.73 52.24 -19.78
C LYS D 577 20.63 53.49 -20.66
N GLU D 578 21.76 54.05 -21.06
CA GLU D 578 21.80 55.28 -21.83
C GLU D 578 22.54 55.05 -23.14
N ASN D 579 21.98 55.60 -24.23
CA ASN D 579 22.57 55.47 -25.56
C ASN D 579 23.36 56.74 -25.85
N GLU D 580 24.69 56.65 -25.74
CA GLU D 580 25.55 57.79 -26.03
C GLU D 580 26.92 57.29 -26.45
N GLY D 581 27.63 58.13 -27.19
CA GLY D 581 28.95 57.74 -27.67
C GLY D 581 29.93 57.55 -26.52
N PHE D 582 30.68 56.44 -26.57
CA PHE D 582 31.66 56.13 -25.55
C PHE D 582 32.96 55.70 -26.22
N THR D 583 34.07 56.01 -25.56
CA THR D 583 35.40 55.78 -26.11
C THR D 583 36.01 54.53 -25.49
N VAL D 584 36.55 53.67 -26.34
CA VAL D 584 37.17 52.41 -25.91
C VAL D 584 38.67 52.49 -26.20
N THR D 585 39.46 52.16 -25.19
CA THR D 585 40.92 52.14 -25.32
C THR D 585 41.40 50.70 -25.22
N ALA D 586 42.15 50.26 -26.22
CA ALA D 586 42.72 48.92 -26.25
C ALA D 586 44.23 49.01 -26.11
N GLU D 587 44.77 48.31 -25.11
CA GLU D 587 46.20 48.35 -24.83
C GLU D 587 46.68 46.95 -24.48
N GLY D 588 47.97 46.71 -24.69
CA GLY D 588 48.56 45.43 -24.42
C GLY D 588 48.72 44.59 -25.68
N LYS D 589 49.61 43.61 -25.61
CA LYS D 589 49.84 42.71 -26.73
C LYS D 589 48.65 41.78 -26.93
N GLY D 590 48.42 41.37 -28.17
CA GLY D 590 47.33 40.49 -28.52
C GLY D 590 46.26 41.20 -29.33
N GLN D 591 45.19 40.46 -29.62
CA GLN D 591 44.09 40.98 -30.39
C GLN D 591 42.78 40.71 -29.66
N GLY D 592 41.82 41.61 -29.83
CA GLY D 592 40.55 41.50 -29.15
C GLY D 592 39.40 41.82 -30.08
N THR D 593 38.20 41.43 -29.64
CA THR D 593 36.98 41.61 -30.39
C THR D 593 35.97 42.42 -29.58
N LEU D 594 35.31 43.36 -30.23
CA LEU D 594 34.30 44.20 -29.60
C LEU D 594 33.00 44.10 -30.39
N SER D 595 31.89 43.94 -29.68
CA SER D 595 30.57 43.93 -30.28
C SER D 595 29.60 44.66 -29.39
N VAL D 596 28.78 45.52 -29.97
CA VAL D 596 27.77 46.28 -29.26
C VAL D 596 26.41 46.02 -29.89
N VAL D 597 25.41 45.71 -29.07
CA VAL D 597 24.07 45.40 -29.52
C VAL D 597 23.09 46.18 -28.66
N THR D 598 22.15 46.86 -29.30
CA THR D 598 21.11 47.62 -28.60
C THR D 598 19.76 47.00 -28.89
N MET D 599 18.88 47.01 -27.89
CA MET D 599 17.56 46.39 -27.97
C MET D 599 16.52 47.38 -27.46
N TYR D 600 15.44 47.54 -28.21
CA TYR D 600 14.41 48.51 -27.85
C TYR D 600 13.13 48.20 -28.62
N HIS D 601 12.11 49.01 -28.37
CA HIS D 601 10.81 48.85 -29.00
C HIS D 601 10.71 49.78 -30.21
N ALA D 602 10.27 49.24 -31.33
CA ALA D 602 10.13 49.99 -32.57
C ALA D 602 8.66 50.16 -32.91
N LYS D 603 8.31 51.34 -33.41
CA LYS D 603 6.93 51.62 -33.78
C LYS D 603 6.47 50.67 -34.88
N ALA D 604 5.20 50.27 -34.80
CA ALA D 604 4.66 49.30 -35.75
C ALA D 604 4.61 49.90 -37.15
N LYS D 605 5.09 49.14 -38.13
CA LYS D 605 5.07 49.56 -39.53
C LYS D 605 3.77 49.07 -40.18
N ASP D 606 2.67 49.64 -39.70
CA ASP D 606 1.32 49.29 -40.16
C ASP D 606 1.07 47.79 -40.02
N GLN D 607 1.43 47.24 -38.86
CA GLN D 607 1.18 45.85 -38.54
C GLN D 607 -0.14 45.76 -37.77
N LEU D 608 -1.07 44.97 -38.29
CA LEU D 608 -2.41 44.87 -37.74
C LEU D 608 -2.54 43.61 -36.90
N THR D 609 -3.39 43.71 -35.86
CA THR D 609 -3.61 42.57 -34.97
C THR D 609 -4.25 41.40 -35.71
N CYS D 610 -5.32 41.67 -36.46
CA CYS D 610 -5.99 40.63 -37.25
C CYS D 610 -5.21 40.39 -38.53
N ASN D 611 -4.25 39.47 -38.44
CA ASN D 611 -3.55 38.99 -39.61
C ASN D 611 -4.11 37.64 -40.02
N LYS D 612 -3.99 37.36 -41.32
CA LYS D 612 -4.36 36.11 -41.99
C LYS D 612 -5.80 35.66 -41.71
N PHE D 613 -6.64 36.52 -41.12
CA PHE D 613 -8.08 36.32 -41.03
C PHE D 613 -8.80 37.59 -41.46
N ASP D 614 -10.08 37.45 -41.76
CA ASP D 614 -10.91 38.60 -42.11
C ASP D 614 -12.29 38.37 -41.50
N LEU D 615 -12.56 39.05 -40.39
CA LEU D 615 -13.84 38.98 -39.71
C LEU D 615 -14.61 40.27 -39.97
N LYS D 616 -15.90 40.13 -40.25
CA LYS D 616 -16.77 41.29 -40.48
C LYS D 616 -18.09 41.01 -39.77
N VAL D 617 -18.18 41.40 -38.50
CA VAL D 617 -19.32 41.10 -37.66
C VAL D 617 -20.34 42.22 -37.76
N THR D 618 -21.58 41.87 -38.05
CA THR D 618 -22.63 42.83 -38.29
C THR D 618 -23.85 42.45 -37.46
N ILE D 619 -24.55 43.47 -36.95
CA ILE D 619 -25.85 43.28 -36.34
C ILE D 619 -26.82 44.27 -36.98
N LYS D 620 -28.10 43.91 -36.99
CA LYS D 620 -29.14 44.73 -37.62
C LYS D 620 -30.50 44.39 -37.03
N PRO D 621 -31.36 45.38 -36.81
CA PRO D 621 -32.73 45.07 -36.39
C PRO D 621 -33.49 44.31 -37.48
N ALA D 622 -34.38 43.43 -37.04
CA ALA D 622 -35.15 42.61 -37.97
C ALA D 622 -36.27 43.41 -38.62
N ASN D 634 -38.46 41.65 -29.40
CA ASN D 634 -37.08 42.09 -29.56
C ASN D 634 -36.26 41.05 -30.30
N THR D 635 -35.98 41.32 -31.56
CA THR D 635 -35.23 40.41 -32.42
C THR D 635 -34.09 41.15 -33.10
N MET D 636 -32.96 40.49 -33.24
CA MET D 636 -31.80 41.05 -33.92
C MET D 636 -31.16 39.94 -34.73
N ILE D 637 -30.96 40.15 -36.03
CA ILE D 637 -30.32 39.17 -36.88
C ILE D 637 -28.82 39.46 -36.88
N LEU D 638 -28.05 38.51 -36.36
CA LEU D 638 -26.61 38.65 -36.24
C LEU D 638 -25.95 37.74 -37.26
N GLU D 639 -25.05 38.30 -38.07
CA GLU D 639 -24.41 37.57 -39.15
C GLU D 639 -22.91 37.85 -39.14
N ILE D 640 -22.12 36.80 -39.02
CA ILE D 640 -20.68 36.89 -38.83
C ILE D 640 -20.03 36.34 -40.08
N CYS D 641 -19.30 37.17 -40.81
CA CYS D 641 -18.69 36.74 -42.07
C CYS D 641 -17.19 36.66 -41.94
N THR D 642 -16.64 35.49 -42.28
CA THR D 642 -15.24 35.15 -42.07
C THR D 642 -14.56 34.86 -43.40
N ARG D 643 -13.23 34.90 -43.38
CA ARG D 643 -12.43 34.46 -44.53
C ARG D 643 -11.01 34.20 -44.05
N TYR D 644 -10.27 33.46 -44.86
CA TYR D 644 -8.87 33.16 -44.59
C TYR D 644 -8.02 33.87 -45.63
N ARG D 645 -7.01 34.60 -45.18
CA ARG D 645 -6.17 35.39 -46.08
C ARG D 645 -5.03 34.59 -46.70
N GLY D 646 -4.88 33.33 -46.34
CA GLY D 646 -3.79 32.51 -46.86
C GLY D 646 -4.05 32.04 -48.28
N ASP D 647 -3.04 31.34 -48.81
CA ASP D 647 -3.11 30.81 -50.16
C ASP D 647 -3.85 29.47 -50.25
N GLN D 648 -4.10 28.82 -49.12
CA GLN D 648 -4.72 27.51 -49.09
C GLN D 648 -6.01 27.56 -48.28
N ASP D 649 -6.77 26.47 -48.36
CA ASP D 649 -7.98 26.35 -47.56
C ASP D 649 -7.62 26.22 -46.09
N ALA D 650 -8.44 26.82 -45.23
CA ALA D 650 -8.13 26.87 -43.81
C ALA D 650 -8.36 25.52 -43.15
N THR D 651 -7.66 25.32 -42.03
CA THR D 651 -7.87 24.16 -41.19
C THR D 651 -9.10 24.40 -40.32
N MET D 652 -9.29 23.58 -39.29
CA MET D 652 -10.43 23.72 -38.40
C MET D 652 -10.26 24.96 -37.52
N SER D 653 -11.30 25.79 -37.46
CA SER D 653 -11.25 27.05 -36.74
C SER D 653 -12.37 27.11 -35.72
N ILE D 654 -12.18 27.90 -34.68
CA ILE D 654 -13.16 28.07 -33.62
C ILE D 654 -13.75 29.46 -33.75
N LEU D 655 -15.02 29.54 -34.09
CA LEU D 655 -15.74 30.80 -34.18
C LEU D 655 -16.42 31.01 -32.84
N ASP D 656 -15.83 31.87 -32.02
CA ASP D 656 -16.33 32.13 -30.68
C ASP D 656 -17.23 33.34 -30.68
N ILE D 657 -18.25 33.31 -29.84
CA ILE D 657 -19.20 34.40 -29.69
C ILE D 657 -19.41 34.66 -28.21
N SER D 658 -19.45 35.94 -27.83
CA SER D 658 -19.67 36.33 -26.44
C SER D 658 -20.70 37.45 -26.42
N MET D 659 -21.93 37.10 -26.06
CA MET D 659 -23.04 38.01 -26.25
C MET D 659 -22.96 39.20 -25.31
N MET D 660 -23.86 40.14 -25.52
CA MET D 660 -23.89 41.40 -24.78
C MET D 660 -24.45 41.17 -23.39
N THR D 661 -24.90 42.24 -22.74
CA THR D 661 -25.69 42.08 -21.53
C THR D 661 -27.15 41.86 -21.90
N GLY D 662 -27.77 40.88 -21.26
CA GLY D 662 -29.19 40.66 -21.44
C GLY D 662 -29.61 40.37 -22.87
N PHE D 663 -28.81 39.60 -23.59
CA PHE D 663 -29.17 39.17 -24.94
C PHE D 663 -28.82 37.70 -25.09
N ALA D 664 -29.75 36.93 -25.64
CA ALA D 664 -29.55 35.50 -25.76
C ALA D 664 -29.90 35.04 -27.17
N PRO D 665 -29.26 33.97 -27.66
CA PRO D 665 -29.58 33.49 -29.00
C PRO D 665 -30.97 32.90 -29.05
N ASP D 666 -31.59 33.01 -30.22
CA ASP D 666 -32.87 32.35 -30.44
C ASP D 666 -32.64 30.86 -30.63
N THR D 667 -33.23 30.05 -29.74
CA THR D 667 -32.94 28.63 -29.71
C THR D 667 -33.49 27.87 -30.91
N ASP D 668 -34.34 28.51 -31.73
CA ASP D 668 -34.86 27.82 -32.91
C ASP D 668 -33.81 27.73 -34.01
N ASP D 669 -33.01 28.78 -34.19
CA ASP D 669 -32.03 28.81 -35.26
C ASP D 669 -30.82 27.93 -34.95
N LEU D 670 -30.40 27.91 -33.69
CA LEU D 670 -29.22 27.12 -33.33
C LEU D 670 -29.43 25.65 -33.64
N LYS D 671 -30.67 25.18 -33.67
CA LYS D 671 -30.91 23.78 -33.99
C LYS D 671 -30.45 23.44 -35.40
N GLN D 672 -30.88 24.23 -36.40
CA GLN D 672 -30.43 23.91 -37.74
C GLN D 672 -28.98 24.35 -37.99
N LEU D 673 -28.48 25.32 -37.22
CA LEU D 673 -27.05 25.62 -37.31
C LEU D 673 -26.21 24.43 -36.88
N ALA D 674 -26.57 23.80 -35.76
CA ALA D 674 -25.88 22.58 -35.35
C ALA D 674 -26.12 21.45 -36.35
N ASN D 675 -27.34 21.36 -36.87
CA ASN D 675 -27.68 20.34 -37.86
C ASN D 675 -26.96 20.55 -39.17
N GLY D 676 -26.66 21.79 -39.55
CA GLY D 676 -26.07 22.08 -40.83
C GLY D 676 -24.71 21.44 -41.04
N VAL D 677 -24.16 21.69 -42.23
CA VAL D 677 -22.91 21.08 -42.66
C VAL D 677 -21.75 21.97 -42.27
N ASP D 678 -20.71 21.36 -41.70
CA ASP D 678 -19.47 22.05 -41.33
C ASP D 678 -19.70 23.17 -40.31
N ARG D 679 -20.69 23.00 -39.45
CA ARG D 679 -20.90 23.88 -38.30
C ARG D 679 -21.38 23.02 -37.15
N TYR D 680 -20.55 22.83 -36.15
CA TYR D 680 -20.85 21.94 -35.03
C TYR D 680 -20.83 22.72 -33.74
N ILE D 681 -21.92 22.63 -32.98
CA ILE D 681 -22.06 23.27 -31.68
C ILE D 681 -22.20 22.19 -30.63
N SER D 682 -21.48 22.35 -29.53
CA SER D 682 -21.43 21.31 -28.51
C SER D 682 -22.82 21.04 -27.95
N LYS D 683 -23.11 19.77 -27.69
CA LYS D 683 -24.41 19.39 -27.17
C LYS D 683 -24.69 20.05 -25.81
N TYR D 684 -23.66 20.17 -24.98
CA TYR D 684 -23.83 20.78 -23.67
C TYR D 684 -24.28 22.22 -23.80
N GLU D 685 -23.69 22.97 -24.74
CA GLU D 685 -24.13 24.34 -24.94
C GLU D 685 -25.52 24.39 -25.57
N LEU D 686 -25.90 23.36 -26.33
CA LEU D 686 -27.17 23.38 -27.02
C LEU D 686 -28.34 23.09 -26.09
N ASP D 687 -28.16 22.17 -25.14
CA ASP D 687 -29.29 21.74 -24.31
C ASP D 687 -29.67 22.76 -23.25
N LYS D 688 -28.69 23.46 -22.67
CA LYS D 688 -29.00 24.42 -21.61
C LYS D 688 -29.69 25.66 -22.18
N ALA D 689 -29.00 26.41 -23.03
CA ALA D 689 -29.55 27.55 -23.74
C ALA D 689 -30.36 28.46 -22.83
N PHE D 690 -31.50 28.95 -23.31
CA PHE D 690 -32.41 29.78 -22.54
C PHE D 690 -31.74 31.08 -22.11
N SER D 691 -32.27 31.73 -21.09
CA SER D 691 -31.70 32.97 -20.58
C SER D 691 -30.35 32.75 -19.90
N ASP D 692 -29.98 31.51 -19.62
CA ASP D 692 -28.78 31.21 -18.86
C ASP D 692 -27.49 31.46 -19.65
N ARG D 693 -27.54 31.48 -20.97
CA ARG D 693 -26.33 31.50 -21.80
C ARG D 693 -26.13 32.88 -22.41
N ASN D 694 -25.01 33.52 -22.05
CA ASN D 694 -24.53 34.72 -22.71
C ASN D 694 -23.26 34.47 -23.50
N THR D 695 -22.90 33.20 -23.70
CA THR D 695 -21.63 32.86 -24.35
C THR D 695 -21.82 31.60 -25.17
N LEU D 696 -21.66 31.72 -26.48
CA LEU D 696 -21.84 30.60 -27.40
C LEU D 696 -20.55 30.34 -28.16
N ILE D 697 -20.21 29.08 -28.36
CA ILE D 697 -19.01 28.68 -29.08
C ILE D 697 -19.44 27.87 -30.29
N ILE D 698 -18.86 28.17 -31.45
CA ILE D 698 -19.19 27.50 -32.71
C ILE D 698 -17.90 27.00 -33.33
N TYR D 699 -17.85 25.71 -33.66
CA TYR D 699 -16.69 25.12 -34.32
C TYR D 699 -16.94 25.09 -35.82
N LEU D 700 -15.95 25.51 -36.59
CA LEU D 700 -16.02 25.50 -38.04
C LEU D 700 -15.14 24.40 -38.60
N ASP D 701 -15.71 23.57 -39.47
CA ASP D 701 -14.90 22.54 -40.12
C ASP D 701 -13.88 23.18 -41.07
N LYS D 702 -14.29 24.17 -41.83
CA LYS D 702 -13.38 24.84 -42.75
C LYS D 702 -13.80 26.28 -42.91
N VAL D 703 -12.80 27.14 -43.15
CA VAL D 703 -13.02 28.55 -43.42
C VAL D 703 -12.55 28.83 -44.83
N SER D 704 -13.45 29.31 -45.68
CA SER D 704 -13.12 29.50 -47.08
C SER D 704 -12.08 30.61 -47.23
N HIS D 705 -11.09 30.38 -48.09
CA HIS D 705 -10.05 31.35 -48.35
C HIS D 705 -10.23 32.08 -49.67
N SER D 706 -11.30 31.80 -50.40
CA SER D 706 -11.58 32.49 -51.65
C SER D 706 -12.93 33.17 -51.69
N GLU D 707 -13.95 32.62 -51.04
CA GLU D 707 -15.26 33.24 -50.94
C GLU D 707 -15.60 33.48 -49.47
N ASP D 708 -16.76 34.09 -49.24
CA ASP D 708 -17.21 34.42 -47.88
C ASP D 708 -18.49 33.62 -47.59
N ASP D 709 -18.32 32.41 -47.07
CA ASP D 709 -19.44 31.66 -46.52
C ASP D 709 -19.62 32.05 -45.06
N CYS D 710 -20.81 32.51 -44.71
CA CYS D 710 -21.02 32.99 -43.36
C CYS D 710 -22.47 32.80 -42.94
N LEU D 711 -22.67 32.79 -41.63
CA LEU D 711 -23.90 32.35 -40.98
C LEU D 711 -24.65 33.55 -40.43
N ALA D 712 -25.87 33.29 -39.96
CA ALA D 712 -26.73 34.36 -39.46
C ALA D 712 -27.83 33.76 -38.61
N PHE D 713 -27.90 34.18 -37.35
CA PHE D 713 -28.94 33.70 -36.45
C PHE D 713 -29.39 34.82 -35.54
N LYS D 714 -30.60 34.67 -34.99
CA LYS D 714 -31.29 35.74 -34.29
C LYS D 714 -30.97 35.70 -32.80
N VAL D 715 -30.95 36.88 -32.18
CA VAL D 715 -30.74 37.03 -30.75
C VAL D 715 -31.84 37.92 -30.19
N HIS D 716 -32.43 37.50 -29.07
CA HIS D 716 -33.53 38.23 -28.46
C HIS D 716 -33.02 39.06 -27.28
N GLN D 717 -33.95 39.77 -26.64
CA GLN D 717 -33.66 40.55 -25.44
C GLN D 717 -34.76 40.29 -24.42
N TYR D 718 -34.35 40.17 -23.16
CA TYR D 718 -35.31 39.94 -22.09
C TYR D 718 -35.07 40.75 -20.82
N PHE D 719 -33.86 41.25 -20.57
CA PHE D 719 -33.61 41.99 -19.35
C PHE D 719 -33.92 43.48 -19.47
N ASN D 720 -33.78 44.07 -20.66
CA ASN D 720 -34.12 45.46 -20.90
C ASN D 720 -33.37 46.38 -19.94
N VAL D 721 -32.05 46.35 -20.02
CA VAL D 721 -31.19 47.23 -19.25
C VAL D 721 -30.49 48.16 -20.21
N GLU D 722 -30.51 49.46 -19.90
CA GLU D 722 -29.76 50.41 -20.71
C GLU D 722 -28.28 50.36 -20.35
N LEU D 723 -27.47 51.02 -21.17
CA LEU D 723 -26.01 50.98 -21.06
C LEU D 723 -25.50 49.55 -21.26
N ILE D 724 -25.72 49.04 -22.47
CA ILE D 724 -25.37 47.67 -22.82
C ILE D 724 -23.87 47.56 -23.05
N GLN D 725 -23.28 46.50 -22.55
CA GLN D 725 -21.88 46.21 -22.82
C GLN D 725 -21.73 45.67 -24.23
N PRO D 726 -20.83 46.21 -25.03
CA PRO D 726 -20.58 45.65 -26.36
C PRO D 726 -20.09 44.22 -26.26
N GLY D 727 -20.53 43.40 -27.21
CA GLY D 727 -20.18 41.99 -27.22
C GLY D 727 -18.79 41.76 -27.76
N ALA D 728 -18.58 40.57 -28.30
CA ALA D 728 -17.29 40.23 -28.88
C ALA D 728 -17.46 39.02 -29.80
N VAL D 729 -16.60 38.95 -30.80
CA VAL D 729 -16.48 37.79 -31.67
C VAL D 729 -15.00 37.53 -31.91
N LYS D 730 -14.57 36.29 -31.77
CA LYS D 730 -13.15 35.99 -31.83
C LYS D 730 -12.94 34.65 -32.53
N VAL D 731 -12.15 34.65 -33.59
CA VAL D 731 -11.86 33.42 -34.33
C VAL D 731 -10.37 33.14 -34.23
N TYR D 732 -10.02 31.86 -34.28
CA TYR D 732 -8.62 31.49 -34.28
C TYR D 732 -8.49 30.03 -34.65
N ALA D 733 -7.55 29.73 -35.54
CA ALA D 733 -7.27 28.33 -35.86
C ALA D 733 -6.74 27.63 -34.62
N TYR D 734 -7.08 26.35 -34.48
CA TYR D 734 -6.83 25.66 -33.23
C TYR D 734 -5.35 25.52 -32.92
N TYR D 735 -4.49 25.49 -33.94
CA TYR D 735 -3.10 25.15 -33.69
C TYR D 735 -2.35 26.25 -32.94
N ASN D 736 -2.90 27.45 -32.83
CA ASN D 736 -2.26 28.50 -32.04
C ASN D 736 -3.31 29.48 -31.55
N LEU D 737 -2.92 30.26 -30.55
CA LEU D 737 -3.79 31.29 -30.00
C LEU D 737 -3.26 32.69 -30.21
N GLU D 738 -1.95 32.88 -30.35
CA GLU D 738 -1.40 34.22 -30.48
C GLU D 738 -1.82 34.89 -31.78
N GLU D 739 -2.23 34.11 -32.76
CA GLU D 739 -2.67 34.63 -34.05
C GLU D 739 -4.18 34.42 -34.15
N SER D 740 -4.94 35.51 -34.00
CA SER D 740 -6.38 35.44 -33.97
C SER D 740 -6.95 36.73 -34.55
N CYS D 741 -8.21 36.99 -34.25
CA CYS D 741 -8.86 38.23 -34.62
C CYS D 741 -9.95 38.52 -33.60
N THR D 742 -10.41 39.76 -33.58
CA THR D 742 -11.44 40.18 -32.63
C THR D 742 -12.27 41.29 -33.25
N ARG D 743 -13.58 41.20 -33.11
CA ARG D 743 -14.47 42.27 -33.50
C ARG D 743 -15.55 42.43 -32.44
N PHE D 744 -16.02 43.65 -32.27
CA PHE D 744 -17.05 43.94 -31.29
C PHE D 744 -18.28 44.46 -32.01
N TYR D 745 -19.44 43.89 -31.69
CA TYR D 745 -20.69 44.32 -32.28
C TYR D 745 -21.53 45.01 -31.22
N HIS D 746 -22.06 46.18 -31.56
CA HIS D 746 -22.92 46.95 -30.70
C HIS D 746 -24.11 47.41 -31.53
N PRO D 747 -25.31 47.38 -30.98
CA PRO D 747 -26.49 47.76 -31.78
C PRO D 747 -26.44 49.18 -32.30
N GLU D 748 -25.89 50.12 -31.53
CA GLU D 748 -25.91 51.53 -31.93
C GLU D 748 -24.54 52.04 -32.37
N LYS D 749 -23.49 51.77 -31.60
CA LYS D 749 -22.14 52.13 -32.02
C LYS D 749 -21.72 51.27 -33.23
N GLU D 750 -20.94 51.88 -34.12
CA GLU D 750 -20.58 51.19 -35.36
C GLU D 750 -19.74 49.95 -35.08
N ASP D 751 -18.78 50.05 -34.16
CA ASP D 751 -17.95 48.92 -33.78
C ASP D 751 -17.91 48.72 -32.28
N GLY D 752 -18.60 49.56 -31.51
CA GLY D 752 -18.62 49.41 -30.07
C GLY D 752 -17.26 49.58 -29.45
N LYS D 753 -16.53 50.60 -29.89
CA LYS D 753 -15.19 50.86 -29.38
C LYS D 753 -15.21 51.83 -28.21
N LEU D 754 -16.41 52.24 -27.75
CA LEU D 754 -16.59 53.21 -26.68
C LEU D 754 -16.08 54.59 -27.11
N ASN D 755 -16.67 55.65 -26.55
CA ASN D 755 -16.18 56.98 -26.87
C ASN D 755 -14.81 57.19 -26.22
N LYS D 756 -13.83 57.59 -27.03
CA LYS D 756 -12.46 57.77 -26.54
C LYS D 756 -11.90 59.03 -27.18
N LEU D 757 -11.99 60.14 -26.47
CA LEU D 757 -11.38 61.37 -26.95
C LEU D 757 -9.88 61.31 -26.74
N CYS D 758 -9.13 61.21 -27.83
CA CYS D 758 -7.68 61.01 -27.76
C CYS D 758 -6.97 62.10 -28.55
N ARG D 759 -5.97 62.71 -27.94
CA ARG D 759 -5.10 63.66 -28.60
C ARG D 759 -3.71 63.06 -28.72
N ASP D 760 -3.16 63.06 -29.93
CA ASP D 760 -1.85 62.48 -30.19
C ASP D 760 -1.81 61.02 -29.76
N GLU D 761 -1.33 60.77 -28.54
CA GLU D 761 -1.27 59.41 -28.01
C GLU D 761 -1.75 59.32 -26.56
N LEU D 762 -2.33 60.39 -26.03
CA LEU D 762 -2.85 60.41 -24.66
C LEU D 762 -4.37 60.26 -24.74
N CYS D 763 -4.83 59.01 -24.72
CA CYS D 763 -6.24 58.71 -24.85
C CYS D 763 -6.93 58.76 -23.49
N ARG D 764 -8.24 59.03 -23.53
CA ARG D 764 -9.08 59.02 -22.34
C ARG D 764 -10.52 59.00 -22.80
N CYS D 765 -11.39 58.39 -22.00
CA CYS D 765 -12.79 58.20 -22.37
C CYS D 765 -13.69 59.09 -21.51
N ALA D 766 -14.81 59.48 -22.10
CA ALA D 766 -15.74 60.44 -21.51
C ALA D 766 -17.17 59.92 -21.62
N GLU D 767 -17.39 58.70 -21.16
CA GLU D 767 -18.70 58.06 -21.30
C GLU D 767 -19.72 58.72 -20.37
N GLU D 768 -20.36 59.77 -20.88
CA GLU D 768 -21.39 60.50 -20.15
C GLU D 768 -22.14 61.37 -21.15
N ASN D 769 -23.11 62.13 -20.63
CA ASN D 769 -23.88 63.02 -21.48
C ASN D 769 -23.08 64.27 -21.84
N CYS D 770 -23.49 64.93 -22.93
CA CYS D 770 -22.90 66.21 -23.29
C CYS D 770 -23.32 67.30 -22.31
N PHE D 771 -24.61 67.40 -22.04
CA PHE D 771 -25.16 68.41 -21.15
C PHE D 771 -26.58 68.00 -20.80
N ILE D 772 -27.22 68.78 -19.93
CA ILE D 772 -28.59 68.54 -19.53
C ILE D 772 -29.53 69.12 -20.57
N GLN D 773 -30.50 68.31 -21.03
CA GLN D 773 -31.48 68.76 -22.01
C GLN D 773 -32.55 69.57 -21.28
N LYS D 774 -32.19 70.81 -20.96
CA LYS D 774 -33.06 71.71 -20.22
C LYS D 774 -33.93 72.49 -21.19
N SER D 775 -35.26 72.40 -21.01
CA SER D 775 -36.21 73.12 -21.83
C SER D 775 -36.62 74.46 -21.20
N ASP D 776 -35.86 74.94 -20.22
CA ASP D 776 -36.14 76.19 -19.51
C ASP D 776 -37.51 76.13 -18.82
N ASP D 777 -37.94 74.93 -18.42
CA ASP D 777 -39.20 74.79 -17.71
C ASP D 777 -39.11 75.38 -16.31
N LYS D 778 -37.98 75.19 -15.63
CA LYS D 778 -37.76 75.74 -14.30
C LYS D 778 -37.05 77.08 -14.45
N VAL D 779 -37.84 78.15 -14.58
CA VAL D 779 -37.29 79.49 -14.73
C VAL D 779 -36.71 80.04 -13.45
N THR D 780 -36.93 79.37 -12.32
CA THR D 780 -36.39 79.80 -11.02
C THR D 780 -34.92 79.39 -10.95
N LEU D 781 -34.04 80.31 -11.35
CA LEU D 781 -32.61 80.05 -11.31
C LEU D 781 -32.05 80.07 -9.90
N GLU D 782 -32.84 80.50 -8.90
CA GLU D 782 -32.36 80.47 -7.52
C GLU D 782 -32.08 79.05 -7.06
N GLU D 783 -32.97 78.11 -7.41
CA GLU D 783 -32.75 76.71 -7.04
C GLU D 783 -31.48 76.17 -7.69
N ARG D 784 -31.26 76.50 -8.97
CA ARG D 784 -30.05 76.05 -9.65
C ARG D 784 -28.80 76.65 -9.00
N LEU D 785 -28.85 77.93 -8.64
CA LEU D 785 -27.71 78.56 -7.98
C LEU D 785 -27.43 77.90 -6.63
N ASP D 786 -28.48 77.60 -5.86
CA ASP D 786 -28.31 76.94 -4.58
C ASP D 786 -27.72 75.54 -4.75
N LYS D 787 -28.19 74.81 -5.76
CA LYS D 787 -27.69 73.46 -6.00
C LYS D 787 -26.26 73.47 -6.55
N ALA D 788 -25.85 74.56 -7.19
CA ALA D 788 -24.49 74.63 -7.74
C ALA D 788 -23.41 74.64 -6.68
N CYS D 789 -23.76 74.89 -5.41
CA CYS D 789 -22.79 74.88 -4.33
C CYS D 789 -22.47 73.47 -3.83
N GLU D 790 -22.86 72.44 -4.58
CA GLU D 790 -22.60 71.08 -4.17
C GLU D 790 -21.11 70.77 -4.23
N PRO D 791 -20.64 69.81 -3.44
CA PRO D 791 -19.20 69.44 -3.50
C PRO D 791 -18.76 68.94 -4.86
N GLY D 792 -19.68 68.45 -5.69
CA GLY D 792 -19.33 68.01 -7.02
C GLY D 792 -19.00 69.13 -7.98
N VAL D 793 -19.17 70.38 -7.57
CA VAL D 793 -18.85 71.55 -8.37
C VAL D 793 -17.59 72.19 -7.80
N ASP D 794 -16.62 72.49 -8.68
CA ASP D 794 -15.35 73.05 -8.27
C ASP D 794 -15.13 74.48 -8.77
N TYR D 795 -15.32 74.72 -10.06
CA TYR D 795 -15.02 76.01 -10.66
C TYR D 795 -16.21 76.55 -11.43
N VAL D 796 -16.41 77.86 -11.36
CA VAL D 796 -17.40 78.59 -12.15
C VAL D 796 -16.67 79.73 -12.85
N TYR D 797 -16.87 79.84 -14.17
CA TYR D 797 -16.12 80.79 -14.97
C TYR D 797 -17.05 81.64 -15.83
N LYS D 798 -16.63 82.88 -16.07
CA LYS D 798 -17.27 83.76 -17.03
C LYS D 798 -16.59 83.56 -18.38
N THR D 799 -17.33 83.03 -19.35
CA THR D 799 -16.77 82.69 -20.66
C THR D 799 -17.56 83.38 -21.76
N ARG D 800 -16.84 83.75 -22.82
CA ARG D 800 -17.45 84.34 -24.01
C ARG D 800 -16.79 83.72 -25.23
N LEU D 801 -17.60 83.08 -26.08
CA LEU D 801 -17.06 82.44 -27.27
C LEU D 801 -16.60 83.49 -28.28
N VAL D 802 -15.44 83.26 -28.87
CA VAL D 802 -14.85 84.16 -29.85
C VAL D 802 -14.82 83.53 -31.24
N LYS D 803 -14.21 82.35 -31.35
CA LYS D 803 -14.10 81.64 -32.62
C LYS D 803 -14.50 80.18 -32.43
N VAL D 804 -15.07 79.59 -33.48
CA VAL D 804 -15.53 78.21 -33.47
C VAL D 804 -14.71 77.43 -34.49
N GLN D 805 -14.16 76.29 -34.06
CA GLN D 805 -13.32 75.47 -34.91
C GLN D 805 -13.71 74.00 -34.76
N LEU D 806 -13.39 73.22 -35.78
CA LEU D 806 -13.67 71.79 -35.81
C LEU D 806 -12.37 71.00 -35.95
N SER D 807 -12.46 69.71 -35.63
CA SER D 807 -11.32 68.80 -35.74
C SER D 807 -11.85 67.45 -36.22
N ASN D 808 -11.02 66.42 -36.11
CA ASN D 808 -11.37 65.11 -36.63
C ASN D 808 -12.53 64.49 -35.84
N ASP D 809 -12.31 64.25 -34.55
CA ASP D 809 -13.32 63.61 -33.70
C ASP D 809 -13.74 64.50 -32.53
N PHE D 810 -13.48 65.80 -32.61
CA PHE D 810 -13.85 66.73 -31.56
C PHE D 810 -13.94 68.12 -32.15
N ASP D 811 -14.55 69.03 -31.39
CA ASP D 811 -14.68 70.42 -31.79
C ASP D 811 -14.11 71.32 -30.70
N GLU D 812 -13.37 72.34 -31.12
CA GLU D 812 -12.72 73.26 -30.20
C GLU D 812 -13.33 74.65 -30.35
N TYR D 813 -13.47 75.35 -29.22
CA TYR D 813 -14.04 76.68 -29.18
C TYR D 813 -13.05 77.65 -28.54
N ILE D 814 -13.00 78.87 -29.07
CA ILE D 814 -12.08 79.89 -28.59
C ILE D 814 -12.80 80.67 -27.48
N MET D 815 -12.49 80.35 -26.23
CA MET D 815 -13.07 81.03 -25.10
C MET D 815 -12.34 82.33 -24.79
N ALA D 816 -13.05 83.25 -24.15
CA ALA D 816 -12.49 84.53 -23.70
C ALA D 816 -12.87 84.70 -22.25
N ILE D 817 -11.94 84.38 -21.34
CA ILE D 817 -12.23 84.42 -19.92
C ILE D 817 -12.40 85.87 -19.47
N GLU D 818 -13.46 86.14 -18.71
CA GLU D 818 -13.73 87.45 -18.15
C GLU D 818 -13.33 87.55 -16.68
N GLN D 819 -13.75 86.58 -15.87
CA GLN D 819 -13.40 86.53 -14.46
C GLN D 819 -13.64 85.13 -13.92
N THR D 820 -12.81 84.74 -12.95
CA THR D 820 -12.96 83.44 -12.28
C THR D 820 -13.90 83.63 -11.09
N ILE D 821 -15.10 83.09 -11.19
CA ILE D 821 -16.12 83.34 -10.18
C ILE D 821 -15.75 82.65 -8.87
N LYS D 822 -15.37 81.37 -8.92
CA LYS D 822 -15.11 80.60 -7.72
C LYS D 822 -13.93 79.65 -7.98
N SER D 823 -12.73 80.12 -7.62
CA SER D 823 -11.50 79.31 -7.69
C SER D 823 -11.30 78.69 -9.06
N GLY D 824 -10.87 77.43 -9.08
CA GLY D 824 -10.64 76.73 -10.33
C GLY D 824 -9.43 75.82 -10.30
N SER D 825 -8.65 75.91 -9.23
CA SER D 825 -7.42 75.13 -9.07
C SER D 825 -6.47 75.34 -10.26
N ASP D 826 -6.43 76.57 -10.75
CA ASP D 826 -5.60 76.92 -11.90
C ASP D 826 -5.36 78.42 -11.87
N GLU D 827 -4.45 78.87 -12.73
CA GLU D 827 -4.18 80.29 -12.85
C GLU D 827 -5.41 81.03 -13.37
N VAL D 828 -5.73 82.15 -12.74
CA VAL D 828 -6.90 82.92 -13.15
C VAL D 828 -6.72 83.46 -14.55
N GLN D 829 -5.51 83.96 -14.86
CA GLN D 829 -5.15 84.46 -16.18
C GLN D 829 -5.98 85.69 -16.53
N VAL D 830 -7.26 85.49 -16.87
CA VAL D 830 -8.22 86.56 -17.12
C VAL D 830 -7.82 87.39 -18.33
N GLY D 831 -8.59 87.28 -19.41
CA GLY D 831 -8.37 88.08 -20.60
C GLY D 831 -7.56 87.42 -21.70
N GLN D 832 -7.31 86.12 -21.61
CA GLN D 832 -6.56 85.39 -22.63
C GLN D 832 -7.44 84.33 -23.26
N GLN D 833 -7.14 83.99 -24.51
CA GLN D 833 -7.93 83.01 -25.24
C GLN D 833 -7.78 81.63 -24.60
N ARG D 834 -8.89 80.88 -24.57
CA ARG D 834 -8.92 79.54 -24.03
C ARG D 834 -9.64 78.62 -25.00
N THR D 835 -9.28 77.34 -24.96
CA THR D 835 -9.81 76.34 -25.87
C THR D 835 -10.57 75.27 -25.09
N PHE D 836 -11.76 74.92 -25.55
CA PHE D 836 -12.57 73.88 -24.96
C PHE D 836 -12.66 72.70 -25.92
N ILE D 837 -12.36 71.50 -25.43
CA ILE D 837 -12.39 70.29 -26.24
C ILE D 837 -13.64 69.51 -25.86
N SER D 838 -14.50 69.25 -26.83
CA SER D 838 -15.75 68.55 -26.63
C SER D 838 -15.91 67.46 -27.67
N PRO D 839 -16.69 66.42 -27.37
CA PRO D 839 -16.90 65.35 -28.35
C PRO D 839 -17.62 65.87 -29.59
N ILE D 840 -17.34 65.22 -30.72
CA ILE D 840 -17.99 65.60 -31.98
C ILE D 840 -19.49 65.34 -31.93
N LYS D 841 -19.94 64.40 -31.11
CA LYS D 841 -21.37 64.16 -30.97
C LYS D 841 -22.06 65.32 -30.26
N CYS D 842 -21.34 66.06 -29.42
CA CYS D 842 -21.93 67.14 -28.66
C CYS D 842 -22.32 68.33 -29.53
N ARG D 843 -21.86 68.39 -30.78
CA ARG D 843 -22.31 69.44 -31.68
C ARG D 843 -23.79 69.30 -31.98
N GLU D 844 -24.28 68.06 -32.13
CA GLU D 844 -25.69 67.83 -32.41
C GLU D 844 -26.57 68.27 -31.24
N ALA D 845 -26.13 68.02 -30.01
CA ALA D 845 -26.94 68.35 -28.85
C ALA D 845 -27.16 69.85 -28.74
N LEU D 846 -26.11 70.64 -28.95
CA LEU D 846 -26.20 72.09 -28.92
C LEU D 846 -24.93 72.65 -29.54
N LYS D 847 -25.07 73.74 -30.29
CA LYS D 847 -23.95 74.44 -30.91
C LYS D 847 -23.78 75.80 -30.24
N LEU D 848 -22.58 76.05 -29.73
CA LEU D 848 -22.31 77.32 -29.06
C LEU D 848 -22.17 78.45 -30.08
N GLU D 849 -22.66 79.62 -29.71
CA GLU D 849 -22.62 80.80 -30.58
C GLU D 849 -21.51 81.73 -30.13
N GLU D 850 -20.77 82.26 -31.10
CA GLU D 850 -19.70 83.19 -30.81
C GLU D 850 -20.25 84.53 -30.34
N LYS D 851 -19.40 85.27 -29.61
CA LYS D 851 -19.75 86.59 -29.08
C LYS D 851 -21.00 86.52 -28.20
N LYS D 852 -21.10 85.45 -27.40
CA LYS D 852 -22.19 85.26 -26.46
C LYS D 852 -21.64 84.89 -25.10
N HIS D 853 -22.29 85.37 -24.04
CA HIS D 853 -21.88 85.09 -22.68
C HIS D 853 -22.50 83.79 -22.21
N TYR D 854 -21.67 82.93 -21.61
CA TYR D 854 -22.11 81.62 -21.15
C TYR D 854 -21.69 81.39 -19.71
N LEU D 855 -22.47 80.59 -19.01
CA LEU D 855 -22.18 80.17 -17.64
C LEU D 855 -21.98 78.67 -17.62
N MET D 856 -20.85 78.21 -17.08
CA MET D 856 -20.54 76.80 -16.98
C MET D 856 -19.86 76.52 -15.65
N TRP D 857 -20.16 75.37 -15.08
CA TRP D 857 -19.55 74.95 -13.81
C TRP D 857 -19.17 73.48 -13.91
N GLY D 858 -18.02 73.14 -13.33
CA GLY D 858 -17.52 71.79 -13.41
C GLY D 858 -16.67 71.37 -12.23
N LEU D 859 -15.96 70.27 -12.38
CA LEU D 859 -15.12 69.72 -11.31
C LEU D 859 -13.68 69.53 -11.83
N SER D 860 -12.84 68.93 -10.98
CA SER D 860 -11.40 68.90 -11.25
C SER D 860 -11.06 68.12 -12.51
N SER D 861 -11.71 66.97 -12.73
CA SER D 861 -11.41 66.15 -13.89
C SER D 861 -11.81 66.81 -15.20
N ASP D 862 -12.62 67.87 -15.16
CA ASP D 862 -12.98 68.58 -16.39
C ASP D 862 -11.79 69.27 -17.03
N PHE D 863 -10.74 69.55 -16.27
CA PHE D 863 -9.50 70.12 -16.81
C PHE D 863 -8.59 68.97 -17.21
N TRP D 864 -8.58 68.64 -18.50
CA TRP D 864 -7.78 67.54 -19.03
C TRP D 864 -6.76 68.09 -20.02
N GLY D 865 -5.55 67.53 -19.98
CA GLY D 865 -4.45 67.93 -20.80
C GLY D 865 -3.21 68.13 -19.96
N GLU D 866 -2.25 68.87 -20.50
CA GLU D 866 -1.02 69.19 -19.80
C GLU D 866 -0.78 70.70 -19.88
N LYS D 867 -0.42 71.29 -18.74
CA LYS D 867 -0.15 72.72 -18.71
C LYS D 867 1.11 73.03 -19.52
N PRO D 868 1.15 74.20 -20.19
CA PRO D 868 0.12 75.23 -20.22
C PRO D 868 -0.90 75.03 -21.33
N ASN D 869 -0.90 73.84 -21.93
CA ASN D 869 -1.81 73.51 -23.03
C ASN D 869 -3.11 72.90 -22.53
N LEU D 870 -3.56 73.27 -21.34
CA LEU D 870 -4.78 72.69 -20.77
C LEU D 870 -5.99 73.18 -21.54
N SER D 871 -6.83 72.25 -21.96
CA SER D 871 -8.10 72.55 -22.63
C SER D 871 -9.20 71.81 -21.89
N TYR D 872 -10.20 72.55 -21.42
CA TYR D 872 -11.24 71.94 -20.61
C TYR D 872 -12.14 71.04 -21.46
N ILE D 873 -12.76 70.06 -20.79
CA ILE D 873 -13.57 69.05 -21.43
C ILE D 873 -15.02 69.24 -20.98
N ILE D 874 -15.94 69.23 -21.94
CA ILE D 874 -17.36 69.34 -21.66
C ILE D 874 -17.92 67.96 -21.35
N GLY D 875 -18.58 67.83 -20.21
CA GLY D 875 -19.14 66.55 -19.81
C GLY D 875 -20.53 66.65 -19.21
N LYS D 876 -21.08 65.52 -18.77
CA LYS D 876 -22.41 65.53 -18.17
C LYS D 876 -22.43 66.31 -16.87
N ASP D 877 -21.38 66.18 -16.06
CA ASP D 877 -21.29 66.92 -14.81
C ASP D 877 -21.24 68.43 -15.03
N THR D 878 -20.79 68.87 -16.21
CA THR D 878 -20.68 70.29 -16.51
C THR D 878 -21.94 70.77 -17.21
N TRP D 879 -22.64 71.72 -16.59
CA TRP D 879 -23.84 72.31 -17.15
C TRP D 879 -23.52 73.70 -17.69
N VAL D 880 -23.84 73.93 -18.95
CA VAL D 880 -23.53 75.18 -19.63
C VAL D 880 -24.84 75.93 -19.87
N GLU D 881 -24.91 77.17 -19.39
CA GLU D 881 -26.08 78.02 -19.57
C GLU D 881 -25.64 79.34 -20.19
N HIS D 882 -26.34 79.76 -21.25
CA HIS D 882 -26.02 81.02 -21.90
C HIS D 882 -26.51 82.19 -21.05
N TRP D 883 -25.64 83.20 -20.91
CA TRP D 883 -26.01 84.40 -20.17
C TRP D 883 -26.38 85.50 -21.14
N PRO D 884 -27.63 85.94 -21.20
CA PRO D 884 -28.00 87.02 -22.12
C PRO D 884 -27.30 88.31 -21.78
N GLU D 885 -26.98 89.09 -22.82
CA GLU D 885 -26.28 90.35 -22.64
C GLU D 885 -27.22 91.40 -22.03
N GLU D 886 -26.67 92.59 -21.78
CA GLU D 886 -27.45 93.66 -21.17
C GLU D 886 -28.63 94.06 -22.05
N ASP D 887 -28.40 94.14 -23.37
CA ASP D 887 -29.50 94.42 -24.28
C ASP D 887 -30.52 93.30 -24.28
N GLU D 888 -30.06 92.04 -24.25
CA GLU D 888 -30.97 90.91 -24.24
C GLU D 888 -31.63 90.70 -22.88
N CYS D 889 -31.05 91.25 -21.81
CA CYS D 889 -31.64 91.09 -20.48
C CYS D 889 -32.95 91.86 -20.33
N GLN D 890 -33.27 92.78 -21.24
CA GLN D 890 -34.50 93.53 -21.16
C GLN D 890 -35.74 92.67 -21.41
N ASP D 891 -35.56 91.50 -22.00
CA ASP D 891 -36.69 90.62 -22.28
C ASP D 891 -37.33 90.14 -20.98
N GLU D 892 -38.65 90.02 -20.97
CA GLU D 892 -39.37 89.62 -19.76
C GLU D 892 -38.97 88.22 -19.33
N GLU D 893 -38.87 87.29 -20.28
CA GLU D 893 -38.46 85.93 -19.93
C GLU D 893 -37.02 85.90 -19.43
N ASN D 894 -36.14 86.68 -20.06
CA ASN D 894 -34.73 86.70 -19.68
C ASN D 894 -34.46 87.61 -18.49
N GLN D 895 -35.41 88.47 -18.10
CA GLN D 895 -35.16 89.39 -17.00
C GLN D 895 -34.97 88.64 -15.68
N LYS D 896 -35.79 87.62 -15.42
CA LYS D 896 -35.65 86.86 -14.18
C LYS D 896 -34.31 86.12 -14.15
N GLN D 897 -33.92 85.51 -15.27
CA GLN D 897 -32.65 84.80 -15.32
C GLN D 897 -31.48 85.77 -15.13
N CYS D 898 -31.55 86.95 -15.75
CA CYS D 898 -30.47 87.93 -15.60
C CYS D 898 -30.38 88.41 -14.16
N GLN D 899 -31.52 88.69 -13.53
CA GLN D 899 -31.50 89.13 -12.13
C GLN D 899 -30.95 88.05 -11.22
N ASP D 900 -31.35 86.79 -11.45
CA ASP D 900 -30.85 85.71 -10.62
C ASP D 900 -29.35 85.52 -10.79
N LEU D 901 -28.86 85.58 -12.04
CA LEU D 901 -27.43 85.45 -12.27
C LEU D 901 -26.65 86.60 -11.64
N GLY D 902 -27.16 87.83 -11.76
CA GLY D 902 -26.49 88.96 -11.15
C GLY D 902 -26.44 88.87 -9.64
N ALA D 903 -27.54 88.44 -9.02
CA ALA D 903 -27.56 88.27 -7.57
C ALA D 903 -26.60 87.16 -7.14
N PHE D 904 -26.61 86.04 -7.87
CA PHE D 904 -25.74 84.92 -7.51
C PHE D 904 -24.27 85.28 -7.66
N THR D 905 -23.92 86.05 -8.70
CA THR D 905 -22.54 86.43 -8.93
C THR D 905 -21.93 87.14 -7.73
N GLU D 906 -22.74 87.88 -6.98
CA GLU D 906 -22.25 88.53 -5.77
C GLU D 906 -22.42 87.64 -4.54
N SER D 907 -23.54 86.92 -4.45
CA SER D 907 -23.81 86.13 -3.24
C SER D 907 -22.81 84.99 -3.09
N MET D 908 -22.63 84.18 -4.15
CA MET D 908 -21.71 83.06 -4.07
C MET D 908 -20.26 83.50 -4.00
N VAL D 909 -19.96 84.75 -4.38
CA VAL D 909 -18.59 85.24 -4.31
C VAL D 909 -18.25 85.82 -2.94
N VAL D 910 -19.21 86.49 -2.30
CA VAL D 910 -18.95 87.13 -1.01
C VAL D 910 -19.26 86.19 0.14
N PHE D 911 -20.46 85.62 0.17
CA PHE D 911 -20.89 84.77 1.27
C PHE D 911 -20.45 83.33 1.11
N GLY D 912 -19.76 82.99 0.03
CA GLY D 912 -19.38 81.60 -0.19
C GLY D 912 -20.59 80.72 -0.41
N CYS D 913 -20.51 79.49 0.09
CA CYS D 913 -21.60 78.53 0.01
C CYS D 913 -21.85 77.94 1.38
N PRO D 914 -23.10 77.54 1.67
CA PRO D 914 -23.39 76.97 2.99
C PRO D 914 -22.58 75.73 3.31
N ASN D 915 -22.26 74.90 2.32
CA ASN D 915 -21.48 73.70 2.54
C ASN D 915 -19.99 74.01 2.51
N SER E 1 24.20 -54.91 -11.52
CA SER E 1 22.83 -55.23 -11.92
C SER E 1 21.91 -54.03 -11.74
N PRO E 2 20.96 -53.86 -12.66
CA PRO E 2 20.01 -52.75 -12.54
C PRO E 2 19.22 -52.83 -11.25
N MET E 3 18.91 -51.66 -10.69
CA MET E 3 18.21 -51.57 -9.41
C MET E 3 16.92 -50.79 -9.60
N TYR E 4 15.80 -51.39 -9.20
CA TYR E 4 14.47 -50.84 -9.39
C TYR E 4 13.93 -50.35 -8.06
N SER E 5 13.46 -49.11 -8.03
CA SER E 5 12.99 -48.51 -6.79
C SER E 5 11.55 -48.06 -6.96
N ILE E 6 10.85 -47.92 -5.82
CA ILE E 6 9.46 -47.49 -5.79
C ILE E 6 9.30 -46.48 -4.67
N ILE E 7 8.64 -45.37 -4.97
CA ILE E 7 8.42 -44.30 -3.99
C ILE E 7 6.93 -44.00 -3.93
N THR E 8 6.39 -44.00 -2.72
CA THR E 8 4.97 -43.84 -2.47
C THR E 8 4.80 -42.95 -1.25
N PRO E 9 3.74 -42.14 -1.20
CA PRO E 9 3.44 -41.41 0.04
C PRO E 9 3.23 -42.37 1.19
N ASN E 10 3.72 -41.98 2.36
CA ASN E 10 3.79 -42.89 3.50
C ASN E 10 2.43 -43.20 4.09
N ILE E 11 1.43 -42.34 3.85
CA ILE E 11 0.10 -42.51 4.41
C ILE E 11 -0.88 -42.52 3.25
N LEU E 12 -1.20 -43.70 2.73
CA LEU E 12 -2.15 -43.79 1.64
C LEU E 12 -3.54 -43.39 2.12
N ARG E 13 -4.37 -42.96 1.17
CA ARG E 13 -5.71 -42.48 1.45
C ARG E 13 -6.73 -43.24 0.62
N LEU E 14 -8.00 -42.98 0.89
CA LEU E 14 -9.11 -43.63 0.19
C LEU E 14 -9.73 -42.64 -0.79
N GLU E 15 -9.89 -43.07 -2.03
CA GLU E 15 -10.50 -42.26 -3.08
C GLU E 15 -9.77 -40.94 -3.27
N SER E 16 -8.46 -41.04 -3.53
CA SER E 16 -7.65 -39.88 -3.88
C SER E 16 -6.48 -40.35 -4.73
N GLU E 17 -6.13 -39.56 -5.73
CA GLU E 17 -5.07 -39.93 -6.66
C GLU E 17 -3.73 -39.78 -5.98
N GLU E 18 -3.21 -40.85 -5.39
CA GLU E 18 -1.91 -40.85 -4.73
C GLU E 18 -0.86 -41.33 -5.71
N THR E 19 0.02 -40.43 -6.14
CA THR E 19 0.94 -40.73 -7.23
C THR E 19 2.10 -41.57 -6.73
N MET E 20 2.47 -42.57 -7.51
CA MET E 20 3.56 -43.49 -7.20
C MET E 20 4.65 -43.37 -8.26
N VAL E 21 5.89 -43.19 -7.82
CA VAL E 21 7.00 -42.88 -8.71
C VAL E 21 7.90 -44.11 -8.81
N LEU E 22 8.24 -44.49 -10.04
CA LEU E 22 9.07 -45.65 -10.32
C LEU E 22 10.33 -45.24 -11.07
N GLU E 23 11.47 -45.78 -10.67
CA GLU E 23 12.70 -45.58 -11.41
C GLU E 23 13.46 -46.88 -11.48
N ALA E 24 14.34 -46.99 -12.49
CA ALA E 24 15.19 -48.16 -12.69
C ALA E 24 16.59 -47.67 -13.05
N HIS E 25 17.41 -47.45 -12.03
CA HIS E 25 18.77 -46.95 -12.25
C HIS E 25 19.65 -48.03 -12.88
N ASP E 26 20.51 -47.61 -13.80
CA ASP E 26 21.43 -48.51 -14.50
C ASP E 26 20.67 -49.60 -15.25
N ALA E 27 19.60 -49.22 -15.92
CA ALA E 27 18.77 -50.16 -16.66
C ALA E 27 19.44 -50.52 -17.98
N GLN E 28 18.80 -51.43 -18.71
CA GLN E 28 19.25 -51.84 -20.04
C GLN E 28 18.01 -52.02 -20.92
N GLY E 29 17.65 -50.97 -21.64
CA GLY E 29 16.51 -51.03 -22.54
C GLY E 29 15.18 -50.94 -21.82
N ASP E 30 14.12 -51.18 -22.59
CA ASP E 30 12.77 -51.12 -22.06
C ASP E 30 12.52 -52.24 -21.06
N VAL E 31 11.77 -51.93 -20.02
CA VAL E 31 11.35 -52.93 -19.04
C VAL E 31 9.85 -52.80 -18.80
N PRO E 32 9.08 -53.88 -18.92
CA PRO E 32 7.67 -53.81 -18.53
C PRO E 32 7.54 -53.80 -17.01
N VAL E 33 6.68 -52.92 -16.51
CA VAL E 33 6.44 -52.77 -15.09
C VAL E 33 4.96 -52.98 -14.82
N THR E 34 4.66 -53.79 -13.80
CA THR E 34 3.31 -54.02 -13.35
C THR E 34 3.21 -53.71 -11.87
N VAL E 35 2.13 -53.05 -11.48
CA VAL E 35 1.91 -52.70 -10.08
C VAL E 35 0.55 -53.26 -9.67
N THR E 36 0.53 -54.02 -8.57
CA THR E 36 -0.71 -54.56 -8.02
C THR E 36 -0.78 -54.18 -6.54
N VAL E 37 -1.98 -53.77 -6.11
CA VAL E 37 -2.22 -53.39 -4.72
C VAL E 37 -3.06 -54.47 -4.07
N HIS E 38 -2.60 -54.97 -2.94
CA HIS E 38 -3.28 -56.05 -2.23
C HIS E 38 -3.52 -55.65 -0.78
N ASP E 39 -4.60 -56.18 -0.21
CA ASP E 39 -4.88 -55.91 1.20
C ASP E 39 -3.93 -56.70 2.08
N PHE E 40 -3.49 -56.06 3.17
CA PHE E 40 -2.60 -56.68 4.13
C PHE E 40 -3.32 -56.91 5.44
N PRO E 41 -3.47 -58.15 5.90
CA PRO E 41 -2.98 -59.33 5.21
C PRO E 41 -4.01 -59.89 4.24
N GLY E 42 -3.80 -61.11 3.78
CA GLY E 42 -4.73 -61.75 2.86
C GLY E 42 -4.44 -61.44 1.42
N LYS E 43 -5.42 -61.79 0.59
CA LYS E 43 -5.32 -61.63 -0.86
C LYS E 43 -6.69 -61.23 -1.39
N LYS E 44 -6.80 -60.00 -1.89
CA LYS E 44 -8.06 -59.50 -2.42
C LYS E 44 -7.88 -58.89 -3.80
N LEU E 45 -6.70 -58.31 -4.06
CA LEU E 45 -6.40 -57.59 -5.29
C LEU E 45 -7.40 -56.44 -5.48
N VAL E 46 -7.30 -55.48 -4.56
CA VAL E 46 -8.16 -54.31 -4.60
C VAL E 46 -7.92 -53.53 -5.89
N LEU E 47 -6.68 -53.47 -6.36
CA LEU E 47 -6.37 -52.82 -7.63
C LEU E 47 -5.05 -53.38 -8.16
N SER E 48 -5.11 -54.09 -9.29
CA SER E 48 -3.91 -54.55 -9.98
C SER E 48 -3.69 -53.81 -11.28
N SER E 49 -4.36 -52.69 -11.48
CA SER E 49 -4.31 -51.96 -12.73
C SER E 49 -3.22 -50.89 -12.68
N GLU E 50 -3.23 -50.00 -13.67
CA GLU E 50 -2.29 -48.89 -13.78
C GLU E 50 -0.85 -49.39 -13.88
N LYS E 51 -0.58 -50.11 -14.96
CA LYS E 51 0.77 -50.51 -15.33
C LYS E 51 1.23 -49.67 -16.52
N THR E 52 2.54 -49.59 -16.70
CA THR E 52 3.11 -48.82 -17.79
C THR E 52 4.36 -49.55 -18.29
N VAL E 53 5.16 -48.84 -19.09
CA VAL E 53 6.43 -49.36 -19.58
C VAL E 53 7.47 -48.24 -19.50
N LEU E 54 8.68 -48.60 -19.08
CA LEU E 54 9.76 -47.63 -18.94
C LEU E 54 10.62 -47.61 -20.18
N THR E 55 10.95 -46.40 -20.66
CA THR E 55 11.74 -46.23 -21.86
C THR E 55 12.91 -45.32 -21.58
N PRO E 56 14.03 -45.51 -22.29
CA PRO E 56 15.15 -44.56 -22.16
C PRO E 56 14.79 -43.15 -22.59
N ALA E 57 13.71 -42.97 -23.33
CA ALA E 57 13.29 -41.63 -23.73
C ALA E 57 12.97 -40.75 -22.53
N THR E 58 12.57 -41.36 -21.42
CA THR E 58 12.33 -40.64 -20.17
C THR E 58 13.43 -40.89 -19.15
N ASN E 59 14.58 -41.41 -19.58
CA ASN E 59 15.69 -41.79 -18.70
C ASN E 59 15.27 -42.83 -17.65
N HIS E 60 14.36 -43.72 -18.04
CA HIS E 60 13.87 -44.79 -17.18
C HIS E 60 13.26 -44.24 -15.90
N MET E 61 12.20 -43.45 -16.07
CA MET E 61 11.47 -42.94 -14.92
C MET E 61 9.99 -42.89 -15.28
N GLY E 62 9.15 -43.34 -14.36
CA GLY E 62 7.73 -43.37 -14.64
C GLY E 62 6.87 -43.32 -13.39
N ASN E 63 5.66 -42.81 -13.54
CA ASN E 63 4.69 -42.76 -12.47
C ASN E 63 3.36 -43.35 -12.93
N VAL E 64 2.75 -44.14 -12.05
CA VAL E 64 1.42 -44.68 -12.27
C VAL E 64 0.54 -44.20 -11.13
N THR E 65 -0.57 -43.55 -11.48
CA THR E 65 -1.48 -43.01 -10.48
C THR E 65 -2.72 -43.88 -10.41
N PHE E 66 -3.04 -44.36 -9.22
CA PHE E 66 -4.20 -45.21 -9.01
C PHE E 66 -4.97 -44.71 -7.80
N THR E 67 -6.29 -44.90 -7.84
CA THR E 67 -7.20 -44.45 -6.80
C THR E 67 -7.91 -45.68 -6.24
N ILE E 68 -7.44 -46.18 -5.11
CA ILE E 68 -8.01 -47.40 -4.53
C ILE E 68 -9.43 -47.11 -4.05
N PRO E 69 -10.37 -48.01 -4.25
CA PRO E 69 -11.74 -47.77 -3.78
C PRO E 69 -11.86 -48.09 -2.31
N ALA E 70 -12.99 -47.67 -1.74
CA ALA E 70 -13.31 -47.94 -0.34
C ALA E 70 -14.70 -48.56 -0.27
N ASN E 71 -14.84 -49.57 0.58
CA ASN E 71 -16.10 -50.28 0.73
C ASN E 71 -16.31 -50.63 2.19
N ARG E 72 -17.29 -51.50 2.46
CA ARG E 72 -17.64 -51.83 3.85
C ARG E 72 -16.49 -52.54 4.56
N GLU E 73 -15.83 -53.47 3.86
CA GLU E 73 -14.75 -54.23 4.48
C GLU E 73 -13.53 -53.38 4.79
N PHE E 74 -13.40 -52.21 4.17
CA PHE E 74 -12.42 -51.24 4.66
C PHE E 74 -12.93 -50.47 5.87
N LYS E 75 -14.22 -50.28 5.99
CA LYS E 75 -14.79 -49.56 7.13
C LYS E 75 -15.21 -50.49 8.26
N SER E 76 -15.03 -51.81 8.11
CA SER E 76 -15.43 -52.74 9.15
C SER E 76 -14.62 -52.54 10.43
N GLU E 77 -13.32 -52.32 10.29
CA GLU E 77 -12.42 -52.16 11.42
C GLU E 77 -12.23 -50.67 11.70
N LYS E 78 -12.38 -50.28 12.97
CA LYS E 78 -12.31 -48.89 13.38
C LYS E 78 -11.17 -48.62 14.35
N GLY E 79 -11.08 -49.38 15.44
CA GLY E 79 -10.10 -49.10 16.47
C GLY E 79 -8.70 -49.57 16.19
N ARG E 80 -8.47 -50.25 15.07
CA ARG E 80 -7.16 -50.76 14.71
C ARG E 80 -6.79 -50.23 13.33
N ASN E 81 -5.49 -50.01 13.12
CA ASN E 81 -5.02 -49.52 11.84
C ASN E 81 -5.19 -50.59 10.76
N LYS E 82 -5.18 -50.14 9.52
CA LYS E 82 -5.26 -51.03 8.37
C LYS E 82 -4.07 -50.80 7.47
N PHE E 83 -3.57 -51.87 6.87
CA PHE E 83 -2.39 -51.81 6.03
C PHE E 83 -2.67 -52.47 4.69
N VAL E 84 -2.06 -51.92 3.64
CA VAL E 84 -2.13 -52.52 2.31
C VAL E 84 -0.71 -52.77 1.83
N THR E 85 -0.56 -53.77 0.98
CA THR E 85 0.74 -54.16 0.46
C THR E 85 0.80 -53.83 -1.02
N VAL E 86 1.83 -53.09 -1.42
CA VAL E 86 2.02 -52.69 -2.80
C VAL E 86 3.03 -53.62 -3.44
N GLN E 87 2.60 -54.35 -4.46
CA GLN E 87 3.49 -55.20 -5.24
C GLN E 87 3.84 -54.49 -6.54
N ALA E 88 5.12 -54.55 -6.92
CA ALA E 88 5.57 -53.99 -8.19
C ALA E 88 6.56 -54.97 -8.80
N THR E 89 6.29 -55.37 -10.04
CA THR E 89 7.11 -56.34 -10.74
C THR E 89 7.80 -55.64 -11.91
N PHE E 90 9.11 -55.49 -11.83
CA PHE E 90 9.92 -54.93 -12.91
C PHE E 90 10.51 -56.10 -13.68
N GLY E 91 9.91 -56.43 -14.82
CA GLY E 91 10.35 -57.60 -15.57
C GLY E 91 10.11 -58.86 -14.78
N THR E 92 11.19 -59.46 -14.28
CA THR E 92 11.11 -60.63 -13.42
C THR E 92 11.24 -60.29 -11.95
N GLN E 93 12.10 -59.35 -11.59
CA GLN E 93 12.27 -58.95 -10.20
C GLN E 93 10.99 -58.29 -9.68
N VAL E 94 10.71 -58.54 -8.41
CA VAL E 94 9.50 -58.04 -7.77
C VAL E 94 9.89 -57.32 -6.48
N VAL E 95 9.23 -56.19 -6.22
CA VAL E 95 9.53 -55.39 -5.04
C VAL E 95 8.24 -55.17 -4.27
N GLU E 96 8.36 -55.15 -2.94
CA GLU E 96 7.20 -55.12 -2.06
C GLU E 96 7.38 -54.04 -1.00
N LYS E 97 6.25 -53.50 -0.55
CA LYS E 97 6.27 -52.52 0.53
C LYS E 97 4.87 -52.35 1.10
N VAL E 98 4.73 -52.46 2.42
CA VAL E 98 3.45 -52.36 3.09
C VAL E 98 3.27 -50.94 3.60
N VAL E 99 2.25 -50.25 3.11
CA VAL E 99 2.05 -48.84 3.39
C VAL E 99 0.78 -48.68 4.20
N LEU E 100 0.82 -47.82 5.21
CA LEU E 100 -0.35 -47.55 6.03
C LEU E 100 -1.43 -46.87 5.20
N VAL E 101 -2.68 -47.10 5.59
CA VAL E 101 -3.83 -46.48 4.94
C VAL E 101 -4.65 -45.77 6.00
N SER E 102 -4.88 -44.47 5.81
CA SER E 102 -5.71 -43.70 6.71
C SER E 102 -7.17 -43.84 6.32
N LEU E 103 -8.03 -43.10 7.02
CA LEU E 103 -9.45 -43.10 6.72
C LEU E 103 -9.96 -41.75 6.26
N GLN E 104 -9.37 -40.66 6.74
CA GLN E 104 -9.80 -39.32 6.37
C GLN E 104 -9.65 -39.13 4.86
N SER E 105 -10.70 -38.62 4.23
CA SER E 105 -10.71 -38.47 2.77
C SER E 105 -10.99 -37.05 2.31
N GLY E 106 -11.21 -36.10 3.21
CA GLY E 106 -11.49 -34.74 2.80
C GLY E 106 -11.72 -33.86 4.00
N TYR E 107 -11.96 -32.59 3.73
CA TYR E 107 -12.19 -31.59 4.76
C TYR E 107 -13.58 -30.99 4.62
N LEU E 108 -14.18 -30.65 5.76
CA LEU E 108 -15.45 -29.94 5.81
C LEU E 108 -15.24 -28.63 6.56
N PHE E 109 -15.64 -27.53 5.95
CA PHE E 109 -15.44 -26.21 6.55
C PHE E 109 -16.81 -25.60 6.84
N ILE E 110 -17.29 -25.76 8.06
CA ILE E 110 -18.60 -25.22 8.42
C ILE E 110 -18.53 -23.70 8.41
N GLN E 111 -19.50 -23.06 7.77
CA GLN E 111 -19.64 -21.61 7.83
C GLN E 111 -21.04 -21.27 8.30
N THR E 112 -21.13 -20.48 9.38
CA THR E 112 -22.38 -19.96 9.88
C THR E 112 -22.42 -18.46 9.62
N ASP E 113 -23.59 -17.96 9.23
CA ASP E 113 -23.68 -16.55 8.83
C ASP E 113 -23.33 -15.62 9.98
N LYS E 114 -23.91 -15.84 11.16
CA LYS E 114 -23.65 -15.03 12.34
C LYS E 114 -22.73 -15.77 13.29
N THR E 115 -22.51 -15.19 14.47
CA THR E 115 -21.79 -15.87 15.53
C THR E 115 -22.52 -15.86 16.86
N ILE E 116 -23.73 -15.33 16.93
CA ILE E 116 -24.53 -15.38 18.15
C ILE E 116 -26.00 -15.27 17.75
N TYR E 117 -26.82 -16.19 18.26
CA TYR E 117 -28.22 -16.27 17.88
C TYR E 117 -29.10 -16.18 19.11
N THR E 118 -30.16 -15.41 19.02
CA THR E 118 -31.15 -15.38 20.09
C THR E 118 -32.09 -16.58 19.94
N PRO E 119 -32.64 -17.07 21.05
CA PRO E 119 -33.62 -18.14 20.95
C PRO E 119 -34.84 -17.69 20.16
N GLY E 120 -35.43 -18.62 19.42
CA GLY E 120 -36.52 -18.27 18.54
C GLY E 120 -36.07 -17.73 17.20
N SER E 121 -34.79 -17.72 16.92
CA SER E 121 -34.24 -17.25 15.65
C SER E 121 -33.71 -18.41 14.83
N THR E 122 -33.56 -18.18 13.54
CA THR E 122 -33.18 -19.19 12.57
C THR E 122 -31.68 -19.15 12.31
N VAL E 123 -31.04 -20.31 12.33
CA VAL E 123 -29.63 -20.42 11.99
C VAL E 123 -29.51 -20.96 10.57
N LEU E 124 -28.71 -20.28 9.76
CA LEU E 124 -28.41 -20.72 8.40
C LEU E 124 -26.91 -20.96 8.31
N TYR E 125 -26.53 -22.18 7.92
CA TYR E 125 -25.12 -22.52 7.84
C TYR E 125 -24.86 -23.30 6.56
N ARG E 126 -23.60 -23.34 6.16
CA ARG E 126 -23.16 -24.04 4.97
C ARG E 126 -22.08 -25.05 5.33
N ILE E 127 -21.96 -26.09 4.52
CA ILE E 127 -20.98 -27.16 4.74
C ILE E 127 -20.22 -27.36 3.45
N PHE E 128 -19.06 -26.73 3.33
CA PHE E 128 -18.21 -26.97 2.17
C PHE E 128 -17.64 -28.38 2.23
N THR E 129 -17.54 -29.04 1.08
CA THR E 129 -16.98 -30.39 0.99
C THR E 129 -15.83 -30.37 -0.02
N VAL E 130 -14.60 -30.56 0.47
CA VAL E 130 -13.42 -30.54 -0.37
C VAL E 130 -12.56 -31.76 -0.06
N ASN E 131 -11.74 -32.15 -1.03
CA ASN E 131 -10.81 -33.25 -0.86
C ASN E 131 -9.44 -32.70 -0.51
N HIS E 132 -8.44 -33.57 -0.45
CA HIS E 132 -7.15 -33.20 0.11
C HIS E 132 -6.38 -32.21 -0.75
N LYS E 133 -6.78 -32.00 -2.00
CA LYS E 133 -6.18 -31.00 -2.87
C LYS E 133 -6.98 -29.69 -2.86
N LEU E 134 -7.99 -29.59 -2.00
CA LEU E 134 -8.90 -28.44 -1.97
C LEU E 134 -9.62 -28.28 -3.30
N LEU E 135 -10.35 -29.32 -3.69
CA LEU E 135 -11.21 -29.30 -4.86
C LEU E 135 -12.57 -29.87 -4.49
N PRO E 136 -13.64 -29.39 -5.12
CA PRO E 136 -14.98 -29.89 -4.80
C PRO E 136 -15.09 -31.37 -5.09
N VAL E 137 -15.83 -32.07 -4.24
CA VAL E 137 -16.00 -33.52 -4.34
C VAL E 137 -17.44 -33.86 -3.99
N GLY E 138 -17.98 -34.87 -4.63
CA GLY E 138 -19.33 -35.31 -4.33
C GLY E 138 -19.40 -36.49 -3.39
N ARG E 139 -19.61 -36.25 -2.10
CA ARG E 139 -19.72 -37.30 -1.11
C ARG E 139 -20.80 -36.92 -0.11
N THR E 140 -21.44 -37.94 0.46
CA THR E 140 -22.53 -37.71 1.41
C THR E 140 -21.96 -37.34 2.78
N VAL E 141 -22.64 -36.42 3.45
CA VAL E 141 -22.19 -35.92 4.75
C VAL E 141 -23.25 -36.23 5.79
N MET E 142 -22.84 -36.19 7.04
CA MET E 142 -23.73 -36.30 8.19
C MET E 142 -23.50 -35.11 9.09
N VAL E 143 -24.57 -34.42 9.47
CA VAL E 143 -24.47 -33.25 10.34
C VAL E 143 -25.48 -33.40 11.46
N ASN E 144 -25.06 -33.07 12.68
CA ASN E 144 -25.93 -33.09 13.83
C ASN E 144 -25.58 -31.92 14.75
N ILE E 145 -26.62 -31.30 15.30
CA ILE E 145 -26.47 -30.09 16.10
C ILE E 145 -26.74 -30.44 17.56
N GLU E 146 -25.73 -30.22 18.42
CA GLU E 146 -25.75 -30.66 19.81
C GLU E 146 -25.62 -29.48 20.75
N ASN E 147 -26.54 -29.41 21.72
CA ASN E 147 -26.52 -28.36 22.73
C ASN E 147 -25.39 -28.67 23.72
N PRO E 148 -25.09 -27.76 24.64
CA PRO E 148 -23.90 -27.95 25.49
C PRO E 148 -23.90 -29.24 26.29
N GLU E 149 -25.06 -29.83 26.54
CA GLU E 149 -25.11 -31.14 27.18
C GLU E 149 -24.69 -32.27 26.25
N GLY E 150 -24.23 -31.95 25.06
CA GLY E 150 -23.77 -32.96 24.12
C GLY E 150 -24.84 -33.92 23.67
N ILE E 151 -26.08 -33.48 23.60
CA ILE E 151 -27.21 -34.31 23.22
C ILE E 151 -27.67 -33.89 21.83
N PRO E 152 -27.39 -34.66 20.78
CA PRO E 152 -27.75 -34.23 19.43
C PRO E 152 -29.24 -34.00 19.30
N VAL E 153 -29.59 -32.96 18.52
CA VAL E 153 -30.97 -32.49 18.41
C VAL E 153 -31.53 -32.77 17.02
N LYS E 154 -30.85 -32.30 15.99
CA LYS E 154 -31.28 -32.51 14.61
C LYS E 154 -30.27 -33.38 13.88
N GLN E 155 -30.75 -34.47 13.29
CA GLN E 155 -29.93 -35.37 12.49
C GLN E 155 -30.37 -35.31 11.04
N ASP E 156 -29.41 -35.20 10.13
CA ASP E 156 -29.75 -35.09 8.73
C ASP E 156 -28.60 -35.64 7.90
N SER E 157 -28.92 -35.99 6.65
CA SER E 157 -27.95 -36.53 5.71
C SER E 157 -28.15 -35.85 4.37
N LEU E 158 -27.06 -35.50 3.71
CA LEU E 158 -27.11 -34.82 2.42
C LEU E 158 -26.13 -35.48 1.45
N SER E 159 -26.13 -35.00 0.22
CA SER E 159 -25.17 -35.38 -0.79
C SER E 159 -24.68 -34.13 -1.50
N SER E 160 -23.38 -34.08 -1.76
CA SER E 160 -22.80 -32.95 -2.46
C SER E 160 -22.79 -33.14 -3.97
N GLN E 161 -23.36 -34.23 -4.47
CA GLN E 161 -23.38 -34.48 -5.91
C GLN E 161 -24.20 -33.43 -6.62
N ASN E 162 -23.67 -32.93 -7.74
CA ASN E 162 -24.32 -31.89 -8.54
C ASN E 162 -24.64 -30.67 -7.69
N GLN E 163 -23.72 -30.31 -6.80
CA GLN E 163 -23.88 -29.14 -5.96
C GLN E 163 -22.60 -28.31 -5.85
N LEU E 164 -21.52 -28.71 -6.52
CA LEU E 164 -20.22 -28.02 -6.46
C LEU E 164 -19.68 -27.96 -5.03
N GLY E 165 -20.10 -28.89 -4.18
CA GLY E 165 -19.57 -28.95 -2.83
C GLY E 165 -19.93 -27.77 -1.95
N VAL E 166 -21.18 -27.33 -1.99
CA VAL E 166 -21.69 -26.30 -1.12
C VAL E 166 -23.10 -26.71 -0.72
N LEU E 167 -23.33 -26.97 0.56
CA LEU E 167 -24.62 -27.48 0.99
C LEU E 167 -25.29 -26.49 1.93
N PRO E 168 -26.14 -25.59 1.44
CA PRO E 168 -26.84 -24.67 2.35
C PRO E 168 -27.92 -25.39 3.12
N LEU E 169 -28.04 -25.05 4.41
CA LEU E 169 -28.95 -25.73 5.31
C LEU E 169 -29.58 -24.70 6.24
N SER E 170 -30.43 -25.17 7.15
CA SER E 170 -31.09 -24.26 8.08
C SER E 170 -31.53 -25.03 9.31
N TRP E 171 -31.85 -24.28 10.36
CA TRP E 171 -32.47 -24.82 11.56
C TRP E 171 -33.09 -23.67 12.33
N ASP E 172 -34.27 -23.90 12.90
CA ASP E 172 -34.99 -22.88 13.67
C ASP E 172 -34.86 -23.21 15.14
N ILE E 173 -34.11 -22.39 15.87
CA ILE E 173 -33.77 -22.73 17.25
C ILE E 173 -35.04 -22.80 18.09
N PRO E 174 -35.25 -23.86 18.88
CA PRO E 174 -36.49 -23.95 19.66
C PRO E 174 -36.54 -22.85 20.70
N GLU E 175 -37.77 -22.48 21.08
CA GLU E 175 -37.94 -21.37 22.01
C GLU E 175 -37.39 -21.69 23.39
N LEU E 176 -37.58 -22.91 23.87
CA LEU E 176 -37.13 -23.30 25.21
C LEU E 176 -35.85 -24.11 25.05
N VAL E 177 -34.72 -23.41 25.06
CA VAL E 177 -33.42 -24.03 24.89
C VAL E 177 -32.45 -23.52 25.95
N ASN E 178 -31.35 -24.24 26.10
CA ASN E 178 -30.32 -23.91 27.06
C ASN E 178 -29.28 -23.01 26.43
N MET E 179 -28.87 -21.98 27.16
CA MET E 179 -27.86 -21.06 26.67
C MET E 179 -26.50 -21.74 26.65
N GLY E 180 -25.52 -21.07 26.07
CA GLY E 180 -24.16 -21.57 26.07
C GLY E 180 -23.62 -21.84 24.69
N GLN E 181 -22.47 -22.49 24.61
CA GLN E 181 -21.83 -22.79 23.34
C GLN E 181 -22.50 -24.02 22.73
N TRP E 182 -23.35 -23.80 21.73
CA TRP E 182 -23.82 -24.92 20.94
C TRP E 182 -22.71 -25.37 19.99
N LYS E 183 -22.85 -26.58 19.45
CA LYS E 183 -21.86 -27.08 18.52
C LYS E 183 -22.54 -27.76 17.35
N ILE E 184 -21.89 -27.70 16.18
CA ILE E 184 -22.33 -28.38 14.97
C ILE E 184 -21.24 -29.37 14.58
N ARG E 185 -21.59 -30.63 14.44
CA ARG E 185 -20.60 -31.65 14.10
C ARG E 185 -20.95 -32.29 12.77
N ALA E 186 -19.99 -32.28 11.85
CA ALA E 186 -20.16 -32.82 10.52
C ALA E 186 -19.01 -33.75 10.19
N TYR E 187 -19.32 -34.85 9.51
CA TYR E 187 -18.31 -35.85 9.16
C TYR E 187 -18.77 -36.61 7.94
N TYR E 188 -17.81 -37.09 7.15
CA TYR E 188 -18.13 -37.86 5.96
C TYR E 188 -18.67 -39.24 6.35
N GLU E 189 -19.48 -39.81 5.47
CA GLU E 189 -20.10 -41.10 5.76
C GLU E 189 -19.05 -42.21 5.86
N ASN E 190 -18.06 -42.20 4.97
CA ASN E 190 -17.11 -43.30 4.90
C ASN E 190 -16.24 -43.40 6.14
N SER E 191 -15.80 -42.26 6.68
CA SER E 191 -14.83 -42.22 7.77
C SER E 191 -15.40 -41.43 8.93
N PRO E 192 -16.26 -42.05 9.75
CA PRO E 192 -16.88 -41.32 10.86
C PRO E 192 -15.94 -40.99 12.00
N GLN E 193 -14.67 -41.41 11.92
CA GLN E 193 -13.73 -41.10 13.00
C GLN E 193 -13.27 -39.65 12.96
N GLN E 194 -13.27 -39.02 11.79
CA GLN E 194 -12.84 -37.63 11.65
C GLN E 194 -14.06 -36.73 11.72
N VAL E 195 -14.11 -35.86 12.73
CA VAL E 195 -15.24 -34.97 12.96
C VAL E 195 -14.76 -33.54 12.88
N PHE E 196 -15.47 -32.72 12.11
CA PHE E 196 -15.19 -31.29 11.99
C PHE E 196 -16.32 -30.50 12.63
N SER E 197 -15.99 -29.43 13.33
CA SER E 197 -16.97 -28.76 14.17
C SER E 197 -16.78 -27.25 14.13
N THR E 198 -17.85 -26.55 14.55
CA THR E 198 -17.86 -25.10 14.68
C THR E 198 -18.90 -24.73 15.72
N GLU E 199 -18.55 -23.79 16.60
CA GLU E 199 -19.38 -23.45 17.74
C GLU E 199 -20.08 -22.11 17.52
N PHE E 200 -21.38 -22.08 17.74
CA PHE E 200 -22.15 -20.84 17.77
C PHE E 200 -22.85 -20.72 19.11
N GLU E 201 -22.97 -19.49 19.60
CA GLU E 201 -23.44 -19.24 20.95
C GLU E 201 -24.85 -18.71 20.94
N VAL E 202 -25.72 -19.29 21.76
CA VAL E 202 -27.08 -18.80 21.95
C VAL E 202 -27.10 -17.99 23.22
N LYS E 203 -27.62 -16.76 23.13
CA LYS E 203 -27.58 -15.84 24.25
C LYS E 203 -28.71 -14.84 24.12
N GLU E 204 -29.05 -14.19 25.23
CA GLU E 204 -29.97 -13.07 25.22
C GLU E 204 -29.17 -11.80 24.96
N TYR E 205 -29.42 -11.14 23.83
CA TYR E 205 -28.67 -9.94 23.54
C TYR E 205 -29.50 -8.98 22.69
N VAL E 206 -29.12 -7.72 22.76
CA VAL E 206 -29.56 -6.69 21.83
C VAL E 206 -28.31 -6.00 21.31
N LEU E 207 -28.32 -5.67 20.03
CA LEU E 207 -27.09 -5.29 19.34
C LEU E 207 -26.48 -4.04 19.96
N PRO E 208 -25.20 -4.05 20.28
CA PRO E 208 -24.57 -2.85 20.85
C PRO E 208 -24.47 -1.77 19.80
N SER E 209 -24.45 -0.52 20.25
CA SER E 209 -24.40 0.60 19.33
C SER E 209 -22.98 1.02 18.95
N PHE E 210 -21.96 0.49 19.61
CA PHE E 210 -20.60 0.96 19.36
C PHE E 210 -19.59 -0.07 19.85
N GLU E 211 -18.38 0.06 19.34
CA GLU E 211 -17.31 -0.89 19.60
C GLU E 211 -16.26 -0.27 20.51
N VAL E 212 -15.74 -1.07 21.44
CA VAL E 212 -14.73 -0.64 22.39
C VAL E 212 -13.48 -1.49 22.17
N ILE E 213 -12.34 -0.83 22.00
CA ILE E 213 -11.08 -1.49 21.71
C ILE E 213 -10.08 -1.09 22.79
N VAL E 214 -9.44 -2.08 23.39
CA VAL E 214 -8.36 -1.85 24.34
C VAL E 214 -7.09 -2.46 23.77
N GLU E 215 -6.05 -1.64 23.64
CA GLU E 215 -4.74 -2.10 23.19
C GLU E 215 -3.65 -1.48 24.05
N PRO E 216 -2.94 -2.27 24.84
CA PRO E 216 -1.85 -1.70 25.64
C PRO E 216 -0.75 -1.16 24.74
N THR E 217 0.02 -0.22 25.29
CA THR E 217 1.08 0.41 24.50
C THR E 217 2.10 -0.62 24.03
N GLU E 218 2.47 -1.54 24.91
CA GLU E 218 3.28 -2.69 24.54
C GLU E 218 2.49 -3.95 24.86
N LYS E 219 2.54 -4.94 23.96
CA LYS E 219 1.76 -6.14 24.17
C LYS E 219 2.45 -7.08 25.13
N PHE E 220 2.88 -6.55 26.27
CA PHE E 220 3.46 -7.31 27.37
C PHE E 220 3.66 -6.35 28.53
N TYR E 221 4.15 -6.86 29.66
CA TYR E 221 4.46 -6.02 30.81
C TYR E 221 5.87 -6.32 31.28
N TYR E 222 6.66 -5.28 31.48
CA TYR E 222 8.03 -5.44 31.97
C TYR E 222 7.99 -5.57 33.49
N ILE E 223 8.53 -6.67 34.02
CA ILE E 223 8.44 -6.89 35.46
C ILE E 223 9.30 -5.90 36.22
N TYR E 224 10.32 -5.34 35.59
CA TYR E 224 11.21 -4.37 36.24
C TYR E 224 11.00 -2.96 35.70
N ASN E 225 9.75 -2.57 35.47
CA ASN E 225 9.41 -1.23 35.01
C ASN E 225 8.62 -0.53 36.11
N GLU E 226 9.17 0.57 36.63
CA GLU E 226 8.48 1.30 37.68
C GLU E 226 7.25 2.03 37.16
N LYS E 227 7.22 2.38 35.88
CA LYS E 227 6.14 3.20 35.34
C LYS E 227 4.81 2.45 35.30
N GLY E 228 4.83 1.12 35.22
CA GLY E 228 3.62 0.33 35.28
C GLY E 228 2.95 0.18 33.92
N LEU E 229 1.97 -0.71 33.88
CA LEU E 229 1.28 -1.01 32.64
C LEU E 229 0.35 0.13 32.26
N GLU E 230 0.41 0.55 30.99
CA GLU E 230 -0.46 1.60 30.46
C GLU E 230 -1.28 1.01 29.32
N VAL E 231 -2.60 1.21 29.38
CA VAL E 231 -3.50 0.73 28.36
C VAL E 231 -4.36 1.89 27.90
N THR E 232 -4.75 1.86 26.63
CA THR E 232 -5.57 2.92 26.05
C THR E 232 -6.88 2.34 25.55
N ILE E 233 -7.94 3.14 25.68
CA ILE E 233 -9.30 2.74 25.30
C ILE E 233 -9.73 3.56 24.11
N THR E 234 -9.96 2.91 22.98
CA THR E 234 -10.37 3.57 21.75
C THR E 234 -11.79 3.13 21.43
N ALA E 235 -12.76 3.95 21.79
CA ALA E 235 -14.17 3.66 21.58
C ALA E 235 -14.69 4.54 20.46
N ARG E 236 -15.38 3.91 19.50
CA ARG E 236 -15.98 4.64 18.38
C ARG E 236 -17.31 3.98 18.05
N PHE E 237 -18.22 4.78 17.49
CA PHE E 237 -19.49 4.23 17.07
C PHE E 237 -19.26 3.24 15.93
N LEU E 238 -20.31 2.49 15.61
CA LEU E 238 -20.20 1.47 14.57
C LEU E 238 -19.84 2.07 13.24
N TYR E 239 -20.47 3.19 12.88
CA TYR E 239 -20.38 3.79 11.57
C TYR E 239 -19.37 4.94 11.50
N GLY E 240 -18.29 4.88 12.27
CA GLY E 240 -17.14 5.72 12.09
C GLY E 240 -17.04 6.92 13.02
N LYS E 241 -18.14 7.35 13.63
CA LYS E 241 -18.11 8.57 14.42
C LYS E 241 -17.58 8.29 15.82
N LYS E 242 -16.88 9.28 16.38
CA LYS E 242 -16.31 9.14 17.71
C LYS E 242 -17.40 9.30 18.77
N VAL E 243 -17.11 8.80 19.97
CA VAL E 243 -18.11 8.67 21.02
C VAL E 243 -17.56 9.31 22.30
N GLU E 244 -18.48 9.74 23.17
CA GLU E 244 -18.13 10.35 24.44
C GLU E 244 -18.80 9.58 25.57
N GLY E 245 -18.08 9.42 26.67
CA GLY E 245 -18.63 8.69 27.80
C GLY E 245 -17.61 8.59 28.90
N THR E 246 -17.89 7.72 29.86
CA THR E 246 -16.96 7.38 30.93
C THR E 246 -16.76 5.88 30.93
N ALA E 247 -15.52 5.45 31.12
CA ALA E 247 -15.16 4.04 31.01
C ALA E 247 -14.57 3.56 32.32
N PHE E 248 -15.13 2.49 32.86
CA PHE E 248 -14.55 1.80 34.01
C PHE E 248 -13.63 0.70 33.52
N VAL E 249 -12.51 0.49 34.23
CA VAL E 249 -11.59 -0.57 33.89
C VAL E 249 -11.18 -1.30 35.16
N ILE E 250 -10.67 -2.51 34.97
CA ILE E 250 -10.17 -3.32 36.08
C ILE E 250 -9.07 -4.23 35.54
N PHE E 251 -8.12 -4.56 36.41
CA PHE E 251 -7.01 -5.41 36.05
C PHE E 251 -6.96 -6.60 36.99
N GLY E 252 -6.49 -7.73 36.48
CA GLY E 252 -6.37 -8.92 37.30
C GLY E 252 -5.27 -9.82 36.80
N ILE E 253 -4.85 -10.74 37.67
CA ILE E 253 -3.80 -11.69 37.34
C ILE E 253 -4.46 -13.02 36.99
N GLN E 254 -4.17 -13.54 35.80
CA GLN E 254 -4.79 -14.75 35.29
C GLN E 254 -3.75 -15.85 35.19
N ASP E 255 -4.02 -16.98 35.83
CA ASP E 255 -3.13 -18.13 35.78
C ASP E 255 -3.95 -19.41 35.79
N GLY E 256 -3.74 -20.26 34.79
CA GLY E 256 -4.56 -21.43 34.65
C GLY E 256 -6.00 -21.04 34.35
N GLU E 257 -6.93 -21.55 35.15
CA GLU E 257 -8.33 -21.20 35.03
C GLU E 257 -8.81 -20.25 36.13
N GLN E 258 -7.96 -19.92 37.09
CA GLN E 258 -8.36 -19.11 38.22
C GLN E 258 -7.99 -17.65 37.96
N ARG E 259 -9.01 -16.78 37.97
CA ARG E 259 -8.83 -15.36 37.72
C ARG E 259 -9.09 -14.63 39.03
N ILE E 260 -8.11 -13.86 39.49
CA ILE E 260 -8.25 -13.04 40.68
C ILE E 260 -8.14 -11.58 40.26
N SER E 261 -9.10 -10.77 40.70
CA SER E 261 -9.14 -9.38 40.33
C SER E 261 -8.38 -8.54 41.35
N LEU E 262 -8.06 -7.31 40.97
CA LEU E 262 -7.33 -6.41 41.84
C LEU E 262 -8.28 -5.34 42.38
N PRO E 263 -8.66 -5.41 43.66
CA PRO E 263 -9.64 -4.46 44.18
C PRO E 263 -9.21 -3.01 44.08
N GLU E 264 -7.92 -2.74 44.24
CA GLU E 264 -7.43 -1.36 44.24
C GLU E 264 -7.14 -0.83 42.84
N SER E 265 -7.31 -1.65 41.82
CA SER E 265 -6.94 -1.25 40.46
C SER E 265 -8.09 -0.66 39.67
N LEU E 266 -9.28 -0.57 40.26
CA LEU E 266 -10.44 -0.07 39.53
C LEU E 266 -10.30 1.42 39.27
N LYS E 267 -10.50 1.83 38.03
CA LYS E 267 -10.31 3.21 37.64
C LYS E 267 -11.51 3.70 36.86
N ARG E 268 -11.77 5.00 36.93
CA ARG E 268 -12.87 5.65 36.22
C ARG E 268 -12.27 6.78 35.41
N ILE E 269 -12.06 6.54 34.11
CA ILE E 269 -11.33 7.47 33.26
C ILE E 269 -12.24 8.01 32.16
N PRO E 270 -12.68 9.26 32.26
CA PRO E 270 -13.59 9.77 31.22
C PRO E 270 -12.86 9.84 29.90
N ILE E 271 -13.59 9.53 28.82
CA ILE E 271 -13.03 9.51 27.48
C ILE E 271 -13.60 10.70 26.72
N GLU E 272 -12.73 11.54 26.19
CA GLU E 272 -13.11 12.66 25.34
C GLU E 272 -12.50 12.44 23.97
N ASP E 273 -13.30 12.63 22.92
CA ASP E 273 -12.89 12.37 21.55
C ASP E 273 -12.50 10.90 21.37
N GLY E 274 -13.12 10.02 22.14
CA GLY E 274 -12.94 8.60 21.97
C GLY E 274 -11.56 8.05 22.23
N SER E 275 -10.93 8.47 23.33
CA SER E 275 -9.64 7.89 23.73
C SER E 275 -9.38 8.24 25.19
N GLY E 276 -9.09 7.21 25.99
CA GLY E 276 -8.79 7.42 27.39
C GLY E 276 -7.62 6.57 27.87
N GLU E 277 -6.77 7.14 28.72
CA GLU E 277 -5.53 6.50 29.13
C GLU E 277 -5.57 6.21 30.63
N VAL E 278 -5.25 4.98 31.00
CA VAL E 278 -5.17 4.57 32.39
C VAL E 278 -3.92 3.75 32.59
N VAL E 279 -3.27 3.90 33.75
CA VAL E 279 -2.02 3.23 34.06
C VAL E 279 -2.19 2.45 35.35
N LEU E 280 -1.72 1.20 35.36
CA LEU E 280 -1.70 0.38 36.56
C LEU E 280 -0.35 0.52 37.23
N SER E 281 -0.30 1.20 38.36
CA SER E 281 0.95 1.39 39.07
C SER E 281 1.46 0.07 39.61
N ARG E 282 2.79 -0.13 39.55
CA ARG E 282 3.37 -1.40 39.96
C ARG E 282 3.11 -1.68 41.44
N LYS E 283 2.92 -0.63 42.25
CA LYS E 283 2.59 -0.84 43.65
C LYS E 283 1.26 -1.58 43.79
N VAL E 284 0.27 -1.22 42.97
CA VAL E 284 -1.01 -1.91 42.99
C VAL E 284 -0.84 -3.36 42.62
N LEU E 285 -0.04 -3.63 41.57
CA LEU E 285 0.16 -5.00 41.13
C LEU E 285 0.83 -5.84 42.21
N LEU E 286 1.83 -5.29 42.88
CA LEU E 286 2.53 -6.04 43.91
C LEU E 286 1.63 -6.27 45.12
N ASP E 287 0.91 -5.24 45.57
CA ASP E 287 0.12 -5.36 46.77
C ASP E 287 -1.20 -6.10 46.55
N GLY E 288 -1.61 -6.29 45.30
CA GLY E 288 -2.84 -7.02 45.04
C GLY E 288 -2.76 -8.47 45.49
N VAL E 289 -1.61 -9.10 45.26
CA VAL E 289 -1.38 -10.47 45.67
C VAL E 289 -0.64 -10.45 47.00
N GLN E 290 -0.73 -11.56 47.74
CA GLN E 290 -0.10 -11.63 49.05
C GLN E 290 1.42 -11.64 48.94
N ASN E 291 1.97 -12.51 48.09
CA ASN E 291 3.42 -12.65 48.02
C ASN E 291 4.02 -11.48 47.27
N PRO E 292 4.90 -10.70 47.89
CA PRO E 292 5.48 -9.53 47.22
C PRO E 292 6.73 -9.80 46.39
N ARG E 293 7.03 -11.06 46.07
CA ARG E 293 8.18 -11.35 45.22
C ARG E 293 7.88 -10.91 43.80
N ALA E 294 8.82 -10.18 43.20
CA ALA E 294 8.62 -9.67 41.85
C ALA E 294 8.63 -10.80 40.83
N GLU E 295 9.61 -11.69 40.92
CA GLU E 295 9.69 -12.81 39.98
C GLU E 295 8.64 -13.88 40.23
N ASP E 296 7.89 -13.78 41.33
CA ASP E 296 6.83 -14.75 41.58
C ASP E 296 5.76 -14.68 40.49
N LEU E 297 5.44 -13.48 40.02
CA LEU E 297 4.36 -13.30 39.06
C LEU E 297 4.74 -13.73 37.64
N VAL E 298 6.02 -14.03 37.38
CA VAL E 298 6.46 -14.28 36.01
C VAL E 298 5.67 -15.43 35.43
N GLY E 299 5.18 -15.24 34.21
CA GLY E 299 4.44 -16.28 33.52
C GLY E 299 2.95 -16.05 33.52
N LYS E 300 2.42 -15.61 34.65
CA LYS E 300 1.00 -15.29 34.73
C LYS E 300 0.69 -14.07 33.88
N SER E 301 -0.54 -14.00 33.41
CA SER E 301 -0.96 -12.97 32.46
C SER E 301 -1.97 -12.03 33.10
N LEU E 302 -1.80 -10.74 32.85
CA LEU E 302 -2.81 -9.74 33.21
C LEU E 302 -3.96 -9.80 32.22
N TYR E 303 -5.14 -9.41 32.69
CA TYR E 303 -6.30 -9.25 31.83
C TYR E 303 -6.99 -7.95 32.18
N VAL E 304 -7.33 -7.17 31.17
CA VAL E 304 -7.91 -5.84 31.36
C VAL E 304 -9.34 -5.87 30.84
N SER E 305 -10.27 -5.40 31.67
CA SER E 305 -11.70 -5.43 31.37
C SER E 305 -12.22 -4.01 31.38
N ALA E 306 -12.76 -3.55 30.26
CA ALA E 306 -13.19 -2.16 30.11
C ALA E 306 -14.70 -2.13 29.90
N THR E 307 -15.38 -1.36 30.73
CA THR E 307 -16.82 -1.14 30.62
C THR E 307 -17.06 0.34 30.30
N VAL E 308 -17.75 0.60 29.20
CA VAL E 308 -17.97 1.96 28.71
C VAL E 308 -19.45 2.25 28.74
N ILE E 309 -19.80 3.44 29.21
CA ILE E 309 -21.19 3.89 29.26
C ILE E 309 -21.26 5.28 28.65
N LEU E 310 -22.23 5.49 27.76
CA LEU E 310 -22.38 6.78 27.11
C LEU E 310 -22.94 7.81 28.08
N HIS E 311 -22.65 9.09 27.80
CA HIS E 311 -23.23 10.15 28.62
C HIS E 311 -24.74 10.19 28.50
N SER E 312 -25.29 9.64 27.42
CA SER E 312 -26.72 9.41 27.38
C SER E 312 -27.13 8.38 28.42
N GLY E 313 -26.26 7.41 28.71
CA GLY E 313 -26.61 6.34 29.60
C GLY E 313 -27.52 5.30 29.00
N SER E 314 -27.77 5.39 27.69
CA SER E 314 -28.72 4.50 27.04
C SER E 314 -28.15 3.11 26.79
N ASP E 315 -26.85 3.01 26.52
CA ASP E 315 -26.27 1.72 26.19
C ASP E 315 -24.91 1.55 26.87
N MET E 316 -24.63 0.32 27.28
CA MET E 316 -23.36 -0.05 27.91
C MET E 316 -22.72 -1.16 27.09
N VAL E 317 -21.42 -1.08 26.90
CA VAL E 317 -20.68 -2.10 26.16
C VAL E 317 -19.51 -2.56 26.99
N GLN E 318 -19.35 -3.88 27.11
CA GLN E 318 -18.21 -4.48 27.76
C GLN E 318 -17.25 -5.00 26.71
N ALA E 319 -15.97 -4.68 26.86
CA ALA E 319 -14.92 -5.19 25.99
C ALA E 319 -13.77 -5.64 26.86
N GLU E 320 -13.26 -6.85 26.62
CA GLU E 320 -12.23 -7.44 27.45
C GLU E 320 -11.09 -7.92 26.57
N ARG E 321 -9.87 -7.66 27.03
CA ARG E 321 -8.67 -8.20 26.40
C ARG E 321 -7.86 -8.94 27.45
N SER E 322 -7.49 -10.18 27.16
CA SER E 322 -6.68 -10.97 28.05
C SER E 322 -5.37 -11.29 27.35
N GLY E 323 -4.57 -12.15 27.98
CA GLY E 323 -3.31 -12.54 27.39
C GLY E 323 -2.29 -11.43 27.31
N ILE E 324 -2.17 -10.61 28.36
CA ILE E 324 -1.06 -9.68 28.49
C ILE E 324 -0.03 -10.34 29.38
N PRO E 325 0.99 -10.99 28.83
CA PRO E 325 1.89 -11.80 29.66
C PRO E 325 2.89 -10.95 30.40
N ILE E 326 3.07 -11.23 31.69
CA ILE E 326 4.08 -10.58 32.51
C ILE E 326 5.39 -11.33 32.31
N VAL E 327 6.35 -10.70 31.63
CA VAL E 327 7.58 -11.37 31.23
C VAL E 327 8.76 -10.50 31.60
N THR E 328 9.91 -11.15 31.78
CA THR E 328 11.17 -10.47 32.02
C THR E 328 12.05 -10.38 30.77
N SER E 329 11.51 -10.71 29.60
CA SER E 329 12.25 -10.65 28.36
C SER E 329 11.28 -10.40 27.23
N PRO E 330 11.50 -9.38 26.40
CA PRO E 330 10.51 -8.99 25.39
C PRO E 330 10.48 -9.88 24.17
N TYR E 331 11.34 -10.89 24.06
CA TYR E 331 11.39 -11.74 22.89
C TYR E 331 11.47 -13.20 23.32
N GLN E 332 11.02 -14.07 22.42
CA GLN E 332 11.10 -15.50 22.62
C GLN E 332 11.67 -16.14 21.37
N ILE E 333 12.72 -16.93 21.52
CA ILE E 333 13.43 -17.54 20.41
C ILE E 333 12.95 -18.97 20.25
N HIS E 334 12.52 -19.32 19.05
CA HIS E 334 11.98 -20.64 18.76
C HIS E 334 12.82 -21.35 17.70
N PHE E 335 12.90 -22.67 17.82
CA PHE E 335 13.61 -23.50 16.87
C PHE E 335 12.69 -24.50 16.21
N THR E 336 11.45 -24.09 15.94
CA THR E 336 10.50 -24.99 15.30
C THR E 336 10.91 -25.32 13.87
N LYS E 337 11.39 -24.33 13.13
CA LYS E 337 11.65 -24.48 11.70
C LYS E 337 13.08 -24.90 11.38
N THR E 338 13.97 -24.91 12.34
CA THR E 338 15.37 -25.24 12.06
C THR E 338 15.53 -26.75 11.91
N PRO E 339 16.29 -27.22 10.92
CA PRO E 339 16.60 -28.64 10.85
C PRO E 339 17.32 -29.11 12.09
N LYS E 340 17.00 -30.33 12.53
CA LYS E 340 17.62 -30.89 13.71
C LYS E 340 18.84 -31.73 13.40
N TYR E 341 19.23 -31.83 12.13
CA TYR E 341 20.41 -32.57 11.75
C TYR E 341 21.13 -31.80 10.65
N PHE E 342 22.45 -31.93 10.62
CA PHE E 342 23.29 -31.16 9.71
C PHE E 342 24.32 -32.08 9.08
N LYS E 343 25.16 -31.52 8.22
CA LYS E 343 26.17 -32.28 7.52
C LYS E 343 27.56 -31.82 7.95
N PRO E 344 28.47 -32.72 8.29
CA PRO E 344 29.80 -32.30 8.72
C PRO E 344 30.52 -31.50 7.64
N GLY E 345 31.19 -30.44 8.07
CA GLY E 345 32.06 -29.69 7.18
C GLY E 345 31.37 -28.92 6.08
N MET E 346 30.08 -28.66 6.19
CA MET E 346 29.36 -27.98 5.14
C MET E 346 28.30 -27.10 5.78
N PRO E 347 27.83 -26.06 5.08
CA PRO E 347 26.95 -25.07 5.73
C PRO E 347 25.69 -25.68 6.31
N PHE E 348 25.28 -25.10 7.43
CA PHE E 348 24.10 -25.53 8.19
C PHE E 348 23.26 -24.29 8.42
N ASP E 349 22.06 -24.26 7.83
CA ASP E 349 21.24 -23.06 7.83
C ASP E 349 20.29 -23.06 9.02
N LEU E 350 20.45 -22.08 9.89
CA LEU E 350 19.61 -21.93 11.08
C LEU E 350 18.43 -21.05 10.74
N MET E 351 17.23 -21.45 11.14
CA MET E 351 16.01 -20.69 10.94
C MET E 351 15.42 -20.36 12.31
N VAL E 352 15.88 -19.30 12.92
CA VAL E 352 15.33 -18.88 14.18
C VAL E 352 14.00 -18.18 13.94
N PHE E 353 13.10 -18.28 14.91
CA PHE E 353 11.76 -17.72 14.80
C PHE E 353 11.53 -16.82 16.00
N VAL E 354 11.97 -15.57 15.90
CA VAL E 354 11.86 -14.63 17.01
C VAL E 354 10.41 -14.17 17.10
N THR E 355 9.80 -14.35 18.27
CA THR E 355 8.40 -14.03 18.44
C THR E 355 8.19 -13.19 19.69
N ASN E 356 7.16 -12.37 19.66
CA ASN E 356 6.76 -11.60 20.83
C ASN E 356 6.21 -12.54 21.90
N PRO E 357 6.17 -12.10 23.16
CA PRO E 357 5.73 -13.01 24.23
C PRO E 357 4.33 -13.55 24.04
N ASP E 358 3.42 -12.79 23.43
CA ASP E 358 2.08 -13.32 23.19
C ASP E 358 2.08 -14.42 22.14
N GLY E 359 2.87 -14.27 21.08
CA GLY E 359 2.95 -15.27 20.05
C GLY E 359 3.09 -14.71 18.65
N SER E 360 2.86 -13.41 18.50
CA SER E 360 2.98 -12.76 17.21
C SER E 360 4.44 -12.76 16.75
N PRO E 361 4.67 -12.83 15.44
CA PRO E 361 6.05 -12.87 14.94
C PRO E 361 6.73 -11.52 15.11
N ALA E 362 7.92 -11.56 15.72
CA ALA E 362 8.70 -10.34 15.90
C ALA E 362 9.31 -9.89 14.57
N TYR E 363 9.45 -8.58 14.42
CA TYR E 363 9.90 -7.98 13.18
C TYR E 363 11.08 -7.05 13.46
N ARG E 364 12.13 -7.17 12.64
CA ARG E 364 13.31 -6.31 12.70
C ARG E 364 13.95 -6.36 14.09
N VAL E 365 14.43 -7.55 14.44
CA VAL E 365 15.17 -7.78 15.68
C VAL E 365 16.54 -8.33 15.29
N PRO E 366 17.62 -7.74 15.75
CA PRO E 366 18.95 -8.25 15.41
C PRO E 366 19.32 -9.44 16.27
N VAL E 367 19.33 -10.62 15.66
CA VAL E 367 19.65 -11.86 16.35
C VAL E 367 21.04 -12.30 15.95
N ALA E 368 21.77 -12.89 16.89
CA ALA E 368 23.14 -13.29 16.62
C ALA E 368 23.46 -14.58 17.36
N VAL E 369 24.47 -15.27 16.89
CA VAL E 369 24.95 -16.48 17.52
C VAL E 369 25.92 -16.10 18.63
N GLN E 370 25.97 -16.92 19.69
CA GLN E 370 26.79 -16.59 20.84
C GLN E 370 28.25 -16.54 20.47
N GLY E 371 28.75 -17.59 19.81
CA GLY E 371 30.12 -17.56 19.33
C GLY E 371 30.26 -16.62 18.16
N GLU E 372 31.49 -16.14 17.97
CA GLU E 372 31.85 -15.18 16.93
C GLU E 372 30.78 -14.09 16.78
N ASP E 373 30.57 -13.35 17.87
CA ASP E 373 29.48 -12.38 17.95
C ASP E 373 29.49 -11.36 16.82
N THR E 374 30.54 -11.34 15.99
CA THR E 374 30.56 -10.43 14.84
C THR E 374 29.59 -10.86 13.74
N VAL E 375 29.11 -12.10 13.76
CA VAL E 375 28.09 -12.54 12.82
C VAL E 375 26.72 -12.26 13.42
N GLN E 376 25.86 -11.62 12.64
CA GLN E 376 24.50 -11.35 13.09
C GLN E 376 23.64 -11.13 11.86
N SER E 377 22.33 -11.15 12.07
CA SER E 377 21.37 -10.95 11.00
C SER E 377 20.21 -10.10 11.52
N LEU E 378 19.23 -9.90 10.66
CA LEU E 378 18.01 -9.19 11.02
C LEU E 378 16.83 -9.97 10.49
N THR E 379 15.82 -10.13 11.33
CA THR E 379 14.69 -10.98 10.99
C THR E 379 13.82 -10.35 9.92
N GLN E 380 13.36 -11.17 8.97
CA GLN E 380 12.53 -10.71 7.87
C GLN E 380 11.11 -10.47 8.37
N GLY E 381 10.20 -10.15 7.45
CA GLY E 381 8.85 -9.79 7.83
C GLY E 381 8.07 -10.93 8.46
N ASP E 382 8.16 -12.13 7.87
CA ASP E 382 7.35 -13.24 8.35
C ASP E 382 7.79 -13.78 9.69
N GLY E 383 8.95 -13.35 10.20
CA GLY E 383 9.39 -13.71 11.52
C GLY E 383 10.54 -14.69 11.61
N VAL E 384 11.17 -15.05 10.50
CA VAL E 384 12.28 -15.97 10.50
C VAL E 384 13.53 -15.25 10.01
N ALA E 385 14.64 -15.43 10.72
CA ALA E 385 15.90 -14.80 10.39
C ALA E 385 16.87 -15.85 9.89
N LYS E 386 17.39 -15.66 8.69
CA LYS E 386 18.24 -16.64 8.04
C LYS E 386 19.67 -16.47 8.55
N LEU E 387 20.09 -17.34 9.46
CA LEU E 387 21.44 -17.33 9.99
C LEU E 387 22.17 -18.56 9.49
N SER E 388 23.37 -18.36 8.95
CA SER E 388 24.18 -19.47 8.45
C SER E 388 25.47 -19.53 9.25
N ILE E 389 25.76 -20.71 9.78
CA ILE E 389 26.98 -20.95 10.53
C ILE E 389 27.68 -22.17 9.94
N ASN E 390 28.95 -22.01 9.60
CA ASN E 390 29.70 -23.12 9.02
C ASN E 390 29.97 -24.19 10.08
N THR E 391 30.39 -25.36 9.60
CA THR E 391 30.63 -26.49 10.47
C THR E 391 32.01 -27.08 10.19
N HIS E 392 32.67 -27.54 11.25
CA HIS E 392 33.88 -28.32 11.03
C HIS E 392 33.52 -29.73 10.56
N PRO E 393 34.37 -30.35 9.75
CA PRO E 393 34.16 -31.75 9.39
C PRO E 393 34.45 -32.69 10.55
N SER E 394 33.56 -32.70 11.54
CA SER E 394 33.72 -33.54 12.73
C SER E 394 32.40 -34.23 13.04
N GLN E 395 32.48 -35.35 13.75
CA GLN E 395 31.31 -36.13 14.08
C GLN E 395 30.66 -35.72 15.40
N LYS E 396 31.25 -34.79 16.14
CA LYS E 396 30.72 -34.44 17.45
C LYS E 396 29.46 -33.58 17.29
N PRO E 397 28.50 -33.72 18.20
CA PRO E 397 27.29 -32.90 18.13
C PRO E 397 27.61 -31.42 18.24
N LEU E 398 26.87 -30.62 17.49
CA LEU E 398 27.11 -29.19 17.39
C LEU E 398 26.07 -28.45 18.22
N SER E 399 26.53 -27.51 19.04
CA SER E 399 25.68 -26.76 19.94
C SER E 399 25.55 -25.32 19.44
N ILE E 400 24.32 -24.86 19.32
CA ILE E 400 24.02 -23.51 18.86
C ILE E 400 23.36 -22.76 20.01
N THR E 401 23.89 -21.58 20.31
CA THR E 401 23.34 -20.72 21.36
C THR E 401 22.91 -19.42 20.69
N VAL E 402 21.68 -19.42 20.16
CA VAL E 402 21.16 -18.21 19.52
C VAL E 402 20.85 -17.19 20.59
N ARG E 403 21.20 -15.94 20.34
CA ARG E 403 21.13 -14.91 21.37
C ARG E 403 20.83 -13.56 20.73
N THR E 404 19.62 -13.05 20.93
CA THR E 404 19.24 -11.76 20.38
C THR E 404 20.00 -10.63 21.06
N LYS E 405 20.25 -9.56 20.30
CA LYS E 405 21.06 -8.44 20.78
C LYS E 405 20.46 -7.11 20.33
N LYS E 406 19.16 -6.95 20.54
CA LYS E 406 18.50 -5.69 20.20
C LYS E 406 19.05 -4.55 21.06
N GLN E 407 19.14 -3.37 20.46
CA GLN E 407 19.63 -2.20 21.18
C GLN E 407 18.55 -1.66 22.12
N GLU E 408 18.98 -0.74 22.99
CA GLU E 408 18.12 -0.15 24.03
C GLU E 408 17.56 -1.21 24.97
N LEU E 409 18.27 -2.31 25.12
CA LEU E 409 17.92 -3.36 26.07
C LEU E 409 19.16 -3.79 26.83
N SER E 410 19.03 -3.92 28.15
CA SER E 410 20.15 -4.36 28.95
C SER E 410 20.47 -5.82 28.66
N GLU E 411 21.71 -6.21 28.94
CA GLU E 411 22.15 -7.57 28.64
C GLU E 411 21.35 -8.61 29.44
N ALA E 412 20.72 -8.20 30.53
CA ALA E 412 19.85 -9.11 31.25
C ALA E 412 18.50 -9.29 30.56
N GLU E 413 18.22 -8.48 29.54
CA GLU E 413 16.93 -8.49 28.87
C GLU E 413 16.92 -9.28 27.55
N GLN E 414 18.08 -9.70 27.06
CA GLN E 414 18.14 -10.41 25.79
C GLN E 414 17.68 -11.84 25.96
N ALA E 415 16.78 -12.27 25.08
CA ALA E 415 16.29 -13.65 25.12
C ALA E 415 17.33 -14.61 24.54
N THR E 416 17.46 -15.77 25.17
CA THR E 416 18.47 -16.73 24.80
C THR E 416 17.84 -18.10 24.62
N ARG E 417 18.51 -18.94 23.83
CA ARG E 417 18.02 -20.29 23.56
C ARG E 417 19.17 -21.14 23.04
N THR E 418 19.11 -22.43 23.34
CA THR E 418 20.14 -23.37 22.92
C THR E 418 19.50 -24.52 22.15
N MET E 419 20.35 -25.24 21.40
CA MET E 419 19.89 -26.35 20.59
C MET E 419 21.06 -27.27 20.33
N GLN E 420 20.76 -28.56 20.17
CA GLN E 420 21.74 -29.56 19.77
C GLN E 420 21.30 -30.22 18.48
N ALA E 421 22.18 -30.21 17.48
CA ALA E 421 21.90 -30.81 16.18
C ALA E 421 22.96 -31.86 15.89
N LEU E 422 22.52 -33.10 15.72
CA LEU E 422 23.43 -34.21 15.47
C LEU E 422 23.83 -34.27 14.00
N PRO E 423 24.94 -34.92 13.68
CA PRO E 423 25.39 -34.97 12.29
C PRO E 423 24.72 -36.09 11.49
N TYR E 424 24.54 -35.81 10.20
CA TYR E 424 24.11 -36.82 9.24
C TYR E 424 25.08 -38.00 9.28
N SER E 425 24.53 -39.20 9.31
CA SER E 425 25.33 -40.42 9.37
C SER E 425 25.30 -41.10 8.00
N THR E 426 26.47 -41.35 7.43
CA THR E 426 26.57 -41.95 6.11
C THR E 426 26.37 -43.45 6.21
N VAL E 427 26.69 -44.16 5.14
CA VAL E 427 26.61 -45.61 5.09
C VAL E 427 28.04 -46.14 5.12
N GLY E 428 28.41 -46.79 6.22
CA GLY E 428 29.74 -47.35 6.33
C GLY E 428 30.85 -46.33 6.45
N ASN E 429 30.54 -45.11 6.89
CA ASN E 429 31.53 -44.05 7.05
C ASN E 429 32.27 -43.78 5.74
N SER E 430 31.51 -43.74 4.64
CA SER E 430 32.07 -43.48 3.33
C SER E 430 32.15 -42.00 3.01
N ASN E 431 31.61 -41.13 3.86
CA ASN E 431 31.66 -39.68 3.68
C ASN E 431 31.00 -39.27 2.36
N ASN E 432 29.72 -39.62 2.23
CA ASN E 432 28.90 -39.19 1.12
C ASN E 432 27.79 -38.31 1.68
N TYR E 433 27.64 -37.11 1.13
CA TYR E 433 26.60 -36.20 1.59
C TYR E 433 26.01 -35.48 0.39
N LEU E 434 24.81 -34.96 0.57
CA LEU E 434 24.22 -34.07 -0.40
C LEU E 434 23.54 -32.94 0.36
N HIS E 435 23.55 -31.75 -0.23
CA HIS E 435 23.04 -30.55 0.41
C HIS E 435 22.27 -29.75 -0.62
N LEU E 436 21.12 -29.21 -0.21
CA LEU E 436 20.30 -28.43 -1.12
C LEU E 436 20.25 -27.01 -0.57
N SER E 437 21.27 -26.23 -0.87
CA SER E 437 21.28 -24.83 -0.51
C SER E 437 20.21 -24.09 -1.31
N VAL E 438 19.51 -23.17 -0.65
CA VAL E 438 18.31 -22.59 -1.25
C VAL E 438 18.07 -21.22 -0.64
N LEU E 439 17.46 -20.34 -1.43
CA LEU E 439 16.95 -19.08 -0.92
C LEU E 439 15.87 -19.33 0.12
N ARG E 440 15.85 -18.48 1.15
CA ARG E 440 14.89 -18.60 2.24
C ARG E 440 14.27 -17.23 2.51
N THR E 441 13.22 -16.89 1.77
CA THR E 441 12.42 -15.71 2.02
C THR E 441 10.96 -16.10 1.90
N GLU E 442 10.08 -15.09 1.87
CA GLU E 442 8.65 -15.31 1.68
C GLU E 442 8.40 -15.40 0.17
N LEU E 443 8.58 -16.60 -0.38
CA LEU E 443 8.37 -16.78 -1.80
C LEU E 443 6.92 -16.48 -2.15
N ARG E 444 6.72 -15.85 -3.31
CA ARG E 444 5.38 -15.66 -3.82
C ARG E 444 5.21 -16.49 -5.08
N PRO E 445 4.05 -17.11 -5.28
CA PRO E 445 3.87 -17.97 -6.44
C PRO E 445 4.06 -17.19 -7.74
N GLY E 446 4.71 -17.83 -8.71
CA GLY E 446 4.97 -17.24 -9.99
C GLY E 446 6.45 -17.03 -10.29
N GLU E 447 7.20 -16.53 -9.31
CA GLU E 447 8.61 -16.31 -9.50
C GLU E 447 9.38 -17.62 -9.31
N THR E 448 10.62 -17.64 -9.80
CA THR E 448 11.42 -18.86 -9.84
C THR E 448 12.37 -18.93 -8.65
N LEU E 449 12.60 -20.15 -8.18
CA LEU E 449 13.54 -20.42 -7.10
C LEU E 449 14.68 -21.28 -7.64
N ASN E 450 15.90 -20.91 -7.31
CA ASN E 450 17.09 -21.66 -7.72
C ASN E 450 17.62 -22.43 -6.52
N VAL E 451 17.65 -23.75 -6.63
CA VAL E 451 18.19 -24.61 -5.59
C VAL E 451 19.55 -25.11 -6.03
N ASN E 452 20.47 -25.23 -5.09
CA ASN E 452 21.85 -25.63 -5.38
C ASN E 452 22.06 -27.07 -4.94
N PHE E 453 22.16 -27.97 -5.92
CA PHE E 453 22.37 -29.39 -5.63
C PHE E 453 23.84 -29.63 -5.29
N LEU E 454 24.27 -29.00 -4.20
CA LEU E 454 25.66 -29.12 -3.79
C LEU E 454 25.96 -30.56 -3.38
N LEU E 455 27.08 -31.09 -3.87
CA LEU E 455 27.48 -32.45 -3.62
C LEU E 455 28.85 -32.46 -2.95
N ARG E 456 29.11 -33.49 -2.15
CA ARG E 456 30.43 -33.71 -1.58
C ARG E 456 30.83 -35.17 -1.78
N MET E 457 31.90 -35.38 -2.53
CA MET E 457 32.38 -36.72 -2.85
C MET E 457 33.82 -36.60 -3.33
N ASP E 458 34.69 -37.46 -2.80
CA ASP E 458 36.08 -37.45 -3.24
C ASP E 458 36.18 -38.02 -4.67
N ARG E 459 37.21 -37.60 -5.39
CA ARG E 459 37.32 -37.92 -6.80
C ARG E 459 37.49 -39.41 -7.09
N ALA E 460 37.50 -40.26 -6.07
CA ALA E 460 37.63 -41.69 -6.31
C ALA E 460 36.44 -42.24 -7.07
N HIS E 461 35.23 -41.83 -6.71
CA HIS E 461 34.01 -42.40 -7.27
C HIS E 461 33.14 -41.33 -7.92
N GLU E 462 33.74 -40.29 -8.46
CA GLU E 462 32.96 -39.17 -8.99
C GLU E 462 32.41 -39.43 -10.39
N ALA E 463 32.96 -40.39 -11.12
CA ALA E 463 32.44 -40.67 -12.45
C ALA E 463 31.17 -41.50 -12.43
N LYS E 464 30.74 -41.97 -11.26
CA LYS E 464 29.60 -42.87 -11.13
C LYS E 464 28.28 -42.15 -10.93
N ILE E 465 28.28 -40.83 -10.81
CA ILE E 465 27.06 -40.07 -10.56
C ILE E 465 26.78 -39.19 -11.76
N ARG E 466 25.57 -39.30 -12.31
CA ARG E 466 25.20 -38.60 -13.52
C ARG E 466 23.93 -37.79 -13.41
N TYR E 467 23.16 -37.93 -12.32
CA TYR E 467 21.89 -37.24 -12.19
C TYR E 467 21.49 -37.18 -10.72
N TYR E 468 20.61 -36.22 -10.41
CA TYR E 468 20.01 -36.13 -9.09
C TYR E 468 18.50 -36.17 -9.24
N THR E 469 17.87 -37.18 -8.66
CA THR E 469 16.42 -37.29 -8.69
C THR E 469 15.84 -36.41 -7.59
N TYR E 470 14.80 -35.66 -7.92
CA TYR E 470 14.17 -34.79 -6.94
C TYR E 470 12.66 -34.96 -6.98
N LEU E 471 12.02 -34.81 -5.82
CA LEU E 471 10.59 -34.98 -5.66
C LEU E 471 10.05 -33.79 -4.89
N ILE E 472 8.78 -33.47 -5.10
CA ILE E 472 8.16 -32.33 -4.44
C ILE E 472 6.92 -32.80 -3.71
N MET E 473 6.85 -32.54 -2.41
CA MET E 473 5.76 -32.97 -1.55
C MET E 473 4.92 -31.76 -1.20
N ASN E 474 3.63 -31.81 -1.52
CA ASN E 474 2.77 -30.67 -1.27
C ASN E 474 1.39 -31.19 -0.88
N LYS E 475 0.94 -30.85 0.34
CA LYS E 475 -0.38 -31.23 0.84
C LYS E 475 -0.57 -32.75 0.85
N GLY E 476 0.52 -33.50 0.99
CA GLY E 476 0.43 -34.94 1.02
C GLY E 476 0.34 -35.62 -0.33
N ARG E 477 1.04 -35.13 -1.34
CA ARG E 477 1.06 -35.76 -2.65
C ARG E 477 2.36 -35.44 -3.35
N LEU E 478 2.74 -36.29 -4.31
CA LEU E 478 3.94 -36.07 -5.10
C LEU E 478 3.62 -35.08 -6.21
N LEU E 479 3.88 -33.80 -5.97
CA LEU E 479 3.45 -32.77 -6.91
C LEU E 479 4.17 -32.89 -8.25
N LYS E 480 5.48 -33.09 -8.22
CA LYS E 480 6.26 -33.11 -9.46
C LYS E 480 7.56 -33.83 -9.20
N ALA E 481 7.76 -34.99 -9.82
CA ALA E 481 9.00 -35.74 -9.69
C ALA E 481 9.75 -35.66 -11.00
N GLY E 482 11.03 -35.30 -10.93
CA GLY E 482 11.79 -35.08 -12.13
C GLY E 482 13.18 -35.67 -12.10
N ARG E 483 14.10 -35.08 -12.85
CA ARG E 483 15.51 -35.45 -12.85
C ARG E 483 16.35 -34.20 -12.98
N GLN E 484 17.64 -34.34 -12.74
CA GLN E 484 18.59 -33.24 -12.91
C GLN E 484 19.90 -33.83 -13.43
N VAL E 485 20.12 -33.73 -14.73
CA VAL E 485 21.33 -34.28 -15.32
C VAL E 485 22.53 -33.47 -14.87
N ARG E 486 23.60 -34.16 -14.50
CA ARG E 486 24.82 -33.52 -13.99
C ARG E 486 25.98 -34.08 -14.79
N GLU E 487 26.53 -33.28 -15.69
CA GLU E 487 27.64 -33.75 -16.52
C GLU E 487 28.87 -33.90 -15.64
N PRO E 488 29.46 -35.10 -15.56
CA PRO E 488 30.51 -35.34 -14.56
C PRO E 488 31.71 -34.42 -14.77
N GLY E 489 32.20 -33.87 -13.65
CA GLY E 489 33.26 -32.90 -13.70
C GLY E 489 32.94 -31.64 -12.93
N GLN E 490 31.66 -31.46 -12.60
CA GLN E 490 31.21 -30.30 -11.84
C GLN E 490 30.60 -30.75 -10.53
N ASP E 491 30.75 -29.92 -9.50
CA ASP E 491 30.23 -30.22 -8.17
C ASP E 491 29.13 -29.28 -7.72
N LEU E 492 28.60 -28.44 -8.61
CA LEU E 492 27.42 -27.64 -8.30
C LEU E 492 26.59 -27.49 -9.54
N VAL E 493 25.31 -27.83 -9.45
CA VAL E 493 24.35 -27.62 -10.53
C VAL E 493 23.10 -26.99 -9.97
N VAL E 494 22.56 -26.03 -10.68
CA VAL E 494 21.42 -25.23 -10.23
C VAL E 494 20.21 -25.66 -11.03
N LEU E 495 19.18 -26.11 -10.34
CA LEU E 495 17.95 -26.57 -10.97
C LEU E 495 16.86 -25.53 -10.77
N PRO E 496 16.42 -24.83 -11.81
CA PRO E 496 15.40 -23.78 -11.63
C PRO E 496 14.03 -24.41 -11.47
N LEU E 497 13.29 -23.95 -10.46
CA LEU E 497 11.95 -24.44 -10.19
C LEU E 497 10.94 -23.34 -10.45
N SER E 498 9.86 -23.70 -11.15
CA SER E 498 8.77 -22.78 -11.47
C SER E 498 7.74 -22.85 -10.35
N ILE E 499 7.79 -21.89 -9.43
CA ILE E 499 6.87 -21.87 -8.31
C ILE E 499 5.54 -21.28 -8.76
N THR E 500 4.64 -22.14 -9.24
CA THR E 500 3.31 -21.70 -9.64
C THR E 500 2.45 -21.52 -8.40
N THR E 501 1.15 -21.39 -8.59
CA THR E 501 0.23 -21.27 -7.46
C THR E 501 -0.15 -22.63 -6.88
N ASP E 502 0.21 -23.73 -7.56
CA ASP E 502 -0.04 -25.06 -7.01
C ASP E 502 0.83 -25.38 -5.80
N PHE E 503 1.86 -24.59 -5.53
CA PHE E 503 2.81 -24.90 -4.47
C PHE E 503 2.42 -24.32 -3.12
N ILE E 504 1.29 -23.65 -3.01
CA ILE E 504 0.86 -23.10 -1.72
C ILE E 504 0.53 -24.25 -0.78
N PRO E 505 0.98 -24.22 0.49
CA PRO E 505 1.83 -23.22 1.13
C PRO E 505 3.28 -23.66 1.32
N SER E 506 3.58 -24.95 1.20
CA SER E 506 4.93 -25.42 1.42
C SER E 506 5.18 -26.65 0.57
N PHE E 507 6.45 -26.91 0.30
CA PHE E 507 6.85 -28.10 -0.43
C PHE E 507 8.18 -28.60 0.07
N ARG E 508 8.31 -29.90 0.21
CA ARG E 508 9.51 -30.50 0.79
C ARG E 508 10.33 -31.11 -0.35
N LEU E 509 11.22 -30.31 -0.91
CA LEU E 509 12.04 -30.77 -2.03
C LEU E 509 13.03 -31.82 -1.55
N VAL E 510 12.75 -33.07 -1.85
CA VAL E 510 13.65 -34.17 -1.53
C VAL E 510 14.57 -34.37 -2.73
N ALA E 511 15.68 -35.07 -2.52
CA ALA E 511 16.59 -35.37 -3.61
C ALA E 511 17.45 -36.55 -3.21
N TYR E 512 18.00 -37.24 -4.20
CA TYR E 512 18.94 -38.32 -3.92
C TYR E 512 19.67 -38.71 -5.18
N TYR E 513 20.76 -39.44 -5.01
CA TYR E 513 21.45 -40.10 -6.10
C TYR E 513 21.77 -41.52 -5.64
N THR E 514 22.61 -42.21 -6.40
CA THR E 514 22.95 -43.59 -6.06
C THR E 514 24.22 -43.97 -6.80
N LEU E 515 25.11 -44.68 -6.11
CA LEU E 515 26.36 -45.11 -6.72
C LEU E 515 26.75 -46.47 -6.16
N ILE E 516 27.84 -47.02 -6.67
CA ILE E 516 28.41 -48.26 -6.18
C ILE E 516 29.68 -47.88 -5.43
N GLY E 517 29.66 -48.05 -4.10
CA GLY E 517 30.76 -47.63 -3.26
C GLY E 517 31.34 -48.80 -2.47
N ALA E 518 32.47 -48.52 -1.82
CA ALA E 518 33.21 -49.49 -1.00
C ALA E 518 33.54 -50.69 -1.90
N SER E 519 33.23 -51.92 -1.49
CA SER E 519 33.56 -53.11 -2.27
C SER E 519 32.39 -53.59 -3.12
N GLY E 520 31.56 -52.67 -3.59
CA GLY E 520 30.46 -53.04 -4.46
C GLY E 520 29.14 -53.18 -3.73
N GLN E 521 28.86 -52.28 -2.80
CA GLN E 521 27.60 -52.27 -2.08
C GLN E 521 26.76 -51.08 -2.54
N ARG E 522 25.50 -51.33 -2.88
CA ARG E 522 24.61 -50.27 -3.29
C ARG E 522 24.28 -49.38 -2.10
N GLU E 523 24.14 -48.09 -2.35
CA GLU E 523 23.78 -47.18 -1.27
C GLU E 523 23.18 -45.91 -1.87
N VAL E 524 22.39 -45.21 -1.06
CA VAL E 524 21.66 -44.04 -1.49
C VAL E 524 21.87 -42.93 -0.47
N VAL E 525 21.97 -41.69 -0.96
CA VAL E 525 22.18 -40.52 -0.13
C VAL E 525 21.13 -39.49 -0.47
N ALA E 526 20.48 -38.94 0.54
CA ALA E 526 19.32 -38.10 0.33
C ALA E 526 19.44 -36.81 1.11
N ASP E 527 18.48 -35.91 0.88
CA ASP E 527 18.37 -34.68 1.63
C ASP E 527 16.98 -34.10 1.38
N SER E 528 16.62 -33.09 2.17
CA SER E 528 15.33 -32.45 1.98
C SER E 528 15.41 -31.01 2.45
N VAL E 529 14.47 -30.21 1.96
CA VAL E 529 14.39 -28.79 2.28
C VAL E 529 12.93 -28.44 2.46
N TRP E 530 12.62 -27.67 3.50
CA TRP E 530 11.28 -27.16 3.72
C TRP E 530 11.25 -25.72 3.28
N VAL E 531 10.35 -25.38 2.37
CA VAL E 531 10.21 -24.03 1.83
C VAL E 531 8.81 -23.55 2.13
N ASP E 532 8.70 -22.38 2.73
CA ASP E 532 7.40 -21.80 3.05
C ASP E 532 7.04 -20.74 2.02
N VAL E 533 5.90 -20.92 1.38
CA VAL E 533 5.40 -19.97 0.39
C VAL E 533 4.34 -19.10 1.07
N LYS E 534 4.19 -17.87 0.58
CA LYS E 534 3.20 -16.96 1.13
C LYS E 534 1.80 -17.57 1.00
N ASP E 535 1.04 -17.52 2.08
CA ASP E 535 -0.25 -18.20 2.16
C ASP E 535 -1.33 -17.32 1.56
N SER E 536 -1.53 -17.45 0.25
CA SER E 536 -2.62 -16.80 -0.46
C SER E 536 -3.33 -17.85 -1.32
N CYS E 537 -4.62 -17.64 -1.57
CA CYS E 537 -5.41 -18.72 -2.12
C CYS E 537 -5.00 -19.03 -3.55
N VAL E 538 -5.41 -20.21 -4.02
CA VAL E 538 -5.02 -20.69 -5.34
C VAL E 538 -5.57 -19.76 -6.42
N GLY E 539 -6.85 -19.43 -6.32
CA GLY E 539 -7.44 -18.50 -7.27
C GLY E 539 -7.24 -17.06 -6.82
N SER E 540 -8.25 -16.22 -7.01
CA SER E 540 -8.20 -14.85 -6.51
C SER E 540 -9.62 -14.31 -6.50
N LEU E 541 -10.15 -14.02 -5.31
CA LEU E 541 -11.46 -13.43 -5.18
C LEU E 541 -11.33 -12.12 -4.41
N VAL E 542 -12.05 -11.10 -4.87
CA VAL E 542 -12.07 -9.81 -4.19
C VAL E 542 -13.40 -9.16 -4.46
N VAL E 543 -13.91 -8.43 -3.48
CA VAL E 543 -15.20 -7.74 -3.58
C VAL E 543 -14.97 -6.26 -3.34
N LYS E 544 -15.52 -5.42 -4.22
CA LYS E 544 -15.44 -3.98 -4.06
C LYS E 544 -16.72 -3.38 -4.62
N SER E 545 -16.78 -2.05 -4.68
CA SER E 545 -18.01 -1.34 -4.98
C SER E 545 -18.00 -0.79 -6.40
N GLY E 546 -19.14 -0.95 -7.09
CA GLY E 546 -19.25 -0.44 -8.44
C GLY E 546 -19.15 1.08 -8.51
N GLN E 547 -19.83 1.77 -7.60
CA GLN E 547 -19.71 3.21 -7.50
C GLN E 547 -18.30 3.56 -7.05
N SER E 548 -17.64 4.46 -7.79
CA SER E 548 -16.23 4.74 -7.50
C SER E 548 -16.04 5.36 -6.12
N GLU E 549 -16.49 6.60 -5.92
CA GLU E 549 -16.45 7.23 -4.60
C GLU E 549 -17.83 7.67 -4.13
N ASP E 550 -18.51 8.52 -4.89
CA ASP E 550 -19.83 9.06 -4.54
C ASP E 550 -19.85 9.57 -3.11
N ARG E 551 -21.04 9.58 -2.50
CA ARG E 551 -21.20 9.87 -1.08
C ARG E 551 -21.60 8.59 -0.35
N GLN E 552 -21.60 8.67 0.97
CA GLN E 552 -21.89 7.48 1.77
C GLN E 552 -23.31 7.00 1.47
N PRO E 553 -23.54 5.69 1.50
CA PRO E 553 -24.88 5.18 1.18
C PRO E 553 -25.92 5.64 2.20
N VAL E 554 -27.17 5.35 1.89
CA VAL E 554 -28.31 5.77 2.71
C VAL E 554 -29.26 4.59 2.84
N PRO E 555 -29.82 4.34 4.02
CA PRO E 555 -30.77 3.23 4.17
C PRO E 555 -31.90 3.27 3.15
N GLY E 556 -31.95 2.27 2.28
CA GLY E 556 -32.90 2.23 1.19
C GLY E 556 -32.32 2.59 -0.16
N GLN E 557 -31.03 2.85 -0.25
CA GLN E 557 -30.37 3.21 -1.50
C GLN E 557 -29.59 2.01 -2.02
N GLN E 558 -29.69 1.77 -3.33
CA GLN E 558 -29.06 0.58 -3.88
C GLN E 558 -27.56 0.77 -4.01
N MET E 559 -26.86 -0.35 -4.08
CA MET E 559 -25.43 -0.35 -4.29
C MET E 559 -25.08 -1.51 -5.20
N THR E 560 -23.97 -1.37 -5.92
CA THR E 560 -23.52 -2.37 -6.87
C THR E 560 -22.22 -2.97 -6.37
N LEU E 561 -22.18 -4.29 -6.26
CA LEU E 561 -20.99 -5.01 -5.83
C LEU E 561 -20.30 -5.61 -7.05
N LYS E 562 -19.00 -5.40 -7.16
CA LYS E 562 -18.20 -5.95 -8.25
C LYS E 562 -17.39 -7.10 -7.69
N ILE E 563 -17.55 -8.28 -8.30
CA ILE E 563 -16.87 -9.49 -7.85
C ILE E 563 -15.91 -9.93 -8.94
N GLU E 564 -14.65 -10.11 -8.59
CA GLU E 564 -13.59 -10.46 -9.53
C GLU E 564 -13.09 -11.85 -9.20
N GLY E 565 -13.75 -12.87 -9.76
CA GLY E 565 -13.38 -14.24 -9.50
C GLY E 565 -13.07 -14.98 -10.79
N ASP E 566 -12.45 -16.14 -10.64
CA ASP E 566 -12.10 -16.95 -11.80
C ASP E 566 -13.35 -17.45 -12.51
N HIS E 567 -13.22 -17.63 -13.82
CA HIS E 567 -14.36 -18.04 -14.62
C HIS E 567 -14.85 -19.43 -14.21
N GLY E 568 -16.16 -19.60 -14.24
CA GLY E 568 -16.78 -20.85 -13.84
C GLY E 568 -16.95 -21.03 -12.35
N ALA E 569 -16.32 -20.18 -11.55
CA ALA E 569 -16.40 -20.30 -10.10
C ALA E 569 -17.79 -19.92 -9.63
N ARG E 570 -18.13 -20.40 -8.44
CA ARG E 570 -19.38 -20.08 -7.78
C ARG E 570 -19.05 -19.42 -6.45
N VAL E 571 -19.54 -18.20 -6.25
CA VAL E 571 -19.30 -17.47 -5.02
C VAL E 571 -20.55 -17.59 -4.15
N VAL E 572 -20.33 -17.54 -2.84
CA VAL E 572 -21.43 -17.51 -1.88
C VAL E 572 -21.25 -16.29 -1.00
N LEU E 573 -22.33 -15.53 -0.84
CA LEU E 573 -22.27 -14.23 -0.19
C LEU E 573 -23.03 -14.26 1.13
N VAL E 574 -22.52 -13.51 2.10
CA VAL E 574 -23.25 -13.25 3.33
C VAL E 574 -22.87 -11.86 3.81
N ALA E 575 -23.88 -11.06 4.15
CA ALA E 575 -23.67 -9.71 4.66
C ALA E 575 -24.16 -9.67 6.09
N VAL E 576 -23.29 -9.28 7.01
CA VAL E 576 -23.54 -9.42 8.43
C VAL E 576 -23.19 -8.11 9.13
N ASP E 577 -24.05 -7.71 10.06
CA ASP E 577 -23.82 -6.48 10.82
C ASP E 577 -22.51 -6.58 11.59
N LYS E 578 -22.04 -5.44 12.08
CA LYS E 578 -20.82 -5.42 12.89
C LYS E 578 -21.09 -5.44 14.39
N GLY E 579 -22.34 -5.26 14.82
CA GLY E 579 -22.64 -5.44 16.21
C GLY E 579 -22.41 -6.86 16.69
N VAL E 580 -22.80 -7.84 15.87
CA VAL E 580 -22.61 -9.23 16.26
C VAL E 580 -21.13 -9.55 16.40
N PHE E 581 -20.28 -8.93 15.58
CA PHE E 581 -18.85 -9.11 15.75
C PHE E 581 -18.32 -8.35 16.95
N VAL E 582 -18.99 -7.27 17.36
CA VAL E 582 -18.62 -6.63 18.62
C VAL E 582 -18.89 -7.58 19.79
N LEU E 583 -20.03 -8.29 19.76
CA LEU E 583 -20.39 -9.16 20.87
C LEU E 583 -19.54 -10.43 20.90
N ASN E 584 -19.36 -11.08 19.75
CA ASN E 584 -18.60 -12.32 19.70
C ASN E 584 -17.88 -12.40 18.38
N LYS E 585 -16.54 -12.34 18.42
CA LYS E 585 -15.72 -12.35 17.21
C LYS E 585 -14.98 -13.65 17.02
N LYS E 586 -15.41 -14.71 17.68
CA LYS E 586 -14.79 -16.01 17.53
C LYS E 586 -15.47 -16.82 16.43
N ASN E 587 -14.77 -17.86 15.99
CA ASN E 587 -15.29 -18.79 14.97
C ASN E 587 -15.63 -18.09 13.66
N LYS E 588 -14.82 -17.11 13.27
CA LYS E 588 -14.96 -16.49 11.96
C LYS E 588 -14.14 -17.27 10.93
N LEU E 589 -14.60 -17.23 9.68
CA LEU E 589 -13.97 -17.98 8.60
C LEU E 589 -12.99 -17.08 7.85
N THR E 590 -11.79 -17.57 7.62
CA THR E 590 -10.79 -16.83 6.86
C THR E 590 -9.79 -17.80 6.25
N GLN E 591 -9.06 -17.31 5.25
CA GLN E 591 -8.12 -18.15 4.52
C GLN E 591 -7.01 -18.67 5.43
N SER E 592 -6.59 -17.87 6.40
CA SER E 592 -5.53 -18.31 7.30
C SER E 592 -5.93 -19.58 8.04
N LYS E 593 -7.20 -19.66 8.48
CA LYS E 593 -7.66 -20.85 9.17
C LYS E 593 -7.63 -22.06 8.26
N ILE E 594 -8.05 -21.91 7.01
CA ILE E 594 -8.04 -23.04 6.08
C ILE E 594 -6.61 -23.52 5.86
N TRP E 595 -5.66 -22.59 5.69
CA TRP E 595 -4.29 -23.00 5.46
C TRP E 595 -3.70 -23.66 6.70
N ASP E 596 -4.08 -23.18 7.89
CA ASP E 596 -3.60 -23.82 9.11
C ASP E 596 -4.14 -25.24 9.21
N VAL E 597 -5.42 -25.45 8.89
CA VAL E 597 -5.99 -26.79 8.97
C VAL E 597 -5.35 -27.71 7.95
N VAL E 598 -5.10 -27.22 6.73
CA VAL E 598 -4.44 -28.05 5.74
C VAL E 598 -3.02 -28.40 6.18
N GLU E 599 -2.29 -27.43 6.74
CA GLU E 599 -0.91 -27.66 7.12
C GLU E 599 -0.81 -28.64 8.28
N LYS E 600 -1.70 -28.54 9.27
CA LYS E 600 -1.57 -29.41 10.44
C LYS E 600 -1.87 -30.87 10.11
N ALA E 601 -2.43 -31.16 8.94
CA ALA E 601 -2.70 -32.53 8.53
C ALA E 601 -1.66 -33.06 7.54
N ASP E 602 -0.41 -32.62 7.69
CA ASP E 602 0.68 -33.08 6.84
C ASP E 602 1.19 -34.44 7.28
N ILE E 603 1.99 -35.06 6.43
CA ILE E 603 2.60 -36.33 6.75
C ILE E 603 4.02 -36.17 7.29
N GLY E 604 4.70 -35.06 6.97
CA GLY E 604 6.06 -34.85 7.40
C GLY E 604 6.17 -34.68 8.90
N CYS E 605 7.42 -34.66 9.37
CA CYS E 605 7.69 -34.56 10.80
C CYS E 605 8.78 -33.57 11.17
N THR E 606 9.70 -33.22 10.27
CA THR E 606 10.77 -32.31 10.62
C THR E 606 11.12 -31.51 9.38
N PRO E 607 11.34 -30.21 9.50
CA PRO E 607 11.63 -29.40 8.32
C PRO E 607 13.02 -29.63 7.74
N GLY E 608 13.36 -30.89 7.45
CA GLY E 608 14.58 -31.14 6.72
C GLY E 608 15.58 -32.07 7.37
N SER E 609 16.29 -32.84 6.54
CA SER E 609 17.40 -33.67 6.96
C SER E 609 16.99 -34.74 7.96
N GLY E 610 17.94 -35.57 8.36
CA GLY E 610 17.63 -36.66 9.26
C GLY E 610 18.87 -37.45 9.59
N LYS E 611 18.66 -38.58 10.28
CA LYS E 611 19.77 -39.43 10.67
C LYS E 611 20.48 -40.02 9.46
N ASP E 612 19.73 -40.47 8.47
CA ASP E 612 20.26 -41.06 7.24
C ASP E 612 19.14 -41.09 6.21
N TYR E 613 19.36 -41.82 5.12
CA TYR E 613 18.40 -41.78 4.02
C TYR E 613 17.03 -42.27 4.45
N ALA E 614 16.98 -43.36 5.21
CA ALA E 614 15.68 -43.83 5.70
C ALA E 614 15.02 -42.77 6.56
N GLY E 615 15.78 -42.16 7.45
CA GLY E 615 15.23 -41.09 8.26
C GLY E 615 14.78 -39.90 7.44
N VAL E 616 15.56 -39.54 6.42
CA VAL E 616 15.21 -38.38 5.60
C VAL E 616 13.89 -38.63 4.88
N PHE E 617 13.76 -39.82 4.27
CA PHE E 617 12.53 -40.12 3.55
C PHE E 617 11.34 -40.18 4.49
N SER E 618 11.49 -40.85 5.64
CA SER E 618 10.37 -40.94 6.56
C SER E 618 9.98 -39.58 7.11
N ASP E 619 10.96 -38.72 7.38
CA ASP E 619 10.66 -37.37 7.82
C ASP E 619 9.91 -36.61 6.74
N ALA E 620 10.29 -36.79 5.47
CA ALA E 620 9.56 -36.14 4.40
C ALA E 620 8.13 -36.68 4.31
N GLY E 621 7.96 -37.98 4.52
CA GLY E 621 6.64 -38.59 4.44
C GLY E 621 6.48 -39.53 3.26
N LEU E 622 7.54 -40.25 2.92
CA LEU E 622 7.57 -41.12 1.75
C LEU E 622 8.13 -42.48 2.14
N THR E 623 8.09 -43.41 1.19
CA THR E 623 8.74 -44.70 1.35
C THR E 623 9.58 -44.96 0.11
N PHE E 624 10.69 -45.66 0.30
CA PHE E 624 11.65 -45.88 -0.78
C PHE E 624 12.17 -47.31 -0.65
N THR E 625 11.65 -48.22 -1.47
CA THR E 625 12.02 -49.61 -1.42
C THR E 625 12.73 -49.98 -2.71
N SER E 626 13.87 -50.65 -2.60
CA SER E 626 14.65 -51.04 -3.75
C SER E 626 14.73 -52.55 -3.82
N SER E 627 15.07 -53.06 -5.00
CA SER E 627 15.21 -54.51 -5.15
C SER E 627 16.37 -55.03 -4.32
N SER E 628 17.44 -54.23 -4.17
CA SER E 628 18.58 -54.68 -3.38
C SER E 628 18.22 -54.82 -1.92
N GLY E 629 17.45 -53.88 -1.37
CA GLY E 629 17.01 -54.01 0.01
C GLY E 629 16.94 -52.72 0.81
N GLN E 630 17.46 -51.63 0.25
CA GLN E 630 17.48 -50.36 0.97
C GLN E 630 16.05 -49.83 1.10
N GLN E 631 15.43 -50.04 2.26
CA GLN E 631 14.05 -49.59 2.42
C GLN E 631 13.91 -48.87 3.76
N THR E 632 12.96 -47.93 3.80
CA THR E 632 12.78 -47.11 4.97
C THR E 632 12.13 -47.89 6.10
N ALA E 633 12.20 -47.32 7.31
CA ALA E 633 11.62 -47.94 8.49
C ALA E 633 10.10 -47.91 8.41
N GLN E 634 9.48 -48.96 8.93
CA GLN E 634 8.02 -49.06 8.88
C GLN E 634 7.36 -48.03 9.79
N ARG E 635 6.23 -47.51 9.35
CA ARG E 635 5.43 -46.58 10.14
C ARG E 635 4.06 -47.20 10.38
N ALA E 636 3.62 -47.20 11.64
CA ALA E 636 2.33 -47.80 11.99
C ALA E 636 1.51 -46.90 12.90
N GLU E 637 1.79 -45.60 12.93
CA GLU E 637 1.04 -44.66 13.74
C GLU E 637 0.70 -43.44 12.88
N LEU E 638 -0.56 -42.99 12.98
CA LEU E 638 -0.96 -41.83 12.18
C LEU E 638 -0.26 -40.57 12.64
N GLN E 639 -0.42 -40.20 13.91
CA GLN E 639 0.17 -38.97 14.41
C GLN E 639 1.68 -39.12 14.57
N CYS E 640 2.41 -38.08 14.21
CA CYS E 640 3.86 -38.10 14.35
C CYS E 640 4.24 -38.10 15.83
N PRO E 641 5.28 -38.84 16.20
CA PRO E 641 5.70 -38.86 17.62
C PRO E 641 6.08 -37.47 18.11
N GLN E 642 5.66 -37.19 19.34
CA GLN E 642 5.85 -35.90 20.04
C GLN E 642 5.90 -34.69 19.10
N GLU F 5 -47.16 23.77 9.24
CA GLU F 5 -45.99 24.55 8.86
C GLU F 5 -45.10 23.79 7.89
N ASP F 6 -43.80 24.04 7.96
CA ASP F 6 -42.81 23.32 7.17
C ASP F 6 -42.43 22.04 7.91
N ILE F 7 -43.39 21.15 8.00
CA ILE F 7 -43.22 19.86 8.66
C ILE F 7 -43.88 18.78 7.83
N ILE F 8 -43.28 17.60 7.82
CA ILE F 8 -43.90 16.46 7.16
C ILE F 8 -45.03 15.95 8.02
N ALA F 9 -46.18 15.66 7.41
CA ALA F 9 -47.31 15.15 8.16
C ALA F 9 -46.96 13.81 8.80
N GLU F 10 -47.75 13.42 9.81
CA GLU F 10 -47.46 12.19 10.52
C GLU F 10 -47.74 10.96 9.67
N GLU F 11 -48.83 10.97 8.90
CA GLU F 11 -49.17 9.79 8.12
C GLU F 11 -48.20 9.58 6.96
N ASN F 12 -47.54 10.63 6.50
CA ASN F 12 -46.66 10.50 5.34
C ASN F 12 -45.35 9.80 5.69
N ILE F 13 -44.84 9.98 6.91
CA ILE F 13 -43.60 9.33 7.28
C ILE F 13 -43.84 7.83 7.39
N VAL F 14 -42.93 7.05 6.82
CA VAL F 14 -42.99 5.60 6.87
C VAL F 14 -41.70 5.09 7.49
N SER F 15 -41.83 4.17 8.45
CA SER F 15 -40.73 3.78 9.32
C SER F 15 -39.92 2.63 8.73
N ARG F 16 -38.62 2.65 9.02
CA ARG F 16 -37.76 1.52 8.69
C ARG F 16 -38.18 0.30 9.49
N SER F 17 -38.36 -0.81 8.82
CA SER F 17 -38.91 -1.99 9.48
C SER F 17 -37.98 -3.20 9.45
N GLU F 18 -37.17 -3.36 8.41
CA GLU F 18 -36.32 -4.53 8.27
C GLU F 18 -34.97 -4.24 8.93
N PHE F 19 -34.67 -4.96 10.01
CA PHE F 19 -33.42 -4.81 10.75
C PHE F 19 -32.76 -6.17 10.88
N PRO F 20 -32.36 -6.78 9.76
CA PRO F 20 -31.87 -8.16 9.82
C PRO F 20 -30.44 -8.18 10.33
N GLU F 21 -30.17 -9.10 11.27
CA GLU F 21 -28.82 -9.21 11.81
C GLU F 21 -27.83 -9.59 10.72
N SER F 22 -28.21 -10.51 9.83
CA SER F 22 -27.41 -10.85 8.67
C SER F 22 -28.32 -11.18 7.50
N TRP F 23 -28.10 -10.50 6.38
CA TRP F 23 -28.92 -10.68 5.19
C TRP F 23 -28.03 -11.11 4.03
N LEU F 24 -28.58 -11.12 2.82
CA LEU F 24 -27.83 -11.48 1.62
C LEU F 24 -27.26 -12.90 1.73
N TRP F 25 -28.18 -13.86 1.81
CA TRP F 25 -27.83 -15.28 1.79
C TRP F 25 -28.05 -15.78 0.37
N ASN F 26 -27.10 -15.46 -0.50
CA ASN F 26 -27.24 -15.73 -1.93
C ASN F 26 -26.01 -16.44 -2.44
N VAL F 27 -26.24 -17.32 -3.42
CA VAL F 27 -25.18 -18.06 -4.11
C VAL F 27 -25.27 -17.73 -5.59
N GLU F 28 -24.15 -17.34 -6.19
CA GLU F 28 -24.13 -16.87 -7.56
C GLU F 28 -22.98 -17.50 -8.32
N ASP F 29 -23.19 -17.66 -9.63
CA ASP F 29 -22.24 -18.29 -10.53
C ASP F 29 -21.65 -17.24 -11.45
N LEU F 30 -20.36 -17.37 -11.74
CA LEU F 30 -19.66 -16.42 -12.61
C LEU F 30 -19.59 -17.02 -14.01
N LYS F 31 -20.61 -16.76 -14.81
CA LYS F 31 -20.69 -17.29 -16.17
C LYS F 31 -20.32 -16.27 -17.24
N GLU F 32 -19.90 -15.08 -16.86
CA GLU F 32 -19.54 -14.07 -17.85
C GLU F 32 -18.23 -14.44 -18.53
N PRO F 33 -18.01 -13.95 -19.75
CA PRO F 33 -16.76 -14.24 -20.46
C PRO F 33 -15.55 -13.70 -19.70
N PRO F 34 -14.44 -14.43 -19.71
CA PRO F 34 -13.27 -14.02 -18.92
C PRO F 34 -12.30 -13.16 -19.71
N LYS F 35 -11.76 -12.15 -19.01
CA LYS F 35 -10.69 -11.30 -19.53
C LYS F 35 -9.53 -11.40 -18.55
N ASN F 36 -8.34 -11.69 -19.09
CA ASN F 36 -7.14 -11.89 -18.28
C ASN F 36 -7.39 -12.98 -17.23
N GLY F 37 -8.22 -13.97 -17.56
CA GLY F 37 -8.55 -15.02 -16.64
C GLY F 37 -9.25 -14.59 -15.37
N ILE F 38 -9.73 -13.36 -15.31
CA ILE F 38 -10.36 -12.80 -14.13
C ILE F 38 -11.70 -12.23 -14.56
N SER F 39 -12.78 -12.93 -14.26
CA SER F 39 -14.10 -12.50 -14.64
C SER F 39 -14.58 -11.39 -13.71
N THR F 40 -15.58 -10.64 -14.18
CA THR F 40 -16.12 -9.53 -13.42
C THR F 40 -17.64 -9.54 -13.51
N LYS F 41 -18.30 -9.55 -12.35
CA LYS F 41 -19.75 -9.59 -12.29
C LYS F 41 -20.24 -8.38 -11.48
N LEU F 42 -21.20 -7.66 -12.04
CA LEU F 42 -21.83 -6.55 -11.35
C LEU F 42 -23.23 -6.97 -10.92
N MET F 43 -23.50 -6.88 -9.63
CA MET F 43 -24.78 -7.29 -9.07
C MET F 43 -25.36 -6.16 -8.25
N ASN F 44 -26.69 -6.10 -8.18
CA ASN F 44 -27.41 -4.98 -7.59
C ASN F 44 -28.05 -5.43 -6.28
N ILE F 45 -27.71 -4.74 -5.19
CA ILE F 45 -28.26 -5.01 -3.88
C ILE F 45 -28.86 -3.73 -3.34
N PHE F 46 -30.06 -3.83 -2.76
CA PHE F 46 -30.73 -2.71 -2.11
C PHE F 46 -30.47 -2.82 -0.61
N LEU F 47 -29.80 -1.82 -0.05
CA LEU F 47 -29.33 -1.91 1.32
C LEU F 47 -30.50 -1.98 2.30
N LYS F 48 -30.29 -2.72 3.38
CA LYS F 48 -31.31 -2.87 4.40
C LYS F 48 -31.44 -1.57 5.18
N ASP F 49 -32.40 -1.55 6.09
CA ASP F 49 -32.82 -0.30 6.71
C ASP F 49 -32.05 0.05 7.97
N SER F 50 -31.20 -0.85 8.48
CA SER F 50 -30.44 -0.53 9.67
C SER F 50 -29.26 0.38 9.33
N ILE F 51 -28.83 1.16 10.31
CA ILE F 51 -27.74 2.11 10.12
C ILE F 51 -26.49 1.64 10.85
N THR F 52 -25.61 0.96 10.13
CA THR F 52 -24.43 0.31 10.69
C THR F 52 -23.43 0.12 9.56
N THR F 53 -22.43 -0.72 9.78
CA THR F 53 -21.46 -1.05 8.75
C THR F 53 -21.55 -2.55 8.47
N TRP F 54 -22.21 -2.91 7.38
CA TRP F 54 -22.28 -4.31 6.99
C TRP F 54 -20.91 -4.81 6.55
N GLU F 55 -20.58 -6.03 6.95
CA GLU F 55 -19.32 -6.66 6.60
C GLU F 55 -19.62 -7.84 5.68
N ILE F 56 -19.32 -7.69 4.40
CA ILE F 56 -19.73 -8.65 3.38
C ILE F 56 -18.56 -9.61 3.10
N LEU F 57 -18.80 -10.90 3.26
CA LEU F 57 -17.79 -11.93 3.10
C LEU F 57 -18.21 -12.85 1.97
N ALA F 58 -17.27 -13.13 1.06
CA ALA F 58 -17.53 -13.94 -0.12
C ALA F 58 -16.56 -15.09 -0.18
N VAL F 59 -17.08 -16.30 -0.41
CA VAL F 59 -16.29 -17.52 -0.47
C VAL F 59 -16.51 -18.18 -1.82
N SER F 60 -15.42 -18.42 -2.55
CA SER F 60 -15.49 -19.00 -3.88
C SER F 60 -15.28 -20.49 -3.85
N MET F 61 -16.07 -21.22 -4.63
CA MET F 61 -15.97 -22.67 -4.70
C MET F 61 -15.91 -23.08 -6.17
N SER F 62 -14.72 -23.03 -6.74
CA SER F 62 -14.50 -23.34 -8.15
C SER F 62 -13.97 -24.76 -8.30
N ASP F 63 -14.19 -25.33 -9.49
CA ASP F 63 -13.82 -26.72 -9.71
C ASP F 63 -12.31 -26.91 -9.92
N LYS F 64 -11.64 -25.93 -10.52
CA LYS F 64 -10.23 -26.10 -10.86
C LYS F 64 -9.28 -25.41 -9.90
N LYS F 65 -9.68 -24.30 -9.29
CA LYS F 65 -8.76 -23.55 -8.43
C LYS F 65 -8.86 -23.99 -6.98
N GLY F 66 -10.05 -23.94 -6.39
CA GLY F 66 -10.22 -24.38 -5.02
C GLY F 66 -11.13 -23.49 -4.20
N ILE F 67 -10.72 -23.15 -2.98
CA ILE F 67 -11.44 -22.21 -2.13
C ILE F 67 -10.62 -20.96 -1.97
N CYS F 68 -11.20 -19.82 -2.30
CA CYS F 68 -10.71 -18.51 -1.91
C CYS F 68 -11.75 -17.83 -1.04
N VAL F 69 -11.31 -17.27 0.07
CA VAL F 69 -12.17 -16.50 0.95
C VAL F 69 -11.72 -15.05 0.86
N ALA F 70 -12.59 -14.19 0.35
CA ALA F 70 -12.25 -12.79 0.15
C ALA F 70 -12.05 -12.09 1.48
N ASP F 71 -11.22 -11.05 1.47
CA ASP F 71 -11.14 -10.18 2.63
C ASP F 71 -12.47 -9.46 2.81
N PRO F 72 -12.95 -9.33 4.04
CA PRO F 72 -14.26 -8.71 4.26
C PRO F 72 -14.32 -7.30 3.71
N PHE F 73 -15.46 -6.95 3.14
CA PHE F 73 -15.70 -5.65 2.56
C PHE F 73 -16.77 -4.93 3.38
N GLU F 74 -16.47 -3.71 3.80
CA GLU F 74 -17.33 -2.97 4.72
C GLU F 74 -18.02 -1.83 3.99
N VAL F 75 -19.35 -1.74 4.16
CA VAL F 75 -20.16 -0.71 3.52
C VAL F 75 -20.79 0.11 4.64
N THR F 76 -20.23 1.27 4.94
CA THR F 76 -20.63 2.02 6.12
C THR F 76 -21.85 2.87 5.81
N VAL F 77 -23.04 2.30 6.05
CA VAL F 77 -24.29 3.01 5.84
C VAL F 77 -24.47 4.03 6.95
N MET F 78 -24.79 5.27 6.57
CA MET F 78 -24.99 6.32 7.56
C MET F 78 -25.84 7.43 6.97
N GLN F 79 -26.71 7.99 7.79
CA GLN F 79 -27.57 9.09 7.42
C GLN F 79 -27.22 10.31 8.28
N ASP F 80 -27.56 11.49 7.77
CA ASP F 80 -27.18 12.72 8.46
C ASP F 80 -27.92 12.87 9.78
N PHE F 81 -29.24 12.74 9.75
CA PHE F 81 -30.06 12.81 10.97
C PHE F 81 -30.92 11.57 11.04
N PHE F 82 -30.79 10.81 12.13
CA PHE F 82 -31.53 9.58 12.25
C PHE F 82 -31.78 9.26 13.71
N ILE F 83 -32.79 8.44 13.94
CA ILE F 83 -33.26 8.08 15.27
C ILE F 83 -32.97 6.62 15.52
N ASP F 84 -32.58 6.29 16.74
CA ASP F 84 -32.35 4.91 17.15
C ASP F 84 -33.14 4.62 18.42
N LEU F 85 -33.90 3.54 18.40
CA LEU F 85 -34.67 3.11 19.55
C LEU F 85 -33.91 2.00 20.26
N ARG F 86 -33.73 2.16 21.58
CA ARG F 86 -32.97 1.22 22.39
C ARG F 86 -33.95 0.37 23.21
N LEU F 87 -33.96 -0.94 22.96
CA LEU F 87 -34.90 -1.80 23.65
C LEU F 87 -34.17 -2.96 24.31
N PRO F 88 -34.60 -3.35 25.50
CA PRO F 88 -34.11 -4.60 26.08
C PRO F 88 -34.68 -5.77 25.30
N TYR F 89 -34.01 -6.92 25.41
CA TYR F 89 -34.48 -8.10 24.68
C TYR F 89 -35.91 -8.42 25.05
N SER F 90 -36.21 -8.45 26.35
CA SER F 90 -37.53 -8.83 26.82
C SER F 90 -37.90 -8.00 28.04
N VAL F 91 -39.17 -7.62 28.12
CA VAL F 91 -39.72 -6.92 29.26
C VAL F 91 -40.91 -7.70 29.79
N VAL F 92 -40.92 -7.94 31.10
CA VAL F 92 -41.95 -8.80 31.68
C VAL F 92 -43.29 -8.07 31.68
N ARG F 93 -44.36 -8.84 31.50
CA ARG F 93 -45.69 -8.28 31.39
C ARG F 93 -46.10 -7.57 32.67
N ASN F 94 -46.87 -6.50 32.51
CA ASN F 94 -47.50 -5.75 33.60
C ASN F 94 -46.49 -5.05 34.50
N GLU F 95 -45.25 -4.86 34.05
CA GLU F 95 -44.24 -4.19 34.85
C GLU F 95 -43.64 -3.05 34.04
N GLN F 96 -43.59 -1.87 34.64
CA GLN F 96 -43.14 -0.68 33.92
C GLN F 96 -41.69 -0.84 33.49
N VAL F 97 -41.41 -0.43 32.24
CA VAL F 97 -40.05 -0.34 31.75
C VAL F 97 -39.92 0.99 31.03
N GLU F 98 -38.67 1.42 30.86
CA GLU F 98 -38.37 2.69 30.23
C GLU F 98 -37.53 2.44 28.99
N ILE F 99 -37.98 2.98 27.85
CA ILE F 99 -37.28 2.86 26.58
C ILE F 99 -36.86 4.25 26.15
N ARG F 100 -35.66 4.35 25.59
CA ARG F 100 -35.07 5.63 25.23
C ARG F 100 -34.98 5.75 23.72
N ALA F 101 -35.34 6.92 23.20
CA ALA F 101 -35.14 7.26 21.81
C ALA F 101 -34.03 8.30 21.74
N VAL F 102 -32.90 7.93 21.15
CA VAL F 102 -31.79 8.84 20.95
C VAL F 102 -31.83 9.36 19.52
N LEU F 103 -31.75 10.68 19.38
CA LEU F 103 -32.00 11.35 18.10
C LEU F 103 -30.71 12.03 17.67
N TYR F 104 -29.90 11.32 16.88
CA TYR F 104 -28.61 11.85 16.50
C TYR F 104 -28.76 12.98 15.50
N ASN F 105 -27.69 13.77 15.34
CA ASN F 105 -27.68 14.86 14.36
C ASN F 105 -26.23 15.14 14.00
N TYR F 106 -25.79 14.65 12.85
CA TYR F 106 -24.41 14.78 12.42
C TYR F 106 -24.24 15.77 11.28
N ARG F 107 -24.96 16.88 11.34
CA ARG F 107 -24.66 18.03 10.50
C ARG F 107 -23.59 18.86 11.18
N GLN F 108 -22.55 19.24 10.43
CA GLN F 108 -21.48 20.04 11.02
C GLN F 108 -22.00 21.36 11.57
N ASN F 109 -23.16 21.82 11.10
CA ASN F 109 -23.79 23.03 11.58
C ASN F 109 -25.31 22.84 11.51
N GLN F 110 -26.04 23.95 11.58
CA GLN F 110 -27.50 23.93 11.38
C GLN F 110 -28.18 23.00 12.38
N GLU F 111 -28.16 23.42 13.65
CA GLU F 111 -28.82 22.65 14.69
C GLU F 111 -30.30 22.47 14.37
N LEU F 112 -30.80 21.27 14.58
CA LEU F 112 -32.13 20.88 14.17
C LEU F 112 -33.16 21.21 15.23
N LYS F 113 -34.43 21.05 14.88
CA LYS F 113 -35.55 21.17 15.82
C LYS F 113 -36.53 20.06 15.48
N VAL F 114 -36.38 18.93 16.11
CA VAL F 114 -37.11 17.72 15.78
C VAL F 114 -38.45 17.74 16.50
N ARG F 115 -39.44 17.04 15.95
CA ARG F 115 -40.71 16.80 16.63
C ARG F 115 -40.90 15.29 16.76
N VAL F 116 -40.30 14.70 17.79
CA VAL F 116 -40.31 13.26 17.98
C VAL F 116 -41.53 12.86 18.80
N GLU F 117 -42.12 11.71 18.48
CA GLU F 117 -43.37 11.31 19.11
C GLU F 117 -43.53 9.80 19.07
N LEU F 118 -44.41 9.30 19.93
CA LEU F 118 -44.70 7.89 20.07
C LEU F 118 -46.14 7.64 19.66
N LEU F 119 -46.34 6.90 18.56
CA LEU F 119 -47.70 6.64 18.14
C LEU F 119 -48.34 5.56 19.00
N HIS F 120 -49.66 5.57 19.05
CA HIS F 120 -50.39 4.69 19.95
C HIS F 120 -50.32 3.25 19.47
N ASN F 121 -50.22 2.33 20.42
CA ASN F 121 -50.24 0.89 20.15
C ASN F 121 -51.29 0.27 21.05
N PRO F 122 -52.29 -0.43 20.50
CA PRO F 122 -53.32 -1.04 21.35
C PRO F 122 -52.77 -2.10 22.28
N ALA F 123 -51.57 -2.63 22.01
CA ALA F 123 -51.02 -3.69 22.85
C ALA F 123 -50.35 -3.13 24.10
N PHE F 124 -49.41 -2.21 23.92
CA PHE F 124 -48.72 -1.60 25.05
C PHE F 124 -49.66 -0.65 25.79
N CYS F 125 -49.10 0.09 26.73
CA CYS F 125 -49.81 1.18 27.39
C CYS F 125 -48.84 2.31 27.66
N SER F 126 -49.22 3.53 27.28
CA SER F 126 -48.41 4.71 27.51
C SER F 126 -49.32 5.93 27.37
N LEU F 127 -48.72 7.11 27.35
CA LEU F 127 -49.52 8.33 27.28
C LEU F 127 -50.20 8.51 25.93
N ALA F 128 -49.70 7.86 24.89
CA ALA F 128 -50.31 7.99 23.57
C ALA F 128 -51.69 7.37 23.55
N THR F 129 -52.61 8.01 22.85
CA THR F 129 -53.98 7.53 22.76
C THR F 129 -54.52 7.87 21.38
N THR F 130 -55.55 7.14 20.96
CA THR F 130 -56.17 7.40 19.66
C THR F 130 -56.78 8.79 19.59
N LYS F 131 -57.02 9.44 20.72
CA LYS F 131 -57.58 10.79 20.74
C LYS F 131 -56.50 11.85 20.89
N ARG F 132 -55.53 11.64 21.78
CA ARG F 132 -54.49 12.62 22.06
C ARG F 132 -53.14 11.99 21.76
N ARG F 133 -52.22 12.78 21.22
CA ARG F 133 -50.97 12.29 20.68
C ARG F 133 -49.80 12.80 21.50
N HIS F 134 -48.88 11.90 21.85
CA HIS F 134 -47.77 12.23 22.74
C HIS F 134 -46.58 12.68 21.89
N GLN F 135 -46.52 13.99 21.63
CA GLN F 135 -45.47 14.56 20.81
C GLN F 135 -44.63 15.51 21.64
N GLN F 136 -43.32 15.48 21.41
CA GLN F 136 -42.39 16.38 22.04
C GLN F 136 -41.60 17.09 20.96
N THR F 137 -41.18 18.32 21.25
CA THR F 137 -40.41 19.11 20.30
C THR F 137 -39.04 19.39 20.91
N VAL F 138 -38.10 18.47 20.68
CA VAL F 138 -36.77 18.59 21.26
C VAL F 138 -35.97 19.58 20.43
N THR F 139 -34.80 19.96 20.92
CA THR F 139 -33.85 20.77 20.16
C THR F 139 -32.48 20.13 20.26
N ILE F 140 -31.79 20.03 19.12
CA ILE F 140 -30.55 19.26 19.06
C ILE F 140 -29.39 20.13 18.58
N PRO F 141 -28.40 20.42 19.43
CA PRO F 141 -27.21 21.08 18.92
C PRO F 141 -26.46 20.17 17.97
N PRO F 142 -25.69 20.75 17.05
CA PRO F 142 -25.04 19.94 16.02
C PRO F 142 -24.01 18.98 16.60
N LYS F 143 -23.85 17.84 15.92
CA LYS F 143 -22.93 16.79 16.33
C LYS F 143 -23.18 16.34 17.76
N SER F 144 -24.46 16.29 18.16
CA SER F 144 -24.81 15.87 19.50
C SER F 144 -26.03 14.96 19.43
N SER F 145 -26.09 14.03 20.37
CA SER F 145 -27.17 13.07 20.46
C SER F 145 -28.02 13.39 21.68
N LEU F 146 -29.30 13.67 21.46
CA LEU F 146 -30.24 14.01 22.51
C LEU F 146 -31.22 12.87 22.71
N SER F 147 -31.21 12.28 23.90
CA SER F 147 -32.07 11.13 24.20
C SER F 147 -33.39 11.60 24.80
N VAL F 148 -34.43 10.82 24.56
CA VAL F 148 -35.78 11.11 25.05
C VAL F 148 -36.25 9.92 25.85
N PRO F 149 -36.83 10.12 27.04
CA PRO F 149 -37.34 8.98 27.81
C PRO F 149 -38.79 8.69 27.49
N TYR F 150 -39.13 7.39 27.48
CA TYR F 150 -40.50 6.94 27.28
C TYR F 150 -40.78 5.81 28.26
N VAL F 151 -41.97 5.83 28.85
CA VAL F 151 -42.41 4.77 29.76
C VAL F 151 -43.56 4.03 29.10
N ILE F 152 -43.45 2.71 29.03
CA ILE F 152 -44.47 1.87 28.43
C ILE F 152 -44.73 0.68 29.35
N VAL F 153 -46.00 0.36 29.54
CA VAL F 153 -46.40 -0.78 30.35
C VAL F 153 -46.93 -1.85 29.40
N PRO F 154 -46.20 -2.94 29.17
CA PRO F 154 -46.73 -4.02 28.35
C PRO F 154 -47.99 -4.59 28.98
N LEU F 155 -48.90 -5.06 28.13
CA LEU F 155 -50.22 -5.47 28.61
C LEU F 155 -50.58 -6.88 28.18
N LYS F 156 -50.13 -7.29 26.99
CA LYS F 156 -50.41 -8.63 26.50
C LYS F 156 -49.14 -9.25 25.92
N THR F 157 -49.12 -10.58 25.90
CA THR F 157 -47.93 -11.33 25.54
C THR F 157 -47.75 -11.36 24.03
N GLY F 158 -46.69 -12.04 23.60
CA GLY F 158 -46.35 -12.17 22.20
C GLY F 158 -45.15 -11.32 21.81
N LEU F 159 -45.10 -10.97 20.54
CA LEU F 159 -44.14 -10.01 20.02
C LEU F 159 -44.89 -8.75 19.64
N GLN F 160 -44.45 -7.60 20.15
CA GLN F 160 -45.15 -6.35 19.92
C GLN F 160 -44.22 -5.33 19.29
N GLU F 161 -44.81 -4.39 18.58
CA GLU F 161 -44.08 -3.33 17.90
C GLU F 161 -44.17 -2.04 18.69
N VAL F 162 -43.03 -1.38 18.87
CA VAL F 162 -42.98 -0.03 19.42
C VAL F 162 -42.17 0.83 18.46
N GLU F 163 -42.69 2.02 18.15
CA GLU F 163 -42.09 2.81 17.09
C GLU F 163 -42.28 4.29 17.36
N VAL F 164 -41.29 5.09 16.96
CA VAL F 164 -41.29 6.53 17.18
C VAL F 164 -40.99 7.22 15.86
N LYS F 165 -41.68 8.32 15.58
CA LYS F 165 -41.54 9.04 14.33
C LYS F 165 -41.10 10.48 14.59
N ALA F 166 -40.15 10.95 13.79
CA ALA F 166 -39.56 12.27 13.96
C ALA F 166 -39.61 13.03 12.65
N ALA F 167 -39.65 14.35 12.72
CA ALA F 167 -39.66 15.17 11.51
C ALA F 167 -39.13 16.55 11.85
N VAL F 168 -38.13 17.02 11.10
CA VAL F 168 -37.46 18.26 11.45
C VAL F 168 -38.24 19.43 10.88
N TYR F 169 -38.09 20.60 11.51
CA TYR F 169 -38.76 21.80 11.04
C TYR F 169 -37.94 22.50 9.96
N HIS F 170 -38.63 23.29 9.15
CA HIS F 170 -37.99 24.16 8.14
C HIS F 170 -37.23 23.36 7.09
N HIS F 171 -36.69 22.20 7.45
CA HIS F 171 -36.28 21.30 6.34
C HIS F 171 -37.41 20.27 6.23
N PHE F 172 -37.30 19.33 5.33
CA PHE F 172 -38.34 18.33 5.15
C PHE F 172 -37.75 16.95 5.29
N ILE F 173 -37.05 16.74 6.40
CA ILE F 173 -36.32 15.53 6.68
C ILE F 173 -37.09 14.77 7.76
N SER F 174 -37.31 13.48 7.54
CA SER F 174 -38.00 12.65 8.51
C SER F 174 -37.29 11.32 8.66
N ASP F 175 -37.49 10.69 9.81
CA ASP F 175 -36.96 9.36 10.06
C ASP F 175 -37.68 8.77 11.26
N GLY F 176 -38.31 7.62 11.06
CA GLY F 176 -38.95 6.91 12.16
C GLY F 176 -38.52 5.46 12.14
N VAL F 177 -38.36 4.89 13.33
CA VAL F 177 -37.85 3.53 13.48
C VAL F 177 -38.92 2.69 14.16
N ARG F 178 -39.11 1.47 13.67
CA ARG F 178 -40.14 0.57 14.17
C ARG F 178 -39.48 -0.73 14.61
N LYS F 179 -39.26 -0.88 15.90
CA LYS F 179 -38.61 -2.07 16.44
C LYS F 179 -39.60 -2.90 17.24
N SER F 180 -39.30 -4.19 17.35
CA SER F 180 -40.16 -5.14 18.03
C SER F 180 -39.41 -5.85 19.14
N LEU F 181 -40.08 -6.01 20.28
CA LEU F 181 -39.50 -6.62 21.47
C LEU F 181 -40.43 -7.68 22.02
N LYS F 182 -39.84 -8.69 22.67
CA LYS F 182 -40.62 -9.77 23.24
C LYS F 182 -41.18 -9.37 24.60
N VAL F 183 -42.38 -9.84 24.88
CA VAL F 183 -42.98 -9.73 26.21
C VAL F 183 -43.34 -11.13 26.67
N VAL F 184 -42.97 -11.45 27.91
CA VAL F 184 -43.16 -12.80 28.45
C VAL F 184 -43.86 -12.68 29.80
N PRO F 185 -44.68 -13.67 30.17
CA PRO F 185 -45.32 -13.62 31.50
C PRO F 185 -44.30 -13.78 32.61
N GLU F 186 -44.67 -13.31 33.79
CA GLU F 186 -43.77 -13.37 34.94
C GLU F 186 -43.45 -14.82 35.29
N GLY F 187 -42.19 -15.07 35.66
CA GLY F 187 -41.78 -16.39 36.07
C GLY F 187 -40.40 -16.79 35.58
N ILE F 188 -39.94 -17.97 35.97
CA ILE F 188 -38.62 -18.46 35.57
C ILE F 188 -38.78 -19.88 35.03
N ARG F 189 -37.82 -20.28 34.19
CA ARG F 189 -37.84 -21.59 33.56
C ARG F 189 -36.99 -22.55 34.37
N MET F 190 -37.58 -23.68 34.76
CA MET F 190 -36.88 -24.72 35.50
C MET F 190 -37.29 -26.08 34.94
N ASN F 191 -36.39 -27.04 35.06
CA ASN F 191 -36.53 -28.34 34.40
C ASN F 191 -36.66 -29.43 35.46
N LYS F 192 -37.89 -29.69 35.89
CA LYS F 192 -38.16 -30.72 36.88
C LYS F 192 -38.15 -32.07 36.18
N THR F 193 -37.13 -32.89 36.46
CA THR F 193 -37.07 -34.21 35.87
C THR F 193 -38.22 -35.07 36.38
N VAL F 194 -38.74 -35.93 35.51
CA VAL F 194 -39.88 -36.76 35.87
C VAL F 194 -39.37 -38.06 36.49
N ALA F 195 -38.61 -38.84 35.74
CA ALA F 195 -38.13 -40.11 36.23
C ALA F 195 -36.94 -40.58 35.40
N VAL F 196 -36.19 -41.52 35.96
CA VAL F 196 -35.13 -42.22 35.26
C VAL F 196 -35.24 -43.71 35.61
N ARG F 197 -35.12 -44.56 34.60
CA ARG F 197 -35.20 -45.99 34.82
C ARG F 197 -34.31 -46.71 33.82
N THR F 198 -33.90 -47.91 34.18
CA THR F 198 -33.06 -48.76 33.34
C THR F 198 -33.92 -49.84 32.71
N LEU F 199 -33.91 -49.91 31.39
CA LEU F 199 -34.71 -50.88 30.66
C LEU F 199 -33.89 -52.15 30.45
N ASP F 200 -34.34 -53.25 31.08
CA ASP F 200 -33.73 -54.57 30.92
C ASP F 200 -34.84 -55.54 30.54
N PRO F 201 -35.04 -55.75 29.23
CA PRO F 201 -36.10 -56.68 28.81
C PRO F 201 -35.91 -58.09 29.36
N GLU F 202 -34.67 -58.57 29.46
CA GLU F 202 -34.44 -59.90 30.02
C GLU F 202 -34.71 -59.92 31.52
N ARG F 203 -34.35 -58.85 32.22
CA ARG F 203 -34.56 -58.76 33.66
C ARG F 203 -35.82 -57.96 33.98
N GLY F 208 -39.04 -61.72 28.55
CA GLY F 208 -38.02 -61.10 27.73
C GLY F 208 -38.40 -59.72 27.25
N VAL F 209 -39.42 -59.14 27.87
CA VAL F 209 -39.91 -57.82 27.51
C VAL F 209 -40.05 -56.98 28.77
N GLN F 210 -40.11 -55.66 28.58
CA GLN F 210 -40.32 -54.74 29.68
C GLN F 210 -41.20 -53.60 29.17
N LYS F 211 -42.42 -53.53 29.68
CA LYS F 211 -43.38 -52.48 29.31
C LYS F 211 -43.47 -51.47 30.43
N GLU F 212 -43.28 -50.19 30.09
CA GLU F 212 -43.20 -49.12 31.07
C GLU F 212 -44.13 -47.99 30.68
N ASP F 213 -44.74 -47.36 31.69
CA ASP F 213 -45.60 -46.21 31.50
C ASP F 213 -45.11 -45.07 32.38
N ILE F 214 -44.99 -43.88 31.81
CA ILE F 214 -44.51 -42.70 32.50
C ILE F 214 -45.70 -41.79 32.77
N PRO F 215 -46.10 -41.58 34.03
CA PRO F 215 -47.19 -40.66 34.31
C PRO F 215 -46.79 -39.23 33.97
N PRO F 216 -47.74 -38.39 33.57
CA PRO F 216 -47.40 -37.00 33.26
C PRO F 216 -46.93 -36.25 34.49
N ALA F 217 -46.07 -35.27 34.26
CA ALA F 217 -45.53 -34.47 35.35
C ALA F 217 -46.62 -33.64 36.00
N ASP F 218 -46.43 -33.34 37.30
CA ASP F 218 -47.42 -32.59 38.05
C ASP F 218 -47.59 -31.18 37.47
N LEU F 219 -46.48 -30.49 37.21
CA LEU F 219 -46.50 -29.12 36.71
C LEU F 219 -47.35 -28.23 37.60
N SER F 220 -47.15 -28.36 38.92
CA SER F 220 -47.96 -27.60 39.87
C SER F 220 -47.72 -26.11 39.74
N ASP F 221 -46.47 -25.70 39.54
CA ASP F 221 -46.12 -24.29 39.46
C ASP F 221 -46.05 -23.78 38.02
N GLN F 222 -46.52 -24.56 37.05
CA GLN F 222 -46.48 -24.13 35.66
C GLN F 222 -47.33 -22.88 35.46
N VAL F 223 -46.74 -21.87 34.84
CA VAL F 223 -47.46 -20.62 34.58
C VAL F 223 -48.53 -20.87 33.52
N PRO F 224 -49.76 -20.41 33.72
CA PRO F 224 -50.81 -20.64 32.72
C PRO F 224 -50.48 -19.97 31.39
N ASP F 225 -51.03 -20.56 30.32
CA ASP F 225 -50.86 -20.05 28.95
C ASP F 225 -49.39 -20.04 28.54
N THR F 226 -48.65 -21.05 28.99
CA THR F 226 -47.24 -21.20 28.65
C THR F 226 -47.01 -22.58 28.07
N GLU F 227 -46.22 -22.64 27.01
CA GLU F 227 -45.90 -23.93 26.38
C GLU F 227 -44.95 -24.71 27.26
N SER F 228 -45.22 -26.01 27.40
CA SER F 228 -44.36 -26.91 28.15
C SER F 228 -43.99 -28.09 27.25
N GLU F 229 -42.72 -28.46 27.27
CA GLU F 229 -42.20 -29.50 26.40
C GLU F 229 -41.71 -30.68 27.21
N THR F 230 -41.75 -31.86 26.60
CA THR F 230 -41.27 -33.10 27.20
C THR F 230 -40.17 -33.68 26.33
N ARG F 231 -39.04 -33.99 26.95
CA ARG F 231 -37.87 -34.49 26.26
C ARG F 231 -37.69 -35.97 26.61
N ILE F 232 -37.45 -36.79 25.59
CA ILE F 232 -37.23 -38.22 25.77
C ILE F 232 -35.85 -38.56 25.23
N LEU F 233 -35.02 -39.17 26.07
CA LEU F 233 -33.64 -39.51 25.74
C LEU F 233 -33.44 -41.01 25.88
N LEU F 234 -32.69 -41.58 24.94
CA LEU F 234 -32.39 -43.01 24.95
C LEU F 234 -30.89 -43.21 24.73
N GLN F 235 -30.27 -43.97 25.61
CA GLN F 235 -28.84 -44.23 25.53
C GLN F 235 -28.57 -45.71 25.80
N GLY F 236 -27.61 -46.27 25.07
CA GLY F 236 -27.22 -47.65 25.27
C GLY F 236 -26.13 -47.80 26.31
N THR F 237 -25.72 -49.05 26.51
CA THR F 237 -24.68 -49.38 27.47
C THR F 237 -23.96 -50.63 27.00
N PRO F 238 -22.63 -50.59 26.87
CA PRO F 238 -21.89 -51.78 26.44
C PRO F 238 -22.07 -52.93 27.41
N VAL F 239 -22.13 -54.15 26.86
CA VAL F 239 -22.34 -55.36 27.65
C VAL F 239 -21.17 -56.34 27.47
N ALA F 240 -20.05 -55.85 26.94
CA ALA F 240 -18.87 -56.69 26.74
C ALA F 240 -17.88 -56.42 27.88
N GLN F 241 -17.50 -57.48 28.59
CA GLN F 241 -16.61 -57.37 29.73
C GLN F 241 -15.16 -57.42 29.25
N MET F 242 -14.24 -57.56 30.20
CA MET F 242 -12.82 -57.64 29.86
C MET F 242 -12.53 -58.94 29.12
N THR F 243 -11.66 -58.85 28.12
CA THR F 243 -11.24 -60.00 27.34
C THR F 243 -9.78 -60.33 27.63
N GLU F 244 -9.49 -61.62 27.76
CA GLU F 244 -8.13 -62.05 28.06
C GLU F 244 -7.19 -61.68 26.93
N ASP F 245 -6.04 -61.10 27.28
CA ASP F 245 -5.07 -60.66 26.28
C ASP F 245 -4.37 -61.87 25.66
N ALA F 246 -4.15 -61.79 24.35
CA ALA F 246 -3.44 -62.85 23.63
C ALA F 246 -1.94 -62.69 23.80
N VAL F 247 -1.20 -63.70 23.34
CA VAL F 247 0.24 -63.70 23.49
C VAL F 247 0.86 -62.65 22.57
N ASP F 248 1.80 -61.87 23.11
CA ASP F 248 2.51 -60.88 22.30
C ASP F 248 3.37 -61.52 21.23
N ALA F 249 3.70 -62.80 21.36
CA ALA F 249 4.44 -63.59 20.39
C ALA F 249 5.85 -63.08 20.14
N GLU F 250 6.32 -62.11 20.93
CA GLU F 250 7.65 -61.54 20.70
C GLU F 250 8.74 -62.60 20.84
N ARG F 251 8.49 -63.64 21.66
CA ARG F 251 9.41 -64.75 21.80
C ARG F 251 9.09 -65.90 20.85
N LEU F 252 8.10 -65.73 19.97
CA LEU F 252 7.70 -66.77 19.04
C LEU F 252 8.32 -66.59 17.66
N LYS F 253 9.31 -65.71 17.53
CA LYS F 253 9.99 -65.52 16.26
C LYS F 253 11.03 -66.60 15.98
N HIS F 254 11.41 -67.38 16.99
CA HIS F 254 12.48 -68.36 16.81
C HIS F 254 12.03 -69.60 16.05
N LEU F 255 10.73 -69.94 16.10
CA LEU F 255 10.25 -71.19 15.54
C LEU F 255 10.30 -71.24 14.02
N ILE F 256 10.51 -70.11 13.35
CA ILE F 256 10.53 -70.08 11.88
C ILE F 256 11.79 -70.79 11.40
N VAL F 257 11.62 -71.99 10.85
CA VAL F 257 12.73 -72.82 10.38
C VAL F 257 12.45 -73.22 8.93
N THR F 258 13.46 -73.10 8.08
CA THR F 258 13.30 -73.44 6.67
C THR F 258 13.20 -74.95 6.50
N PRO F 259 12.14 -75.46 5.87
CA PRO F 259 12.04 -76.91 5.67
C PRO F 259 13.13 -77.43 4.76
N SER F 260 13.57 -78.65 5.05
CA SER F 260 14.63 -79.30 4.29
C SER F 260 14.62 -80.79 4.62
N GLY F 261 15.60 -81.50 4.10
CA GLY F 261 15.69 -82.93 4.37
C GLY F 261 14.60 -83.72 3.66
N CYS F 262 14.21 -84.82 4.29
CA CYS F 262 13.21 -85.72 3.72
C CYS F 262 11.82 -85.12 3.92
N GLY F 263 10.78 -85.90 3.60
CA GLY F 263 9.42 -85.41 3.74
C GLY F 263 9.04 -85.14 5.19
N GLU F 264 9.46 -86.03 6.10
CA GLU F 264 9.13 -85.85 7.51
C GLU F 264 9.79 -84.59 8.07
N GLN F 265 11.05 -84.36 7.73
CA GLN F 265 11.75 -83.16 8.21
C GLN F 265 11.12 -81.90 7.65
N ASN F 266 10.75 -81.92 6.36
CA ASN F 266 10.09 -80.77 5.77
C ASN F 266 8.74 -80.49 6.43
N MET F 267 7.98 -81.55 6.72
CA MET F 267 6.71 -81.37 7.41
C MET F 267 6.91 -80.81 8.81
N ILE F 268 7.93 -81.29 9.52
CA ILE F 268 8.21 -80.78 10.86
C ILE F 268 8.59 -79.31 10.79
N GLY F 269 9.37 -78.93 9.78
CA GLY F 269 9.74 -77.53 9.63
C GLY F 269 8.56 -76.64 9.29
N MET F 270 7.68 -77.10 8.39
CA MET F 270 6.58 -76.27 7.91
C MET F 270 5.37 -76.28 8.83
N THR F 271 5.28 -77.22 9.77
CA THR F 271 4.12 -77.27 10.66
C THR F 271 3.97 -76.03 11.54
N PRO F 272 5.01 -75.55 12.26
CA PRO F 272 4.78 -74.44 13.19
C PRO F 272 4.62 -73.10 12.51
N THR F 273 5.25 -72.94 11.33
CA THR F 273 5.21 -71.65 10.66
C THR F 273 3.81 -71.28 10.21
N VAL F 274 3.06 -72.25 9.65
CA VAL F 274 1.70 -71.97 9.21
C VAL F 274 0.81 -71.59 10.38
N ILE F 275 0.92 -72.33 11.49
CA ILE F 275 0.13 -72.02 12.67
C ILE F 275 0.48 -70.64 13.20
N ALA F 276 1.78 -70.30 13.24
CA ALA F 276 2.20 -69.01 13.75
C ALA F 276 1.68 -67.86 12.88
N VAL F 277 1.78 -68.01 11.56
CA VAL F 277 1.33 -66.95 10.67
C VAL F 277 -0.20 -66.81 10.73
N HIS F 278 -0.91 -67.93 10.85
CA HIS F 278 -2.37 -67.84 10.99
C HIS F 278 -2.75 -67.16 12.30
N TYR F 279 -2.05 -67.48 13.39
CA TYR F 279 -2.31 -66.84 14.67
C TYR F 279 -2.04 -65.34 14.58
N LEU F 280 -0.94 -64.96 13.92
CA LEU F 280 -0.61 -63.55 13.76
C LEU F 280 -1.67 -62.82 12.93
N ASP F 281 -2.14 -63.46 11.86
CA ASP F 281 -3.19 -62.86 11.05
C ASP F 281 -4.48 -62.69 11.84
N GLU F 282 -4.82 -63.69 12.66
CA GLU F 282 -6.02 -63.59 13.48
C GLU F 282 -5.91 -62.48 14.51
N THR F 283 -4.75 -62.35 15.15
CA THR F 283 -4.55 -61.36 16.20
C THR F 283 -4.02 -60.03 15.69
N GLU F 284 -3.73 -59.93 14.40
CA GLU F 284 -3.19 -58.73 13.75
C GLU F 284 -2.19 -58.00 14.64
N GLN F 285 -1.13 -58.72 14.99
CA GLN F 285 -0.04 -58.18 15.79
C GLN F 285 1.27 -58.07 15.01
N TRP F 286 1.18 -57.97 13.68
CA TRP F 286 2.38 -57.86 12.86
C TRP F 286 3.15 -56.57 13.10
N GLU F 287 2.50 -55.58 13.70
CA GLU F 287 3.13 -54.28 13.87
C GLU F 287 4.32 -54.32 14.82
N LYS F 288 4.49 -55.41 15.57
CA LYS F 288 5.58 -55.55 16.51
C LYS F 288 6.68 -56.47 16.02
N PHE F 289 6.64 -56.90 14.76
CA PHE F 289 7.63 -57.82 14.21
C PHE F 289 8.39 -57.26 13.02
N GLY F 290 7.73 -56.49 12.16
CA GLY F 290 8.33 -56.10 10.90
C GLY F 290 7.61 -56.76 9.75
N LEU F 291 6.90 -55.98 8.95
CA LEU F 291 5.95 -56.54 7.99
C LEU F 291 6.61 -57.30 6.85
N GLU F 292 7.93 -57.20 6.69
CA GLU F 292 8.62 -58.07 5.74
C GLU F 292 8.64 -59.53 6.21
N LYS F 293 8.41 -59.76 7.50
CA LYS F 293 8.39 -61.12 8.02
C LYS F 293 7.27 -61.93 7.39
N ARG F 294 6.13 -61.30 7.11
CA ARG F 294 5.02 -62.05 6.51
C ARG F 294 5.38 -62.56 5.12
N GLN F 295 6.00 -61.71 4.30
CA GLN F 295 6.38 -62.18 2.96
C GLN F 295 7.52 -63.19 3.03
N GLY F 296 8.46 -63.02 3.97
CA GLY F 296 9.48 -64.05 4.14
C GLY F 296 8.89 -65.39 4.52
N ALA F 297 7.95 -65.38 5.45
CA ALA F 297 7.28 -66.61 5.85
C ALA F 297 6.47 -67.20 4.71
N LEU F 298 5.85 -66.34 3.89
CA LEU F 298 5.10 -66.81 2.74
C LEU F 298 6.01 -67.53 1.74
N GLU F 299 7.18 -66.94 1.47
CA GLU F 299 8.14 -67.62 0.59
C GLU F 299 8.61 -68.94 1.19
N LEU F 300 8.87 -68.95 2.50
CA LEU F 300 9.29 -70.18 3.16
C LEU F 300 8.21 -71.26 3.05
N ILE F 301 6.94 -70.88 3.25
CA ILE F 301 5.85 -71.84 3.19
C ILE F 301 5.65 -72.33 1.77
N LYS F 302 5.82 -71.45 0.78
CA LYS F 302 5.73 -71.89 -0.62
C LYS F 302 6.82 -72.91 -0.94
N LYS F 303 8.05 -72.65 -0.48
CA LYS F 303 9.13 -73.61 -0.71
C LYS F 303 8.83 -74.94 -0.02
N GLY F 304 8.33 -74.89 1.22
CA GLY F 304 7.99 -76.11 1.91
C GLY F 304 6.89 -76.90 1.23
N TYR F 305 5.87 -76.20 0.74
CA TYR F 305 4.78 -76.87 0.03
C TYR F 305 5.27 -77.50 -1.25
N THR F 306 6.14 -76.81 -2.00
CA THR F 306 6.69 -77.40 -3.21
C THR F 306 7.53 -78.63 -2.88
N GLN F 307 8.34 -78.57 -1.81
CA GLN F 307 9.14 -79.72 -1.42
C GLN F 307 8.26 -80.89 -1.02
N GLN F 308 7.19 -80.62 -0.28
CA GLN F 308 6.27 -81.69 0.12
C GLN F 308 5.57 -82.30 -1.08
N LEU F 309 5.16 -81.47 -2.03
CA LEU F 309 4.52 -81.97 -3.24
C LEU F 309 5.48 -82.83 -4.06
N ALA F 310 6.76 -82.45 -4.09
CA ALA F 310 7.77 -83.27 -4.75
C ALA F 310 7.95 -84.62 -4.09
N PHE F 311 7.64 -84.72 -2.79
CA PHE F 311 7.72 -85.98 -2.06
C PHE F 311 6.39 -86.72 -2.01
N ARG F 312 5.37 -86.19 -2.66
CA ARG F 312 4.07 -86.85 -2.68
C ARG F 312 4.13 -88.14 -3.49
N GLN F 313 3.49 -89.18 -2.97
CA GLN F 313 3.48 -90.45 -3.68
C GLN F 313 2.61 -90.35 -4.93
N PRO F 314 2.88 -91.19 -5.94
CA PRO F 314 2.02 -91.18 -7.14
C PRO F 314 0.58 -91.56 -6.86
N SER F 315 0.30 -92.25 -5.75
CA SER F 315 -1.05 -92.61 -5.36
C SER F 315 -1.71 -91.56 -4.48
N SER F 316 -1.29 -90.29 -4.61
CA SER F 316 -1.81 -89.19 -3.80
C SER F 316 -1.61 -89.47 -2.31
N ALA F 317 -0.39 -89.85 -1.95
CA ALA F 317 -0.03 -90.16 -0.58
C ALA F 317 1.25 -89.42 -0.20
N PHE F 318 1.49 -89.33 1.09
CA PHE F 318 2.69 -88.69 1.64
C PHE F 318 3.44 -89.68 2.52
N ALA F 319 4.76 -89.72 2.37
CA ALA F 319 5.60 -90.61 3.16
C ALA F 319 6.99 -90.01 3.24
N ALA F 320 7.75 -90.51 4.23
CA ALA F 320 9.12 -90.02 4.42
C ALA F 320 10.00 -90.34 3.22
N PHE F 321 9.85 -91.56 2.67
CA PHE F 321 10.63 -91.99 1.52
C PHE F 321 9.68 -92.57 0.48
N VAL F 322 10.08 -92.45 -0.79
CA VAL F 322 9.27 -93.00 -1.88
C VAL F 322 9.17 -94.52 -1.76
N LYS F 323 10.30 -95.18 -1.48
CA LYS F 323 10.27 -96.62 -1.27
C LYS F 323 9.58 -97.01 0.03
N ARG F 324 9.52 -96.11 1.00
CA ARG F 324 8.81 -96.39 2.23
C ARG F 324 7.31 -96.47 2.00
N ALA F 325 6.66 -97.36 2.73
CA ALA F 325 5.21 -97.49 2.63
C ALA F 325 4.54 -96.22 3.12
N PRO F 326 3.50 -95.76 2.43
CA PRO F 326 2.82 -94.52 2.84
C PRO F 326 2.12 -94.69 4.18
N SER F 327 2.01 -93.58 4.91
CA SER F 327 1.37 -93.56 6.21
C SER F 327 0.08 -92.75 6.12
N THR F 328 -1.01 -93.33 6.62
CA THR F 328 -2.29 -92.62 6.59
C THR F 328 -2.26 -91.40 7.51
N TRP F 329 -1.58 -91.50 8.65
CA TRP F 329 -1.49 -90.36 9.56
C TRP F 329 -0.77 -89.18 8.91
N LEU F 330 0.32 -89.47 8.19
CA LEU F 330 1.03 -88.40 7.49
C LEU F 330 0.14 -87.76 6.42
N THR F 331 -0.63 -88.56 5.70
CA THR F 331 -1.53 -88.00 4.69
C THR F 331 -2.60 -87.13 5.34
N ALA F 332 -3.14 -87.57 6.48
CA ALA F 332 -4.15 -86.77 7.19
C ALA F 332 -3.55 -85.46 7.67
N TYR F 333 -2.31 -85.49 8.18
CA TYR F 333 -1.67 -84.26 8.60
C TYR F 333 -1.41 -83.33 7.42
N VAL F 334 -1.03 -83.90 6.27
CA VAL F 334 -0.82 -83.08 5.08
C VAL F 334 -2.15 -82.44 4.66
N VAL F 335 -3.24 -83.19 4.76
CA VAL F 335 -4.56 -82.65 4.43
C VAL F 335 -4.90 -81.50 5.37
N LYS F 336 -4.62 -81.67 6.66
CA LYS F 336 -4.87 -80.60 7.63
C LYS F 336 -4.04 -79.36 7.33
N VAL F 337 -2.76 -79.57 6.99
CA VAL F 337 -1.88 -78.44 6.68
C VAL F 337 -2.38 -77.71 5.43
N PHE F 338 -2.79 -78.45 4.40
CA PHE F 338 -3.33 -77.83 3.21
C PHE F 338 -4.61 -77.06 3.51
N SER F 339 -5.48 -77.63 4.35
CA SER F 339 -6.70 -76.93 4.72
C SER F 339 -6.40 -75.65 5.48
N LEU F 340 -5.35 -75.65 6.30
CA LEU F 340 -4.96 -74.44 6.99
C LEU F 340 -4.32 -73.42 6.06
N ALA F 341 -3.61 -73.88 5.03
CA ALA F 341 -2.85 -73.00 4.16
C ALA F 341 -3.59 -72.61 2.88
N VAL F 342 -4.85 -73.04 2.71
CA VAL F 342 -5.63 -72.58 1.56
C VAL F 342 -5.70 -71.06 1.52
N ASN F 343 -5.63 -70.40 2.68
CA ASN F 343 -5.75 -68.95 2.75
C ASN F 343 -4.44 -68.22 2.48
N LEU F 344 -3.33 -68.93 2.29
CA LEU F 344 -2.03 -68.32 2.08
C LEU F 344 -1.48 -68.53 0.68
N ILE F 345 -1.48 -69.77 0.19
CA ILE F 345 -0.96 -70.09 -1.13
C ILE F 345 -1.98 -70.95 -1.86
N ALA F 346 -1.80 -71.02 -3.18
CA ALA F 346 -2.70 -71.82 -4.01
C ALA F 346 -2.59 -73.29 -3.66
N ILE F 347 -3.73 -73.98 -3.65
CA ILE F 347 -3.81 -75.39 -3.33
C ILE F 347 -4.46 -76.12 -4.50
N ASP F 348 -3.81 -77.19 -4.96
CA ASP F 348 -4.36 -78.01 -6.03
C ASP F 348 -5.43 -78.93 -5.45
N SER F 349 -6.69 -78.69 -5.84
CA SER F 349 -7.79 -79.48 -5.29
C SER F 349 -7.73 -80.94 -5.73
N GLN F 350 -7.17 -81.21 -6.91
CA GLN F 350 -7.11 -82.58 -7.40
C GLN F 350 -6.27 -83.46 -6.49
N VAL F 351 -5.10 -82.98 -6.06
CA VAL F 351 -4.23 -83.78 -5.21
C VAL F 351 -4.89 -84.04 -3.86
N LEU F 352 -5.48 -82.99 -3.27
CA LEU F 352 -6.13 -83.15 -1.97
C LEU F 352 -7.31 -84.12 -2.06
N CYS F 353 -8.11 -84.00 -3.11
CA CYS F 353 -9.25 -84.91 -3.28
C CYS F 353 -8.81 -86.35 -3.50
N GLY F 354 -7.74 -86.53 -4.29
CA GLY F 354 -7.23 -87.88 -4.48
C GLY F 354 -6.71 -88.49 -3.20
N ALA F 355 -5.99 -87.69 -2.40
CA ALA F 355 -5.52 -88.18 -1.11
C ALA F 355 -6.68 -88.52 -0.19
N VAL F 356 -7.73 -87.69 -0.19
CA VAL F 356 -8.90 -87.96 0.65
C VAL F 356 -9.58 -89.25 0.23
N LYS F 357 -9.76 -89.44 -1.08
CA LYS F 357 -10.39 -90.67 -1.57
C LYS F 357 -9.54 -91.89 -1.24
N TRP F 358 -8.22 -91.77 -1.37
CA TRP F 358 -7.33 -92.88 -1.01
C TRP F 358 -7.46 -93.23 0.46
N LEU F 359 -7.48 -92.22 1.33
CA LEU F 359 -7.61 -92.48 2.75
C LEU F 359 -8.96 -93.09 3.08
N ILE F 360 -10.03 -92.63 2.41
CA ILE F 360 -11.36 -93.13 2.70
C ILE F 360 -11.52 -94.57 2.25
N LEU F 361 -10.98 -94.92 1.09
CA LEU F 361 -11.21 -96.25 0.53
C LEU F 361 -10.13 -97.25 0.91
N GLU F 362 -8.86 -96.90 0.70
CA GLU F 362 -7.79 -97.88 0.85
C GLU F 362 -7.51 -98.21 2.31
N LYS F 363 -7.47 -97.21 3.18
CA LYS F 363 -7.02 -97.39 4.56
C LYS F 363 -8.14 -97.24 5.57
N GLN F 364 -9.34 -97.74 5.23
CA GLN F 364 -10.48 -97.67 6.14
C GLN F 364 -11.22 -99.00 6.13
N LYS F 365 -11.41 -99.57 7.32
CA LYS F 365 -12.20 -100.79 7.44
C LYS F 365 -13.68 -100.47 7.25
N PRO F 366 -14.47 -101.45 6.82
CA PRO F 366 -15.92 -101.21 6.69
C PRO F 366 -16.59 -100.83 7.99
N ASP F 367 -16.03 -101.24 9.13
CA ASP F 367 -16.57 -100.85 10.42
C ASP F 367 -16.35 -99.38 10.74
N GLY F 368 -15.53 -98.68 9.96
CA GLY F 368 -15.28 -97.28 10.17
C GLY F 368 -14.01 -96.95 10.92
N VAL F 369 -13.20 -97.95 11.25
CA VAL F 369 -11.96 -97.75 11.99
C VAL F 369 -10.80 -97.76 10.99
N PHE F 370 -10.04 -96.67 10.97
CA PHE F 370 -8.88 -96.58 10.10
C PHE F 370 -7.71 -97.36 10.70
N GLN F 371 -6.76 -97.71 9.84
CA GLN F 371 -5.60 -98.49 10.24
C GLN F 371 -4.33 -97.85 9.69
N GLU F 372 -3.24 -97.97 10.44
CA GLU F 372 -1.95 -97.44 10.04
C GLU F 372 -1.08 -98.59 9.54
N ASP F 373 -0.57 -98.43 8.31
CA ASP F 373 0.23 -99.47 7.68
C ASP F 373 1.73 -99.18 7.70
N ALA F 374 2.13 -97.99 8.15
CA ALA F 374 3.55 -97.66 8.19
C ALA F 374 3.80 -96.57 9.22
N PRO F 375 4.11 -96.92 10.46
CA PRO F 375 4.45 -95.89 11.45
C PRO F 375 5.70 -95.13 11.05
N VAL F 376 5.74 -93.85 11.41
CA VAL F 376 6.88 -93.01 11.08
C VAL F 376 8.11 -93.48 11.83
N ILE F 377 9.29 -93.16 11.30
CA ILE F 377 10.54 -93.60 11.90
C ILE F 377 10.71 -92.99 13.29
N HIS F 378 10.47 -91.69 13.41
CA HIS F 378 10.55 -90.99 14.68
C HIS F 378 9.12 -90.70 15.16
N GLN F 379 8.78 -91.22 16.33
CA GLN F 379 7.46 -91.01 16.91
C GLN F 379 7.37 -89.72 17.72
N GLU F 380 8.30 -88.77 17.51
CA GLU F 380 8.29 -87.53 18.27
C GLU F 380 7.28 -86.52 17.74
N MET F 381 6.87 -86.63 16.49
CA MET F 381 5.98 -85.65 15.87
C MET F 381 4.53 -86.10 15.79
N ILE F 382 4.17 -87.22 16.43
CA ILE F 382 2.78 -87.64 16.47
C ILE F 382 2.00 -86.97 17.59
N GLY F 383 2.69 -86.41 18.58
CA GLY F 383 2.04 -85.67 19.64
C GLY F 383 1.39 -86.52 20.71
N GLY F 384 0.05 -86.49 20.76
CA GLY F 384 -0.68 -87.20 21.78
C GLY F 384 -0.81 -88.69 21.56
N LEU F 385 -0.33 -89.20 20.44
CA LEU F 385 -0.36 -90.63 20.14
C LEU F 385 0.82 -91.39 20.73
N ARG F 386 1.56 -90.77 21.67
CA ARG F 386 2.73 -91.43 22.25
C ARG F 386 2.33 -92.69 22.99
N ASN F 387 1.23 -92.65 23.75
CA ASN F 387 0.73 -93.82 24.45
C ASN F 387 -0.05 -94.70 23.47
N ASN F 388 0.37 -95.96 23.32
CA ASN F 388 -0.28 -96.87 22.40
C ASN F 388 -1.64 -97.34 22.89
N ASN F 389 -1.99 -97.08 24.16
CA ASN F 389 -3.27 -97.52 24.68
C ASN F 389 -4.40 -96.74 24.03
N GLU F 390 -5.41 -97.47 23.53
CA GLU F 390 -6.56 -96.88 22.86
C GLU F 390 -6.11 -96.00 21.69
N LYS F 391 -5.09 -96.45 20.97
CA LYS F 391 -4.55 -95.67 19.87
C LYS F 391 -5.44 -95.71 18.64
N ASP F 392 -6.19 -96.80 18.45
CA ASP F 392 -7.02 -96.93 17.26
C ASP F 392 -8.11 -95.86 17.23
N MET F 393 -8.80 -95.67 18.37
CA MET F 393 -9.84 -94.65 18.43
C MET F 393 -9.27 -93.26 18.22
N ALA F 394 -8.12 -92.98 18.83
CA ALA F 394 -7.50 -91.66 18.68
C ALA F 394 -7.11 -91.39 17.23
N LEU F 395 -6.51 -92.37 16.55
CA LEU F 395 -6.11 -92.16 15.17
C LEU F 395 -7.33 -92.04 14.26
N THR F 396 -8.38 -92.82 14.54
CA THR F 396 -9.61 -92.69 13.76
C THR F 396 -10.22 -91.31 13.92
N ALA F 397 -10.25 -90.80 15.15
CA ALA F 397 -10.78 -89.45 15.37
C ALA F 397 -9.93 -88.40 14.68
N PHE F 398 -8.61 -88.55 14.73
CA PHE F 398 -7.73 -87.60 14.05
C PHE F 398 -7.96 -87.63 12.54
N VAL F 399 -8.11 -88.81 11.96
CA VAL F 399 -8.38 -88.91 10.53
C VAL F 399 -9.74 -88.29 10.19
N LEU F 400 -10.74 -88.51 11.05
CA LEU F 400 -12.04 -87.92 10.82
C LEU F 400 -11.97 -86.40 10.85
N ILE F 401 -11.25 -85.84 11.81
CA ILE F 401 -11.09 -84.38 11.88
C ILE F 401 -10.37 -83.87 10.64
N SER F 402 -9.32 -84.57 10.22
CA SER F 402 -8.56 -84.13 9.05
C SER F 402 -9.43 -84.16 7.79
N LEU F 403 -10.23 -85.20 7.61
CA LEU F 403 -11.05 -85.29 6.40
C LEU F 403 -12.21 -84.30 6.45
N GLN F 404 -12.77 -84.06 7.64
CA GLN F 404 -13.86 -83.09 7.76
C GLN F 404 -13.38 -81.66 7.60
N GLU F 405 -12.12 -81.38 7.95
CA GLU F 405 -11.57 -80.05 7.74
C GLU F 405 -11.52 -79.71 6.25
N ALA F 406 -11.14 -80.68 5.42
CA ALA F 406 -11.11 -80.52 3.97
C ALA F 406 -12.35 -81.08 3.29
N LYS F 407 -13.46 -81.20 4.03
CA LYS F 407 -14.69 -81.71 3.44
C LYS F 407 -15.25 -80.75 2.40
N ASP F 408 -15.12 -79.45 2.64
CA ASP F 408 -15.71 -78.47 1.73
C ASP F 408 -15.09 -78.53 0.34
N ILE F 409 -13.76 -78.69 0.27
CA ILE F 409 -13.08 -78.70 -1.02
C ILE F 409 -13.50 -79.90 -1.85
N CYS F 410 -13.58 -81.07 -1.23
CA CYS F 410 -13.87 -82.32 -1.93
C CYS F 410 -15.26 -82.86 -1.60
N GLU F 411 -16.22 -81.99 -1.34
CA GLU F 411 -17.58 -82.43 -1.03
C GLU F 411 -18.21 -83.14 -2.22
N GLU F 412 -18.04 -82.59 -3.42
CA GLU F 412 -18.64 -83.16 -4.62
C GLU F 412 -17.73 -84.11 -5.37
N GLN F 413 -16.41 -84.04 -5.15
CA GLN F 413 -15.48 -84.91 -5.85
C GLN F 413 -15.35 -86.28 -5.20
N VAL F 414 -15.90 -86.48 -4.01
CA VAL F 414 -15.89 -87.77 -3.34
C VAL F 414 -17.33 -88.11 -2.95
N ASN F 415 -17.86 -89.20 -3.50
CA ASN F 415 -19.21 -89.64 -3.18
C ASN F 415 -19.26 -90.59 -2.00
N SER F 416 -18.11 -91.06 -1.51
CA SER F 416 -18.06 -91.94 -0.35
C SER F 416 -17.84 -91.20 0.96
N LEU F 417 -17.72 -89.88 0.91
CA LEU F 417 -17.47 -89.11 2.13
C LEU F 417 -18.60 -89.22 3.15
N PRO F 418 -19.89 -89.08 2.79
CA PRO F 418 -20.94 -89.23 3.82
C PRO F 418 -20.93 -90.58 4.50
N GLY F 419 -20.69 -91.67 3.76
CA GLY F 419 -20.66 -92.98 4.37
C GLY F 419 -19.51 -93.15 5.35
N SER F 420 -18.31 -92.71 4.95
CA SER F 420 -17.18 -92.78 5.86
C SER F 420 -17.39 -91.91 7.08
N ILE F 421 -17.99 -90.74 6.89
CA ILE F 421 -18.28 -89.85 8.03
C ILE F 421 -19.26 -90.53 8.99
N THR F 422 -20.31 -91.15 8.45
CA THR F 422 -21.27 -91.84 9.30
C THR F 422 -20.62 -92.99 10.05
N LYS F 423 -19.78 -93.76 9.38
CA LYS F 423 -19.11 -94.88 10.03
C LYS F 423 -18.18 -94.39 11.14
N ALA F 424 -17.41 -93.33 10.87
CA ALA F 424 -16.51 -92.80 11.87
C ALA F 424 -17.28 -92.24 13.07
N GLY F 425 -18.39 -91.55 12.82
CA GLY F 425 -19.18 -91.03 13.92
C GLY F 425 -19.80 -92.13 14.77
N ASP F 426 -20.31 -93.18 14.12
CA ASP F 426 -20.85 -94.31 14.86
C ASP F 426 -19.77 -94.99 15.68
N PHE F 427 -18.57 -95.16 15.11
CA PHE F 427 -17.48 -95.77 15.85
C PHE F 427 -17.09 -94.93 17.05
N LEU F 428 -17.03 -93.61 16.88
CA LEU F 428 -16.69 -92.73 17.99
C LEU F 428 -17.74 -92.76 19.09
N GLU F 429 -19.02 -92.75 18.69
CA GLU F 429 -20.09 -92.73 19.69
C GLU F 429 -20.19 -94.06 20.43
N ALA F 430 -19.99 -95.17 19.72
CA ALA F 430 -20.14 -96.49 20.35
C ALA F 430 -19.08 -96.72 21.42
N ASN F 431 -17.84 -96.32 21.17
CA ASN F 431 -16.73 -96.58 22.07
C ASN F 431 -16.28 -95.33 22.82
N TYR F 432 -17.13 -94.31 22.89
CA TYR F 432 -16.77 -93.09 23.61
C TYR F 432 -16.60 -93.36 25.10
N MET F 433 -17.49 -94.16 25.69
CA MET F 433 -17.45 -94.40 27.13
C MET F 433 -16.32 -95.34 27.53
N ASN F 434 -15.77 -96.10 26.59
CA ASN F 434 -14.73 -97.07 26.92
C ASN F 434 -13.34 -96.43 27.05
N LEU F 435 -13.17 -95.19 26.64
CA LEU F 435 -11.87 -94.55 26.68
C LEU F 435 -11.51 -94.13 28.11
N GLN F 436 -10.22 -94.19 28.42
CA GLN F 436 -9.69 -93.79 29.72
C GLN F 436 -8.70 -92.65 29.63
N ARG F 437 -7.90 -92.59 28.57
CA ARG F 437 -6.92 -91.52 28.42
C ARG F 437 -7.61 -90.18 28.23
N SER F 438 -7.05 -89.14 28.85
CA SER F 438 -7.62 -87.80 28.73
C SER F 438 -7.58 -87.31 27.28
N TYR F 439 -6.45 -87.51 26.60
CA TYR F 439 -6.33 -87.04 25.22
C TYR F 439 -7.30 -87.76 24.30
N THR F 440 -7.43 -89.08 24.46
CA THR F 440 -8.36 -89.84 23.63
C THR F 440 -9.80 -89.42 23.89
N VAL F 441 -10.16 -89.21 25.16
CA VAL F 441 -11.50 -88.76 25.50
C VAL F 441 -11.76 -87.39 24.88
N ALA F 442 -10.78 -86.48 24.98
CA ALA F 442 -10.95 -85.14 24.43
C ALA F 442 -11.13 -85.17 22.92
N ILE F 443 -10.31 -85.97 22.22
CA ILE F 443 -10.40 -86.00 20.76
C ILE F 443 -11.70 -86.67 20.31
N ALA F 444 -12.13 -87.72 21.01
CA ALA F 444 -13.40 -88.34 20.68
C ALA F 444 -14.56 -87.39 20.92
N GLY F 445 -14.53 -86.64 22.03
CA GLY F 445 -15.57 -85.66 22.28
C GLY F 445 -15.60 -84.57 21.23
N TYR F 446 -14.41 -84.09 20.82
CA TYR F 446 -14.36 -83.08 19.77
C TYR F 446 -14.93 -83.60 18.47
N ALA F 447 -14.58 -84.84 18.10
CA ALA F 447 -15.10 -85.43 16.87
C ALA F 447 -16.61 -85.59 16.92
N LEU F 448 -17.13 -86.08 18.05
CA LEU F 448 -18.58 -86.28 18.17
C LEU F 448 -19.31 -84.95 18.19
N ALA F 449 -18.74 -83.93 18.83
CA ALA F 449 -19.38 -82.62 18.88
C ALA F 449 -19.39 -81.95 17.51
N GLN F 450 -18.28 -82.04 16.77
CA GLN F 450 -18.29 -81.50 15.42
C GLN F 450 -19.20 -82.30 14.50
N MET F 451 -19.40 -83.59 14.80
CA MET F 451 -20.41 -84.37 14.11
C MET F 451 -21.80 -84.16 14.70
N GLY F 452 -21.91 -83.51 15.86
CA GLY F 452 -23.19 -83.26 16.48
C GLY F 452 -23.75 -84.38 17.31
N ARG F 453 -23.00 -85.48 17.48
CA ARG F 453 -23.49 -86.64 18.21
C ARG F 453 -23.12 -86.62 19.68
N LEU F 454 -22.37 -85.61 20.14
CA LEU F 454 -21.94 -85.52 21.53
C LEU F 454 -23.02 -84.81 22.34
N LYS F 455 -24.04 -85.56 22.74
CA LYS F 455 -25.14 -85.03 23.53
C LYS F 455 -25.51 -86.04 24.61
N GLY F 456 -26.09 -85.53 25.69
CA GLY F 456 -26.52 -86.37 26.79
C GLY F 456 -25.41 -86.64 27.78
N PRO F 457 -25.31 -87.89 28.23
CA PRO F 457 -24.28 -88.24 29.22
C PRO F 457 -22.86 -88.05 28.70
N LEU F 458 -22.66 -88.05 27.39
CA LEU F 458 -21.32 -87.88 26.84
C LEU F 458 -20.76 -86.51 27.19
N LEU F 459 -21.60 -85.48 27.14
CA LEU F 459 -21.15 -84.15 27.52
C LEU F 459 -20.74 -84.10 28.99
N ASN F 460 -21.52 -84.75 29.86
CA ASN F 460 -21.17 -84.82 31.27
C ASN F 460 -19.85 -85.54 31.49
N LYS F 461 -19.65 -86.66 30.79
CA LYS F 461 -18.39 -87.39 30.91
C LYS F 461 -17.22 -86.53 30.44
N PHE F 462 -17.41 -85.80 29.34
CA PHE F 462 -16.36 -84.92 28.84
C PHE F 462 -16.04 -83.82 29.85
N LEU F 463 -17.06 -83.23 30.47
CA LEU F 463 -16.82 -82.19 31.48
C LEU F 463 -16.11 -82.76 32.70
N THR F 464 -16.50 -83.95 33.14
CA THR F 464 -15.87 -84.56 34.31
C THR F 464 -14.46 -85.04 34.01
N THR F 465 -14.07 -85.14 32.73
CA THR F 465 -12.71 -85.53 32.40
C THR F 465 -11.69 -84.52 32.90
N ALA F 466 -12.00 -83.23 32.79
CA ALA F 466 -11.09 -82.20 33.26
C ALA F 466 -10.95 -82.25 34.77
N LYS F 467 -9.72 -82.05 35.24
CA LYS F 467 -9.42 -82.02 36.67
C LYS F 467 -9.11 -80.60 37.09
N ASP F 468 -9.71 -80.17 38.20
CA ASP F 468 -9.63 -78.82 38.74
C ASP F 468 -10.28 -77.80 37.81
N LYS F 469 -11.01 -78.24 36.79
CA LYS F 469 -11.73 -77.36 35.86
C LYS F 469 -10.80 -76.37 35.19
N ASN F 470 -9.56 -76.78 34.92
CA ASN F 470 -8.59 -75.89 34.30
C ASN F 470 -7.92 -76.53 33.09
N ARG F 471 -7.72 -77.84 33.12
CA ARG F 471 -7.02 -78.52 32.05
C ARG F 471 -7.36 -80.00 32.07
N TRP F 472 -7.08 -80.65 30.95
CA TRP F 472 -7.28 -82.10 30.80
C TRP F 472 -5.94 -82.77 31.05
N GLU F 473 -5.56 -82.84 32.33
CA GLU F 473 -4.29 -83.43 32.71
C GLU F 473 -4.25 -84.91 32.35
N ASP F 474 -3.12 -85.36 31.82
CA ASP F 474 -2.94 -86.75 31.43
C ASP F 474 -1.64 -87.30 32.02
N PRO F 475 -1.61 -88.59 32.34
CA PRO F 475 -0.37 -89.19 32.85
C PRO F 475 0.65 -89.38 31.74
N GLY F 476 1.78 -88.69 31.88
CA GLY F 476 2.82 -88.75 30.88
C GLY F 476 3.47 -87.40 30.62
N LYS F 477 3.91 -87.18 29.39
CA LYS F 477 4.51 -85.90 29.04
C LYS F 477 3.47 -84.78 29.07
N GLN F 478 3.91 -83.59 29.48
CA GLN F 478 3.02 -82.44 29.55
C GLN F 478 2.52 -82.02 28.17
N LEU F 479 3.23 -82.38 27.11
CA LEU F 479 2.78 -82.05 25.76
C LEU F 479 1.44 -82.72 25.45
N TYR F 480 1.27 -83.96 25.88
CA TYR F 480 -0.01 -84.64 25.68
C TYR F 480 -1.14 -83.93 26.42
N ASN F 481 -0.87 -83.50 27.66
CA ASN F 481 -1.88 -82.75 28.41
C ASN F 481 -2.23 -81.44 27.73
N VAL F 482 -1.22 -80.73 27.22
CA VAL F 482 -1.46 -79.47 26.53
C VAL F 482 -2.30 -79.71 25.28
N GLU F 483 -1.97 -80.75 24.52
CA GLU F 483 -2.75 -81.06 23.32
C GLU F 483 -4.19 -81.42 23.67
N ALA F 484 -4.38 -82.22 24.73
CA ALA F 484 -5.74 -82.60 25.14
C ALA F 484 -6.53 -81.37 25.56
N THR F 485 -5.91 -80.46 26.30
CA THR F 485 -6.58 -79.22 26.66
C THR F 485 -6.94 -78.42 25.42
N SER F 486 -6.05 -78.41 24.42
CA SER F 486 -6.34 -77.69 23.18
C SER F 486 -7.54 -78.30 22.45
N TYR F 487 -7.60 -79.62 22.36
CA TYR F 487 -8.74 -80.25 21.71
C TYR F 487 -10.03 -79.98 22.48
N ALA F 488 -9.96 -80.01 23.81
CA ALA F 488 -11.13 -79.70 24.62
C ALA F 488 -11.59 -78.26 24.40
N LEU F 489 -10.64 -77.34 24.32
CA LEU F 489 -10.98 -75.93 24.07
C LEU F 489 -11.64 -75.77 22.71
N LEU F 490 -11.10 -76.43 21.68
CA LEU F 490 -11.71 -76.36 20.36
C LEU F 490 -13.11 -76.96 20.37
N ALA F 491 -13.29 -78.07 21.09
CA ALA F 491 -14.61 -78.69 21.17
C ALA F 491 -15.63 -77.77 21.84
N LEU F 492 -15.21 -77.11 22.92
CA LEU F 492 -16.16 -76.25 23.63
C LEU F 492 -16.42 -74.94 22.89
N LEU F 493 -15.46 -74.46 22.09
CA LEU F 493 -15.78 -73.38 21.16
C LEU F 493 -16.76 -73.85 20.08
N GLN F 494 -16.58 -75.07 19.58
CA GLN F 494 -17.49 -75.60 18.58
C GLN F 494 -18.90 -75.73 19.15
N LEU F 495 -19.00 -76.08 20.43
CA LEU F 495 -20.29 -76.17 21.11
C LEU F 495 -20.82 -74.80 21.51
N LYS F 496 -20.04 -73.73 21.32
CA LYS F 496 -20.42 -72.38 21.71
C LYS F 496 -20.67 -72.27 23.20
N ASP F 497 -19.86 -72.98 23.99
CA ASP F 497 -19.92 -72.94 25.45
C ASP F 497 -18.67 -72.19 25.91
N PHE F 498 -18.80 -70.88 26.08
CA PHE F 498 -17.68 -70.01 26.43
C PHE F 498 -17.68 -69.62 27.91
N ASP F 499 -18.49 -70.28 28.73
CA ASP F 499 -18.53 -69.97 30.15
C ASP F 499 -17.31 -70.49 30.91
N PHE F 500 -16.78 -71.63 30.50
CA PHE F 500 -15.66 -72.27 31.19
C PHE F 500 -14.31 -71.86 30.63
N VAL F 501 -14.28 -70.98 29.64
CA VAL F 501 -13.03 -70.63 28.97
C VAL F 501 -12.03 -69.93 29.90
N PRO F 502 -12.41 -68.90 30.67
CA PRO F 502 -11.40 -68.08 31.36
C PRO F 502 -10.45 -68.91 32.22
N PRO F 503 -10.93 -69.93 32.94
CA PRO F 503 -9.95 -70.79 33.64
C PRO F 503 -8.95 -71.46 32.70
N VAL F 504 -9.40 -71.93 31.54
CA VAL F 504 -8.50 -72.58 30.59
C VAL F 504 -7.49 -71.56 30.06
N VAL F 505 -7.96 -70.36 29.73
CA VAL F 505 -7.08 -69.31 29.24
C VAL F 505 -6.05 -68.93 30.30
N ARG F 506 -6.49 -68.82 31.55
CA ARG F 506 -5.56 -68.49 32.63
C ARG F 506 -4.52 -69.58 32.81
N TRP F 507 -4.94 -70.85 32.74
CA TRP F 507 -3.98 -71.95 32.86
C TRP F 507 -2.98 -71.93 31.72
N LEU F 508 -3.45 -71.70 30.49
CA LEU F 508 -2.54 -71.64 29.35
C LEU F 508 -1.57 -70.48 29.48
N ASN F 509 -2.06 -69.32 29.93
CA ASN F 509 -1.21 -68.15 30.06
C ASN F 509 -0.15 -68.35 31.13
N GLU F 510 -0.52 -68.94 32.27
CA GLU F 510 0.47 -69.20 33.31
C GLU F 510 1.40 -70.34 32.94
N GLN F 511 0.99 -71.22 32.02
CA GLN F 511 1.90 -72.26 31.54
C GLN F 511 3.06 -71.65 30.76
N ARG F 512 2.78 -70.61 29.97
CA ARG F 512 3.80 -69.89 29.20
C ARG F 512 4.53 -70.86 28.24
N TYR F 513 3.75 -71.43 27.32
CA TYR F 513 4.28 -72.38 26.35
C TYR F 513 4.69 -71.63 25.09
N TYR F 514 6.00 -71.49 24.90
CA TYR F 514 6.55 -70.80 23.74
C TYR F 514 6.93 -71.76 22.61
N GLY F 515 6.69 -73.06 22.78
CA GLY F 515 7.02 -74.01 21.75
C GLY F 515 8.50 -74.35 21.69
N GLY F 516 8.86 -75.08 20.64
CA GLY F 516 10.24 -75.48 20.43
C GLY F 516 10.61 -76.74 21.18
N GLY F 517 11.77 -77.29 20.81
CA GLY F 517 12.29 -78.49 21.43
C GLY F 517 11.88 -79.74 20.67
N TYR F 518 12.45 -80.86 21.11
CA TYR F 518 12.19 -82.15 20.48
C TYR F 518 10.88 -82.72 20.97
N GLY F 519 10.06 -83.21 20.05
CA GLY F 519 8.77 -83.77 20.41
C GLY F 519 7.80 -82.76 20.98
N SER F 520 7.78 -81.55 20.42
CA SER F 520 6.89 -80.49 20.90
C SER F 520 6.27 -79.76 19.71
N THR F 521 5.93 -80.50 18.65
CA THR F 521 5.40 -79.92 17.43
C THR F 521 3.88 -79.93 17.41
N GLN F 522 3.27 -81.11 17.64
CA GLN F 522 1.82 -81.22 17.60
C GLN F 522 1.16 -80.35 18.66
N ALA F 523 1.73 -80.34 19.87
CA ALA F 523 1.17 -79.51 20.94
C ALA F 523 1.24 -78.03 20.58
N THR F 524 2.37 -77.60 20.01
CA THR F 524 2.51 -76.20 19.60
C THR F 524 1.48 -75.83 18.54
N PHE F 525 1.36 -76.67 17.51
CA PHE F 525 0.40 -76.40 16.45
C PHE F 525 -1.02 -76.34 17.01
N MET F 526 -1.36 -77.29 17.88
CA MET F 526 -2.70 -77.35 18.45
C MET F 526 -2.99 -76.12 19.31
N VAL F 527 -2.04 -75.70 20.14
CA VAL F 527 -2.31 -74.60 21.06
C VAL F 527 -2.47 -73.29 20.29
N PHE F 528 -1.60 -73.05 19.30
CA PHE F 528 -1.77 -71.83 18.52
C PHE F 528 -3.04 -71.86 17.69
N GLN F 529 -3.39 -73.02 17.12
CA GLN F 529 -4.64 -73.11 16.36
C GLN F 529 -5.84 -72.84 17.26
N ALA F 530 -5.84 -73.41 18.47
CA ALA F 530 -6.95 -73.19 19.38
C ALA F 530 -7.06 -71.73 19.80
N LEU F 531 -5.92 -71.09 20.10
CA LEU F 531 -5.97 -69.69 20.48
C LEU F 531 -6.47 -68.82 19.34
N ALA F 532 -6.02 -69.09 18.12
CA ALA F 532 -6.48 -68.31 16.97
C ALA F 532 -7.98 -68.52 16.73
N GLN F 533 -8.44 -69.78 16.85
CA GLN F 533 -9.86 -70.06 16.64
C GLN F 533 -10.71 -69.38 17.71
N TYR F 534 -10.23 -69.36 18.95
CA TYR F 534 -10.92 -68.61 20.00
C TYR F 534 -11.00 -67.13 19.67
N GLN F 535 -9.86 -66.50 19.38
CA GLN F 535 -9.86 -65.07 19.15
C GLN F 535 -10.60 -64.69 17.88
N LYS F 536 -10.79 -65.62 16.96
CA LYS F 536 -11.43 -65.30 15.68
C LYS F 536 -12.93 -65.06 15.85
N ASP F 537 -13.61 -65.94 16.59
CA ASP F 537 -15.07 -65.94 16.61
C ASP F 537 -15.62 -65.06 17.74
N ALA F 538 -15.13 -63.81 17.77
CA ALA F 538 -15.65 -62.75 18.64
C ALA F 538 -15.80 -63.19 20.08
N PRO F 539 -14.71 -63.40 20.82
CA PRO F 539 -14.84 -63.75 22.24
C PRO F 539 -15.41 -62.59 23.03
N ASP F 540 -16.33 -62.92 23.94
CA ASP F 540 -17.01 -61.91 24.76
C ASP F 540 -17.65 -60.84 23.89
N HIS F 541 -18.30 -61.27 22.81
CA HIS F 541 -18.90 -60.35 21.87
C HIS F 541 -20.06 -59.59 22.51
N GLN F 542 -20.29 -58.37 22.03
CA GLN F 542 -21.40 -57.57 22.51
C GLN F 542 -22.72 -58.27 22.21
N GLU F 543 -23.62 -58.25 23.20
CA GLU F 543 -24.89 -58.97 23.13
C GLU F 543 -26.07 -58.01 23.19
N LEU F 544 -25.99 -56.90 22.46
CA LEU F 544 -27.04 -55.90 22.44
C LEU F 544 -27.84 -56.02 21.15
N ASN F 545 -29.16 -56.19 21.28
CA ASN F 545 -30.06 -56.23 20.14
C ASN F 545 -31.37 -55.52 20.49
N LEU F 546 -31.28 -54.43 21.24
CA LEU F 546 -32.48 -53.79 21.76
C LEU F 546 -33.31 -53.16 20.65
N ASP F 547 -34.63 -53.29 20.78
CA ASP F 547 -35.59 -52.54 19.98
C ASP F 547 -36.59 -51.91 20.92
N VAL F 548 -36.84 -50.62 20.76
CA VAL F 548 -37.72 -49.87 21.66
C VAL F 548 -38.85 -49.27 20.84
N SER F 549 -40.07 -49.46 21.32
CA SER F 549 -41.27 -48.93 20.68
C SER F 549 -41.97 -47.97 21.62
N LEU F 550 -42.37 -46.82 21.09
CA LEU F 550 -43.01 -45.77 21.88
C LEU F 550 -44.48 -45.67 21.51
N GLN F 551 -45.34 -45.55 22.52
CA GLN F 551 -46.78 -45.42 22.34
C GLN F 551 -47.20 -44.04 22.85
N LEU F 552 -47.13 -43.05 21.98
CA LEU F 552 -47.51 -41.69 22.34
C LEU F 552 -49.03 -41.55 22.36
N PRO F 553 -49.56 -40.62 23.15
CA PRO F 553 -51.01 -40.35 23.11
C PRO F 553 -51.49 -39.85 21.76
N SER F 554 -50.62 -39.24 20.96
CA SER F 554 -51.02 -38.79 19.62
C SER F 554 -51.39 -39.96 18.72
N ARG F 555 -50.74 -41.11 18.91
CA ARG F 555 -51.05 -42.35 18.20
C ARG F 555 -50.87 -42.22 16.68
N SER F 556 -50.08 -41.25 16.24
CA SER F 556 -49.79 -41.13 14.81
C SER F 556 -49.02 -42.35 14.30
N SER F 557 -48.03 -42.79 15.06
CA SER F 557 -47.25 -43.98 14.71
C SER F 557 -46.51 -44.45 15.95
N LYS F 558 -46.10 -45.71 15.92
CA LYS F 558 -45.30 -46.29 17.00
C LYS F 558 -43.84 -45.93 16.76
N ILE F 559 -43.30 -45.03 17.57
CA ILE F 559 -41.92 -44.59 17.39
C ILE F 559 -41.00 -45.74 17.79
N THR F 560 -40.18 -46.20 16.83
CA THR F 560 -39.31 -47.34 17.02
C THR F 560 -37.86 -46.91 16.90
N HIS F 561 -37.05 -47.33 17.85
CA HIS F 561 -35.61 -47.08 17.81
C HIS F 561 -34.89 -48.31 18.33
N ARG F 562 -33.84 -48.72 17.62
CA ARG F 562 -33.12 -49.94 17.93
C ARG F 562 -31.67 -49.63 18.23
N ILE F 563 -31.13 -50.28 19.24
CA ILE F 563 -29.73 -50.14 19.64
C ILE F 563 -29.04 -51.47 19.38
N HIS F 564 -27.99 -51.44 18.56
CA HIS F 564 -27.26 -52.64 18.19
C HIS F 564 -25.77 -52.34 18.19
N TRP F 565 -24.97 -53.34 17.85
CA TRP F 565 -23.53 -53.14 17.76
C TRP F 565 -23.19 -52.15 16.66
N GLU F 566 -23.87 -52.23 15.52
CA GLU F 566 -23.64 -51.27 14.44
C GLU F 566 -24.01 -49.86 14.90
N SER F 567 -25.14 -49.72 15.59
CA SER F 567 -25.51 -48.43 16.17
C SER F 567 -24.65 -48.08 17.38
N ALA F 568 -23.98 -49.07 17.98
CA ALA F 568 -23.11 -48.88 19.14
C ALA F 568 -23.96 -48.26 20.26
N SER F 569 -23.55 -47.15 20.86
CA SER F 569 -24.29 -46.50 21.93
C SER F 569 -24.66 -45.07 21.55
N LEU F 570 -25.15 -44.88 20.33
CA LEU F 570 -25.57 -43.56 19.88
C LEU F 570 -26.87 -43.16 20.56
N LEU F 571 -27.04 -41.84 20.74
CA LEU F 571 -28.14 -41.27 21.50
C LEU F 571 -29.17 -40.66 20.56
N ARG F 572 -30.44 -41.01 20.76
CA ARG F 572 -31.54 -40.46 20.00
C ARG F 572 -32.44 -39.66 20.93
N SER F 573 -32.96 -38.53 20.44
CA SER F 573 -33.82 -37.66 21.23
C SER F 573 -35.19 -37.57 20.59
N GLU F 574 -36.22 -37.60 21.43
CA GLU F 574 -37.60 -37.46 20.98
C GLU F 574 -38.20 -36.22 21.62
N GLU F 575 -38.73 -35.33 20.80
CA GLU F 575 -39.30 -34.06 21.26
C GLU F 575 -40.81 -34.10 21.08
N THR F 576 -41.53 -33.92 22.18
CA THR F 576 -42.99 -33.91 22.19
C THR F 576 -43.47 -32.62 22.82
N LYS F 577 -44.39 -31.93 22.14
CA LYS F 577 -44.94 -30.68 22.66
C LYS F 577 -46.06 -30.92 23.66
N GLU F 578 -46.53 -32.15 23.81
CA GLU F 578 -47.64 -32.48 24.70
C GLU F 578 -47.15 -33.33 25.86
N ASN F 579 -47.66 -33.02 27.05
CA ASN F 579 -47.28 -33.72 28.27
C ASN F 579 -48.43 -34.64 28.67
N GLU F 580 -48.26 -35.94 28.48
CA GLU F 580 -49.27 -36.91 28.83
C GLU F 580 -48.62 -38.28 29.00
N GLY F 581 -49.33 -39.15 29.71
CA GLY F 581 -48.84 -40.50 29.95
C GLY F 581 -48.66 -41.31 28.68
N PHE F 582 -47.47 -41.88 28.50
CA PHE F 582 -47.15 -42.66 27.32
C PHE F 582 -46.49 -43.97 27.73
N THR F 583 -46.67 -44.99 26.91
CA THR F 583 -46.16 -46.33 27.18
C THR F 583 -44.93 -46.59 26.32
N VAL F 584 -43.86 -47.06 26.96
CA VAL F 584 -42.62 -47.41 26.28
C VAL F 584 -42.31 -48.87 26.58
N THR F 585 -41.96 -49.62 25.55
CA THR F 585 -41.66 -51.04 25.67
C THR F 585 -40.25 -51.31 25.19
N ALA F 586 -39.48 -52.05 25.97
CA ALA F 586 -38.12 -52.40 25.64
C ALA F 586 -38.02 -53.90 25.41
N GLU F 587 -37.46 -54.29 24.26
CA GLU F 587 -37.33 -55.68 23.88
C GLU F 587 -35.91 -55.93 23.40
N GLY F 588 -35.59 -57.22 23.18
CA GLY F 588 -34.29 -57.60 22.67
C GLY F 588 -33.25 -57.79 23.76
N LYS F 589 -32.13 -58.37 23.37
CA LYS F 589 -31.03 -58.62 24.30
C LYS F 589 -30.33 -57.31 24.67
N GLY F 590 -29.71 -57.31 25.84
CA GLY F 590 -29.05 -56.12 26.35
C GLY F 590 -29.96 -55.28 27.22
N GLN F 591 -29.37 -54.20 27.75
CA GLN F 591 -30.09 -53.28 28.62
C GLN F 591 -29.91 -51.86 28.10
N GLY F 592 -30.92 -51.02 28.39
CA GLY F 592 -30.91 -49.64 27.94
C GLY F 592 -31.26 -48.69 29.06
N THR F 593 -31.10 -47.40 28.77
CA THR F 593 -31.35 -46.33 29.73
C THR F 593 -32.40 -45.38 29.17
N LEU F 594 -33.34 -44.97 30.02
CA LEU F 594 -34.40 -44.05 29.66
C LEU F 594 -34.38 -42.86 30.61
N SER F 595 -34.43 -41.65 30.06
CA SER F 595 -34.51 -40.44 30.86
C SER F 595 -35.52 -39.50 30.22
N VAL F 596 -36.42 -38.96 31.03
CA VAL F 596 -37.41 -38.00 30.58
C VAL F 596 -37.28 -36.73 31.43
N VAL F 597 -37.22 -35.58 30.75
CA VAL F 597 -37.07 -34.28 31.39
C VAL F 597 -38.05 -33.32 30.75
N THR F 598 -38.80 -32.59 31.56
CA THR F 598 -39.72 -31.57 31.08
C THR F 598 -39.26 -30.20 31.54
N MET F 599 -39.43 -29.20 30.66
CA MET F 599 -38.96 -27.85 30.91
C MET F 599 -40.11 -26.89 30.69
N TYR F 600 -40.33 -26.00 31.66
CA TYR F 600 -41.47 -25.09 31.58
C TYR F 600 -41.20 -23.88 32.45
N HIS F 601 -42.14 -22.93 32.42
CA HIS F 601 -42.05 -21.70 33.18
C HIS F 601 -42.75 -21.88 34.52
N ALA F 602 -42.05 -21.59 35.61
CA ALA F 602 -42.58 -21.71 36.94
C ALA F 602 -43.00 -20.34 37.48
N LYS F 603 -44.08 -20.34 38.26
CA LYS F 603 -44.57 -19.10 38.84
C LYS F 603 -43.56 -18.52 39.82
N ALA F 604 -43.57 -17.20 39.94
CA ALA F 604 -42.60 -16.51 40.78
C ALA F 604 -42.79 -16.91 42.24
N LYS F 605 -41.68 -17.22 42.92
CA LYS F 605 -41.68 -17.62 44.32
C LYS F 605 -40.66 -16.77 45.05
N ASP F 606 -41.15 -15.69 45.69
CA ASP F 606 -40.31 -14.76 46.43
C ASP F 606 -39.22 -14.17 45.56
N GLN F 607 -39.53 -13.94 44.28
CA GLN F 607 -38.58 -13.35 43.37
C GLN F 607 -38.31 -11.88 43.73
N LEU F 608 -37.07 -11.46 43.51
CA LEU F 608 -36.64 -10.10 43.84
C LEU F 608 -36.49 -9.31 42.54
N THR F 609 -37.42 -8.40 42.30
CA THR F 609 -37.31 -7.51 41.14
C THR F 609 -36.11 -6.58 41.27
N CYS F 610 -35.90 -6.05 42.48
CA CYS F 610 -34.71 -5.25 42.80
C CYS F 610 -33.73 -6.15 43.56
N ASN F 611 -32.78 -6.71 42.84
CA ASN F 611 -31.80 -7.60 43.45
C ASN F 611 -30.73 -6.78 44.15
N LYS F 612 -30.70 -6.87 45.48
CA LYS F 612 -29.67 -6.29 46.34
C LYS F 612 -29.33 -4.84 45.99
N PHE F 613 -30.39 -4.02 45.85
CA PHE F 613 -30.28 -2.56 45.85
C PHE F 613 -31.59 -2.00 46.37
N ASP F 614 -31.64 -1.70 47.65
CA ASP F 614 -32.80 -1.02 48.21
C ASP F 614 -32.71 0.44 47.83
N LEU F 615 -33.75 0.95 47.18
CA LEU F 615 -33.76 2.33 46.69
C LEU F 615 -35.08 2.97 47.05
N LYS F 616 -35.03 4.27 47.31
CA LYS F 616 -36.23 5.02 47.69
C LYS F 616 -36.13 6.41 47.06
N VAL F 617 -36.99 6.69 46.09
CA VAL F 617 -37.00 7.97 45.40
C VAL F 617 -38.22 8.75 45.85
N THR F 618 -38.01 9.98 46.32
CA THR F 618 -39.06 10.83 46.84
C THR F 618 -39.06 12.16 46.09
N ILE F 619 -40.25 12.67 45.82
CA ILE F 619 -40.44 13.98 45.21
C ILE F 619 -41.33 14.80 46.13
N LYS F 620 -40.94 16.04 46.40
CA LYS F 620 -41.72 16.91 47.26
C LYS F 620 -41.70 18.34 46.74
N PRO F 621 -42.78 19.09 46.95
CA PRO F 621 -42.76 20.52 46.59
C PRO F 621 -41.75 21.28 47.44
N ALA F 622 -41.12 22.26 46.81
CA ALA F 622 -40.07 23.02 47.47
C ALA F 622 -40.68 23.92 48.55
N PRO F 623 -40.00 24.07 49.70
CA PRO F 623 -40.43 24.99 50.75
C PRO F 623 -40.31 26.45 50.33
N LYS F 633 -41.02 30.70 39.91
CA LYS F 633 -41.18 29.54 39.04
C LYS F 633 -41.43 28.28 39.85
N ASN F 634 -42.22 27.36 39.30
CA ASN F 634 -42.51 26.10 39.97
C ASN F 634 -41.24 25.27 40.10
N THR F 635 -41.04 24.65 41.26
CA THR F 635 -39.82 23.88 41.51
C THR F 635 -40.09 22.87 42.61
N MET F 636 -39.24 21.85 42.67
CA MET F 636 -39.37 20.79 43.66
C MET F 636 -37.99 20.28 44.06
N ILE F 637 -37.90 19.75 45.27
CA ILE F 637 -36.68 19.14 45.79
C ILE F 637 -36.80 17.63 45.67
N LEU F 638 -35.79 17.01 45.07
CA LEU F 638 -35.85 15.60 44.72
C LEU F 638 -34.74 14.86 45.44
N GLU F 639 -35.08 13.73 46.06
CA GLU F 639 -34.14 12.97 46.87
C GLU F 639 -34.13 11.51 46.44
N ILE F 640 -32.96 10.97 46.12
CA ILE F 640 -32.80 9.55 45.87
C ILE F 640 -32.09 8.98 47.08
N CYS F 641 -32.70 7.98 47.72
CA CYS F 641 -32.06 7.33 48.85
C CYS F 641 -31.72 5.89 48.51
N THR F 642 -30.45 5.54 48.71
CA THR F 642 -29.84 4.31 48.22
C THR F 642 -29.27 3.52 49.37
N ARG F 643 -29.31 2.19 49.25
CA ARG F 643 -28.65 1.32 50.21
C ARG F 643 -28.36 -0.01 49.53
N TYR F 644 -27.23 -0.61 49.88
CA TYR F 644 -26.83 -1.90 49.35
C TYR F 644 -27.24 -2.99 50.31
N ARG F 645 -27.78 -4.08 49.76
CA ARG F 645 -28.27 -5.19 50.57
C ARG F 645 -27.24 -6.29 50.79
N GLY F 646 -26.03 -6.12 50.31
CA GLY F 646 -25.01 -7.13 50.47
C GLY F 646 -24.44 -7.16 51.88
N ASP F 647 -23.49 -8.08 52.09
CA ASP F 647 -22.88 -8.22 53.40
C ASP F 647 -21.94 -7.06 53.70
N GLN F 648 -21.21 -6.57 52.70
CA GLN F 648 -20.27 -5.49 52.87
C GLN F 648 -20.58 -4.36 51.89
N ASP F 649 -19.82 -3.28 51.98
CA ASP F 649 -20.01 -2.14 51.10
C ASP F 649 -19.70 -2.53 49.65
N ALA F 650 -20.51 -2.02 48.74
CA ALA F 650 -20.40 -2.39 47.33
C ALA F 650 -19.41 -1.49 46.61
N THR F 651 -19.04 -1.92 45.41
CA THR F 651 -18.18 -1.12 44.54
C THR F 651 -18.97 0.08 44.01
N MET F 652 -18.34 0.85 43.13
CA MET F 652 -19.00 2.03 42.62
C MET F 652 -20.19 1.66 41.73
N SER F 653 -21.27 2.43 41.87
CA SER F 653 -22.52 2.21 41.18
C SER F 653 -22.78 3.39 40.26
N ILE F 654 -23.95 3.38 39.61
CA ILE F 654 -24.38 4.48 38.77
C ILE F 654 -25.81 4.83 39.14
N LEU F 655 -26.03 6.07 39.54
CA LEU F 655 -27.38 6.61 39.63
C LEU F 655 -27.68 7.28 38.30
N ASP F 656 -28.76 6.87 37.65
CA ASP F 656 -29.06 7.29 36.30
C ASP F 656 -30.41 7.98 36.34
N ILE F 657 -30.44 9.26 36.72
CA ILE F 657 -31.72 9.96 36.82
C ILE F 657 -32.24 10.22 35.41
N SER F 658 -33.16 9.37 34.97
CA SER F 658 -33.84 9.53 33.69
C SER F 658 -35.00 10.48 33.92
N MET F 659 -34.66 11.76 33.97
CA MET F 659 -35.55 12.75 34.56
C MET F 659 -36.84 12.90 33.73
N MET F 660 -37.77 13.66 34.28
CA MET F 660 -39.13 13.77 33.78
C MET F 660 -39.14 14.50 32.43
N THR F 661 -40.34 14.77 31.94
CA THR F 661 -40.52 15.62 30.77
C THR F 661 -40.94 17.02 31.21
N GLY F 662 -40.37 18.02 30.56
CA GLY F 662 -40.72 19.39 30.89
C GLY F 662 -40.19 19.88 32.22
N PHE F 663 -39.09 19.32 32.71
CA PHE F 663 -38.46 19.79 33.93
C PHE F 663 -36.96 19.93 33.67
N ALA F 664 -36.22 20.37 34.70
CA ALA F 664 -34.78 20.56 34.55
C ALA F 664 -34.14 20.65 35.92
N PRO F 665 -32.95 20.09 36.10
CA PRO F 665 -32.26 20.21 37.39
C PRO F 665 -31.67 21.60 37.58
N ASP F 666 -31.64 22.04 38.83
CA ASP F 666 -31.00 23.31 39.15
C ASP F 666 -29.50 23.20 38.95
N THR F 667 -28.89 24.25 38.42
CA THR F 667 -27.46 24.21 38.13
C THR F 667 -26.62 24.37 39.39
N ASP F 668 -27.07 25.18 40.34
CA ASP F 668 -26.28 25.42 41.55
C ASP F 668 -26.11 24.15 42.37
N ASP F 669 -27.20 23.38 42.53
CA ASP F 669 -27.11 22.15 43.30
C ASP F 669 -26.23 21.13 42.61
N LEU F 670 -26.31 21.02 41.29
CA LEU F 670 -25.42 20.12 40.57
C LEU F 670 -23.97 20.54 40.73
N LYS F 671 -23.70 21.85 40.67
CA LYS F 671 -22.34 22.33 40.86
C LYS F 671 -21.82 22.00 42.24
N GLN F 672 -22.66 22.14 43.27
CA GLN F 672 -22.19 21.85 44.62
C GLN F 672 -22.09 20.35 44.86
N LEU F 673 -22.82 19.54 44.09
CA LEU F 673 -22.69 18.10 44.20
C LEU F 673 -21.46 17.56 43.50
N ALA F 674 -21.08 18.15 42.36
CA ALA F 674 -19.99 17.62 41.57
C ALA F 674 -18.68 17.61 42.35
N ASN F 675 -18.41 18.66 43.11
CA ASN F 675 -17.18 18.74 43.89
C ASN F 675 -17.31 18.10 45.27
N GLY F 676 -18.42 17.44 45.55
CA GLY F 676 -18.60 16.76 46.81
C GLY F 676 -17.73 15.52 46.91
N VAL F 677 -17.91 14.80 48.01
CA VAL F 677 -17.15 13.58 48.27
C VAL F 677 -17.89 12.38 47.70
N ASP F 678 -17.18 11.58 46.91
CA ASP F 678 -17.70 10.33 46.37
C ASP F 678 -18.98 10.54 45.56
N ARG F 679 -19.02 11.63 44.79
CA ARG F 679 -20.10 11.88 43.84
C ARG F 679 -19.49 12.61 42.66
N TYR F 680 -19.47 11.96 41.49
CA TYR F 680 -18.83 12.51 40.31
C TYR F 680 -19.82 12.58 39.17
N ILE F 681 -19.89 13.75 38.53
CA ILE F 681 -20.78 13.99 37.40
C ILE F 681 -19.92 14.45 36.24
N SER F 682 -20.13 13.85 35.08
CA SER F 682 -19.30 14.15 33.92
C SER F 682 -19.45 15.62 33.52
N LYS F 683 -18.33 16.26 33.20
CA LYS F 683 -18.35 17.67 32.86
C LYS F 683 -19.21 17.96 31.64
N TYR F 684 -19.20 17.05 30.66
CA TYR F 684 -20.03 17.22 29.47
C TYR F 684 -21.49 17.36 29.85
N GLU F 685 -21.96 16.57 30.81
CA GLU F 685 -23.32 16.72 31.31
C GLU F 685 -23.44 17.83 32.34
N LEU F 686 -22.32 18.32 32.86
CA LEU F 686 -22.35 19.42 33.81
C LEU F 686 -22.50 20.78 33.13
N ASP F 687 -22.16 20.88 31.85
CA ASP F 687 -22.15 22.19 31.22
C ASP F 687 -23.08 22.22 30.00
N LYS F 688 -24.32 21.77 30.16
CA LYS F 688 -25.29 21.74 29.06
C LYS F 688 -26.45 22.73 29.25
N ALA F 689 -26.46 23.49 30.34
CA ALA F 689 -27.48 24.51 30.60
C ALA F 689 -28.90 23.94 30.68
N PHE F 690 -29.90 24.83 30.78
CA PHE F 690 -31.29 24.44 30.91
C PHE F 690 -31.89 23.90 29.62
N SER F 691 -31.18 24.03 28.49
CA SER F 691 -31.77 23.71 27.20
C SER F 691 -32.19 22.24 27.14
N ASP F 692 -31.24 21.34 27.29
CA ASP F 692 -31.42 19.92 26.97
C ASP F 692 -30.96 19.04 28.12
N ARG F 693 -31.46 19.34 29.32
CA ARG F 693 -31.23 18.50 30.50
C ARG F 693 -32.52 17.76 30.80
N ASN F 694 -32.69 16.61 30.15
CA ASN F 694 -33.76 15.70 30.51
C ASN F 694 -33.27 14.38 31.04
N THR F 695 -31.97 14.09 30.94
CA THR F 695 -31.35 12.92 31.54
C THR F 695 -30.11 13.37 32.30
N LEU F 696 -29.75 12.61 33.33
CA LEU F 696 -28.57 12.90 34.11
C LEU F 696 -27.95 11.58 34.57
N ILE F 697 -26.63 11.59 34.76
CA ILE F 697 -25.91 10.44 35.28
C ILE F 697 -25.08 10.90 36.47
N ILE F 698 -25.23 10.21 37.60
CA ILE F 698 -24.43 10.48 38.78
C ILE F 698 -23.70 9.21 39.16
N TYR F 699 -22.38 9.25 39.21
CA TYR F 699 -21.57 8.11 39.62
C TYR F 699 -21.34 8.18 41.11
N LEU F 700 -21.62 7.10 41.80
CA LEU F 700 -21.35 6.99 43.23
C LEU F 700 -20.08 6.18 43.43
N ASP F 701 -19.12 6.74 44.15
CA ASP F 701 -17.90 6.00 44.45
C ASP F 701 -18.21 4.79 45.32
N LYS F 702 -19.09 4.95 46.31
CA LYS F 702 -19.49 3.83 47.14
C LYS F 702 -20.90 4.06 47.64
N VAL F 703 -21.63 2.97 47.85
CA VAL F 703 -22.98 3.00 48.38
C VAL F 703 -22.97 2.30 49.73
N SER F 704 -23.50 2.97 50.75
CA SER F 704 -23.45 2.41 52.09
C SER F 704 -24.34 1.19 52.19
N HIS F 705 -23.79 0.11 52.74
CA HIS F 705 -24.51 -1.15 52.86
C HIS F 705 -25.18 -1.33 54.21
N SER F 706 -25.01 -0.37 55.12
CA SER F 706 -25.64 -0.44 56.44
C SER F 706 -26.24 0.88 56.89
N GLU F 707 -26.12 1.94 56.09
CA GLU F 707 -26.67 3.25 56.42
C GLU F 707 -27.39 3.82 55.21
N ASP F 708 -28.36 4.70 55.49
CA ASP F 708 -29.13 5.36 54.43
C ASP F 708 -28.57 6.77 54.24
N ASP F 709 -27.50 6.84 53.45
CA ASP F 709 -26.88 8.11 53.09
C ASP F 709 -27.35 8.46 51.69
N CYS F 710 -27.97 9.63 51.54
CA CYS F 710 -28.59 9.95 50.27
C CYS F 710 -28.63 11.44 50.03
N LEU F 711 -28.75 11.79 48.75
CA LEU F 711 -28.58 13.14 48.24
C LEU F 711 -29.93 13.77 47.93
N ALA F 712 -29.90 15.04 47.55
CA ALA F 712 -31.12 15.79 47.24
C ALA F 712 -30.76 17.05 46.50
N PHE F 713 -31.43 17.31 45.38
CA PHE F 713 -31.19 18.52 44.63
C PHE F 713 -32.48 18.97 43.96
N LYS F 714 -32.55 20.26 43.63
CA LYS F 714 -33.77 20.89 43.17
C LYS F 714 -33.95 20.73 41.67
N VAL F 715 -35.21 20.71 41.24
CA VAL F 715 -35.55 20.67 39.82
C VAL F 715 -36.63 21.72 39.55
N HIS F 716 -36.43 22.51 38.50
CA HIS F 716 -37.39 23.51 38.07
C HIS F 716 -38.20 22.96 36.91
N GLN F 717 -39.13 23.77 36.42
CA GLN F 717 -39.90 23.42 35.24
C GLN F 717 -40.17 24.66 34.41
N TYR F 718 -40.13 24.51 33.10
CA TYR F 718 -40.40 25.63 32.21
C TYR F 718 -41.43 25.33 31.14
N PHE F 719 -41.46 24.10 30.62
CA PHE F 719 -42.37 23.79 29.51
C PHE F 719 -43.83 23.88 29.94
N ASN F 720 -44.15 23.44 31.16
CA ASN F 720 -45.51 23.48 31.68
C ASN F 720 -46.47 22.75 30.75
N VAL F 721 -46.06 21.58 30.32
CA VAL F 721 -46.88 20.75 29.43
C VAL F 721 -47.82 19.92 30.29
N GLU F 722 -48.96 19.56 29.72
CA GLU F 722 -49.90 18.70 30.42
C GLU F 722 -49.61 17.24 30.13
N LEU F 723 -50.12 16.38 31.01
CA LEU F 723 -49.91 14.93 30.92
C LEU F 723 -48.41 14.61 30.99
N ILE F 724 -47.83 14.87 32.16
CA ILE F 724 -46.41 14.66 32.38
C ILE F 724 -46.14 13.16 32.51
N GLN F 725 -45.21 12.65 31.72
CA GLN F 725 -44.84 11.27 31.93
C GLN F 725 -43.95 11.15 33.17
N PRO F 726 -44.11 10.09 33.94
CA PRO F 726 -43.24 9.90 35.09
C PRO F 726 -41.80 9.67 34.69
N GLY F 727 -40.89 10.12 35.54
CA GLY F 727 -39.47 9.94 35.30
C GLY F 727 -39.02 8.54 35.67
N ALA F 728 -37.71 8.40 35.82
CA ALA F 728 -37.15 7.11 36.21
C ALA F 728 -35.86 7.34 36.98
N VAL F 729 -35.52 6.37 37.82
CA VAL F 729 -34.25 6.34 38.53
C VAL F 729 -33.75 4.91 38.52
N LYS F 730 -32.56 4.69 37.97
CA LYS F 730 -32.03 3.35 37.80
C LYS F 730 -30.66 3.27 38.44
N VAL F 731 -30.45 2.26 39.28
CA VAL F 731 -29.19 2.05 39.98
C VAL F 731 -28.70 0.65 39.69
N TYR F 732 -27.45 0.54 39.26
CA TYR F 732 -26.87 -0.77 39.00
C TYR F 732 -25.37 -0.70 39.15
N ALA F 733 -24.80 -1.68 39.84
CA ALA F 733 -23.35 -1.79 39.88
C ALA F 733 -22.82 -2.09 38.49
N TYR F 734 -21.61 -1.60 38.20
CA TYR F 734 -21.14 -1.62 36.82
C TYR F 734 -20.97 -3.05 36.32
N TYR F 735 -20.59 -3.97 37.20
CA TYR F 735 -20.16 -5.29 36.75
C TYR F 735 -21.29 -6.12 36.17
N ASN F 736 -22.51 -5.96 36.67
CA ASN F 736 -23.66 -6.66 36.09
C ASN F 736 -24.81 -5.67 35.89
N LEU F 737 -25.11 -5.35 34.63
CA LEU F 737 -26.31 -4.61 34.32
C LEU F 737 -27.56 -5.43 34.54
N GLU F 738 -27.45 -6.77 34.48
CA GLU F 738 -28.63 -7.62 34.56
C GLU F 738 -29.33 -7.48 35.91
N GLU F 739 -28.62 -7.04 36.94
CA GLU F 739 -29.19 -6.81 38.26
C GLU F 739 -29.17 -5.31 38.53
N SER F 740 -30.35 -4.75 38.80
CA SER F 740 -30.49 -3.31 38.98
C SER F 740 -31.70 -3.07 39.86
N CYS F 741 -32.17 -1.82 39.88
CA CYS F 741 -33.40 -1.49 40.60
C CYS F 741 -33.91 -0.17 40.05
N THR F 742 -35.09 -0.19 39.44
CA THR F 742 -35.68 0.99 38.83
C THR F 742 -36.84 1.48 39.68
N ARG F 743 -36.99 2.79 39.75
CA ARG F 743 -38.12 3.40 40.44
C ARG F 743 -38.60 4.61 39.65
N PHE F 744 -39.90 4.88 39.74
CA PHE F 744 -40.52 5.95 38.99
C PHE F 744 -41.10 6.95 39.97
N TYR F 745 -40.83 8.23 39.75
CA TYR F 745 -41.36 9.29 40.60
C TYR F 745 -42.26 10.20 39.77
N HIS F 746 -43.33 10.67 40.40
CA HIS F 746 -44.31 11.51 39.76
C HIS F 746 -44.94 12.34 40.86
N PRO F 747 -45.13 13.64 40.64
CA PRO F 747 -45.71 14.48 41.70
C PRO F 747 -47.10 14.08 42.14
N GLU F 748 -47.94 13.58 41.23
CA GLU F 748 -49.34 13.32 41.53
C GLU F 748 -49.75 11.86 41.39
N LYS F 749 -48.90 11.01 40.84
CA LYS F 749 -49.23 9.59 40.61
C LYS F 749 -48.64 8.70 41.69
N GLU F 750 -48.62 9.17 42.94
CA GLU F 750 -48.02 8.49 44.08
C GLU F 750 -46.72 7.75 43.73
N ASP F 751 -46.75 6.43 43.72
CA ASP F 751 -45.59 5.61 43.42
C ASP F 751 -45.11 5.75 41.98
N GLY F 752 -45.77 6.58 41.17
CA GLY F 752 -45.37 6.77 39.80
C GLY F 752 -45.97 5.80 38.81
N LYS F 753 -46.67 4.78 39.28
CA LYS F 753 -47.27 3.81 38.36
C LYS F 753 -48.37 4.48 37.55
N LEU F 754 -48.51 4.06 36.30
CA LEU F 754 -49.55 4.61 35.45
C LEU F 754 -50.91 4.04 35.83
N ASN F 755 -51.96 4.77 35.45
CA ASN F 755 -53.32 4.39 35.82
C ASN F 755 -53.71 3.13 35.07
N LYS F 756 -53.64 1.99 35.75
CA LYS F 756 -54.00 0.72 35.16
C LYS F 756 -54.95 -0.03 36.09
N LEU F 757 -55.80 -0.85 35.49
CA LEU F 757 -56.78 -1.65 36.22
C LEU F 757 -56.51 -3.13 35.97
N CYS F 758 -56.13 -3.85 37.02
CA CYS F 758 -55.70 -5.23 36.90
C CYS F 758 -56.70 -6.14 37.59
N ARG F 759 -56.97 -7.29 36.98
CA ARG F 759 -57.84 -8.31 37.56
C ARG F 759 -57.13 -9.66 37.46
N ASP F 760 -56.71 -10.18 38.61
CA ASP F 760 -56.04 -11.47 38.71
C ASP F 760 -54.77 -11.51 37.87
N GLU F 761 -54.87 -12.02 36.64
CA GLU F 761 -53.71 -12.15 35.77
C GLU F 761 -53.77 -11.17 34.60
N LEU F 762 -54.84 -11.19 33.81
CA LEU F 762 -54.97 -10.25 32.72
C LEU F 762 -55.25 -8.85 33.24
N CYS F 763 -54.61 -7.85 32.63
CA CYS F 763 -54.73 -6.48 33.09
C CYS F 763 -54.83 -5.55 31.88
N ARG F 764 -55.44 -4.38 32.11
CA ARG F 764 -55.56 -3.34 31.10
C ARG F 764 -55.46 -1.99 31.78
N CYS F 765 -55.02 -0.98 31.04
CA CYS F 765 -54.85 0.35 31.59
C CYS F 765 -55.93 1.29 31.07
N ALA F 766 -56.45 2.11 31.98
CA ALA F 766 -57.52 3.05 31.65
C ALA F 766 -57.05 4.47 31.92
N GLU F 767 -55.85 4.80 31.45
CA GLU F 767 -55.26 6.11 31.71
C GLU F 767 -56.02 7.17 30.92
N GLU F 768 -57.24 7.48 31.36
CA GLU F 768 -58.09 8.46 30.72
C GLU F 768 -58.82 9.23 31.81
N ASN F 769 -59.41 10.36 31.42
CA ASN F 769 -60.15 11.18 32.36
C ASN F 769 -61.41 10.46 32.84
N CYS F 770 -61.79 10.75 34.09
CA CYS F 770 -62.99 10.13 34.67
C CYS F 770 -64.24 10.52 33.90
N PHE F 771 -64.35 11.79 33.51
CA PHE F 771 -65.53 12.29 32.83
C PHE F 771 -65.14 13.47 31.97
N ILE F 772 -66.02 13.80 31.03
CA ILE F 772 -65.84 14.95 30.15
C ILE F 772 -67.07 15.84 30.22
N GLN F 773 -66.87 17.11 30.59
CA GLN F 773 -67.92 18.13 30.58
C GLN F 773 -69.16 17.68 31.35
N LYS F 774 -68.95 17.44 32.65
CA LYS F 774 -70.04 17.06 33.55
C LYS F 774 -70.69 18.27 34.21
N SER F 775 -70.19 19.48 33.98
CA SER F 775 -70.75 20.66 34.62
C SER F 775 -72.13 20.98 34.06
N ASP F 776 -72.23 21.16 32.75
CA ASP F 776 -73.49 21.48 32.06
C ASP F 776 -74.12 22.74 32.64
N ASP F 777 -73.38 23.85 32.53
CA ASP F 777 -73.92 25.14 32.98
C ASP F 777 -75.16 25.52 32.20
N LYS F 778 -75.14 25.32 30.87
CA LYS F 778 -76.30 25.55 30.02
C LYS F 778 -76.63 24.23 29.32
N VAL F 779 -77.86 23.76 29.54
CA VAL F 779 -78.27 22.49 28.96
C VAL F 779 -78.49 22.65 27.47
N THR F 780 -77.92 21.74 26.68
CA THR F 780 -78.07 21.73 25.23
C THR F 780 -78.59 20.38 24.79
N LEU F 781 -79.64 20.39 23.98
CA LEU F 781 -80.26 19.16 23.49
C LEU F 781 -79.73 18.76 22.13
N GLU F 782 -79.48 19.72 21.24
CA GLU F 782 -78.90 19.39 19.94
C GLU F 782 -77.45 18.94 20.07
N GLU F 783 -76.72 19.47 21.04
CA GLU F 783 -75.32 19.07 21.23
C GLU F 783 -75.21 17.59 21.59
N ARG F 784 -76.09 17.11 22.47
CA ARG F 784 -76.07 15.69 22.84
C ARG F 784 -76.36 14.82 21.62
N LEU F 785 -77.35 15.21 20.82
CA LEU F 785 -77.70 14.45 19.63
C LEU F 785 -76.55 14.42 18.63
N ASP F 786 -75.88 15.57 18.45
CA ASP F 786 -74.72 15.61 17.55
C ASP F 786 -73.59 14.73 18.06
N LYS F 787 -73.34 14.75 19.38
CA LYS F 787 -72.27 13.95 19.95
C LYS F 787 -72.59 12.46 19.88
N ALA F 788 -73.86 12.09 19.93
CA ALA F 788 -74.27 10.70 19.85
C ALA F 788 -74.48 10.22 18.41
N CYS F 789 -74.16 11.05 17.42
CA CYS F 789 -74.36 10.72 16.02
C CYS F 789 -73.02 10.64 15.28
N GLU F 790 -72.03 10.03 15.92
CA GLU F 790 -70.68 9.90 15.38
C GLU F 790 -70.27 8.43 15.37
N PRO F 791 -69.32 8.05 14.51
CA PRO F 791 -68.84 6.67 14.51
C PRO F 791 -68.19 6.25 15.82
N GLY F 792 -67.73 7.20 16.62
CA GLY F 792 -67.09 6.84 17.89
C GLY F 792 -68.04 6.13 18.84
N VAL F 793 -69.27 6.63 18.96
CA VAL F 793 -70.25 6.01 19.83
C VAL F 793 -70.80 4.76 19.15
N ASP F 794 -70.85 3.66 19.90
CA ASP F 794 -71.33 2.39 19.37
C ASP F 794 -72.60 1.91 20.08
N TYR F 795 -72.55 1.74 21.40
CA TYR F 795 -73.69 1.26 22.17
C TYR F 795 -74.14 2.31 23.15
N VAL F 796 -75.46 2.50 23.26
CA VAL F 796 -76.06 3.38 24.24
C VAL F 796 -76.97 2.54 25.12
N TYR F 797 -76.77 2.62 26.44
CA TYR F 797 -77.46 1.75 27.39
C TYR F 797 -78.28 2.59 28.36
N LYS F 798 -79.49 2.12 28.64
CA LYS F 798 -80.34 2.70 29.68
C LYS F 798 -80.41 1.70 30.83
N THR F 799 -79.95 2.12 32.00
CA THR F 799 -79.80 1.23 33.14
C THR F 799 -80.31 1.88 34.41
N ARG F 800 -80.63 1.04 35.40
CA ARG F 800 -80.97 1.48 36.74
C ARG F 800 -80.05 0.77 37.72
N LEU F 801 -79.44 1.55 38.62
CA LEU F 801 -78.51 0.97 39.58
C LEU F 801 -79.26 0.11 40.60
N VAL F 802 -78.73 -1.07 40.88
CA VAL F 802 -79.33 -2.00 41.83
C VAL F 802 -78.55 -2.04 43.13
N LYS F 803 -77.24 -2.22 43.06
CA LYS F 803 -76.40 -2.30 44.25
C LYS F 803 -75.02 -1.76 43.92
N VAL F 804 -74.29 -1.38 44.97
CA VAL F 804 -72.95 -0.84 44.86
C VAL F 804 -72.01 -1.71 45.69
N GLN F 805 -70.92 -2.16 45.08
CA GLN F 805 -69.91 -2.97 45.75
C GLN F 805 -68.53 -2.35 45.55
N LEU F 806 -67.66 -2.53 46.53
CA LEU F 806 -66.30 -2.02 46.48
C LEU F 806 -65.32 -3.16 46.23
N SER F 807 -64.12 -2.78 45.79
CA SER F 807 -63.05 -3.73 45.52
C SER F 807 -61.73 -3.13 45.99
N ASN F 808 -60.62 -3.74 45.57
CA ASN F 808 -59.31 -3.32 46.05
C ASN F 808 -58.94 -1.94 45.50
N ASP F 809 -58.81 -1.82 44.19
CA ASP F 809 -58.44 -0.56 43.55
C ASP F 809 -59.50 -0.10 42.56
N PHE F 810 -60.72 -0.60 42.68
CA PHE F 810 -61.81 -0.22 41.79
C PHE F 810 -63.12 -0.49 42.52
N ASP F 811 -64.22 -0.20 41.83
CA ASP F 811 -65.55 -0.48 42.35
C ASP F 811 -66.43 -1.01 41.22
N GLU F 812 -67.37 -1.87 41.58
CA GLU F 812 -68.26 -2.50 40.62
C GLU F 812 -69.69 -2.05 40.86
N TYR F 813 -70.35 -1.62 39.80
CA TYR F 813 -71.76 -1.26 39.84
C TYR F 813 -72.54 -2.23 38.97
N ILE F 814 -73.59 -2.83 39.53
CA ILE F 814 -74.40 -3.82 38.83
C ILE F 814 -75.74 -3.19 38.53
N MET F 815 -76.03 -3.02 37.24
CA MET F 815 -77.30 -2.48 36.79
C MET F 815 -77.99 -3.46 35.84
N ALA F 816 -79.31 -3.38 35.80
CA ALA F 816 -80.12 -4.19 34.89
C ALA F 816 -80.42 -3.38 33.63
N ILE F 817 -80.24 -4.01 32.47
CA ILE F 817 -80.46 -3.31 31.21
C ILE F 817 -81.94 -3.05 31.02
N GLU F 818 -82.29 -1.80 30.70
CA GLU F 818 -83.67 -1.42 30.42
C GLU F 818 -83.95 -1.35 28.93
N GLN F 819 -83.18 -0.52 28.21
CA GLN F 819 -83.33 -0.42 26.76
C GLN F 819 -82.03 0.12 26.18
N THR F 820 -81.79 -0.21 24.92
CA THR F 820 -80.61 0.24 24.19
C THR F 820 -81.07 1.13 23.04
N ILE F 821 -80.72 2.42 23.12
CA ILE F 821 -81.11 3.36 22.07
C ILE F 821 -80.44 2.99 20.76
N LYS F 822 -79.15 2.67 20.82
CA LYS F 822 -78.37 2.32 19.63
C LYS F 822 -77.49 1.12 19.99
N SER F 823 -77.87 -0.06 19.49
CA SER F 823 -77.10 -1.26 19.81
C SER F 823 -75.73 -1.22 19.16
N GLY F 824 -74.71 -1.61 19.91
CA GLY F 824 -73.35 -1.62 19.42
C GLY F 824 -72.78 -3.02 19.31
N SER F 825 -71.77 -3.32 20.12
CA SER F 825 -71.19 -4.66 20.12
C SER F 825 -72.11 -5.70 20.75
N ASP F 826 -73.12 -5.27 21.50
CA ASP F 826 -74.06 -6.17 22.15
C ASP F 826 -75.49 -5.72 21.88
N GLU F 827 -76.40 -6.70 21.84
CA GLU F 827 -77.80 -6.43 21.61
C GLU F 827 -78.49 -6.07 22.93
N VAL F 828 -79.82 -5.94 22.89
CA VAL F 828 -80.57 -5.66 24.12
C VAL F 828 -80.45 -6.83 25.09
N GLN F 829 -80.55 -8.05 24.58
CA GLN F 829 -80.50 -9.27 25.39
C GLN F 829 -81.57 -9.26 26.47
N VAL F 830 -82.77 -8.81 26.11
CA VAL F 830 -83.95 -8.79 26.98
C VAL F 830 -83.76 -7.81 28.13
N GLY F 831 -82.59 -7.81 28.74
CA GLY F 831 -82.31 -6.95 29.88
C GLY F 831 -82.04 -7.74 31.14
N GLN F 832 -80.77 -7.85 31.51
CA GLN F 832 -80.32 -8.56 32.69
C GLN F 832 -79.30 -7.71 33.43
N GLN F 833 -78.90 -8.17 34.61
CA GLN F 833 -77.95 -7.42 35.42
C GLN F 833 -76.57 -7.41 34.76
N ARG F 834 -76.01 -6.21 34.62
CA ARG F 834 -74.70 -6.02 34.03
C ARG F 834 -73.84 -5.20 34.97
N THR F 835 -72.57 -5.58 35.10
CA THR F 835 -71.65 -5.00 36.07
C THR F 835 -70.65 -4.10 35.37
N PHE F 836 -70.47 -2.89 35.89
CA PHE F 836 -69.47 -1.96 35.40
C PHE F 836 -68.29 -1.91 36.37
N ILE F 837 -67.16 -1.40 35.88
CA ILE F 837 -65.98 -1.18 36.70
C ILE F 837 -65.52 0.26 36.51
N SER F 838 -65.21 0.93 37.62
CA SER F 838 -64.72 2.30 37.60
C SER F 838 -63.44 2.41 38.41
N PRO F 839 -62.53 3.31 38.01
CA PRO F 839 -61.28 3.47 38.76
C PRO F 839 -61.53 4.03 40.16
N ILE F 840 -60.56 3.75 41.04
CA ILE F 840 -60.63 4.25 42.40
C ILE F 840 -60.58 5.77 42.42
N LYS F 841 -59.78 6.37 41.53
CA LYS F 841 -59.75 7.82 41.43
C LYS F 841 -61.10 8.37 40.96
N CYS F 842 -61.82 7.61 40.14
CA CYS F 842 -63.14 8.03 39.70
C CYS F 842 -64.20 7.89 40.79
N ARG F 843 -63.90 7.16 41.86
CA ARG F 843 -64.86 7.00 42.96
C ARG F 843 -65.09 8.33 43.68
N GLU F 844 -64.02 9.10 43.91
CA GLU F 844 -64.19 10.37 44.61
C GLU F 844 -64.87 11.42 43.73
N ALA F 845 -64.71 11.32 42.40
CA ALA F 845 -65.31 12.30 41.51
C ALA F 845 -66.83 12.27 41.61
N LEU F 846 -67.42 11.08 41.50
CA LEU F 846 -68.86 10.90 41.64
C LEU F 846 -69.14 9.41 41.77
N LYS F 847 -70.03 9.07 42.70
CA LYS F 847 -70.48 7.69 42.87
C LYS F 847 -71.97 7.62 42.55
N LEU F 848 -72.35 6.67 41.71
CA LEU F 848 -73.75 6.49 41.37
C LEU F 848 -74.53 5.98 42.58
N GLU F 849 -75.72 6.54 42.78
CA GLU F 849 -76.56 6.16 43.91
C GLU F 849 -77.59 5.13 43.46
N GLU F 850 -77.81 4.14 44.32
CA GLU F 850 -78.59 2.97 43.94
C GLU F 850 -80.06 3.33 43.71
N LYS F 851 -80.75 2.46 42.97
CA LYS F 851 -82.16 2.64 42.62
C LYS F 851 -82.38 3.96 41.88
N LYS F 852 -81.42 4.31 41.00
CA LYS F 852 -81.52 5.49 40.15
C LYS F 852 -81.24 5.08 38.71
N HIS F 853 -82.02 5.63 37.79
CA HIS F 853 -81.87 5.35 36.37
C HIS F 853 -80.84 6.30 35.77
N TYR F 854 -79.85 5.71 35.07
CA TYR F 854 -78.81 6.48 34.42
C TYR F 854 -78.74 6.08 32.95
N LEU F 855 -78.56 7.08 32.08
CA LEU F 855 -78.41 6.86 30.65
C LEU F 855 -76.98 7.21 30.24
N MET F 856 -76.35 6.30 29.50
CA MET F 856 -74.97 6.51 29.09
C MET F 856 -74.71 5.72 27.81
N TRP F 857 -73.63 6.08 27.14
CA TRP F 857 -73.19 5.36 25.95
C TRP F 857 -71.72 4.97 26.09
N GLY F 858 -71.12 4.43 25.04
CA GLY F 858 -69.75 3.99 25.13
C GLY F 858 -69.21 3.51 23.81
N LEU F 859 -68.07 2.84 23.88
CA LEU F 859 -67.36 2.37 22.69
C LEU F 859 -67.06 0.87 22.80
N SER F 860 -66.27 0.34 21.85
CA SER F 860 -65.99 -1.09 21.84
C SER F 860 -65.01 -1.48 22.94
N SER F 861 -64.14 -0.57 23.37
CA SER F 861 -63.15 -0.88 24.39
C SER F 861 -63.72 -0.85 25.80
N ASP F 862 -65.04 -0.87 25.94
CA ASP F 862 -65.66 -0.82 27.27
C ASP F 862 -65.73 -2.20 27.90
N PHE F 863 -66.38 -3.14 27.23
CA PHE F 863 -66.51 -4.49 27.77
C PHE F 863 -65.15 -5.18 27.78
N TRP F 864 -64.82 -5.82 28.90
CA TRP F 864 -63.55 -6.51 29.06
C TRP F 864 -63.79 -7.86 29.71
N GLY F 865 -63.17 -8.90 29.16
CA GLY F 865 -63.42 -10.26 29.59
C GLY F 865 -64.18 -11.06 28.55
N GLU F 866 -64.99 -12.00 29.00
CA GLU F 866 -65.79 -12.83 28.11
C GLU F 866 -67.19 -12.95 28.67
N LYS F 867 -68.16 -13.19 27.78
CA LYS F 867 -69.54 -13.35 28.20
C LYS F 867 -69.68 -14.61 29.04
N PRO F 868 -70.58 -14.61 30.04
CA PRO F 868 -71.44 -13.49 30.45
C PRO F 868 -70.80 -12.57 31.48
N ASN F 869 -69.47 -12.62 31.58
CA ASN F 869 -68.72 -11.83 32.55
C ASN F 869 -68.25 -10.50 31.97
N LEU F 870 -69.02 -9.91 31.06
CA LEU F 870 -68.63 -8.63 30.48
C LEU F 870 -68.54 -7.55 31.55
N SER F 871 -67.45 -6.80 31.53
CA SER F 871 -67.21 -5.73 32.49
C SER F 871 -66.92 -4.45 31.73
N TYR F 872 -67.70 -3.41 31.99
CA TYR F 872 -67.60 -2.14 31.29
C TYR F 872 -66.82 -1.15 32.15
N ILE F 873 -65.74 -0.61 31.59
CA ILE F 873 -64.84 0.29 32.29
C ILE F 873 -65.12 1.71 31.81
N ILE F 874 -65.42 2.61 32.75
CA ILE F 874 -65.74 3.99 32.42
C ILE F 874 -64.45 4.74 32.14
N GLY F 875 -64.40 5.42 31.00
CA GLY F 875 -63.25 6.20 30.59
C GLY F 875 -63.63 7.63 30.27
N LYS F 876 -62.79 8.26 29.45
CA LYS F 876 -63.01 9.65 29.04
C LYS F 876 -63.95 9.77 27.86
N ASP F 877 -64.39 8.65 27.27
CA ASP F 877 -65.33 8.69 26.16
C ASP F 877 -66.76 8.61 26.66
N THR F 878 -67.06 7.62 27.49
CA THR F 878 -68.40 7.45 28.03
C THR F 878 -68.77 8.62 28.92
N TRP F 879 -70.02 9.06 28.81
CA TRP F 879 -70.54 10.16 29.61
C TRP F 879 -71.86 9.72 30.23
N VAL F 880 -71.95 9.80 31.55
CA VAL F 880 -73.09 9.29 32.31
C VAL F 880 -73.84 10.48 32.90
N GLU F 881 -75.16 10.49 32.71
CA GLU F 881 -76.03 11.50 33.30
C GLU F 881 -77.19 10.81 34.00
N HIS F 882 -77.68 11.46 35.06
CA HIS F 882 -78.77 10.90 35.85
C HIS F 882 -80.11 11.24 35.22
N TRP F 883 -80.99 10.25 35.12
CA TRP F 883 -82.35 10.47 34.62
C TRP F 883 -83.32 10.44 35.79
N PRO F 884 -83.95 11.56 36.13
CA PRO F 884 -84.90 11.57 37.25
C PRO F 884 -86.10 10.68 36.97
N GLU F 885 -86.63 10.09 38.03
CA GLU F 885 -87.81 9.24 37.92
C GLU F 885 -89.07 10.08 37.76
N GLU F 886 -90.21 9.40 37.68
CA GLU F 886 -91.47 10.11 37.48
C GLU F 886 -91.76 11.07 38.63
N ASP F 887 -91.50 10.65 39.86
CA ASP F 887 -91.63 11.56 41.00
C ASP F 887 -90.50 12.57 41.05
N GLU F 888 -89.35 12.23 40.48
CA GLU F 888 -88.18 13.10 40.52
C GLU F 888 -88.14 14.08 39.36
N CYS F 889 -89.07 14.00 38.41
CA CYS F 889 -89.17 14.95 37.30
C CYS F 889 -90.08 16.13 37.63
N GLN F 890 -90.56 16.23 38.87
CA GLN F 890 -91.54 17.25 39.22
C GLN F 890 -90.97 18.66 39.14
N ASP F 891 -89.71 18.85 39.54
CA ASP F 891 -89.12 20.18 39.58
C ASP F 891 -89.02 20.76 38.17
N GLU F 892 -89.08 22.10 38.10
CA GLU F 892 -89.09 22.77 36.79
C GLU F 892 -87.83 22.45 36.00
N GLU F 893 -86.66 22.54 36.66
CA GLU F 893 -85.43 22.09 36.01
C GLU F 893 -85.49 20.60 35.73
N ASN F 894 -86.03 19.83 36.66
CA ASN F 894 -86.23 18.40 36.42
C ASN F 894 -87.23 18.18 35.28
N GLN F 895 -88.28 18.99 35.21
CA GLN F 895 -89.23 18.89 34.10
C GLN F 895 -88.52 19.11 32.76
N LYS F 896 -87.71 20.16 32.67
CA LYS F 896 -87.01 20.45 31.42
C LYS F 896 -86.04 19.34 31.07
N GLN F 897 -85.27 18.85 32.05
CA GLN F 897 -84.29 17.80 31.79
C GLN F 897 -84.98 16.51 31.33
N CYS F 898 -86.06 16.12 32.03
CA CYS F 898 -86.76 14.90 31.67
C CYS F 898 -87.41 15.01 30.30
N GLN F 899 -88.01 16.16 29.99
CA GLN F 899 -88.62 16.34 28.68
C GLN F 899 -87.56 16.29 27.58
N ASP F 900 -86.42 16.94 27.79
CA ASP F 900 -85.36 16.92 26.79
C ASP F 900 -84.84 15.50 26.59
N LEU F 901 -84.60 14.76 27.68
CA LEU F 901 -84.09 13.40 27.56
C LEU F 901 -85.09 12.50 26.85
N GLY F 902 -86.37 12.61 27.21
CA GLY F 902 -87.38 11.80 26.55
C GLY F 902 -87.53 12.11 25.07
N ALA F 903 -87.52 13.39 24.72
CA ALA F 903 -87.61 13.77 23.31
C ALA F 903 -86.40 13.28 22.54
N PHE F 904 -85.20 13.43 23.10
CA PHE F 904 -84.00 12.96 22.42
C PHE F 904 -84.03 11.46 22.23
N THR F 905 -84.43 10.71 23.26
CA THR F 905 -84.50 9.26 23.14
C THR F 905 -85.53 8.84 22.10
N GLU F 906 -86.71 9.46 22.12
CA GLU F 906 -87.76 9.10 21.17
C GLU F 906 -87.33 9.41 19.74
N SER F 907 -86.68 10.54 19.53
CA SER F 907 -86.21 10.88 18.19
C SER F 907 -85.10 9.93 17.74
N MET F 908 -84.18 9.58 18.65
CA MET F 908 -83.04 8.76 18.26
C MET F 908 -83.45 7.32 17.96
N VAL F 909 -84.40 6.77 18.73
CA VAL F 909 -84.75 5.36 18.53
C VAL F 909 -85.50 5.17 17.22
N VAL F 910 -86.08 6.22 16.67
CA VAL F 910 -86.92 6.09 15.48
C VAL F 910 -86.19 6.61 14.25
N PHE F 911 -85.26 7.55 14.44
CA PHE F 911 -84.57 8.18 13.33
C PHE F 911 -83.10 7.78 13.19
N GLY F 912 -82.49 7.27 14.25
CA GLY F 912 -81.07 6.97 14.19
C GLY F 912 -80.26 8.24 14.00
N CYS F 913 -79.33 8.21 13.06
CA CYS F 913 -78.53 9.37 12.71
C CYS F 913 -78.39 9.45 11.19
N PRO F 914 -78.35 10.66 10.64
CA PRO F 914 -78.20 10.81 9.18
C PRO F 914 -76.78 10.59 8.68
N ASN F 915 -75.80 10.43 9.57
CA ASN F 915 -74.42 10.23 9.15
C ASN F 915 -74.13 8.75 8.92
#